data_1GYA
#
_entry.id   1GYA
#
_cell.length_a   1.000
_cell.length_b   1.000
_cell.length_c   1.000
_cell.angle_alpha   90.00
_cell.angle_beta   90.00
_cell.angle_gamma   90.00
#
_symmetry.space_group_name_H-M   'P 1'
#
loop_
_entity.id
_entity.type
_entity.pdbx_description
1 polymer 'HUMAN CD2'
2 branched alpha-D-mannopyranose-(1-2)-alpha-D-mannopyranose-(1-6)-[alpha-D-mannopyranose-(1-3)]alpha-D-mannopyranose-(1-6)-[alpha-D-mannopyranose-(1-2)-alpha-D-mannopyranose-(1-3)]beta-D-mannopyranose-(1-4)-2-acetamido-2-deoxy-beta-D-glucopyranose-(1-4)-2-acetamido-2-deoxy-beta-D-glucopyranose
#
_entity_poly.entity_id   1
_entity_poly.type   'polypeptide(L)'
_entity_poly.pdbx_seq_one_letter_code
;KEITNALETWGALGQDINLDIPSFQMSDDIDDIKWEKTSDKKKIAQFRKEKETFKEKDTYKLFKNGTLKIKHLKTDDQDI
YKVSIYDTKGKNVLEKIFDLKIQER
;
_entity_poly.pdbx_strand_id   A
#
loop_
_chem_comp.id
_chem_comp.type
_chem_comp.name
_chem_comp.formula
BMA D-saccharide, beta linking beta-D-mannopyranose 'C6 H12 O6'
MAN D-saccharide, alpha linking alpha-D-mannopyranose 'C6 H12 O6'
NAG D-saccharide, beta linking 2-acetamido-2-deoxy-beta-D-glucopyranose 'C8 H15 N O6'
#
# COMPACT_ATOMS: atom_id res chain seq x y z
N LYS A 1 -15.75 -10.00 19.25
CA LYS A 1 -14.83 -8.89 19.49
C LYS A 1 -14.64 -8.07 18.24
N GLU A 2 -14.61 -6.76 18.40
CA GLU A 2 -14.44 -5.83 17.28
C GLU A 2 -13.02 -5.34 17.19
N ILE A 3 -12.27 -5.88 16.24
CA ILE A 3 -10.90 -5.45 16.00
C ILE A 3 -10.65 -5.16 14.54
N THR A 4 -9.43 -4.74 14.25
CA THR A 4 -8.97 -4.50 12.90
C THR A 4 -8.52 -5.79 12.24
N ASN A 5 -8.17 -5.69 10.97
CA ASN A 5 -7.62 -6.80 10.21
C ASN A 5 -6.40 -6.36 9.43
N ALA A 6 -5.56 -5.60 10.11
CA ALA A 6 -4.40 -4.96 9.48
C ALA A 6 -3.15 -5.81 9.60
N LEU A 7 -2.10 -5.34 8.94
CA LEU A 7 -0.80 -6.02 8.94
C LEU A 7 0.20 -5.28 9.79
N GLU A 8 0.57 -5.92 10.89
CA GLU A 8 1.64 -5.43 11.75
C GLU A 8 2.93 -5.25 10.98
N THR A 9 3.15 -4.08 10.44
CA THR A 9 4.29 -3.84 9.55
C THR A 9 5.41 -3.17 10.31
N TRP A 10 6.63 -3.62 10.08
CA TRP A 10 7.79 -3.17 10.85
C TRP A 10 8.90 -2.68 9.95
N GLY A 11 9.82 -1.93 10.52
CA GLY A 11 11.01 -1.49 9.81
C GLY A 11 12.14 -1.17 10.76
N ALA A 12 13.10 -0.39 10.28
CA ALA A 12 14.18 0.14 11.10
C ALA A 12 14.76 1.38 10.46
N LEU A 13 15.30 2.30 11.25
CA LEU A 13 15.75 3.59 10.70
C LEU A 13 16.89 3.41 9.74
N GLY A 14 16.78 4.08 8.60
CA GLY A 14 17.74 3.93 7.52
C GLY A 14 17.49 2.68 6.73
N GLN A 15 16.24 2.38 6.42
CA GLN A 15 15.89 1.12 5.78
C GLN A 15 14.98 1.33 4.60
N ASP A 16 14.60 0.23 3.96
CA ASP A 16 13.59 0.27 2.92
C ASP A 16 12.61 -0.87 3.08
N ILE A 17 11.34 -0.53 3.08
CA ILE A 17 10.27 -1.47 3.43
C ILE A 17 9.21 -1.56 2.36
N ASN A 18 8.33 -2.54 2.48
CA ASN A 18 7.31 -2.79 1.47
C ASN A 18 5.92 -2.88 2.09
N LEU A 19 4.95 -3.16 1.24
CA LEU A 19 3.54 -3.22 1.62
C LEU A 19 2.86 -4.37 0.90
N ASP A 20 2.88 -5.54 1.51
CA ASP A 20 2.39 -6.77 0.87
C ASP A 20 0.93 -6.99 1.20
N ILE A 21 0.10 -6.74 0.20
CA ILE A 21 -1.35 -6.71 0.34
C ILE A 21 -2.07 -7.98 -0.09
N PRO A 22 -1.74 -8.47 -1.26
CA PRO A 22 -2.46 -9.61 -1.98
C PRO A 22 -2.70 -10.90 -1.22
N SER A 23 -3.98 -11.18 -0.96
CA SER A 23 -4.44 -12.44 -0.42
C SER A 23 -4.88 -13.38 -1.53
N PHE A 24 -4.47 -13.06 -2.75
CA PHE A 24 -5.00 -13.70 -3.95
C PHE A 24 -4.16 -13.39 -5.16
N GLN A 25 -4.55 -13.96 -6.29
CA GLN A 25 -3.91 -13.66 -7.57
C GLN A 25 -4.92 -13.42 -8.66
N MET A 26 -5.53 -12.24 -8.63
CA MET A 26 -6.43 -11.78 -9.72
C MET A 26 -5.62 -11.33 -10.91
N SER A 27 -6.23 -11.25 -12.08
CA SER A 27 -5.49 -10.87 -13.28
C SER A 27 -6.39 -10.53 -14.46
N ASP A 28 -7.32 -11.42 -14.73
CA ASP A 28 -8.15 -11.34 -15.93
C ASP A 28 -9.23 -10.30 -15.85
N ASP A 29 -9.69 -9.94 -14.67
CA ASP A 29 -10.85 -9.05 -14.52
C ASP A 29 -10.56 -7.81 -13.71
N ILE A 30 -9.33 -7.55 -13.34
CA ILE A 30 -9.01 -6.44 -12.44
C ILE A 30 -8.77 -5.16 -13.21
N ASP A 31 -8.91 -4.02 -12.55
CA ASP A 31 -8.64 -2.74 -13.19
C ASP A 31 -7.79 -1.82 -12.34
N ASP A 32 -8.27 -1.42 -11.18
CA ASP A 32 -7.61 -0.39 -10.38
C ASP A 32 -6.88 -0.93 -9.18
N ILE A 33 -5.74 -0.32 -8.90
CA ILE A 33 -4.94 -0.59 -7.70
C ILE A 33 -4.66 0.70 -6.96
N LYS A 34 -5.01 0.80 -5.69
CA LYS A 34 -4.86 2.05 -4.95
C LYS A 34 -4.16 1.86 -3.63
N TRP A 35 -3.40 2.88 -3.23
CA TRP A 35 -2.77 2.95 -1.92
C TRP A 35 -2.79 4.37 -1.41
N GLU A 36 -3.29 4.56 -0.21
CA GLU A 36 -3.44 5.88 0.39
C GLU A 36 -2.57 6.02 1.62
N LYS A 37 -2.32 7.24 2.05
CA LYS A 37 -1.60 7.48 3.31
C LYS A 37 -2.59 7.71 4.43
N THR A 38 -3.02 6.65 5.08
CA THR A 38 -4.14 6.73 6.03
C THR A 38 -4.00 7.87 7.02
N SER A 39 -2.79 8.26 7.35
CA SER A 39 -2.58 9.25 8.40
C SER A 39 -3.33 10.53 8.12
N ASP A 40 -3.24 11.02 6.89
CA ASP A 40 -3.98 12.21 6.48
C ASP A 40 -4.64 12.03 5.13
N LYS A 41 -5.02 10.80 4.81
CA LYS A 41 -5.75 10.49 3.57
C LYS A 41 -5.08 11.14 2.38
N LYS A 42 -3.82 10.81 2.19
CA LYS A 42 -2.98 11.45 1.19
C LYS A 42 -2.46 10.47 0.16
N LYS A 43 -3.00 10.57 -1.05
CA LYS A 43 -2.64 9.71 -2.17
C LYS A 43 -1.15 9.53 -2.29
N ILE A 44 -0.73 8.28 -2.41
CA ILE A 44 0.68 7.94 -2.58
C ILE A 44 0.91 7.19 -3.87
N ALA A 45 -0.04 6.35 -4.25
CA ALA A 45 0.08 5.54 -5.47
C ALA A 45 -1.28 5.20 -6.01
N GLN A 46 -1.40 4.97 -7.32
CA GLN A 46 -2.66 4.48 -7.87
C GLN A 46 -2.53 3.93 -9.28
N PHE A 47 -3.50 3.10 -9.63
CA PHE A 47 -3.65 2.55 -10.98
C PHE A 47 -5.08 2.68 -11.44
N ARG A 48 -5.30 3.22 -12.62
CA ARG A 48 -6.65 3.36 -13.16
C ARG A 48 -6.68 3.02 -14.63
N LYS A 49 -6.24 1.82 -14.98
CA LYS A 49 -6.10 1.44 -16.38
C LYS A 49 -4.95 2.23 -17.00
N GLU A 50 -4.63 1.88 -18.23
CA GLU A 50 -3.50 2.49 -18.94
C GLU A 50 -3.82 3.83 -19.57
N LYS A 51 -4.62 4.65 -18.93
CA LYS A 51 -4.86 6.04 -19.33
C LYS A 51 -4.50 7.08 -18.27
N GLU A 52 -4.20 6.56 -17.09
CA GLU A 52 -3.88 7.40 -15.95
C GLU A 52 -3.52 6.58 -14.73
N THR A 53 -2.26 6.21 -14.64
CA THR A 53 -1.69 5.57 -13.45
C THR A 53 -0.46 6.32 -13.00
N PHE A 54 -0.13 6.36 -11.73
CA PHE A 54 0.96 7.23 -11.26
C PHE A 54 1.67 6.75 -10.01
N LYS A 55 2.91 7.22 -9.86
CA LYS A 55 3.74 7.00 -8.69
C LYS A 55 4.86 8.03 -8.64
N GLU A 56 4.69 9.06 -7.83
CA GLU A 56 5.60 10.21 -7.82
C GLU A 56 7.06 9.81 -7.79
N LYS A 57 7.43 8.89 -6.92
CA LYS A 57 8.84 8.53 -6.75
C LYS A 57 8.97 7.09 -6.28
N ASP A 58 10.20 6.64 -6.15
CA ASP A 58 10.47 5.32 -5.59
C ASP A 58 10.01 5.20 -4.15
N THR A 59 10.04 6.32 -3.45
CA THR A 59 9.63 6.37 -2.05
C THR A 59 8.28 5.73 -1.86
N TYR A 60 7.50 5.64 -2.92
CA TYR A 60 6.24 4.89 -2.88
C TYR A 60 5.92 4.27 -4.21
N LYS A 61 6.21 2.98 -4.36
CA LYS A 61 6.02 2.28 -5.61
C LYS A 61 4.73 1.49 -5.63
N LEU A 62 4.16 1.30 -6.80
CA LEU A 62 3.00 0.43 -7.01
C LEU A 62 3.39 -0.71 -7.94
N PHE A 63 3.29 -1.96 -7.52
CA PHE A 63 3.83 -3.07 -8.29
C PHE A 63 2.76 -3.89 -8.99
N LYS A 64 3.21 -4.90 -9.71
CA LYS A 64 2.34 -5.74 -10.53
C LYS A 64 1.52 -6.67 -9.67
N ASN A 65 2.17 -7.43 -8.81
CA ASN A 65 1.47 -8.26 -7.83
C ASN A 65 0.65 -7.41 -6.89
N GLY A 66 0.79 -6.09 -6.92
CA GLY A 66 -0.07 -5.20 -6.16
C GLY A 66 0.55 -4.76 -4.86
N THR A 67 1.81 -5.04 -4.62
CA THR A 67 2.50 -4.59 -3.40
C THR A 67 2.86 -3.13 -3.50
N LEU A 68 2.98 -2.46 -2.37
CA LEU A 68 3.45 -1.09 -2.33
C LEU A 68 4.78 -0.98 -1.61
N LYS A 69 5.79 -0.52 -2.32
CA LYS A 69 7.12 -0.37 -1.75
C LYS A 69 7.31 0.99 -1.14
N ILE A 70 8.33 1.12 -0.30
CA ILE A 70 8.72 2.42 0.25
C ILE A 70 10.20 2.45 0.51
N LYS A 71 10.90 3.42 -0.05
CA LYS A 71 12.34 3.56 0.18
C LYS A 71 12.62 4.55 1.28
N HIS A 72 13.71 4.32 1.99
CA HIS A 72 14.11 5.18 3.11
C HIS A 72 13.06 5.16 4.21
N LEU A 73 13.42 4.55 5.33
CA LEU A 73 12.46 4.27 6.40
C LEU A 73 12.97 4.59 7.78
N LYS A 74 13.09 5.88 8.06
CA LYS A 74 13.38 6.35 9.41
C LYS A 74 12.10 6.71 10.13
N THR A 75 12.24 7.32 11.28
CA THR A 75 11.07 7.75 12.07
C THR A 75 10.11 8.59 11.25
N ASP A 76 10.66 9.28 10.27
CA ASP A 76 9.89 10.16 9.41
C ASP A 76 9.10 9.37 8.40
N ASP A 77 9.71 8.35 7.81
CA ASP A 77 9.07 7.56 6.78
C ASP A 77 8.23 6.44 7.36
N GLN A 78 8.01 6.42 8.66
CA GLN A 78 7.08 5.47 9.27
C GLN A 78 5.70 6.06 9.43
N ASP A 79 4.73 5.48 8.75
CA ASP A 79 3.38 6.05 8.70
C ASP A 79 2.32 4.96 8.71
N ILE A 80 1.08 5.38 8.50
CA ILE A 80 -0.02 4.44 8.34
C ILE A 80 -0.53 4.48 6.91
N TYR A 81 -0.92 3.32 6.42
CA TYR A 81 -1.25 3.11 5.01
C TYR A 81 -2.48 2.24 4.88
N LYS A 82 -3.02 2.20 3.68
CA LYS A 82 -4.12 1.29 3.36
C LYS A 82 -4.18 1.02 1.88
N VAL A 83 -4.69 -0.14 1.51
CA VAL A 83 -4.76 -0.53 0.10
C VAL A 83 -6.18 -0.90 -0.27
N SER A 84 -6.66 -0.31 -1.35
CA SER A 84 -7.94 -0.63 -1.96
C SER A 84 -7.76 -0.93 -3.44
N ILE A 85 -7.84 -2.20 -3.80
CA ILE A 85 -7.50 -2.61 -5.17
C ILE A 85 -8.72 -3.20 -5.85
N TYR A 86 -9.29 -2.45 -6.78
CA TYR A 86 -10.61 -2.71 -7.35
C TYR A 86 -10.52 -3.41 -8.69
N ASP A 87 -11.61 -4.07 -9.05
CA ASP A 87 -11.74 -4.69 -10.37
C ASP A 87 -12.29 -3.72 -11.39
N THR A 88 -12.75 -4.25 -12.50
CA THR A 88 -13.25 -3.43 -13.61
C THR A 88 -14.61 -2.86 -13.28
N LYS A 89 -15.39 -3.61 -12.52
CA LYS A 89 -16.72 -3.16 -12.11
C LYS A 89 -16.66 -1.95 -11.22
N GLY A 90 -15.50 -1.57 -10.72
CA GLY A 90 -15.38 -0.47 -9.77
C GLY A 90 -15.73 -0.89 -8.36
N LYS A 91 -15.79 -2.17 -8.08
CA LYS A 91 -15.99 -2.67 -6.72
C LYS A 91 -14.67 -2.76 -5.97
N ASN A 92 -14.75 -2.70 -4.65
CA ASN A 92 -13.58 -2.94 -3.81
C ASN A 92 -13.40 -4.42 -3.58
N VAL A 93 -12.89 -5.11 -4.59
CA VAL A 93 -12.80 -6.57 -4.56
C VAL A 93 -11.95 -7.06 -3.41
N LEU A 94 -11.13 -6.19 -2.87
CA LEU A 94 -10.35 -6.46 -1.67
C LEU A 94 -9.82 -5.19 -1.06
N GLU A 95 -9.84 -5.13 0.26
CA GLU A 95 -9.49 -3.93 1.00
C GLU A 95 -8.78 -4.29 2.29
N LYS A 96 -7.84 -3.48 2.71
CA LYS A 96 -7.02 -3.80 3.88
C LYS A 96 -6.33 -2.56 4.42
N ILE A 97 -6.00 -2.61 5.70
CA ILE A 97 -5.38 -1.48 6.39
C ILE A 97 -4.02 -1.85 6.91
N PHE A 98 -3.06 -0.96 6.74
CA PHE A 98 -1.67 -1.25 7.08
C PHE A 98 -1.10 -0.19 7.99
N ASP A 99 0.06 -0.48 8.56
CA ASP A 99 0.67 0.40 9.56
C ASP A 99 2.15 0.14 9.66
N LEU A 100 2.93 1.02 9.07
CA LEU A 100 4.38 0.96 9.16
C LEU A 100 4.86 1.38 10.53
N LYS A 101 5.80 0.61 11.07
CA LYS A 101 6.37 0.89 12.38
C LYS A 101 7.89 0.96 12.32
N ILE A 102 8.48 1.44 13.40
CA ILE A 102 9.92 1.40 13.58
C ILE A 102 10.28 0.66 14.83
N GLN A 103 11.38 -0.07 14.77
CA GLN A 103 11.78 -1.00 15.83
C GLN A 103 13.10 -0.62 16.44
N GLU A 104 13.43 -1.27 17.55
CA GLU A 104 14.61 -0.94 18.34
C GLU A 104 15.23 -2.20 18.90
N ARG A 105 15.98 -2.87 18.04
CA ARG A 105 16.68 -4.11 18.38
C ARG A 105 18.17 -3.88 18.49
C1 NAG B . 5.90 -8.08 -5.64
C2 NAG B . 6.41 -9.04 -4.53
C3 NAG B . 7.72 -8.46 -3.90
C4 NAG B . 8.80 -8.12 -4.96
C5 NAG B . 8.18 -7.16 -6.02
C6 NAG B . 9.11 -6.82 -7.21
C7 NAG B . 4.84 -10.41 -3.20
C8 NAG B . 3.86 -10.42 -2.02
N2 NAG B . 5.38 -9.23 -3.47
O3 NAG B . 8.24 -9.42 -2.97
O4 NAG B . 9.98 -7.49 -4.38
O5 NAG B . 6.97 -7.77 -6.57
O6 NAG B . 8.39 -6.89 -8.44
O7 NAG B . 5.09 -11.46 -3.81
H1 NAG B . 5.52 -7.17 -5.19
H2 NAG B . 6.70 -9.99 -5.01
H3 NAG B . 7.48 -7.53 -3.33
H4 NAG B . 9.10 -9.06 -5.48
H5 NAG B . 7.90 -6.20 -5.54
H61 NAG B . 9.94 -7.55 -7.25
H62 NAG B . 9.55 -5.82 -7.10
H81 NAG B . 4.35 -10.83 -1.11
H82 NAG B . 3.49 -9.41 -1.78
H83 NAG B . 2.98 -11.06 -2.23
HN2 NAG B . 5.07 -8.40 -2.94
HO3 NAG B . 7.85 -9.19 -2.12
HO6 NAG B . 9.03 -6.67 -9.12
C1 NAG B . 11.28 -7.97 -4.88
C2 NAG B . 12.40 -6.92 -4.69
C3 NAG B . 13.77 -7.56 -5.08
C4 NAG B . 14.05 -8.90 -4.35
C5 NAG B . 12.83 -9.85 -4.48
C6 NAG B . 12.92 -11.11 -3.59
C7 NAG B . 12.10 -5.74 -6.86
C8 NAG B . 11.89 -4.39 -7.55
N2 NAG B . 12.14 -5.70 -5.53
O3 NAG B . 14.82 -6.65 -4.77
O4 NAG B . 15.24 -9.53 -4.92
O5 NAG B . 11.62 -9.16 -4.10
O6 NAG B . 11.66 -11.76 -3.49
O7 NAG B . 12.23 -6.76 -7.54
H1 NAG B . 11.18 -8.25 -5.95
H2 NAG B . 12.45 -6.65 -3.61
H3 NAG B . 13.79 -7.75 -6.18
H4 NAG B . 14.19 -8.66 -3.27
H5 NAG B . 12.73 -10.18 -5.53
H61 NAG B . 13.26 -10.84 -2.58
H62 NAG B . 13.68 -11.82 -3.99
H81 NAG B . 12.76 -3.73 -7.41
H82 NAG B . 11.72 -4.51 -8.64
H83 NAG B . 11.00 -3.86 -7.14
HN2 NAG B . 11.97 -4.81 -5.05
HO3 NAG B . 15.57 -7.19 -4.49
HO6 NAG B . 11.49 -12.15 -4.35
C1 BMA B . 16.41 -9.73 -4.08
C2 BMA B . 16.72 -11.25 -3.96
C3 BMA B . 18.04 -11.47 -3.18
C4 BMA B . 19.21 -10.65 -3.79
C5 BMA B . 18.82 -9.15 -3.97
C6 BMA B . 19.89 -8.36 -4.75
O2 BMA B . 16.80 -11.85 -5.25
O3 BMA B . 18.41 -12.87 -3.12
O4 BMA B . 20.35 -10.76 -2.95
O5 BMA B . 17.55 -9.04 -4.68
O6 BMA B . 19.34 -7.09 -5.17
H1 BMA B . 16.23 -9.35 -3.07
H2 BMA B . 15.89 -11.74 -3.41
H3 BMA B . 17.90 -11.08 -2.14
H4 BMA B . 19.45 -11.09 -4.78
H5 BMA B . 18.72 -8.69 -2.97
H61 BMA B . 20.22 -8.95 -5.62
H62 BMA B . 20.78 -8.18 -4.13
HO2 BMA B . 17.58 -11.47 -5.67
HO4 BMA B . 20.79 -11.58 -3.21
C1 MAN B . 20.27 -6.15 -5.76
C2 MAN B . 19.71 -4.72 -5.67
C3 MAN B . 18.52 -4.52 -6.65
C4 MAN B . 18.87 -4.97 -8.09
C5 MAN B . 19.45 -6.41 -8.08
C6 MAN B . 19.88 -6.94 -9.45
O2 MAN B . 20.75 -3.79 -5.97
O3 MAN B . 18.11 -3.12 -6.64
O4 MAN B . 17.69 -4.90 -8.90
O5 MAN B . 20.56 -6.49 -7.15
O6 MAN B . 20.82 -6.03 -10.08
H1 MAN B . 21.22 -6.19 -5.18
H2 MAN B . 19.37 -4.52 -4.63
H3 MAN B . 17.69 -5.17 -6.28
H4 MAN B . 19.63 -4.27 -8.51
H5 MAN B . 18.66 -7.10 -7.72
H61 MAN B . 19.02 -7.12 -10.11
H62 MAN B . 20.36 -7.93 -9.31
HO2 MAN B . 21.13 -3.54 -5.13
HO4 MAN B . 17.74 -5.66 -9.48
C1 MAN B . 20.42 -5.49 -11.36
C2 MAN B . 20.69 -6.53 -12.48
C3 MAN B . 22.22 -6.68 -12.72
C4 MAN B . 22.92 -5.31 -12.93
C5 MAN B . 22.58 -4.33 -11.78
C6 MAN B . 23.09 -2.89 -12.00
O2 MAN B . 20.01 -6.10 -13.68
O3 MAN B . 22.45 -7.51 -13.86
O4 MAN B . 24.34 -5.53 -12.99
O5 MAN B . 21.12 -4.24 -11.63
O6 MAN B . 24.26 -2.64 -11.22
H1 MAN B . 19.33 -5.27 -11.37
H2 MAN B . 20.30 -7.50 -12.13
H3 MAN B . 22.67 -7.16 -11.84
H4 MAN B . 22.60 -4.88 -13.90
H5 MAN B . 23.01 -4.70 -10.84
H61 MAN B . 22.31 -2.16 -11.71
H62 MAN B . 23.31 -2.70 -13.07
HO3 MAN B . 21.85 -8.25 -13.76
HO4 MAN B . 24.60 -5.78 -12.10
HO6 MAN B . 24.67 -1.85 -11.60
C1 MAN B . 18.66 -6.59 -13.90
C2 MAN B . 18.43 -6.90 -15.40
C3 MAN B . 18.30 -5.59 -16.22
C4 MAN B . 17.26 -4.61 -15.63
C5 MAN B . 17.55 -4.36 -14.12
C6 MAN B . 16.46 -3.53 -13.40
O2 MAN B . 17.25 -7.68 -15.53
O3 MAN B . 17.96 -5.91 -17.57
O4 MAN B . 17.32 -3.38 -16.35
O5 MAN B . 17.66 -5.64 -13.42
O6 MAN B . 17.01 -2.78 -12.33
H1 MAN B . 18.53 -7.53 -13.34
H2 MAN B . 19.28 -7.50 -15.78
H3 MAN B . 19.29 -5.10 -16.24
H4 MAN B . 16.26 -5.05 -15.74
H5 MAN B . 18.51 -3.82 -14.01
H61 MAN B . 15.68 -4.21 -13.00
H62 MAN B . 15.95 -2.86 -14.11
HO2 MAN B . 16.59 -7.10 -15.94
HO3 MAN B . 18.22 -6.82 -17.71
HO4 MAN B . 17.76 -3.59 -17.19
HO6 MAN B . 16.25 -2.44 -11.83
C1 MAN B . 16.89 -2.79 -5.94
C2 MAN B . 16.41 -1.38 -6.35
C3 MAN B . 17.31 -0.28 -5.74
C4 MAN B . 17.51 -0.45 -4.20
C5 MAN B . 17.99 -1.90 -3.88
C6 MAN B . 18.04 -2.20 -2.37
O2 MAN B . 15.06 -1.21 -5.91
O3 MAN B . 16.76 1.01 -6.01
O4 MAN B . 18.48 0.50 -3.75
O5 MAN B . 17.08 -2.87 -4.49
O6 MAN B . 18.74 -3.41 -2.10
H1 MAN B . 16.11 -3.52 -6.23
H2 MAN B . 16.42 -1.29 -7.45
H3 MAN B . 18.31 -0.33 -6.23
H4 MAN B . 16.56 -0.25 -3.69
H5 MAN B . 19.00 -2.05 -4.28
H61 MAN B . 17.00 -2.31 -1.97
H62 MAN B . 18.49 -1.37 -1.80
HO2 MAN B . 14.78 -0.36 -6.25
HO3 MAN B . 15.93 1.04 -5.53
HO4 MAN B . 19.03 0.04 -3.12
HO6 MAN B . 18.11 -4.12 -2.22
C1 MAN B . 17.87 -13.69 -2.04
C2 MAN B . 18.81 -14.88 -1.75
C3 MAN B . 18.75 -15.92 -2.90
C4 MAN B . 17.28 -16.35 -3.24
C5 MAN B . 16.40 -15.09 -3.49
C6 MAN B . 14.90 -15.41 -3.65
O2 MAN B . 18.41 -15.51 -0.51
O3 MAN B . 19.51 -17.08 -2.56
O4 MAN B . 17.31 -17.17 -4.41
O5 MAN B . 16.53 -14.16 -2.36
O6 MAN B . 14.37 -16.00 -2.47
H1 MAN B . 17.80 -13.09 -1.11
H2 MAN B . 19.85 -14.49 -1.68
H3 MAN B . 19.20 -15.48 -3.80
H4 MAN B . 16.88 -16.93 -2.40
H5 MAN B . 16.74 -14.58 -4.41
H61 MAN B . 14.75 -16.11 -4.50
H62 MAN B . 14.33 -14.50 -3.91
HO3 MAN B . 18.93 -17.64 -2.04
HO4 MAN B . 17.85 -16.72 -5.05
HO6 MAN B . 14.26 -15.28 -1.85
C1 MAN B . 19.14 -15.16 0.70
C2 MAN B . 19.42 -16.43 1.55
C3 MAN B . 18.12 -16.95 2.22
C4 MAN B . 17.37 -15.84 2.99
C5 MAN B . 17.14 -14.59 2.08
C6 MAN B . 16.56 -13.37 2.83
O2 MAN B . 20.39 -16.11 2.54
O3 MAN B . 18.43 -18.03 3.10
O4 MAN B . 16.12 -16.36 3.44
O5 MAN B . 18.41 -14.17 1.49
O6 MAN B . 15.71 -12.60 2.00
H1 MAN B . 20.13 -14.73 0.42
H2 MAN B . 19.84 -17.22 0.90
H3 MAN B . 17.46 -17.34 1.43
H4 MAN B . 17.96 -15.55 3.87
H5 MAN B . 16.44 -14.85 1.28
H61 MAN B . 17.39 -12.73 3.20
H62 MAN B . 16.02 -13.70 3.74
HO2 MAN B . 19.90 -15.98 3.36
HO3 MAN B . 18.36 -18.83 2.57
HO4 MAN B . 16.27 -17.28 3.63
HO6 MAN B . 16.29 -12.11 1.41
N LYS A 1 -13.97 -9.04 23.05
CA LYS A 1 -12.59 -8.57 23.18
C LYS A 1 -12.23 -7.66 22.03
N GLU A 2 -10.94 -7.39 21.89
CA GLU A 2 -10.44 -6.58 20.78
C GLU A 2 -10.19 -7.43 19.56
N ILE A 3 -10.62 -6.93 18.41
CA ILE A 3 -10.34 -7.58 17.14
C ILE A 3 -10.07 -6.56 16.05
N THR A 4 -8.81 -6.46 15.65
CA THR A 4 -8.40 -5.51 14.61
C THR A 4 -8.29 -6.19 13.27
N ASN A 5 -8.04 -5.39 12.25
CA ASN A 5 -7.85 -5.89 10.89
C ASN A 5 -6.75 -5.14 10.19
N ALA A 6 -5.64 -4.98 10.89
CA ALA A 6 -4.50 -4.23 10.37
C ALA A 6 -3.24 -5.07 10.39
N LEU A 7 -2.20 -4.56 9.74
CA LEU A 7 -0.93 -5.27 9.61
C LEU A 7 0.17 -4.52 10.32
N GLU A 8 0.61 -5.08 11.43
CA GLU A 8 1.67 -4.47 12.24
C GLU A 8 3.01 -4.63 11.57
N THR A 9 3.48 -3.57 10.93
CA THR A 9 4.72 -3.60 10.16
C THR A 9 5.81 -2.86 10.92
N TRP A 10 6.95 -3.50 11.14
CA TRP A 10 7.99 -2.94 11.99
C TRP A 10 9.30 -2.80 11.26
N GLY A 11 10.09 -1.79 11.60
CA GLY A 11 11.44 -1.66 11.06
C GLY A 11 12.30 -0.75 11.90
N ALA A 12 13.59 -0.73 11.60
CA ALA A 12 14.53 0.22 12.21
C ALA A 12 14.83 1.33 11.22
N LEU A 13 15.25 2.50 11.69
CA LEU A 13 15.39 3.64 10.76
C LEU A 13 16.60 3.47 9.87
N GLY A 14 16.62 4.23 8.79
CA GLY A 14 17.66 4.13 7.77
C GLY A 14 17.42 2.95 6.86
N GLN A 15 16.18 2.65 6.53
CA GLN A 15 15.86 1.42 5.80
C GLN A 15 15.10 1.70 4.52
N ASP A 16 14.69 0.60 3.89
CA ASP A 16 13.78 0.64 2.75
C ASP A 16 12.90 -0.60 2.79
N ILE A 17 11.60 -0.37 2.92
CA ILE A 17 10.65 -1.44 3.19
C ILE A 17 9.56 -1.53 2.16
N ASN A 18 8.85 -2.65 2.18
CA ASN A 18 7.82 -2.95 1.18
C ASN A 18 6.48 -3.19 1.83
N LEU A 19 5.49 -2.43 1.38
CA LEU A 19 4.09 -2.64 1.77
C LEU A 19 3.48 -3.76 0.95
N ASP A 20 3.36 -4.92 1.55
CA ASP A 20 2.95 -6.13 0.83
C ASP A 20 1.44 -6.28 0.85
N ILE A 21 0.98 -7.50 0.69
CA ILE A 21 -0.44 -7.78 0.53
C ILE A 21 -0.74 -9.25 0.72
N PRO A 22 -1.95 -9.57 1.10
CA PRO A 22 -2.53 -10.98 1.24
C PRO A 22 -2.24 -11.89 0.07
N SER A 23 -2.73 -13.12 0.19
CA SER A 23 -2.42 -14.17 -0.79
C SER A 23 -3.41 -14.18 -1.94
N PHE A 24 -3.94 -13.03 -2.30
CA PHE A 24 -4.76 -12.88 -3.50
C PHE A 24 -3.94 -12.28 -4.62
N GLN A 25 -4.28 -12.60 -5.85
CA GLN A 25 -3.48 -12.18 -7.01
C GLN A 25 -4.35 -11.95 -8.23
N MET A 26 -3.94 -11.00 -9.05
CA MET A 26 -4.69 -10.64 -10.25
C MET A 26 -4.95 -11.87 -11.10
N SER A 27 -5.92 -11.75 -11.99
CA SER A 27 -6.36 -12.89 -12.78
C SER A 27 -7.31 -12.46 -13.89
N ASP A 28 -8.58 -12.50 -13.58
CA ASP A 28 -9.64 -12.26 -14.57
C ASP A 28 -9.63 -10.83 -15.06
N ASP A 29 -10.14 -9.91 -14.27
CA ASP A 29 -10.33 -8.53 -14.72
C ASP A 29 -9.92 -7.52 -13.67
N ILE A 30 -9.08 -7.88 -12.73
CA ILE A 30 -8.54 -6.91 -11.76
C ILE A 30 -7.59 -5.96 -12.46
N ASP A 31 -7.81 -4.67 -12.29
CA ASP A 31 -7.06 -3.66 -13.04
C ASP A 31 -6.56 -2.52 -12.17
N ASP A 32 -7.22 -2.18 -11.08
CA ASP A 32 -6.89 -0.98 -10.31
C ASP A 32 -6.32 -1.32 -8.95
N ILE A 33 -5.45 -0.45 -8.47
CA ILE A 33 -4.91 -0.53 -7.11
C ILE A 33 -4.96 0.83 -6.44
N LYS A 34 -4.97 0.86 -5.12
CA LYS A 34 -4.89 2.12 -4.39
C LYS A 34 -4.20 1.96 -3.06
N TRP A 35 -3.32 2.90 -2.76
CA TRP A 35 -2.62 2.97 -1.48
C TRP A 35 -2.62 4.39 -0.95
N GLU A 36 -3.00 4.57 0.29
CA GLU A 36 -3.11 5.91 0.88
C GLU A 36 -2.54 5.93 2.28
N LYS A 37 -2.47 7.12 2.85
CA LYS A 37 -2.09 7.27 4.26
C LYS A 37 -3.34 7.26 5.11
N THR A 38 -3.55 6.17 5.83
CA THR A 38 -4.81 5.89 6.52
C THR A 38 -5.45 7.09 7.16
N SER A 39 -4.71 7.80 7.99
CA SER A 39 -5.28 8.87 8.82
C SER A 39 -5.69 10.08 8.01
N ASP A 40 -4.80 10.59 7.18
CA ASP A 40 -5.04 11.86 6.49
C ASP A 40 -5.52 11.69 5.06
N LYS A 41 -5.96 10.51 4.66
CA LYS A 41 -6.56 10.29 3.34
C LYS A 41 -5.66 10.87 2.27
N LYS A 42 -4.43 10.38 2.23
CA LYS A 42 -3.40 10.94 1.37
C LYS A 42 -2.89 9.93 0.36
N LYS A 43 -3.55 9.90 -0.78
CA LYS A 43 -3.11 9.08 -1.92
C LYS A 43 -1.65 9.32 -2.21
N ILE A 44 -0.84 8.30 -2.00
CA ILE A 44 0.58 8.33 -2.33
C ILE A 44 0.94 7.28 -3.35
N ALA A 45 0.04 6.37 -3.67
CA ALA A 45 0.28 5.40 -4.75
C ALA A 45 -1.04 4.88 -5.30
N GLN A 46 -1.21 4.85 -6.60
CA GLN A 46 -2.48 4.40 -7.18
C GLN A 46 -2.35 3.98 -8.63
N PHE A 47 -3.13 2.99 -9.00
CA PHE A 47 -3.27 2.54 -10.37
C PHE A 47 -4.72 2.62 -10.83
N ARG A 48 -4.94 3.04 -12.06
CA ARG A 48 -6.30 3.11 -12.61
C ARG A 48 -6.27 3.17 -14.11
N LYS A 49 -6.77 2.13 -14.75
CA LYS A 49 -6.71 2.01 -16.21
C LYS A 49 -5.27 1.84 -16.66
N GLU A 50 -5.11 1.22 -17.82
CA GLU A 50 -3.81 1.07 -18.46
C GLU A 50 -3.48 2.25 -19.34
N LYS A 51 -3.90 3.44 -18.98
CA LYS A 51 -3.61 4.67 -19.74
C LYS A 51 -2.63 5.63 -19.06
N GLU A 52 -2.32 5.28 -17.82
CA GLU A 52 -1.44 6.10 -17.00
C GLU A 52 -1.33 5.55 -15.59
N THR A 53 -0.28 5.95 -14.89
CA THR A 53 -0.06 5.52 -13.51
C THR A 53 0.18 6.72 -12.62
N PHE A 54 -0.11 6.57 -11.34
CA PHE A 54 0.09 7.64 -10.37
C PHE A 54 1.19 7.30 -9.38
N LYS A 55 2.34 7.92 -9.57
CA LYS A 55 3.46 7.80 -8.65
C LYS A 55 4.44 8.93 -8.83
N GLU A 56 4.61 9.73 -7.79
CA GLU A 56 5.57 10.83 -7.81
C GLU A 56 6.99 10.30 -7.83
N LYS A 57 7.30 9.44 -6.88
CA LYS A 57 8.66 8.92 -6.70
C LYS A 57 8.61 7.52 -6.14
N ASP A 58 9.75 6.83 -6.12
CA ASP A 58 9.81 5.47 -5.61
C ASP A 58 9.62 5.40 -4.10
N THR A 59 9.81 6.51 -3.43
CA THR A 59 9.56 6.57 -1.98
C THR A 59 8.18 6.04 -1.66
N TYR A 60 7.29 6.09 -2.63
CA TYR A 60 5.98 5.46 -2.50
C TYR A 60 5.48 4.96 -3.84
N LYS A 61 5.93 3.79 -4.22
CA LYS A 61 5.65 3.26 -5.56
C LYS A 61 4.75 2.04 -5.52
N LEU A 62 4.00 1.85 -6.60
CA LEU A 62 3.01 0.78 -6.71
C LEU A 62 3.58 -0.38 -7.50
N PHE A 63 3.14 -1.59 -7.23
CA PHE A 63 3.51 -2.75 -8.04
C PHE A 63 2.28 -3.39 -8.63
N LYS A 64 2.46 -4.14 -9.71
CA LYS A 64 1.35 -4.81 -10.38
C LYS A 64 0.66 -5.81 -9.47
N ASN A 65 1.39 -6.34 -8.51
CA ASN A 65 0.86 -7.42 -7.66
C ASN A 65 0.24 -6.88 -6.40
N GLY A 66 -0.23 -5.65 -6.41
CA GLY A 66 -0.92 -5.07 -5.27
C GLY A 66 0.00 -4.73 -4.13
N THR A 67 1.30 -4.88 -4.29
CA THR A 67 2.27 -4.45 -3.28
C THR A 67 2.72 -3.03 -3.51
N LEU A 68 2.75 -2.24 -2.45
CA LEU A 68 3.34 -0.91 -2.47
C LEU A 68 4.72 -0.95 -1.84
N LYS A 69 5.64 -0.10 -2.25
CA LYS A 69 6.98 -0.10 -1.70
C LYS A 69 7.41 1.30 -1.30
N ILE A 70 8.13 1.39 -0.20
CA ILE A 70 8.59 2.68 0.32
C ILE A 70 10.08 2.68 0.52
N LYS A 71 10.77 3.54 -0.21
CA LYS A 71 12.21 3.71 -0.02
C LYS A 71 12.50 4.73 1.05
N HIS A 72 13.62 4.55 1.73
CA HIS A 72 13.95 5.36 2.90
C HIS A 72 12.92 5.17 4.00
N LEU A 73 13.36 4.65 5.12
CA LEU A 73 12.46 4.19 6.17
C LEU A 73 13.00 4.48 7.55
N LYS A 74 12.81 5.68 8.02
CA LYS A 74 13.09 6.07 9.41
C LYS A 74 11.82 6.44 10.11
N THR A 75 11.98 6.99 11.32
CA THR A 75 10.87 7.58 12.05
C THR A 75 10.04 8.50 11.16
N ASP A 76 10.70 9.08 10.18
CA ASP A 76 10.10 10.11 9.33
C ASP A 76 9.24 9.47 8.26
N ASP A 77 9.78 8.48 7.59
CA ASP A 77 9.05 7.76 6.55
C ASP A 77 8.09 6.73 7.12
N GLN A 78 7.98 6.63 8.43
CA GLN A 78 7.02 5.73 9.06
C GLN A 78 5.64 6.36 9.14
N ASP A 79 4.70 5.79 8.40
CA ASP A 79 3.32 6.25 8.40
C ASP A 79 2.35 5.10 8.38
N ILE A 80 1.09 5.38 8.64
CA ILE A 80 0.02 4.38 8.53
C ILE A 80 -0.49 4.32 7.11
N TYR A 81 -0.94 3.15 6.69
CA TYR A 81 -1.32 2.89 5.31
C TYR A 81 -2.54 2.00 5.21
N LYS A 82 -3.23 2.11 4.10
CA LYS A 82 -4.40 1.27 3.82
C LYS A 82 -4.48 0.94 2.36
N VAL A 83 -4.62 -0.34 2.03
CA VAL A 83 -4.57 -0.79 0.65
C VAL A 83 -5.93 -1.22 0.14
N SER A 84 -6.42 -0.49 -0.85
CA SER A 84 -7.63 -0.84 -1.58
C SER A 84 -7.31 -1.14 -3.02
N ILE A 85 -7.66 -2.31 -3.50
CA ILE A 85 -7.27 -2.74 -4.84
C ILE A 85 -8.47 -3.27 -5.58
N TYR A 86 -8.84 -2.63 -6.68
CA TYR A 86 -10.14 -2.85 -7.32
C TYR A 86 -10.03 -3.48 -8.69
N ASP A 87 -11.19 -3.67 -9.30
CA ASP A 87 -11.30 -4.23 -10.65
C ASP A 87 -11.48 -3.12 -11.67
N THR A 88 -11.65 -3.53 -12.92
CA THR A 88 -11.72 -2.61 -14.04
C THR A 88 -12.92 -1.69 -13.97
N LYS A 89 -14.03 -2.16 -13.43
CA LYS A 89 -15.28 -1.40 -13.47
C LYS A 89 -15.51 -0.57 -12.23
N GLY A 90 -14.47 0.05 -11.70
CA GLY A 90 -14.60 0.98 -10.59
C GLY A 90 -15.32 0.35 -9.41
N LYS A 91 -15.13 -0.94 -9.24
CA LYS A 91 -15.64 -1.68 -8.11
C LYS A 91 -14.67 -1.64 -6.94
N ASN A 92 -14.98 -2.46 -5.94
CA ASN A 92 -14.07 -2.71 -4.82
C ASN A 92 -14.15 -4.16 -4.39
N VAL A 93 -13.10 -4.90 -4.69
CA VAL A 93 -13.08 -6.34 -4.48
C VAL A 93 -12.40 -6.74 -3.19
N LEU A 94 -11.36 -5.98 -2.86
CA LEU A 94 -10.50 -6.29 -1.72
C LEU A 94 -10.00 -5.03 -1.04
N GLU A 95 -9.83 -5.11 0.26
CA GLU A 95 -9.44 -3.95 1.07
C GLU A 95 -8.79 -4.39 2.36
N LYS A 96 -7.82 -3.62 2.82
CA LYS A 96 -7.03 -4.00 3.98
C LYS A 96 -6.45 -2.78 4.67
N ILE A 97 -5.94 -3.00 5.88
CA ILE A 97 -5.34 -1.92 6.65
C ILE A 97 -3.92 -2.27 7.07
N PHE A 98 -3.05 -1.29 7.03
CA PHE A 98 -1.63 -1.49 7.26
C PHE A 98 -1.05 -0.39 8.15
N ASP A 99 0.22 -0.48 8.48
CA ASP A 99 0.84 0.48 9.40
C ASP A 99 2.34 0.37 9.40
N LEU A 100 2.99 1.38 8.86
CA LEU A 100 4.45 1.43 8.85
C LEU A 100 4.98 2.02 10.15
N LYS A 101 5.78 1.23 10.85
CA LYS A 101 6.26 1.61 12.17
C LYS A 101 7.78 1.66 12.26
N ILE A 102 8.24 2.25 13.33
CA ILE A 102 9.65 2.23 13.73
C ILE A 102 9.76 1.94 15.21
N GLN A 103 10.82 1.25 15.58
CA GLN A 103 10.97 0.74 16.94
C GLN A 103 12.07 1.44 17.70
N GLU A 104 11.87 1.56 19.00
CA GLU A 104 12.80 2.28 19.88
C GLU A 104 12.56 1.92 21.32
N ARG A 105 13.20 0.84 21.75
CA ARG A 105 13.14 0.40 23.13
C ARG A 105 14.39 -0.39 23.50
C1 NAG B . 5.47 -8.13 -5.68
C2 NAG B . 6.05 -9.22 -4.73
C3 NAG B . 7.47 -8.79 -4.24
C4 NAG B . 8.43 -8.41 -5.41
C5 NAG B . 7.73 -7.32 -6.29
C6 NAG B . 8.51 -6.93 -7.56
C7 NAG B . 4.46 -10.61 -3.42
C8 NAG B . 3.61 -10.69 -2.16
N2 NAG B . 5.16 -9.46 -3.58
O3 NAG B . 8.04 -9.86 -3.48
O4 NAG B . 9.72 -7.92 -4.94
O5 NAG B . 6.43 -7.80 -6.72
O6 NAG B . 8.35 -7.91 -8.57
O7 NAG B . 4.50 -11.55 -4.21
H1 NAG B . 5.22 -7.24 -5.10
H2 NAG B . 6.21 -10.14 -5.35
H3 NAG B . 7.39 -7.91 -3.57
H4 NAG B . 8.58 -9.31 -6.05
H5 NAG B . 7.60 -6.40 -5.69
H61 NAG B . 9.59 -6.85 -7.33
H62 NAG B . 8.20 -5.94 -7.94
H81 NAG B . 3.85 -9.87 -1.46
H82 NAG B . 2.53 -10.63 -2.39
H83 NAG B . 3.79 -11.64 -1.62
HN2 NAG B . 5.07 -8.74 -2.86
HO3 NAG B . 8.33 -10.51 -4.11
HO6 NAG B . 8.17 -8.73 -8.13
C1 NAG B . 10.88 -8.36 -5.73
C2 NAG B . 12.10 -7.42 -5.54
C3 NAG B . 13.34 -8.07 -6.23
C4 NAG B . 13.61 -9.54 -5.79
C5 NAG B . 12.30 -10.38 -5.94
C6 NAG B . 12.39 -11.79 -5.35
C7 NAG B . 12.37 -5.41 -7.07
C8 NAG B . 11.88 -3.98 -7.33
N2 NAG B . 11.78 -6.06 -6.05
O3 NAG B . 14.50 -7.30 -5.93
O4 NAG B . 14.67 -10.10 -6.61
O5 NAG B . 11.22 -9.70 -5.25
O6 NAG B . 11.11 -12.29 -5.02
O7 NAG B . 13.25 -5.88 -7.79
H1 NAG B . 10.60 -8.42 -6.80
H2 NAG B . 12.33 -7.37 -4.44
H3 NAG B . 13.19 -8.06 -7.33
H4 NAG B . 13.89 -9.51 -4.71
H5 NAG B . 12.04 -10.47 -7.01
H61 NAG B . 13.01 -11.79 -4.43
H62 NAG B . 12.89 -12.49 -6.05
H81 NAG B . 12.54 -3.25 -6.83
H82 NAG B . 11.87 -3.74 -8.41
H83 NAG B . 10.86 -3.83 -6.95
HN2 NAG B . 11.00 -5.56 -5.56
HO3 NAG B . 14.46 -7.12 -4.99
HO6 NAG B . 11.14 -13.23 -5.18
C1 BMA B . 15.83 -10.67 -5.94
C2 BMA B . 16.00 -12.17 -6.32
C3 BMA B . 17.30 -12.72 -5.67
C4 BMA B . 18.54 -11.86 -6.03
C5 BMA B . 18.28 -10.35 -5.72
C6 BMA B . 19.41 -9.44 -6.25
O2 BMA B . 16.04 -12.32 -7.73
O3 BMA B . 17.55 -14.10 -6.07
O4 BMA B . 19.66 -12.32 -5.28
O5 BMA B . 17.02 -9.92 -6.33
O6 BMA B . 18.93 -8.08 -6.35
H1 BMA B . 15.71 -10.61 -4.84
H2 BMA B . 15.13 -12.73 -5.93
H3 BMA B . 17.18 -12.67 -4.57
H4 BMA B . 18.76 -11.98 -7.10
H5 BMA B . 18.21 -10.21 -4.62
H61 BMA B . 19.76 -9.81 -7.23
H62 BMA B . 20.28 -9.47 -5.57
HO2 BMA B . 16.89 -12.71 -7.93
HO4 BMA B . 19.33 -13.02 -4.72
C1 MAN B . 19.88 -7.05 -5.97
C2 MAN B . 19.12 -5.78 -5.49
C3 MAN B . 18.45 -5.03 -6.68
C4 MAN B . 19.45 -4.78 -7.85
C5 MAN B . 20.15 -6.10 -8.25
C6 MAN B . 21.19 -5.97 -9.37
O2 MAN B . 20.04 -4.92 -4.83
O3 MAN B . 17.91 -3.77 -6.22
O4 MAN B . 18.73 -4.23 -8.96
O5 MAN B . 20.77 -6.71 -7.08
O6 MAN B . 22.23 -5.04 -8.98
H1 MAN B . 20.50 -7.42 -5.13
H2 MAN B . 18.35 -6.07 -4.77
H3 MAN B . 17.65 -5.70 -7.06
H4 MAN B . 20.21 -4.05 -7.53
H5 MAN B . 19.38 -6.81 -8.64
H61 MAN B . 20.73 -5.65 -10.32
H62 MAN B . 21.64 -6.96 -9.56
HO2 MAN B . 20.39 -4.33 -5.52
HO4 MAN B . 18.82 -4.87 -9.67
C1 MAN B . 22.23 -3.76 -9.68
C2 MAN B . 23.68 -3.36 -10.02
C3 MAN B . 24.46 -2.95 -8.74
C4 MAN B . 23.70 -1.90 -7.88
C5 MAN B . 22.24 -2.38 -7.61
C6 MAN B . 21.35 -1.33 -6.91
O2 MAN B . 23.66 -2.26 -10.98
O3 MAN B . 25.74 -2.43 -9.09
O4 MAN B . 24.39 -1.71 -6.65
O5 MAN B . 21.58 -2.74 -8.86
O6 MAN B . 20.48 -0.70 -7.83
H1 MAN B . 21.67 -3.84 -10.63
H2 MAN B . 24.19 -4.24 -10.47
H3 MAN B . 24.62 -3.85 -8.13
H4 MAN B . 23.66 -0.94 -8.43
H5 MAN B . 22.27 -3.28 -6.96
H61 MAN B . 21.99 -0.57 -6.43
H62 MAN B . 20.76 -1.79 -6.09
HO3 MAN B . 25.91 -1.71 -8.48
HO4 MAN B . 23.72 -1.58 -5.99
HO6 MAN B . 20.79 0.21 -7.90
C1 MAN B . 23.18 -2.54 -12.33
C2 MAN B . 24.12 -3.56 -13.03
C3 MAN B . 25.48 -2.90 -13.40
C4 MAN B . 25.30 -1.57 -14.18
C5 MAN B . 24.32 -0.62 -13.44
C6 MAN B . 23.95 0.64 -14.25
O2 MAN B . 23.47 -4.05 -14.20
O3 MAN B . 26.26 -3.82 -14.15
O4 MAN B . 26.57 -0.96 -14.34
O5 MAN B . 23.08 -1.32 -13.12
O6 MAN B . 23.85 1.79 -13.41
H1 MAN B . 22.17 -3.00 -12.26
H2 MAN B . 24.30 -4.42 -12.35
H3 MAN B . 26.03 -2.68 -12.45
H4 MAN B . 24.88 -1.81 -15.18
H5 MAN B . 24.79 -0.29 -12.49
H61 MAN B . 22.98 0.49 -14.74
H62 MAN B . 24.68 0.83 -15.05
HO2 MAN B . 22.54 -4.10 -13.98
HO3 MAN B . 26.81 -4.29 -13.52
HO4 MAN B . 27.15 -1.63 -14.72
HO6 MAN B . 24.63 1.76 -12.85
C1 MAN B . 16.82 -3.83 -5.26
C2 MAN B . 16.04 -2.48 -5.26
C3 MAN B . 16.87 -1.36 -4.59
C4 MAN B . 17.42 -1.77 -3.19
C5 MAN B . 18.17 -3.14 -3.27
C6 MAN B . 18.58 -3.70 -1.90
O2 MAN B . 14.81 -2.68 -4.56
O3 MAN B . 16.08 -0.18 -4.46
O4 MAN B . 18.29 -0.76 -2.71
O5 MAN B . 17.31 -4.14 -3.92
O6 MAN B . 18.78 -5.11 -1.96
H1 MAN B . 16.11 -4.62 -5.57
H2 MAN B . 15.81 -2.20 -6.30
H3 MAN B . 17.73 -1.13 -5.23
H4 MAN B . 16.57 -1.86 -2.49
H5 MAN B . 19.08 -3.01 -3.88
H61 MAN B . 17.80 -3.50 -1.15
H62 MAN B . 19.49 -3.20 -1.53
HO2 MAN B . 15.01 -2.55 -3.64
HO3 MAN B . 15.85 -0.12 -3.53
HO4 MAN B . 18.99 -0.69 -3.36
HO6 MAN B . 19.46 -5.31 -1.30
C1 MAN B . 16.84 -15.15 -5.36
C2 MAN B . 17.61 -16.49 -5.46
C3 MAN B . 17.51 -17.09 -6.89
C4 MAN B . 16.04 -17.16 -7.40
C5 MAN B . 15.34 -15.78 -7.25
C6 MAN B . 13.83 -15.82 -7.56
O2 MAN B . 17.05 -17.43 -4.49
O3 MAN B . 18.10 -18.38 -6.91
O4 MAN B . 16.05 -17.56 -8.76
O5 MAN B . 15.48 -15.30 -5.87
O6 MAN B . 13.08 -15.03 -6.64
H1 MAN B . 16.77 -14.89 -4.28
H2 MAN B . 18.68 -16.28 -5.23
H3 MAN B . 18.09 -16.44 -7.57
H4 MAN B . 15.50 -17.92 -6.81
H5 MAN B . 15.81 -15.05 -7.92
H61 MAN B . 13.45 -16.86 -7.51
H62 MAN B . 13.64 -15.48 -8.60
HO3 MAN B . 17.37 -19.00 -6.77
HO4 MAN B . 15.17 -17.88 -8.96
HO6 MAN B . 12.32 -14.71 -7.13
C1 MAN B . 17.51 -17.31 -3.11
C2 MAN B . 17.66 -18.72 -2.48
C3 MAN B . 16.28 -19.36 -2.19
C4 MAN B . 15.33 -18.41 -1.41
C5 MAN B . 15.24 -17.02 -2.10
C6 MAN B . 14.49 -15.96 -1.28
O2 MAN B . 18.39 -18.59 -1.26
O3 MAN B . 16.46 -20.57 -1.48
O4 MAN B . 14.05 -19.01 -1.33
O5 MAN B . 16.59 -16.48 -2.33
O6 MAN B . 13.24 -15.63 -1.88
H1 MAN B . 18.51 -16.83 -3.10
H2 MAN B . 18.24 -19.36 -3.16
H3 MAN B . 15.81 -19.60 -3.17
H4 MAN B . 15.73 -18.29 -0.38
H5 MAN B . 14.74 -17.12 -3.07
H61 MAN B . 15.09 -15.04 -1.17
H62 MAN B . 14.29 -16.33 -0.24
HO2 MAN B . 18.38 -19.45 -0.84
HO3 MAN B . 17.31 -20.91 -1.73
HO4 MAN B . 14.20 -19.95 -1.17
HO6 MAN B . 13.40 -14.83 -2.39
N LYS A 1 -5.78 -7.38 24.81
CA LYS A 1 -6.71 -7.76 23.75
C LYS A 1 -6.74 -6.72 22.66
N GLU A 2 -6.77 -7.17 21.41
CA GLU A 2 -6.78 -6.29 20.26
C GLU A 2 -7.02 -7.05 18.98
N ILE A 3 -8.27 -7.36 18.71
CA ILE A 3 -8.67 -7.97 17.44
C ILE A 3 -8.75 -6.93 16.35
N THR A 4 -8.27 -7.30 15.17
CA THR A 4 -8.15 -6.36 14.07
C THR A 4 -8.01 -7.08 12.73
N ASN A 5 -7.93 -6.28 11.68
CA ASN A 5 -7.62 -6.78 10.34
C ASN A 5 -6.38 -6.09 9.80
N ALA A 6 -5.44 -5.89 10.72
CA ALA A 6 -4.23 -5.12 10.44
C ALA A 6 -3.05 -6.03 10.18
N LEU A 7 -1.94 -5.42 9.81
CA LEU A 7 -0.73 -6.14 9.41
C LEU A 7 0.49 -5.53 10.07
N GLU A 8 1.08 -6.27 10.99
CA GLU A 8 2.29 -5.82 11.67
C GLU A 8 3.42 -5.64 10.69
N THR A 9 3.56 -4.43 10.17
CA THR A 9 4.57 -4.14 9.17
C THR A 9 5.73 -3.37 9.79
N TRP A 10 6.91 -3.96 9.74
CA TRP A 10 8.08 -3.43 10.43
C TRP A 10 9.12 -2.89 9.47
N GLY A 11 9.98 -2.03 9.99
CA GLY A 11 11.12 -1.53 9.23
C GLY A 11 12.17 -0.96 10.14
N ALA A 12 13.43 -1.11 9.77
CA ALA A 12 14.54 -0.49 10.49
C ALA A 12 14.88 0.85 9.88
N LEU A 13 15.48 1.74 10.65
CA LEU A 13 15.70 3.11 10.19
C LEU A 13 16.66 3.15 9.01
N GLY A 14 16.28 3.95 8.02
CA GLY A 14 17.10 4.16 6.83
C GLY A 14 17.00 3.00 5.88
N GLN A 15 15.83 2.39 5.72
CA GLN A 15 15.73 1.14 4.95
C GLN A 15 14.58 1.17 3.98
N ASP A 16 14.83 0.82 2.74
CA ASP A 16 13.77 0.69 1.74
C ASP A 16 13.06 -0.65 1.89
N ILE A 17 11.75 -0.62 1.74
CA ILE A 17 10.92 -1.78 2.06
C ILE A 17 9.77 -1.96 1.09
N ASN A 18 8.99 -3.01 1.36
CA ASN A 18 7.80 -3.32 0.59
C ASN A 18 6.55 -3.39 1.45
N LEU A 19 5.43 -3.07 0.84
CA LEU A 19 4.10 -3.24 1.45
C LEU A 19 3.43 -4.45 0.86
N ASP A 20 3.10 -5.43 1.68
CA ASP A 20 2.63 -6.72 1.20
C ASP A 20 1.14 -6.85 1.37
N ILE A 21 0.46 -7.00 0.24
CA ILE A 21 -1.00 -7.08 0.17
C ILE A 21 -1.46 -8.48 0.51
N PRO A 22 -2.74 -8.62 0.80
CA PRO A 22 -3.48 -9.89 1.17
C PRO A 22 -3.22 -11.08 0.26
N SER A 23 -3.92 -12.17 0.56
CA SER A 23 -3.75 -13.42 -0.17
C SER A 23 -4.67 -13.52 -1.37
N PHE A 24 -4.98 -12.38 -1.98
CA PHE A 24 -5.73 -12.34 -3.23
C PHE A 24 -4.80 -12.07 -4.39
N GLN A 25 -5.13 -12.57 -5.56
CA GLN A 25 -4.30 -12.41 -6.75
C GLN A 25 -5.11 -11.96 -7.93
N MET A 26 -4.72 -10.85 -8.53
CA MET A 26 -5.36 -10.34 -9.74
C MET A 26 -4.88 -11.08 -10.96
N SER A 27 -5.55 -10.87 -12.07
CA SER A 27 -5.13 -11.41 -13.36
C SER A 27 -5.98 -10.87 -14.49
N ASP A 28 -7.06 -11.59 -14.77
CA ASP A 28 -7.90 -11.33 -15.93
C ASP A 28 -8.98 -10.32 -15.64
N ASP A 29 -9.44 -10.20 -14.41
CA ASP A 29 -10.62 -9.37 -14.09
C ASP A 29 -10.30 -8.10 -13.34
N ILE A 30 -9.24 -8.13 -12.57
CA ILE A 30 -8.87 -6.99 -11.73
C ILE A 30 -8.03 -6.00 -12.52
N ASP A 31 -8.20 -4.72 -12.26
CA ASP A 31 -7.56 -3.69 -13.07
C ASP A 31 -6.94 -2.59 -12.25
N ASP A 32 -7.53 -2.18 -11.14
CA ASP A 32 -7.07 -1.00 -10.40
C ASP A 32 -6.52 -1.37 -9.05
N ILE A 33 -5.68 -0.48 -8.53
CA ILE A 33 -4.94 -0.71 -7.30
C ILE A 33 -4.73 0.60 -6.56
N LYS A 34 -5.16 0.73 -5.31
CA LYS A 34 -4.96 1.97 -4.57
C LYS A 34 -4.36 1.73 -3.21
N TRP A 35 -3.43 2.59 -2.84
CA TRP A 35 -2.79 2.64 -1.53
C TRP A 35 -2.82 4.05 -0.99
N GLU A 36 -2.97 4.22 0.31
CA GLU A 36 -3.12 5.55 0.90
C GLU A 36 -2.38 5.64 2.21
N LYS A 37 -2.13 6.84 2.70
CA LYS A 37 -1.49 7.00 4.01
C LYS A 37 -2.54 7.32 5.06
N THR A 38 -2.97 6.28 5.75
CA THR A 38 -4.10 6.36 6.68
C THR A 38 -4.03 7.56 7.59
N SER A 39 -2.83 7.99 7.93
CA SER A 39 -2.62 9.03 8.94
C SER A 39 -3.45 10.26 8.69
N ASP A 40 -3.58 10.70 7.46
CA ASP A 40 -4.42 11.86 7.15
C ASP A 40 -4.95 11.82 5.73
N LYS A 41 -5.31 10.66 5.25
CA LYS A 41 -5.99 10.53 3.96
C LYS A 41 -5.16 11.13 2.85
N LYS A 42 -4.08 10.43 2.51
CA LYS A 42 -3.23 10.86 1.40
C LYS A 42 -2.94 9.74 0.42
N LYS A 43 -3.87 9.57 -0.52
CA LYS A 43 -3.70 8.65 -1.63
C LYS A 43 -2.31 8.79 -2.24
N ILE A 44 -1.44 7.86 -1.89
CA ILE A 44 -0.03 7.93 -2.25
C ILE A 44 0.25 7.23 -3.56
N ALA A 45 -0.24 6.01 -3.71
CA ALA A 45 -0.04 5.22 -4.92
C ALA A 45 -1.37 4.77 -5.49
N GLN A 46 -1.53 4.76 -6.80
CA GLN A 46 -2.79 4.34 -7.40
C GLN A 46 -2.62 3.84 -8.83
N PHE A 47 -3.56 3.02 -9.26
CA PHE A 47 -3.63 2.51 -10.63
C PHE A 47 -5.03 2.66 -11.19
N ARG A 48 -5.20 3.52 -12.17
CA ARG A 48 -6.52 3.78 -12.75
C ARG A 48 -6.44 3.91 -14.26
N LYS A 49 -6.83 2.88 -14.97
CA LYS A 49 -6.89 2.90 -16.43
C LYS A 49 -5.50 2.88 -17.03
N GLU A 50 -5.39 2.28 -18.20
CA GLU A 50 -4.10 2.17 -18.90
C GLU A 50 -3.86 3.35 -19.80
N LYS A 51 -4.17 4.55 -19.36
CA LYS A 51 -3.84 5.79 -20.09
C LYS A 51 -2.93 6.76 -19.33
N GLU A 52 -2.77 6.45 -18.06
CA GLU A 52 -2.00 7.28 -17.14
C GLU A 52 -2.19 6.82 -15.71
N THR A 53 -1.26 6.03 -15.20
CA THR A 53 -1.28 5.61 -13.81
C THR A 53 -0.75 6.71 -12.91
N PHE A 54 -0.81 6.48 -11.61
CA PHE A 54 -0.21 7.40 -10.63
C PHE A 54 0.87 6.71 -9.84
N LYS A 55 2.10 6.86 -10.29
CA LYS A 55 3.27 6.37 -9.56
C LYS A 55 4.54 6.99 -10.11
N GLU A 56 4.60 8.30 -10.08
CA GLU A 56 5.75 9.05 -10.59
C GLU A 56 6.77 9.30 -9.50
N LYS A 57 6.90 8.40 -8.55
CA LYS A 57 7.79 8.58 -7.40
C LYS A 57 7.91 7.31 -6.61
N ASP A 58 9.11 6.77 -6.51
CA ASP A 58 9.32 5.45 -5.90
C ASP A 58 9.14 5.44 -4.40
N THR A 59 9.05 6.58 -3.76
CA THR A 59 8.82 6.65 -2.32
C THR A 59 7.53 5.94 -1.96
N TYR A 60 6.62 5.88 -2.91
CA TYR A 60 5.41 5.08 -2.75
C TYR A 60 4.92 4.58 -4.09
N LYS A 61 5.33 3.38 -4.49
CA LYS A 61 5.04 2.87 -5.82
C LYS A 61 4.35 1.52 -5.79
N LEU A 62 3.32 1.37 -6.60
CA LEU A 62 2.60 0.11 -6.74
C LEU A 62 3.34 -0.84 -7.66
N PHE A 63 3.18 -2.14 -7.46
CA PHE A 63 3.75 -3.13 -8.35
C PHE A 63 2.68 -3.84 -9.15
N LYS A 64 3.08 -4.68 -10.09
CA LYS A 64 2.12 -5.43 -10.91
C LYS A 64 1.33 -6.40 -10.07
N ASN A 65 2.01 -7.14 -9.21
CA ASN A 65 1.32 -7.98 -8.23
C ASN A 65 0.54 -7.12 -7.26
N GLY A 66 0.88 -5.85 -7.16
CA GLY A 66 0.10 -4.90 -6.39
C GLY A 66 0.68 -4.63 -5.01
N THR A 67 1.95 -4.84 -4.80
CA THR A 67 2.61 -4.46 -3.55
C THR A 67 3.09 -3.03 -3.60
N LEU A 68 3.13 -2.35 -2.47
CA LEU A 68 3.59 -0.96 -2.42
C LEU A 68 4.95 -0.85 -1.77
N LYS A 69 5.95 -0.53 -2.56
CA LYS A 69 7.29 -0.26 -2.06
C LYS A 69 7.40 1.15 -1.53
N ILE A 70 8.15 1.32 -0.46
CA ILE A 70 8.41 2.64 0.10
C ILE A 70 9.90 2.87 0.26
N LYS A 71 10.44 3.83 -0.48
CA LYS A 71 11.88 4.08 -0.45
C LYS A 71 12.27 4.92 0.74
N HIS A 72 13.35 4.51 1.40
CA HIS A 72 13.78 5.12 2.65
C HIS A 72 12.74 4.97 3.73
N LEU A 73 13.12 4.33 4.83
CA LEU A 73 12.20 4.08 5.94
C LEU A 73 12.84 4.29 7.30
N LYS A 74 12.83 5.53 7.75
CA LYS A 74 13.18 5.87 9.13
C LYS A 74 11.93 6.25 9.90
N THR A 75 12.16 6.74 11.10
CA THR A 75 11.08 7.33 11.90
C THR A 75 10.26 8.31 11.08
N ASP A 76 10.87 8.86 10.05
CA ASP A 76 10.21 9.82 9.17
C ASP A 76 9.30 9.11 8.19
N ASP A 77 9.82 8.08 7.52
CA ASP A 77 9.06 7.37 6.50
C ASP A 77 8.24 6.26 7.09
N GLN A 78 8.06 6.23 8.39
CA GLN A 78 7.17 5.26 9.02
C GLN A 78 5.78 5.82 9.21
N ASP A 79 4.87 5.42 8.32
CA ASP A 79 3.48 5.84 8.37
C ASP A 79 2.55 4.65 8.42
N ILE A 80 1.27 4.94 8.58
CA ILE A 80 0.24 3.91 8.49
C ILE A 80 -0.36 3.92 7.09
N TYR A 81 -0.84 2.78 6.65
CA TYR A 81 -1.29 2.59 5.27
C TYR A 81 -2.52 1.73 5.19
N LYS A 82 -3.16 1.76 4.03
CA LYS A 82 -4.29 0.89 3.75
C LYS A 82 -4.39 0.60 2.27
N VAL A 83 -4.58 -0.65 1.92
CA VAL A 83 -4.56 -1.08 0.52
C VAL A 83 -5.94 -1.41 0.03
N SER A 84 -6.44 -0.60 -0.90
CA SER A 84 -7.72 -0.81 -1.55
C SER A 84 -7.51 -1.04 -3.04
N ILE A 85 -7.78 -2.26 -3.47
CA ILE A 85 -7.48 -2.64 -4.87
C ILE A 85 -8.76 -3.02 -5.57
N TYR A 86 -9.08 -2.38 -6.67
CA TYR A 86 -10.40 -2.47 -7.29
C TYR A 86 -10.34 -3.15 -8.65
N ASP A 87 -11.49 -3.28 -9.28
CA ASP A 87 -11.61 -3.96 -10.56
C ASP A 87 -11.61 -2.97 -11.71
N THR A 88 -11.89 -3.45 -12.90
CA THR A 88 -11.96 -2.59 -14.08
C THR A 88 -12.98 -1.48 -13.91
N LYS A 89 -13.97 -1.66 -13.06
CA LYS A 89 -15.07 -0.70 -12.95
C LYS A 89 -15.07 0.02 -11.62
N GLY A 90 -13.91 0.22 -11.04
CA GLY A 90 -13.76 1.02 -9.83
C GLY A 90 -14.42 0.39 -8.62
N LYS A 91 -14.69 -0.89 -8.66
CA LYS A 91 -15.38 -1.57 -7.55
C LYS A 91 -14.40 -2.11 -6.55
N ASN A 92 -14.54 -1.71 -5.30
CA ASN A 92 -13.73 -2.29 -4.22
C ASN A 92 -13.88 -3.78 -4.19
N VAL A 93 -12.90 -4.48 -4.76
CA VAL A 93 -12.94 -5.94 -4.80
C VAL A 93 -12.55 -6.52 -3.45
N LEU A 94 -11.42 -6.03 -2.95
CA LEU A 94 -10.94 -6.40 -1.62
C LEU A 94 -10.11 -5.28 -1.02
N GLU A 95 -10.22 -5.13 0.29
CA GLU A 95 -9.50 -4.08 1.01
C GLU A 95 -8.75 -4.65 2.19
N LYS A 96 -7.68 -3.98 2.58
CA LYS A 96 -6.92 -4.34 3.77
C LYS A 96 -6.35 -3.12 4.44
N ILE A 97 -5.93 -3.28 5.69
CA ILE A 97 -5.40 -2.16 6.47
C ILE A 97 -4.03 -2.50 7.01
N PHE A 98 -3.13 -1.54 6.97
CA PHE A 98 -1.73 -1.77 7.31
C PHE A 98 -1.19 -0.69 8.22
N ASP A 99 0.02 -0.90 8.72
CA ASP A 99 0.70 0.12 9.52
C ASP A 99 2.19 -0.09 9.54
N LEU A 100 2.93 0.81 8.91
CA LEU A 100 4.39 0.78 8.98
C LEU A 100 4.89 1.23 10.33
N LYS A 101 5.92 0.58 10.82
CA LYS A 101 6.46 0.88 12.15
C LYS A 101 7.96 1.08 12.10
N ILE A 102 8.53 1.29 13.28
CA ILE A 102 9.98 1.31 13.48
C ILE A 102 10.32 0.68 14.81
N GLN A 103 11.40 -0.08 14.79
CA GLN A 103 11.78 -0.92 15.93
C GLN A 103 12.76 -0.20 16.82
N GLU A 104 12.66 -0.45 18.12
CA GLU A 104 13.46 0.27 19.12
C GLU A 104 13.44 -0.47 20.44
N ARG A 105 13.80 -1.75 20.33
CA ARG A 105 13.84 -2.65 21.48
C ARG A 105 15.15 -2.52 22.21
C1 NAG B . 5.62 -8.26 -5.57
C2 NAG B . 6.16 -9.11 -4.38
C3 NAG B . 7.50 -8.51 -3.87
C4 NAG B . 8.54 -8.30 -5.03
C5 NAG B . 7.88 -7.48 -6.18
C6 NAG B . 8.76 -7.33 -7.43
C7 NAG B . 4.44 -10.26 -3.00
C8 NAG B . 3.54 -10.16 -1.77
N2 NAG B . 5.18 -9.16 -3.27
O3 NAG B . 8.05 -9.39 -2.89
O4 NAG B . 9.74 -7.61 -4.57
O5 NAG B . 6.64 -8.13 -6.59
O6 NAG B . 7.96 -7.32 -8.61
O7 NAG B . 4.47 -11.30 -3.66
H1 NAG B . 5.33 -7.27 -5.18
H2 NAG B . 6.39 -10.12 -4.78
H3 NAG B . 7.32 -7.53 -3.40
H4 NAG B . 8.82 -9.30 -5.44
H5 NAG B . 7.64 -6.46 -5.81
H61 NAG B . 9.47 -8.16 -7.50
H62 NAG B . 9.36 -6.41 -7.38
H81 NAG B . 3.92 -10.80 -0.95
H82 NAG B . 3.49 -9.12 -1.39
H83 NAG B . 2.51 -10.49 -1.99
HN2 NAG B . 5.05 -8.33 -2.68
HO3 NAG B . 8.56 -10.04 -3.37
HO6 NAG B . 7.70 -8.24 -8.76
C1 NAG B . 11.03 -8.23 -4.82
C2 NAG B . 12.14 -7.17 -5.03
C3 NAG B . 13.52 -7.89 -5.10
C4 NAG B . 13.78 -8.81 -3.88
C5 NAG B . 12.58 -9.79 -3.68
C6 NAG B . 12.65 -10.61 -2.39
C7 NAG B . 12.23 -5.09 -6.40
C8 NAG B . 11.94 -4.46 -7.76
N2 NAG B . 11.89 -6.39 -6.27
O3 NAG B . 14.56 -6.92 -5.16
O4 NAG B . 15.02 -9.56 -4.06
O5 NAG B . 11.35 -9.04 -3.65
O6 NAG B . 12.24 -11.96 -2.60
O7 NAG B . 12.78 -4.43 -5.50
H1 NAG B . 10.97 -8.90 -5.72
H2 NAG B . 12.15 -6.51 -4.14
H3 NAG B . 13.58 -8.51 -6.02
H4 NAG B . 13.83 -8.14 -2.98
H5 NAG B . 12.56 -10.50 -4.53
H61 NAG B . 13.68 -10.63 -1.99
H62 NAG B . 12.02 -10.16 -1.59
H81 NAG B . 12.75 -3.78 -8.07
H82 NAG B . 11.80 -5.22 -8.54
H83 NAG B . 11.00 -3.85 -7.71
HN2 NAG B . 11.43 -6.85 -7.07
HO3 NAG B . 14.86 -6.80 -4.26
HO6 NAG B . 11.97 -12.30 -1.75
C1 BMA B . 16.18 -9.06 -3.35
C2 BMA B . 16.55 -9.99 -2.17
C3 BMA B . 17.84 -9.49 -1.48
C4 BMA B . 19.01 -9.32 -2.49
C5 BMA B . 18.56 -8.43 -3.69
C6 BMA B . 19.60 -8.36 -4.82
O2 BMA B . 16.72 -11.33 -2.63
O3 BMA B . 18.25 -10.37 -0.40
O4 BMA B . 20.12 -8.72 -1.83
O5 BMA B . 17.31 -8.94 -4.26
O6 BMA B . 19.11 -7.53 -5.89
H1 BMA B . 15.96 -8.06 -2.92
H2 BMA B . 15.72 -9.99 -1.43
H3 BMA B . 17.63 -8.48 -1.06
H4 BMA B . 19.30 -10.32 -2.85
H5 BMA B . 18.38 -7.40 -3.34
H61 BMA B . 19.82 -9.40 -5.19
H62 BMA B . 20.56 -7.96 -4.45
HO2 BMA B . 16.88 -11.26 -3.57
HO4 BMA B . 19.82 -8.53 -0.94
C1 MAN B . 19.84 -7.56 -7.14
C2 MAN B . 19.01 -6.86 -8.25
C3 MAN B . 17.79 -7.73 -8.67
C4 MAN B . 18.20 -9.19 -9.00
C5 MAN B . 19.05 -9.80 -7.84
C6 MAN B . 19.57 -11.22 -8.12
O2 MAN B . 19.85 -6.62 -9.38
O3 MAN B . 17.13 -7.13 -9.82
O4 MAN B . 17.02 -9.97 -9.23
O5 MAN B . 20.17 -8.92 -7.54
O6 MAN B . 20.90 -11.17 -8.66
H1 MAN B . 20.78 -6.99 -7.02
H2 MAN B . 18.64 -5.89 -7.88
H3 MAN B . 17.10 -7.77 -7.80
H4 MAN B . 18.80 -9.20 -9.94
H5 MAN B . 18.41 -9.86 -6.95
H61 MAN B . 18.89 -11.78 -8.79
H62 MAN B . 19.58 -11.77 -7.16
HO2 MAN B . 19.30 -6.15 -10.02
HO4 MAN B . 16.88 -9.97 -10.19
C1 MAN B . 20.98 -10.96 -10.10
C2 MAN B . 21.83 -12.09 -10.74
C3 MAN B . 23.34 -11.93 -10.35
C4 MAN B . 23.88 -10.50 -10.59
C5 MAN B . 22.95 -9.43 -9.93
C6 MAN B . 23.31 -7.98 -10.28
O2 MAN B . 21.68 -12.06 -12.18
O3 MAN B . 24.13 -12.87 -11.07
O4 MAN B . 25.19 -10.41 -10.05
O5 MAN B . 21.57 -9.65 -10.38
O6 MAN B . 24.71 -7.76 -10.19
H1 MAN B . 19.98 -11.00 -10.55
H2 MAN B . 21.47 -13.06 -10.34
H3 MAN B . 23.43 -12.16 -9.27
H4 MAN B . 23.93 -10.31 -11.68
H5 MAN B . 22.98 -9.54 -8.84
H61 MAN B . 22.81 -7.28 -9.58
H62 MAN B . 22.97 -7.70 -11.29
HO3 MAN B . 25.03 -12.56 -11.01
HO4 MAN B . 25.23 -11.06 -9.34
HO6 MAN B . 24.96 -7.92 -9.26
C1 MAN B . 21.08 -10.95 -12.91
C2 MAN B . 20.57 -11.44 -14.28
C3 MAN B . 21.74 -11.71 -15.25
C4 MAN B . 22.72 -10.50 -15.36
C5 MAN B . 23.17 -10.05 -13.94
C6 MAN B . 23.99 -8.75 -13.94
O2 MAN B . 19.70 -10.45 -14.83
O3 MAN B . 21.24 -12.03 -16.55
O4 MAN B . 23.84 -10.88 -16.15
O5 MAN B . 22.01 -9.84 -13.08
O6 MAN B . 25.39 -9.00 -14.06
H1 MAN B . 20.20 -10.58 -12.33
H2 MAN B . 19.97 -12.37 -14.16
H3 MAN B . 22.31 -12.58 -14.88
H4 MAN B . 22.19 -9.67 -15.86
H5 MAN B . 23.80 -10.85 -13.50
H61 MAN B . 23.82 -8.19 -12.99
H62 MAN B . 23.66 -8.07 -14.75
HO2 MAN B . 18.96 -10.38 -14.22
HO3 MAN B . 21.29 -11.23 -17.06
HO4 MAN B . 23.48 -11.35 -16.91
HO6 MAN B . 25.76 -8.22 -14.48
C1 MAN B . 16.30 -5.96 -9.58
C2 MAN B . 14.98 -6.09 -10.39
C3 MAN B . 15.22 -5.89 -11.90
C4 MAN B . 16.03 -4.60 -12.21
C5 MAN B . 17.33 -4.54 -11.36
C6 MAN B . 18.09 -3.21 -11.48
O2 MAN B . 14.06 -5.11 -9.90
O3 MAN B . 13.98 -5.85 -12.59
O4 MAN B . 16.35 -4.58 -13.61
O5 MAN B . 17.01 -4.73 -9.95
O6 MAN B . 17.20 -2.13 -11.72
H1 MAN B . 16.05 -5.92 -8.51
H2 MAN B . 14.54 -7.09 -10.21
H3 MAN B . 15.80 -6.76 -12.28
H4 MAN B . 15.40 -3.71 -11.98
H5 MAN B . 18.01 -5.36 -11.68
H61 MAN B . 18.82 -3.26 -12.31
H62 MAN B . 18.68 -3.00 -10.56
HO2 MAN B . 14.36 -4.88 -9.01
HO3 MAN B . 14.06 -6.48 -13.31
HO4 MAN B . 15.52 -4.50 -14.06
HO6 MAN B . 16.78 -2.31 -12.56
C1 MAN B . 17.51 -10.24 0.86
C2 MAN B . 18.29 -10.91 2.02
C3 MAN B . 18.24 -12.46 1.92
C4 MAN B . 16.80 -12.99 1.73
C5 MAN B . 16.09 -12.27 0.55
C6 MAN B . 14.61 -12.62 0.39
O2 MAN B . 17.69 -10.48 3.28
O3 MAN B . 18.82 -13.04 3.08
O4 MAN B . 16.86 -14.40 1.49
O5 MAN B . 16.18 -10.83 0.75
O6 MAN B . 14.27 -13.78 1.14
H1 MAN B . 17.40 -9.17 1.12
H2 MAN B . 19.35 -10.58 1.96
H3 MAN B . 18.85 -12.77 1.05
H4 MAN B . 16.22 -12.83 2.66
H5 MAN B . 16.60 -12.53 -0.40
H61 MAN B . 14.37 -12.81 -0.68
H62 MAN B . 13.96 -11.78 0.70
HO3 MAN B . 19.61 -12.53 3.26
HO4 MAN B . 16.78 -14.82 2.35
HO6 MAN B . 14.47 -14.53 0.57
C1 MAN B . 18.35 -9.42 4.02
C2 MAN B . 18.52 -9.82 5.52
C3 MAN B . 17.17 -9.77 6.26
C4 MAN B . 16.42 -8.42 6.05
C5 MAN B . 16.31 -8.08 4.53
C6 MAN B . 15.75 -6.67 4.25
O2 MAN B . 19.45 -8.92 6.13
O3 MAN B . 17.37 -10.01 7.65
O4 MAN B . 15.13 -8.51 6.64
O5 MAN B . 17.62 -8.16 3.90
O6 MAN B . 16.31 -6.11 3.09
H1 MAN B . 19.38 -9.27 3.61
H2 MAN B . 18.94 -10.84 5.57
H3 MAN B . 16.52 -10.59 5.87
H4 MAN B . 16.99 -7.62 6.56
H5 MAN B . 15.63 -8.82 4.05
H61 MAN B . 15.98 -6.00 5.11
H62 MAN B . 14.66 -6.69 4.17
HO2 MAN B . 19.99 -8.57 5.41
HO3 MAN B . 16.55 -9.76 8.08
HO4 MAN B . 14.58 -8.98 6.02
HO6 MAN B . 15.79 -5.33 2.88
N LYS A 1 -13.31 -18.51 13.52
CA LYS A 1 -12.44 -18.35 12.36
C LYS A 1 -11.24 -17.51 12.69
N GLU A 2 -10.42 -17.23 11.68
CA GLU A 2 -9.28 -16.33 11.84
C GLU A 2 -9.41 -15.13 10.92
N ILE A 3 -9.45 -13.96 11.51
CA ILE A 3 -9.66 -12.72 10.75
C ILE A 3 -8.94 -11.57 11.41
N THR A 4 -8.30 -10.75 10.60
CA THR A 4 -7.60 -9.56 11.08
C THR A 4 -8.04 -8.33 10.32
N ASN A 5 -7.67 -7.17 10.84
CA ASN A 5 -7.90 -5.91 10.13
C ASN A 5 -6.71 -4.98 10.26
N ALA A 6 -5.54 -5.56 10.04
CA ALA A 6 -4.28 -4.80 10.14
C ALA A 6 -3.09 -5.69 9.85
N LEU A 7 -1.94 -5.06 9.68
CA LEU A 7 -0.68 -5.77 9.53
C LEU A 7 0.44 -5.01 10.22
N GLU A 8 0.50 -5.17 11.54
CA GLU A 8 1.56 -4.58 12.34
C GLU A 8 2.91 -4.84 11.74
N THR A 9 3.49 -3.83 11.12
CA THR A 9 4.83 -3.93 10.55
C THR A 9 5.79 -3.04 11.32
N TRP A 10 7.08 -3.31 11.21
CA TRP A 10 8.10 -2.60 11.98
C TRP A 10 9.39 -2.50 11.19
N GLY A 11 10.25 -1.57 11.53
CA GLY A 11 11.46 -1.33 10.73
C GLY A 11 12.53 -0.59 11.52
N ALA A 12 13.56 -0.17 10.80
CA ALA A 12 14.64 0.66 11.34
C ALA A 12 14.80 1.92 10.52
N LEU A 13 15.60 2.85 11.01
CA LEU A 13 15.69 4.17 10.37
C LEU A 13 16.76 4.24 9.31
N GLY A 14 16.38 4.83 8.17
CA GLY A 14 17.22 4.86 6.97
C GLY A 14 17.07 3.53 6.26
N GLN A 15 15.83 3.10 6.11
CA GLN A 15 15.59 1.71 5.68
C GLN A 15 14.26 1.43 5.04
N ASP A 16 14.30 0.56 4.03
CA ASP A 16 13.16 0.24 3.19
C ASP A 16 12.27 -0.83 3.81
N ILE A 17 11.03 -0.85 3.37
CA ILE A 17 10.09 -1.91 3.75
C ILE A 17 8.95 -1.99 2.77
N ASN A 18 8.32 -3.15 2.70
CA ASN A 18 7.29 -3.42 1.70
C ASN A 18 5.95 -3.68 2.36
N LEU A 19 4.98 -2.87 2.00
CA LEU A 19 3.59 -3.07 2.40
C LEU A 19 2.94 -4.12 1.52
N ASP A 20 2.71 -5.28 2.09
CA ASP A 20 2.26 -6.45 1.35
C ASP A 20 0.76 -6.40 1.12
N ILE A 21 0.12 -7.55 1.00
CA ILE A 21 -1.29 -7.62 0.62
C ILE A 21 -1.83 -9.01 0.90
N PRO A 22 -3.11 -9.10 1.19
CA PRO A 22 -3.91 -10.38 1.45
C PRO A 22 -3.59 -11.55 0.55
N SER A 23 -4.26 -12.67 0.85
CA SER A 23 -3.97 -13.94 0.19
C SER A 23 -4.74 -14.13 -1.09
N PHE A 24 -5.02 -13.04 -1.79
CA PHE A 24 -5.61 -13.12 -3.13
C PHE A 24 -4.58 -12.74 -4.17
N GLN A 25 -4.87 -13.05 -5.43
CA GLN A 25 -3.96 -12.72 -6.52
C GLN A 25 -4.73 -12.23 -7.74
N MET A 26 -4.53 -10.98 -8.07
CA MET A 26 -5.15 -10.38 -9.25
C MET A 26 -4.40 -10.76 -10.50
N SER A 27 -4.96 -10.43 -11.66
CA SER A 27 -4.29 -10.64 -12.93
C SER A 27 -4.99 -9.88 -14.04
N ASP A 28 -5.82 -10.58 -14.78
CA ASP A 28 -6.46 -10.04 -15.97
C ASP A 28 -7.74 -9.29 -15.64
N ASP A 29 -8.40 -9.65 -14.55
CA ASP A 29 -9.72 -9.08 -14.24
C ASP A 29 -9.64 -7.75 -13.53
N ILE A 30 -8.55 -7.54 -12.81
CA ILE A 30 -8.39 -6.33 -12.00
C ILE A 30 -7.80 -5.21 -12.83
N ASP A 31 -8.26 -3.99 -12.59
CA ASP A 31 -7.89 -2.86 -13.44
C ASP A 31 -7.23 -1.74 -12.68
N ASP A 32 -7.53 -1.53 -11.41
CA ASP A 32 -7.04 -0.37 -10.68
C ASP A 32 -6.48 -0.74 -9.33
N ILE A 33 -5.81 0.22 -8.72
CA ILE A 33 -5.07 0.01 -7.48
C ILE A 33 -5.08 1.27 -6.64
N LYS A 34 -4.94 1.16 -5.34
CA LYS A 34 -4.78 2.33 -4.48
C LYS A 34 -4.14 2.00 -3.16
N TRP A 35 -3.32 2.93 -2.69
CA TRP A 35 -2.72 2.87 -1.35
C TRP A 35 -2.77 4.25 -0.71
N GLU A 36 -3.61 4.39 0.30
CA GLU A 36 -3.86 5.68 0.91
C GLU A 36 -3.11 5.82 2.22
N LYS A 37 -3.06 7.04 2.73
CA LYS A 37 -2.36 7.31 3.98
C LYS A 37 -3.32 7.27 5.16
N THR A 38 -2.78 7.55 6.33
CA THR A 38 -3.52 7.73 7.59
C THR A 38 -4.76 8.61 7.51
N SER A 39 -4.85 9.70 8.25
CA SER A 39 -6.09 10.50 8.32
C SER A 39 -6.28 11.30 7.06
N ASP A 40 -5.19 11.53 6.34
CA ASP A 40 -5.28 12.15 5.01
C ASP A 40 -6.06 11.26 4.08
N LYS A 41 -5.91 9.95 4.22
CA LYS A 41 -6.60 9.01 3.34
C LYS A 41 -6.41 9.41 1.89
N LYS A 42 -5.17 9.74 1.56
CA LYS A 42 -4.83 10.29 0.26
C LYS A 42 -3.87 9.39 -0.48
N LYS A 43 -4.36 8.79 -1.55
CA LYS A 43 -3.64 7.78 -2.31
C LYS A 43 -2.24 8.21 -2.68
N ILE A 44 -1.27 7.80 -1.87
CA ILE A 44 0.13 7.99 -2.21
C ILE A 44 0.49 7.23 -3.47
N ALA A 45 -0.17 6.12 -3.70
CA ALA A 45 0.16 5.24 -4.84
C ALA A 45 -1.10 4.69 -5.46
N GLN A 46 -1.22 4.67 -6.78
CA GLN A 46 -2.48 4.29 -7.42
C GLN A 46 -2.33 3.84 -8.86
N PHE A 47 -3.30 3.05 -9.30
CA PHE A 47 -3.44 2.63 -10.69
C PHE A 47 -4.76 3.09 -11.26
N ARG A 48 -4.75 3.63 -12.47
CA ARG A 48 -5.96 4.17 -13.10
C ARG A 48 -5.77 4.33 -14.58
N LYS A 49 -6.51 3.57 -15.37
CA LYS A 49 -6.33 3.52 -16.81
C LYS A 49 -5.01 2.89 -17.17
N GLU A 50 -4.99 2.19 -18.30
CA GLU A 50 -3.77 1.54 -18.78
C GLU A 50 -2.98 2.44 -19.70
N LYS A 51 -2.94 3.72 -19.41
CA LYS A 51 -2.16 4.70 -20.19
C LYS A 51 -1.10 5.45 -19.37
N GLU A 52 -1.18 5.24 -18.06
CA GLU A 52 -0.35 5.97 -17.11
C GLU A 52 -0.66 5.55 -15.69
N THR A 53 0.35 5.53 -14.84
CA THR A 53 0.20 5.10 -13.46
C THR A 53 0.62 6.20 -12.50
N PHE A 54 0.32 6.01 -11.23
CA PHE A 54 0.65 7.00 -10.20
C PHE A 54 1.75 6.49 -9.30
N LYS A 55 2.97 6.90 -9.60
CA LYS A 55 4.14 6.58 -8.78
C LYS A 55 5.30 7.49 -9.11
N GLU A 56 5.41 8.58 -8.37
CA GLU A 56 6.41 9.61 -8.68
C GLU A 56 7.80 9.19 -8.26
N LYS A 57 7.90 8.40 -7.20
CA LYS A 57 9.19 8.00 -6.65
C LYS A 57 9.10 6.63 -6.00
N ASP A 58 10.23 5.97 -5.85
CA ASP A 58 10.27 4.67 -5.19
C ASP A 58 10.07 4.78 -3.69
N THR A 59 10.36 5.94 -3.14
CA THR A 59 10.09 6.19 -1.73
C THR A 59 8.69 5.76 -1.37
N TYR A 60 7.82 5.69 -2.35
CA TYR A 60 6.47 5.13 -2.17
C TYR A 60 5.97 4.53 -3.47
N LYS A 61 6.34 3.29 -3.75
CA LYS A 61 6.05 2.65 -5.03
C LYS A 61 4.77 1.84 -4.99
N LEU A 62 4.22 1.59 -6.16
CA LEU A 62 3.07 0.70 -6.36
C LEU A 62 3.48 -0.46 -7.25
N PHE A 63 2.95 -1.66 -7.02
CA PHE A 63 3.27 -2.80 -7.87
C PHE A 63 2.02 -3.46 -8.39
N LYS A 64 2.19 -4.36 -9.35
CA LYS A 64 1.06 -5.02 -10.01
C LYS A 64 0.34 -5.95 -9.06
N ASN A 65 1.08 -6.56 -8.15
CA ASN A 65 0.52 -7.57 -7.26
C ASN A 65 -0.12 -6.95 -6.04
N GLY A 66 -0.27 -5.64 -5.99
CA GLY A 66 -0.89 -4.97 -4.85
C GLY A 66 0.09 -4.70 -3.73
N THR A 67 1.38 -4.74 -4.01
CA THR A 67 2.39 -4.35 -3.01
C THR A 67 2.72 -2.89 -3.11
N LEU A 68 3.08 -2.28 -2.00
CA LEU A 68 3.56 -0.90 -1.99
C LEU A 68 4.86 -0.77 -1.25
N LYS A 69 5.90 -0.39 -1.98
CA LYS A 69 7.27 -0.37 -1.44
C LYS A 69 7.73 1.03 -1.13
N ILE A 70 7.80 1.41 0.14
CA ILE A 70 8.26 2.75 0.52
C ILE A 70 9.71 2.67 0.94
N LYS A 71 10.56 3.38 0.22
CA LYS A 71 12.00 3.18 0.29
C LYS A 71 12.81 4.01 1.29
N HIS A 72 13.72 3.32 1.97
CA HIS A 72 14.81 3.85 2.77
C HIS A 72 14.50 5.13 3.51
N LEU A 73 13.91 5.01 4.70
CA LEU A 73 13.67 6.17 5.54
C LEU A 73 13.48 5.83 7.02
N LYS A 74 13.49 6.90 7.81
CA LYS A 74 13.50 6.87 9.27
C LYS A 74 12.08 6.89 9.83
N THR A 75 11.89 7.38 11.03
CA THR A 75 10.56 7.58 11.60
C THR A 75 9.63 8.32 10.66
N ASP A 76 10.22 9.06 9.74
CA ASP A 76 9.44 9.79 8.74
C ASP A 76 8.63 8.86 7.86
N ASP A 77 9.28 7.81 7.39
CA ASP A 77 8.64 6.79 6.57
C ASP A 77 7.65 5.97 7.36
N GLN A 78 7.65 6.07 8.67
CA GLN A 78 6.68 5.34 9.50
C GLN A 78 5.34 6.03 9.50
N ASP A 79 4.34 5.36 8.95
CA ASP A 79 2.97 5.86 8.96
C ASP A 79 1.97 4.73 8.89
N ILE A 80 0.70 5.07 9.04
CA ILE A 80 -0.39 4.12 8.86
C ILE A 80 -0.95 4.23 7.45
N TYR A 81 -1.10 3.07 6.82
CA TYR A 81 -1.49 2.95 5.42
C TYR A 81 -2.69 2.04 5.28
N LYS A 82 -3.31 2.03 4.11
CA LYS A 82 -4.41 1.11 3.84
C LYS A 82 -4.51 0.83 2.36
N VAL A 83 -4.58 -0.43 1.99
CA VAL A 83 -4.53 -0.83 0.59
C VAL A 83 -5.90 -1.20 0.08
N SER A 84 -6.29 -0.58 -1.03
CA SER A 84 -7.57 -0.82 -1.69
C SER A 84 -7.38 -1.00 -3.17
N ILE A 85 -7.51 -2.23 -3.64
CA ILE A 85 -7.20 -2.55 -5.03
C ILE A 85 -8.45 -3.00 -5.75
N TYR A 86 -8.88 -2.33 -6.80
CA TYR A 86 -10.21 -2.54 -7.40
C TYR A 86 -10.15 -3.17 -8.76
N ASP A 87 -11.29 -3.70 -9.19
CA ASP A 87 -11.45 -4.25 -10.52
C ASP A 87 -11.88 -3.19 -11.51
N THR A 88 -12.27 -3.64 -12.70
CA THR A 88 -12.71 -2.76 -13.77
C THR A 88 -13.97 -2.01 -13.40
N LYS A 89 -14.81 -2.61 -12.57
CA LYS A 89 -16.12 -2.04 -12.25
C LYS A 89 -16.07 -1.12 -11.05
N GLY A 90 -14.90 -0.68 -10.64
CA GLY A 90 -14.78 0.28 -9.54
C GLY A 90 -15.16 -0.32 -8.21
N LYS A 91 -15.21 -1.64 -8.11
CA LYS A 91 -15.49 -2.30 -6.83
C LYS A 91 -14.21 -2.55 -6.07
N ASN A 92 -14.27 -2.42 -4.76
CA ASN A 92 -13.14 -2.78 -3.90
C ASN A 92 -13.07 -4.28 -3.71
N VAL A 93 -12.45 -4.95 -4.65
CA VAL A 93 -12.39 -6.41 -4.66
C VAL A 93 -11.50 -6.95 -3.56
N LEU A 94 -10.64 -6.10 -3.03
CA LEU A 94 -9.80 -6.43 -1.89
C LEU A 94 -9.45 -5.19 -1.10
N GLU A 95 -9.33 -5.34 0.20
CA GLU A 95 -9.06 -4.23 1.11
C GLU A 95 -8.37 -4.71 2.36
N LYS A 96 -7.59 -3.84 2.98
CA LYS A 96 -6.81 -4.22 4.16
C LYS A 96 -6.14 -3.02 4.78
N ILE A 97 -5.72 -3.17 6.02
CA ILE A 97 -5.16 -2.08 6.82
C ILE A 97 -3.71 -2.34 7.13
N PHE A 98 -2.89 -1.30 7.09
CA PHE A 98 -1.45 -1.47 7.27
C PHE A 98 -0.89 -0.40 8.19
N ASP A 99 0.34 -0.58 8.65
CA ASP A 99 0.92 0.33 9.64
C ASP A 99 2.43 0.21 9.66
N LEU A 100 3.08 0.98 8.81
CA LEU A 100 4.53 1.06 8.82
C LEU A 100 5.03 1.65 10.12
N LYS A 101 5.55 0.80 10.99
CA LYS A 101 6.13 1.25 12.25
C LYS A 101 7.65 1.27 12.21
N ILE A 102 8.22 2.01 13.13
CA ILE A 102 9.65 2.00 13.40
C ILE A 102 9.90 1.75 14.87
N GLN A 103 11.04 1.19 15.21
CA GLN A 103 11.28 0.76 16.59
C GLN A 103 12.72 0.99 17.01
N GLU A 104 12.88 1.37 18.26
CA GLU A 104 14.19 1.77 18.80
C GLU A 104 14.13 1.89 20.32
N ARG A 105 13.68 0.78 20.91
CA ARG A 105 13.61 0.65 22.37
C ARG A 105 14.18 -0.68 22.81
C1 NAG B . 5.25 -8.23 -5.58
C2 NAG B . 5.94 -9.24 -4.62
C3 NAG B . 7.40 -8.79 -4.31
C4 NAG B . 8.22 -8.50 -5.60
C5 NAG B . 7.44 -7.48 -6.48
C6 NAG B . 8.09 -7.18 -7.84
C7 NAG B . 4.54 -10.51 -2.98
C8 NAG B . 3.76 -10.43 -1.66
N2 NAG B . 5.16 -9.37 -3.35
O3 NAG B . 8.03 -9.80 -3.54
O4 NAG B . 9.54 -7.98 -5.31
O5 NAG B . 6.09 -7.97 -6.73
O6 NAG B . 7.10 -7.15 -8.87
O7 NAG B . 4.58 -11.56 -3.63
H1 NAG B . 5.07 -7.29 -5.04
H2 NAG B . 6.01 -10.21 -5.15
H3 NAG B . 7.37 -7.86 -3.69
H4 NAG B . 8.31 -9.44 -6.19
H5 NAG B . 7.35 -6.51 -5.93
H61 NAG B . 8.83 -7.96 -8.09
H62 NAG B . 8.64 -6.22 -7.83
H81 NAG B . 4.45 -10.36 -0.80
H82 NAG B . 3.10 -9.56 -1.64
H83 NAG B . 3.15 -11.33 -1.51
HN2 NAG B . 5.10 -8.55 -2.73
HO3 NAG B . 8.52 -9.35 -2.85
HO6 NAG B . 7.59 -7.15 -9.70
C1 NAG B . 10.65 -8.51 -6.11
C2 NAG B . 11.76 -7.45 -6.34
C3 NAG B . 12.98 -8.13 -7.04
C4 NAG B . 13.47 -9.40 -6.30
C5 NAG B . 12.28 -10.37 -6.02
C6 NAG B . 12.63 -11.56 -5.11
C7 NAG B . 11.70 -5.05 -7.00
C8 NAG B . 11.06 -4.02 -7.92
N2 NAG B . 11.25 -6.31 -7.14
O3 NAG B . 14.06 -7.21 -7.11
O4 NAG B . 14.48 -10.08 -7.11
O5 NAG B . 11.20 -9.63 -5.37
O6 NAG B . 13.67 -11.21 -4.20
O7 NAG B . 12.56 -4.72 -6.19
H1 NAG B . 10.27 -8.87 -7.09
H2 NAG B . 12.10 -7.10 -5.34
H3 NAG B . 12.69 -8.41 -8.08
H4 NAG B . 13.89 -9.08 -5.33
H5 NAG B . 11.90 -10.77 -6.98
H61 NAG B . 11.75 -11.86 -4.52
H62 NAG B . 12.94 -12.43 -5.70
H81 NAG B . 10.74 -3.12 -7.35
H82 NAG B . 11.76 -3.68 -8.71
H83 NAG B . 10.16 -4.42 -8.42
HN2 NAG B . 10.52 -6.50 -7.85
HO3 NAG B . 13.69 -6.40 -7.48
HO6 NAG B . 13.84 -12.00 -3.67
C1 BMA B . 15.84 -10.11 -6.63
C2 BMA B . 16.36 -11.57 -6.55
C3 BMA B . 17.85 -11.58 -6.11
C4 BMA B . 18.72 -10.68 -7.02
C5 BMA B . 18.11 -9.24 -7.14
C6 BMA B . 18.84 -8.38 -8.18
O2 BMA B . 16.21 -12.21 -7.80
O3 BMA B . 18.39 -12.92 -6.11
O4 BMA B . 20.04 -10.60 -6.48
O5 BMA B . 16.70 -9.33 -7.50
O6 BMA B . 18.42 -7.00 -8.05
H1 BMA B . 15.88 -9.68 -5.60
H2 BMA B . 15.76 -12.13 -5.80
H3 BMA B . 17.91 -11.15 -5.08
H4 BMA B . 18.78 -11.13 -8.03
H5 BMA B . 18.19 -8.74 -6.15
H61 BMA B . 18.62 -8.76 -9.20
H62 BMA B . 19.94 -8.44 -8.04
HO2 BMA B . 16.58 -13.09 -7.70
HO4 BMA B . 19.98 -10.03 -5.71
C1 MAN B . 19.16 -6.04 -8.86
C2 MAN B . 18.52 -4.64 -8.74
C3 MAN B . 17.17 -4.56 -9.49
C4 MAN B . 17.26 -5.09 -10.94
C5 MAN B . 17.92 -6.50 -10.95
C6 MAN B . 18.13 -7.11 -12.35
O2 MAN B . 19.43 -3.67 -9.26
O3 MAN B . 16.70 -3.18 -9.50
O4 MAN B . 15.95 -5.14 -11.51
O5 MAN B . 19.20 -6.45 -10.26
O6 MAN B . 16.97 -6.95 -13.19
H1 MAN B . 20.20 -5.99 -8.48
H2 MAN B . 18.36 -4.39 -7.67
H3 MAN B . 16.46 -5.21 -8.94
H4 MAN B . 17.88 -4.40 -11.55
H5 MAN B . 17.26 -7.20 -10.41
H61 MAN B . 18.39 -8.19 -12.26
H62 MAN B . 19.01 -6.62 -12.82
HO2 MAN B . 20.09 -3.53 -8.58
HO4 MAN B . 15.43 -4.51 -11.02
C1 MAN B . 16.11 -8.10 -13.33
C2 MAN B . 16.08 -8.55 -14.81
C3 MAN B . 15.28 -7.54 -15.68
C4 MAN B . 13.89 -7.20 -15.08
C5 MAN B . 14.01 -6.78 -13.59
C6 MAN B . 12.66 -6.59 -12.88
O2 MAN B . 15.49 -9.87 -14.88
O3 MAN B . 15.15 -8.04 -17.00
O4 MAN B . 13.31 -6.15 -15.85
O5 MAN B . 14.76 -7.79 -12.85
O6 MAN B . 12.36 -5.21 -12.69
H1 MAN B . 16.50 -8.95 -12.73
H2 MAN B . 17.13 -8.58 -15.18
H3 MAN B . 15.87 -6.61 -15.74
H4 MAN B . 13.24 -8.09 -15.16
H5 MAN B . 14.57 -5.82 -13.53
H61 MAN B . 12.69 -7.09 -11.89
H62 MAN B . 11.85 -7.08 -13.45
HO3 MAN B . 15.20 -7.28 -17.58
HO4 MAN B . 13.84 -5.36 -15.66
HO6 MAN B . 12.86 -4.75 -13.36
C1 MAN B . 16.36 -10.98 -15.22
C2 MAN B . 16.82 -10.86 -16.69
C3 MAN B . 15.67 -11.20 -17.67
C4 MAN B . 14.98 -12.56 -17.35
C5 MAN B . 14.56 -12.61 -15.85
C6 MAN B . 14.04 -13.99 -15.40
O2 MAN B . 17.92 -11.75 -16.91
O3 MAN B . 16.16 -11.22 -19.01
O4 MAN B . 13.85 -12.71 -18.19
O5 MAN B . 15.70 -12.27 -15.00
O6 MAN B . 14.88 -15.04 -15.86
H1 MAN B . 17.26 -10.94 -14.58
H2 MAN B . 17.18 -9.83 -16.89
H3 MAN B . 14.91 -10.40 -17.60
H4 MAN B . 15.69 -13.37 -17.56
H5 MAN B . 13.76 -11.86 -15.68
H61 MAN B . 13.02 -14.14 -15.79
H62 MAN B . 13.96 -14.03 -14.30
HO2 MAN B . 18.45 -11.71 -16.11
HO3 MAN B . 15.60 -10.63 -19.51
HO4 MAN B . 13.09 -12.45 -17.68
HO6 MAN B . 14.59 -15.83 -15.40
C1 MAN B . 15.45 -2.89 -8.83
C2 MAN B . 14.60 -1.91 -9.68
C3 MAN B . 15.20 -0.48 -9.63
C4 MAN B . 15.50 0.02 -8.19
C5 MAN B . 16.33 -1.04 -7.40
C6 MAN B . 16.49 -0.71 -5.90
O2 MAN B . 13.27 -1.90 -9.16
O3 MAN B . 14.33 0.43 -10.29
O4 MAN B . 16.19 1.26 -8.26
O5 MAN B . 15.68 -2.35 -7.49
O6 MAN B . 17.60 -1.41 -5.35
H1 MAN B . 14.87 -3.83 -8.72
H2 MAN B . 14.56 -2.26 -10.71
H3 MAN B . 16.16 -0.49 -10.20
H4 MAN B . 14.53 0.18 -7.67
H5 MAN B . 17.34 -1.12 -7.86
H61 MAN B . 15.58 -0.99 -5.36
H62 MAN B . 16.62 0.38 -5.76
HO2 MAN B . 13.13 -1.01 -8.81
HO3 MAN B . 14.41 1.26 -9.82
HO4 MAN B . 17.07 1.04 -8.58
HO6 MAN B . 18.39 -0.95 -5.66
C1 MAN B . 18.18 -13.74 -4.92
C2 MAN B . 19.32 -14.79 -4.78
C3 MAN B . 19.17 -15.91 -5.84
C4 MAN B . 17.75 -16.53 -5.90
C5 MAN B . 16.68 -15.40 -6.02
C6 MAN B . 15.22 -15.92 -5.90
O2 MAN B . 19.24 -15.37 -3.45
O3 MAN B . 20.14 -16.94 -5.59
O4 MAN B . 17.67 -17.43 -6.99
O5 MAN B . 16.87 -14.41 -4.98
O6 MAN B . 14.58 -15.94 -7.17
H1 MAN B . 18.20 -13.11 -4.02
H2 MAN B . 20.28 -14.27 -4.92
H3 MAN B . 19.41 -15.47 -6.83
H4 MAN B . 17.58 -17.09 -4.95
H5 MAN B . 16.79 -14.92 -7.01
H61 MAN B . 14.65 -15.26 -5.23
H62 MAN B . 15.20 -16.92 -5.45
HO3 MAN B . 20.99 -16.55 -5.79
HO4 MAN B . 16.77 -17.37 -7.31
HO6 MAN B . 14.83 -15.13 -7.61
C1 MAN B . 20.49 -15.62 -2.75
C2 MAN B . 20.59 -17.11 -2.33
C3 MAN B . 19.61 -17.42 -1.16
C4 MAN B . 19.75 -16.44 0.03
C5 MAN B . 19.66 -14.96 -0.47
C6 MAN B . 20.00 -13.92 0.62
O2 MAN B . 21.93 -17.38 -1.92
O3 MAN B . 19.83 -18.76 -0.72
O4 MAN B . 18.73 -16.70 0.97
O5 MAN B . 20.60 -14.74 -1.58
O6 MAN B . 21.37 -13.97 0.98
H1 MAN B . 21.34 -15.41 -3.42
H2 MAN B . 20.35 -17.75 -3.19
H3 MAN B . 18.58 -17.36 -1.55
H4 MAN B . 20.73 -16.60 0.51
H5 MAN B . 18.64 -14.76 -0.84
H61 MAN B . 19.39 -14.11 1.52
H62 MAN B . 19.74 -12.90 0.28
HO2 MAN B . 22.45 -17.41 -2.73
HO3 MAN B . 19.42 -19.33 -1.36
HO4 MAN B . 19.09 -17.36 1.58
HO6 MAN B . 21.76 -13.15 0.67
N LYS A 1 -17.83 -11.05 18.85
CA LYS A 1 -16.38 -10.99 18.70
C LYS A 1 -15.98 -9.77 17.91
N GLU A 2 -14.94 -9.09 18.38
CA GLU A 2 -14.46 -7.87 17.73
C GLU A 2 -12.97 -7.94 17.48
N ILE A 3 -12.60 -8.57 16.38
CA ILE A 3 -11.21 -8.62 15.95
C ILE A 3 -10.97 -7.75 14.74
N THR A 4 -9.71 -7.47 14.46
CA THR A 4 -9.32 -6.65 13.32
C THR A 4 -8.84 -7.50 12.17
N ASN A 5 -8.55 -6.84 11.06
CA ASN A 5 -8.03 -7.49 9.87
C ASN A 5 -6.86 -6.73 9.30
N ALA A 6 -5.98 -6.32 10.20
CA ALA A 6 -4.83 -5.47 9.85
C ALA A 6 -3.54 -6.24 9.97
N LEU A 7 -2.46 -5.59 9.54
CA LEU A 7 -1.15 -6.22 9.46
C LEU A 7 -0.10 -5.39 10.16
N GLU A 8 0.14 -5.74 11.42
CA GLU A 8 1.18 -5.10 12.22
C GLU A 8 2.49 -5.05 11.47
N THR A 9 2.86 -3.87 11.02
CA THR A 9 4.07 -3.67 10.23
C THR A 9 5.10 -2.87 11.01
N TRP A 10 6.36 -3.23 10.84
CA TRP A 10 7.44 -2.63 11.62
C TRP A 10 8.58 -2.20 10.71
N GLY A 11 9.40 -1.31 11.21
CA GLY A 11 10.51 -0.76 10.44
C GLY A 11 11.62 -0.27 11.35
N ALA A 12 12.38 0.69 10.88
CA ALA A 12 13.40 1.34 11.70
C ALA A 12 13.80 2.66 11.09
N LEU A 13 14.14 3.62 11.93
CA LEU A 13 14.67 4.90 11.46
C LEU A 13 15.81 4.68 10.50
N GLY A 14 15.61 5.16 9.28
CA GLY A 14 16.62 5.16 8.24
C GLY A 14 16.56 3.89 7.44
N GLN A 15 15.36 3.46 7.08
CA GLN A 15 15.17 2.14 6.46
C GLN A 15 14.35 2.19 5.20
N ASP A 16 14.33 1.07 4.49
CA ASP A 16 13.46 0.90 3.33
C ASP A 16 12.63 -0.36 3.49
N ILE A 17 11.37 -0.30 3.12
CA ILE A 17 10.45 -1.39 3.40
C ILE A 17 9.38 -1.53 2.33
N ASN A 18 8.61 -2.61 2.45
CA ASN A 18 7.47 -2.84 1.57
C ASN A 18 6.23 -3.20 2.36
N LEU A 19 5.11 -2.65 1.95
CA LEU A 19 3.80 -3.02 2.48
C LEU A 19 3.23 -4.20 1.73
N ASP A 20 3.45 -5.40 2.25
CA ASP A 20 3.11 -6.63 1.54
C ASP A 20 1.74 -7.14 1.91
N ILE A 21 0.82 -7.02 0.97
CA ILE A 21 -0.52 -7.58 1.09
C ILE A 21 -0.49 -9.09 1.01
N PRO A 22 -1.49 -9.73 1.60
CA PRO A 22 -1.77 -11.23 1.57
C PRO A 22 -1.58 -11.92 0.23
N SER A 23 -1.92 -13.20 0.22
CA SER A 23 -1.71 -14.06 -0.93
C SER A 23 -2.83 -14.00 -1.94
N PHE A 24 -3.51 -12.86 -2.01
CA PHE A 24 -4.51 -12.59 -3.06
C PHE A 24 -3.95 -11.65 -4.10
N GLN A 25 -3.96 -12.08 -5.34
CA GLN A 25 -3.32 -11.31 -6.42
C GLN A 25 -4.26 -11.13 -7.59
N MET A 26 -4.19 -9.98 -8.21
CA MET A 26 -5.02 -9.65 -9.37
C MET A 26 -4.60 -10.43 -10.59
N SER A 27 -5.53 -10.64 -11.50
CA SER A 27 -5.30 -11.46 -12.68
C SER A 27 -5.78 -10.76 -13.93
N ASP A 28 -6.68 -11.35 -14.69
CA ASP A 28 -7.10 -10.80 -15.98
C ASP A 28 -8.24 -9.82 -15.84
N ASP A 29 -9.07 -9.98 -14.82
CA ASP A 29 -10.29 -9.18 -14.70
C ASP A 29 -10.08 -7.89 -13.93
N ILE A 30 -9.10 -7.88 -13.05
CA ILE A 30 -8.82 -6.73 -12.20
C ILE A 30 -7.88 -5.77 -12.91
N ASP A 31 -7.84 -4.53 -12.45
CA ASP A 31 -7.08 -3.49 -13.15
C ASP A 31 -6.53 -2.42 -12.24
N ASP A 32 -7.22 -2.02 -11.19
CA ASP A 32 -6.81 -0.85 -10.39
C ASP A 32 -6.17 -1.27 -9.08
N ILE A 33 -5.40 -0.35 -8.53
CA ILE A 33 -4.79 -0.51 -7.21
C ILE A 33 -4.84 0.78 -6.44
N LYS A 34 -4.77 0.73 -5.11
CA LYS A 34 -4.65 1.95 -4.32
C LYS A 34 -4.10 1.69 -2.94
N TRP A 35 -3.25 2.60 -2.50
CA TRP A 35 -2.71 2.62 -1.15
C TRP A 35 -2.82 4.02 -0.56
N GLU A 36 -3.51 4.16 0.54
CA GLU A 36 -3.75 5.48 1.13
C GLU A 36 -2.81 5.73 2.28
N LYS A 37 -2.50 6.99 2.51
CA LYS A 37 -1.64 7.36 3.65
C LYS A 37 -2.50 7.92 4.76
N THR A 38 -2.14 7.68 6.01
CA THR A 38 -3.02 8.05 7.13
C THR A 38 -2.98 9.53 7.41
N SER A 39 -1.82 10.14 7.27
CA SER A 39 -1.62 11.54 7.65
C SER A 39 -2.62 12.43 6.96
N ASP A 40 -2.53 12.49 5.64
CA ASP A 40 -3.44 13.32 4.84
C ASP A 40 -4.67 12.56 4.40
N LYS A 41 -4.71 11.25 4.56
CA LYS A 41 -5.80 10.44 4.03
C LYS A 41 -5.90 10.60 2.52
N LYS A 42 -4.82 10.20 1.85
CA LYS A 42 -4.71 10.41 0.41
C LYS A 42 -3.86 9.37 -0.29
N LYS A 43 -4.42 8.79 -1.33
CA LYS A 43 -3.76 7.78 -2.15
C LYS A 43 -2.35 8.16 -2.53
N ILE A 44 -1.39 7.65 -1.80
CA ILE A 44 0.02 7.80 -2.14
C ILE A 44 0.36 7.02 -3.39
N ALA A 45 -0.35 5.94 -3.66
CA ALA A 45 -0.08 5.09 -4.82
C ALA A 45 -1.35 4.55 -5.40
N GLN A 46 -1.41 4.35 -6.71
CA GLN A 46 -2.62 3.81 -7.34
C GLN A 46 -2.40 3.42 -8.78
N PHE A 47 -3.29 2.55 -9.26
CA PHE A 47 -3.33 2.12 -10.66
C PHE A 47 -4.68 2.40 -11.27
N ARG A 48 -4.70 2.95 -12.48
CA ARG A 48 -5.95 3.21 -13.18
C ARG A 48 -5.71 3.56 -14.63
N LYS A 49 -6.36 2.83 -15.52
CA LYS A 49 -6.23 3.04 -16.95
C LYS A 49 -4.85 2.64 -17.44
N GLU A 50 -4.81 2.05 -18.62
CA GLU A 50 -3.55 1.63 -19.23
C GLU A 50 -2.94 2.71 -20.08
N LYS A 51 -3.06 3.95 -19.68
CA LYS A 51 -2.40 5.10 -20.35
C LYS A 51 -1.44 5.89 -19.47
N GLU A 52 -1.49 5.56 -18.19
CA GLU A 52 -0.71 6.26 -17.18
C GLU A 52 -1.10 5.82 -15.78
N THR A 53 -0.16 5.87 -14.86
CA THR A 53 -0.37 5.36 -13.51
C THR A 53 0.05 6.38 -12.47
N PHE A 54 0.07 5.96 -11.22
CA PHE A 54 0.47 6.85 -10.13
C PHE A 54 1.55 6.21 -9.28
N LYS A 55 2.79 6.54 -9.60
CA LYS A 55 3.95 6.13 -8.82
C LYS A 55 5.13 7.03 -9.10
N GLU A 56 4.98 8.30 -8.79
CA GLU A 56 5.95 9.34 -9.15
C GLU A 56 7.33 9.03 -8.63
N LYS A 57 7.46 8.28 -7.55
CA LYS A 57 8.76 8.05 -6.91
C LYS A 57 8.82 6.69 -6.25
N ASP A 58 10.01 6.30 -5.86
CA ASP A 58 10.21 5.02 -5.17
C ASP A 58 9.98 5.13 -3.68
N THR A 59 9.85 6.33 -3.16
CA THR A 59 9.50 6.52 -1.76
C THR A 59 8.10 6.02 -1.48
N TYR A 60 7.29 5.90 -2.52
CA TYR A 60 5.98 5.26 -2.42
C TYR A 60 5.59 4.61 -3.73
N LYS A 61 5.91 3.34 -3.89
CA LYS A 61 5.71 2.65 -5.17
C LYS A 61 4.61 1.62 -5.08
N LEU A 62 4.02 1.33 -6.23
CA LEU A 62 2.96 0.32 -6.35
C LEU A 62 3.46 -0.90 -7.07
N PHE A 63 2.92 -2.06 -6.77
CA PHE A 63 3.30 -3.29 -7.46
C PHE A 63 2.10 -4.04 -7.98
N LYS A 64 2.34 -5.14 -8.66
CA LYS A 64 1.30 -5.91 -9.33
C LYS A 64 0.44 -6.66 -8.34
N ASN A 65 1.06 -7.22 -7.33
CA ASN A 65 0.38 -8.09 -6.36
C ASN A 65 -0.22 -7.30 -5.23
N GLY A 66 -0.36 -5.99 -5.36
CA GLY A 66 -0.88 -5.16 -4.27
C GLY A 66 0.15 -4.89 -3.21
N THR A 67 1.43 -4.99 -3.53
CA THR A 67 2.49 -4.62 -2.61
C THR A 67 2.88 -3.17 -2.77
N LEU A 68 3.15 -2.51 -1.66
CA LEU A 68 3.68 -1.15 -1.67
C LEU A 68 5.13 -1.15 -1.25
N LYS A 69 5.89 -0.17 -1.70
CA LYS A 69 7.31 -0.07 -1.36
C LYS A 69 7.66 1.34 -0.97
N ILE A 70 8.03 1.53 0.29
CA ILE A 70 8.36 2.85 0.81
C ILE A 70 9.84 2.97 1.06
N LYS A 71 10.53 3.66 0.15
CA LYS A 71 11.98 3.75 0.18
C LYS A 71 12.44 4.92 1.01
N HIS A 72 13.50 4.72 1.77
CA HIS A 72 13.97 5.69 2.74
C HIS A 72 12.93 5.95 3.81
N LEU A 73 13.31 5.73 5.05
CA LEU A 73 12.38 5.75 6.16
C LEU A 73 13.01 6.45 7.35
N LYS A 74 12.16 6.82 8.29
CA LYS A 74 12.59 7.29 9.60
C LYS A 74 11.48 7.03 10.62
N THR A 75 11.39 7.88 11.61
CA THR A 75 10.19 7.95 12.45
C THR A 75 9.13 8.79 11.76
N ASP A 76 9.61 9.73 10.97
CA ASP A 76 8.77 10.53 10.09
C ASP A 76 8.23 9.73 8.92
N ASP A 77 9.11 9.09 8.16
CA ASP A 77 8.66 8.35 6.97
C ASP A 77 7.91 7.10 7.37
N GLN A 78 7.75 6.83 8.66
CA GLN A 78 6.88 5.75 9.11
C GLN A 78 5.46 6.24 9.29
N ASP A 79 4.49 5.44 8.86
CA ASP A 79 3.10 5.89 8.84
C ASP A 79 2.14 4.71 8.83
N ILE A 80 0.88 5.00 9.07
CA ILE A 80 -0.17 3.99 8.93
C ILE A 80 -0.75 4.04 7.53
N TYR A 81 -1.11 2.90 6.97
CA TYR A 81 -1.52 2.79 5.58
C TYR A 81 -2.76 1.96 5.44
N LYS A 82 -3.35 1.97 4.26
CA LYS A 82 -4.49 1.10 3.95
C LYS A 82 -4.50 0.73 2.50
N VAL A 83 -4.59 -0.56 2.22
CA VAL A 83 -4.47 -1.06 0.86
C VAL A 83 -5.82 -1.46 0.32
N SER A 84 -6.26 -0.75 -0.72
CA SER A 84 -7.50 -1.03 -1.42
C SER A 84 -7.23 -1.20 -2.90
N ILE A 85 -7.56 -2.37 -3.43
CA ILE A 85 -7.19 -2.69 -4.82
C ILE A 85 -8.43 -3.11 -5.58
N TYR A 86 -8.70 -2.55 -6.74
CA TYR A 86 -10.00 -2.70 -7.39
C TYR A 86 -9.89 -3.25 -8.80
N ASP A 87 -11.01 -3.71 -9.32
CA ASP A 87 -11.13 -4.15 -10.71
C ASP A 87 -11.25 -2.97 -11.64
N THR A 88 -11.46 -3.26 -12.92
CA THR A 88 -11.56 -2.23 -13.94
C THR A 88 -12.70 -1.28 -13.68
N LYS A 89 -13.77 -1.78 -13.07
CA LYS A 89 -14.99 -0.98 -12.90
C LYS A 89 -15.05 -0.32 -11.54
N GLY A 90 -13.91 -0.07 -10.92
CA GLY A 90 -13.86 0.71 -9.68
C GLY A 90 -14.56 0.02 -8.53
N LYS A 91 -14.67 -1.29 -8.58
CA LYS A 91 -15.21 -2.06 -7.46
C LYS A 91 -14.12 -2.49 -6.51
N ASN A 92 -14.29 -2.20 -5.23
CA ASN A 92 -13.34 -2.65 -4.22
C ASN A 92 -13.48 -4.13 -3.97
N VAL A 93 -12.69 -4.91 -4.69
CA VAL A 93 -12.80 -6.37 -4.66
C VAL A 93 -12.20 -6.95 -3.40
N LEU A 94 -11.11 -6.34 -2.96
CA LEU A 94 -10.40 -6.79 -1.77
C LEU A 94 -9.60 -5.67 -1.16
N GLU A 95 -9.58 -5.64 0.17
CA GLU A 95 -9.00 -4.53 0.91
C GLU A 95 -8.33 -5.00 2.19
N LYS A 96 -7.62 -4.09 2.82
CA LYS A 96 -6.89 -4.36 4.05
C LYS A 96 -6.36 -3.09 4.67
N ILE A 97 -6.06 -3.14 5.96
CA ILE A 97 -5.56 -1.99 6.69
C ILE A 97 -4.19 -2.25 7.26
N PHE A 98 -3.25 -1.36 7.03
CA PHE A 98 -1.86 -1.56 7.43
C PHE A 98 -1.43 -0.56 8.46
N ASP A 99 -0.24 -0.76 9.02
CA ASP A 99 0.30 0.13 10.03
C ASP A 99 1.81 0.05 10.07
N LEU A 100 2.49 0.94 9.37
CA LEU A 100 3.96 0.99 9.40
C LEU A 100 4.45 1.65 10.66
N LYS A 101 5.39 1.02 11.34
CA LYS A 101 5.89 1.51 12.63
C LYS A 101 7.39 1.49 12.68
N ILE A 102 7.94 2.08 13.73
CA ILE A 102 9.37 2.00 14.01
C ILE A 102 9.62 1.37 15.36
N GLN A 103 10.70 0.62 15.45
CA GLN A 103 11.00 -0.16 16.65
C GLN A 103 12.43 0.09 17.09
N GLU A 104 12.65 0.16 18.38
CA GLU A 104 13.96 0.43 18.94
C GLU A 104 14.01 0.04 20.41
N ARG A 105 14.30 -1.22 20.64
CA ARG A 105 14.36 -1.79 21.98
C ARG A 105 15.76 -2.17 22.36
C1 NAG B . 5.15 -8.63 -5.28
C2 NAG B . 5.96 -9.70 -4.50
C3 NAG B . 7.44 -9.24 -4.31
C4 NAG B . 8.10 -8.83 -5.67
C5 NAG B . 7.23 -7.74 -6.36
C6 NAG B . 7.70 -7.32 -7.75
C7 NAG B . 4.96 -11.17 -2.77
C8 NAG B . 4.39 -11.26 -1.35
N2 NAG B . 5.34 -9.96 -3.17
O3 NAG B . 8.18 -10.29 -3.71
O4 NAG B . 9.47 -8.31 -5.49
O5 NAG B . 5.86 -8.25 -6.50
O6 NAG B . 6.60 -7.10 -8.63
O7 NAG B . 5.03 -12.19 -3.47
H1 NAG B . 5.02 -7.75 -4.65
H2 NAG B . 5.99 -10.61 -5.12
H3 NAG B . 7.48 -8.37 -3.63
H4 NAG B . 8.13 -9.72 -6.33
H5 NAG B . 7.20 -6.83 -5.72
H61 NAG B . 8.29 -6.39 -7.69
H62 NAG B . 8.38 -8.09 -8.19
H81 NAG B . 4.38 -10.26 -0.87
H82 NAG B . 3.37 -11.65 -1.34
H83 NAG B . 5.01 -11.91 -0.70
HN2 NAG B . 5.21 -9.16 -2.53
HO3 NAG B . 8.74 -9.89 -3.05
HO6 NAG B . 6.98 -6.80 -9.46
C1 NAG B . 10.44 -8.74 -6.50
C2 NAG B . 11.61 -7.71 -6.66
C3 NAG B . 12.68 -8.32 -7.62
C4 NAG B . 13.16 -9.74 -7.18
C5 NAG B . 11.93 -10.67 -6.91
C6 NAG B . 12.30 -12.02 -6.25
C7 NAG B . 11.77 -5.27 -7.09
C8 NAG B . 11.14 -4.06 -7.74
N2 NAG B . 11.10 -6.43 -7.20
O3 NAG B . 13.81 -7.47 -7.65
O4 NAG B . 13.99 -10.32 -8.22
O5 NAG B . 10.99 -10.01 -6.03
O6 NAG B . 11.21 -12.52 -5.49
O7 NAG B . 12.85 -5.16 -6.50
H1 NAG B . 9.93 -8.90 -7.47
H2 NAG B . 12.07 -7.57 -5.67
H3 NAG B . 12.27 -8.39 -8.64
H4 NAG B . 13.71 -9.63 -6.23
H5 NAG B . 11.42 -10.89 -7.87
H61 NAG B . 12.56 -12.76 -7.03
H62 NAG B . 13.20 -11.91 -5.61
H81 NAG B . 10.19 -3.77 -7.24
H82 NAG B . 11.81 -3.18 -7.74
H83 NAG B . 10.89 -4.26 -8.81
HN2 NAG B . 10.18 -6.42 -7.68
HO3 NAG B . 13.84 -7.11 -8.54
HO6 NAG B . 11.60 -13.03 -4.78
C1 BMA B . 15.39 -10.58 -7.93
C2 BMA B . 15.71 -12.08 -8.15
C3 BMA B . 17.24 -12.32 -7.93
C4 BMA B . 18.10 -11.39 -8.81
C5 BMA B . 17.68 -9.90 -8.62
C6 BMA B . 18.38 -8.95 -9.62
O2 BMA B . 15.33 -12.48 -9.46
O3 BMA B . 17.60 -13.71 -8.20
O4 BMA B . 19.48 -11.56 -8.46
O5 BMA B . 16.24 -9.76 -8.80
O6 BMA B . 17.77 -7.65 -9.56
H1 BMA B . 15.62 -10.34 -6.87
H2 BMA B . 15.14 -12.68 -7.42
H3 BMA B . 17.47 -12.08 -6.87
H4 BMA B . 17.98 -11.68 -9.87
H5 BMA B . 17.94 -9.58 -7.60
H61 BMA B . 18.31 -9.37 -10.64
H62 BMA B . 19.46 -8.87 -9.38
HO2 BMA B . 14.41 -12.74 -9.40
HO4 BMA B . 19.85 -12.14 -9.12
C1 MAN B . 18.12 -6.71 -10.61
C2 MAN B . 17.59 -5.30 -10.25
C3 MAN B . 16.04 -5.24 -10.38
C4 MAN B . 15.53 -5.77 -11.75
C5 MAN B . 16.13 -7.18 -12.01
C6 MAN B . 15.75 -7.80 -13.37
O2 MAN B . 18.19 -4.35 -11.14
O3 MAN B . 15.60 -3.86 -10.19
O4 MAN B . 14.12 -5.81 -11.74
O5 MAN B . 17.59 -7.15 -11.90
O6 MAN B . 16.24 -7.00 -14.46
H1 MAN B . 19.23 -6.66 -10.69
H2 MAN B . 17.89 -5.04 -9.23
H3 MAN B . 15.63 -5.89 -9.58
H4 MAN B . 15.87 -5.09 -12.55
H5 MAN B . 15.75 -7.88 -11.24
H61 MAN B . 14.65 -7.92 -13.45
H62 MAN B . 16.18 -8.82 -13.42
HO2 MAN B . 19.08 -4.19 -10.80
HO4 MAN B . 13.86 -6.08 -10.86
C1 MAN B . 15.25 -6.30 -15.25
C2 MAN B . 14.88 -7.15 -16.50
C3 MAN B . 16.05 -7.14 -17.52
C4 MAN B . 16.57 -5.72 -17.84
C5 MAN B . 16.90 -4.94 -16.53
C6 MAN B . 17.25 -3.46 -16.74
O2 MAN B . 13.67 -6.60 -17.08
O3 MAN B . 15.65 -7.79 -18.71
O4 MAN B . 17.74 -5.82 -18.65
O5 MAN B . 15.73 -4.98 -15.64
O6 MAN B . 16.82 -3.01 -18.01
H1 MAN B . 14.31 -6.16 -14.65
H2 MAN B . 14.72 -8.19 -16.16
H3 MAN B . 16.88 -7.73 -17.09
H4 MAN B . 15.79 -5.17 -18.40
H5 MAN B . 17.75 -5.42 -16.01
H61 MAN B . 18.36 -3.33 -16.68
H62 MAN B . 16.82 -2.83 -15.95
HO3 MAN B . 16.29 -8.48 -18.89
HO4 MAN B . 18.36 -5.17 -18.30
HO6 MAN B . 16.54 -2.09 -17.89
C1 MAN B . 12.62 -7.55 -17.41
C2 MAN B . 11.93 -7.14 -18.73
C3 MAN B . 11.03 -5.89 -18.53
C4 MAN B . 10.05 -6.05 -17.34
C5 MAN B . 10.82 -6.47 -16.06
C6 MAN B . 9.89 -6.83 -14.88
O2 MAN B . 11.14 -8.24 -19.20
O3 MAN B . 10.30 -5.62 -19.73
O4 MAN B . 9.37 -4.81 -17.14
O5 MAN B . 11.63 -7.65 -16.34
O6 MAN B . 9.12 -7.99 -15.14
H1 MAN B . 13.07 -8.55 -17.56
H2 MAN B . 12.70 -6.92 -19.50
H3 MAN B . 11.69 -5.02 -18.34
H4 MAN B . 9.29 -6.82 -17.60
H5 MAN B . 11.47 -5.65 -15.74
H61 MAN B . 9.21 -5.99 -14.66
H62 MAN B . 10.47 -6.97 -13.95
HO2 MAN B . 11.71 -9.01 -19.14
HO3 MAN B . 9.77 -6.41 -19.90
HO4 MAN B . 9.83 -4.38 -16.41
HO6 MAN B . 9.12 -8.10 -16.10
C1 MAN B . 15.20 -3.49 -8.85
C2 MAN B . 14.78 -1.99 -8.81
C3 MAN B . 16.01 -1.07 -8.92
C4 MAN B . 17.13 -1.43 -7.92
C5 MAN B . 17.49 -2.94 -8.01
C6 MAN B . 18.47 -3.43 -6.92
O2 MAN B . 14.08 -1.75 -7.59
O3 MAN B . 15.62 0.28 -8.72
O4 MAN B . 18.28 -0.63 -8.19
O5 MAN B . 16.26 -3.74 -7.89
O6 MAN B . 18.56 -2.49 -5.86
H1 MAN B . 14.32 -4.09 -8.55
H2 MAN B . 14.09 -1.79 -9.65
H3 MAN B . 16.42 -1.15 -9.94
H4 MAN B . 16.79 -1.21 -6.88
H5 MAN B . 17.94 -3.15 -8.99
H61 MAN B . 19.47 -3.57 -7.37
H62 MAN B . 18.16 -4.42 -6.52
HO2 MAN B . 14.74 -1.41 -6.98
HO3 MAN B . 15.54 0.67 -9.61
HO4 MAN B . 17.99 0.08 -8.74
HO6 MAN B . 19.34 -1.95 -6.05
C1 MAN B . 17.03 -14.71 -7.30
C2 MAN B . 17.88 -16.02 -7.34
C3 MAN B . 17.68 -16.77 -8.68
C4 MAN B . 16.17 -16.98 -9.03
C5 MAN B . 15.39 -15.64 -8.94
C6 MAN B . 13.88 -15.78 -9.11
O2 MAN B . 17.47 -16.86 -6.22
O3 MAN B . 18.34 -18.03 -8.63
O4 MAN B . 16.08 -17.54 -10.34
O5 MAN B . 15.64 -15.00 -7.65
O6 MAN B . 13.18 -15.07 -8.09
H1 MAN B . 17.06 -14.33 -6.26
H2 MAN B . 18.94 -15.73 -7.25
H3 MAN B . 18.14 -16.17 -9.49
H4 MAN B . 15.74 -17.70 -8.30
H5 MAN B . 15.76 -14.95 -9.73
H61 MAN B . 13.59 -16.85 -9.03
H62 MAN B . 13.54 -15.43 -10.10
HO3 MAN B . 17.86 -18.61 -9.23
HO4 MAN B . 16.84 -17.22 -10.82
HO6 MAN B . 13.35 -14.13 -8.26
C1 MAN B . 18.46 -17.18 -5.21
C2 MAN B . 18.72 -18.71 -5.18
C3 MAN B . 17.51 -19.47 -4.58
C4 MAN B . 17.08 -18.89 -3.21
C5 MAN B . 16.86 -17.36 -3.30
C6 MAN B . 16.61 -16.68 -1.94
O2 MAN B . 19.89 -18.95 -4.40
O3 MAN B . 17.82 -20.85 -4.45
O4 MAN B . 15.88 -19.54 -2.80
O5 MAN B . 18.03 -16.72 -3.90
O6 MAN B . 15.86 -15.48 -2.07
H1 MAN B . 19.42 -16.68 -5.46
H2 MAN B . 18.92 -19.07 -6.21
H3 MAN B . 16.67 -19.38 -5.29
H4 MAN B . 17.87 -19.10 -2.47
H5 MAN B . 15.98 -17.15 -3.94
H61 MAN B . 17.58 -16.44 -1.46
H62 MAN B . 16.09 -17.36 -1.25
HO2 MAN B . 19.89 -19.89 -4.21
HO3 MAN B . 17.37 -21.29 -5.17
HO4 MAN B . 15.72 -20.23 -3.44
HO6 MAN B . 14.95 -15.75 -2.24
N LYS A 1 -10.19 -1.69 23.52
CA LYS A 1 -10.78 -1.01 22.38
C LYS A 1 -9.80 -0.96 21.22
N GLU A 2 -9.64 -2.09 20.55
CA GLU A 2 -8.78 -2.17 19.38
C GLU A 2 -9.41 -3.06 18.31
N ILE A 3 -10.46 -2.58 17.69
CA ILE A 3 -11.09 -3.28 16.57
C ILE A 3 -10.44 -2.88 15.26
N THR A 4 -9.77 -3.83 14.62
CA THR A 4 -9.00 -3.53 13.42
C THR A 4 -8.70 -4.79 12.64
N ASN A 5 -8.10 -4.61 11.47
CA ASN A 5 -7.62 -5.71 10.64
C ASN A 5 -6.33 -5.32 9.96
N ALA A 6 -5.43 -4.74 10.72
CA ALA A 6 -4.19 -4.17 10.20
C ALA A 6 -3.13 -5.22 9.95
N LEU A 7 -2.00 -4.76 9.43
CA LEU A 7 -0.82 -5.59 9.23
C LEU A 7 0.40 -4.94 9.86
N GLU A 8 1.04 -5.68 10.75
CA GLU A 8 2.31 -5.24 11.33
C GLU A 8 3.41 -5.20 10.29
N THR A 9 3.60 -4.04 9.70
CA THR A 9 4.58 -3.88 8.62
C THR A 9 5.85 -3.24 9.13
N TRP A 10 6.86 -4.06 9.37
CA TRP A 10 8.10 -3.61 9.99
C TRP A 10 9.17 -3.33 8.97
N GLY A 11 10.13 -2.51 9.36
CA GLY A 11 11.30 -2.23 8.53
C GLY A 11 12.46 -1.75 9.39
N ALA A 12 13.24 -0.84 8.84
CA ALA A 12 14.31 -0.19 9.59
C ALA A 12 14.38 1.28 9.25
N LEU A 13 15.12 2.03 10.07
CA LEU A 13 15.18 3.49 9.96
C LEU A 13 16.34 3.91 9.09
N GLY A 14 16.02 4.55 7.98
CA GLY A 14 16.98 4.84 6.93
C GLY A 14 17.16 3.59 6.07
N GLN A 15 16.01 2.99 5.76
CA GLN A 15 15.93 1.68 5.14
C GLN A 15 15.08 1.66 3.88
N ASP A 16 14.83 0.46 3.40
CA ASP A 16 13.87 0.26 2.32
C ASP A 16 13.07 -1.00 2.55
N ILE A 17 11.75 -0.86 2.51
CA ILE A 17 10.83 -1.92 2.87
C ILE A 17 9.61 -1.92 1.98
N ASN A 18 8.78 -2.94 2.14
CA ASN A 18 7.63 -3.15 1.27
C ASN A 18 6.31 -3.13 2.02
N LEU A 19 5.24 -3.19 1.24
CA LEU A 19 3.87 -3.27 1.72
C LEU A 19 3.16 -4.45 1.07
N ASP A 20 2.61 -5.37 1.84
CA ASP A 20 2.08 -6.61 1.27
C ASP A 20 0.61 -6.51 0.98
N ILE A 21 -0.01 -7.66 0.79
CA ILE A 21 -1.39 -7.75 0.33
C ILE A 21 -1.95 -9.14 0.57
N PRO A 22 -3.26 -9.26 0.64
CA PRO A 22 -4.05 -10.54 0.91
C PRO A 22 -3.55 -11.76 0.16
N SER A 23 -4.08 -12.91 0.55
CA SER A 23 -3.61 -14.19 0.02
C SER A 23 -4.36 -14.60 -1.22
N PHE A 24 -4.79 -13.64 -2.02
CA PHE A 24 -5.39 -13.91 -3.32
C PHE A 24 -4.35 -13.94 -4.41
N GLN A 25 -4.74 -14.41 -5.58
CA GLN A 25 -3.86 -14.37 -6.76
C GLN A 25 -4.53 -13.69 -7.92
N MET A 26 -4.79 -12.41 -7.77
CA MET A 26 -5.45 -11.60 -8.76
C MET A 26 -4.74 -11.67 -10.09
N SER A 27 -5.47 -11.91 -11.17
CA SER A 27 -4.87 -12.10 -12.49
C SER A 27 -5.46 -11.12 -13.48
N ASP A 28 -6.08 -11.58 -14.55
CA ASP A 28 -6.56 -10.69 -15.60
C ASP A 28 -7.90 -10.06 -15.27
N ASP A 29 -8.36 -10.16 -14.04
CA ASP A 29 -9.64 -9.54 -13.65
C ASP A 29 -9.47 -8.16 -13.08
N ILE A 30 -8.31 -7.92 -12.48
CA ILE A 30 -8.05 -6.67 -11.77
C ILE A 30 -7.47 -5.62 -12.69
N ASP A 31 -7.82 -4.37 -12.45
CA ASP A 31 -7.35 -3.27 -13.28
C ASP A 31 -6.75 -2.15 -12.47
N ASP A 32 -7.32 -1.85 -11.31
CA ASP A 32 -6.90 -0.68 -10.53
C ASP A 32 -6.31 -1.09 -9.19
N ILE A 33 -5.49 -0.21 -8.64
CA ILE A 33 -4.77 -0.45 -7.41
C ILE A 33 -4.53 0.84 -6.66
N LYS A 34 -4.82 0.89 -5.37
CA LYS A 34 -4.69 2.12 -4.60
C LYS A 34 -4.13 1.88 -3.21
N TRP A 35 -3.19 2.71 -2.83
CA TRP A 35 -2.64 2.74 -1.47
C TRP A 35 -2.63 4.18 -0.95
N GLU A 36 -3.24 4.40 0.20
CA GLU A 36 -3.35 5.75 0.75
C GLU A 36 -2.70 5.82 2.11
N LYS A 37 -2.37 7.02 2.53
CA LYS A 37 -1.87 7.24 3.89
C LYS A 37 -3.03 7.39 4.84
N THR A 38 -3.38 6.31 5.50
CA THR A 38 -4.59 6.20 6.31
C THR A 38 -4.95 7.48 7.03
N SER A 39 -3.94 8.14 7.58
CA SER A 39 -4.15 9.31 8.42
C SER A 39 -4.76 10.47 7.67
N ASP A 40 -4.00 11.09 6.80
CA ASP A 40 -4.43 12.31 6.13
C ASP A 40 -4.97 12.08 4.74
N LYS A 41 -5.37 10.87 4.40
CA LYS A 41 -6.00 10.59 3.11
C LYS A 41 -5.11 11.06 1.98
N LYS A 42 -3.92 10.48 1.91
CA LYS A 42 -2.91 10.94 0.97
C LYS A 42 -2.50 9.86 -0.02
N LYS A 43 -3.14 9.90 -1.17
CA LYS A 43 -2.80 9.03 -2.30
C LYS A 43 -1.30 8.98 -2.52
N ILE A 44 -0.69 7.91 -2.03
CA ILE A 44 0.76 7.72 -2.14
C ILE A 44 1.09 6.93 -3.39
N ALA A 45 0.35 5.86 -3.61
CA ALA A 45 0.47 5.06 -4.83
C ALA A 45 -0.90 4.76 -5.39
N GLN A 46 -1.04 4.76 -6.70
CA GLN A 46 -2.33 4.49 -7.32
C GLN A 46 -2.20 4.08 -8.77
N PHE A 47 -3.19 3.33 -9.24
CA PHE A 47 -3.27 2.86 -10.62
C PHE A 47 -4.68 2.98 -11.14
N ARG A 48 -5.02 4.14 -11.66
CA ARG A 48 -6.36 4.41 -12.18
C ARG A 48 -6.35 4.43 -13.68
N LYS A 49 -6.37 3.27 -14.30
CA LYS A 49 -6.23 3.16 -15.75
C LYS A 49 -4.84 3.56 -16.18
N GLU A 50 -4.43 3.03 -17.33
CA GLU A 50 -3.15 3.40 -17.93
C GLU A 50 -3.27 4.62 -18.81
N LYS A 51 -4.03 5.61 -18.40
CA LYS A 51 -4.11 6.92 -19.09
C LYS A 51 -3.65 8.09 -18.23
N GLU A 52 -3.39 7.78 -16.98
CA GLU A 52 -3.01 8.77 -15.98
C GLU A 52 -2.69 8.11 -14.66
N THR A 53 -1.54 7.47 -14.58
CA THR A 53 -1.14 6.67 -13.43
C THR A 53 -0.45 7.52 -12.38
N PHE A 54 -0.21 6.93 -11.23
CA PHE A 54 0.46 7.64 -10.13
C PHE A 54 1.56 6.80 -9.53
N LYS A 55 2.79 7.10 -9.91
CA LYS A 55 3.97 6.45 -9.31
C LYS A 55 5.23 7.20 -9.68
N GLU A 56 5.24 8.49 -9.43
CA GLU A 56 6.33 9.36 -9.86
C GLU A 56 7.57 9.22 -9.00
N LYS A 57 7.56 8.39 -7.97
CA LYS A 57 8.74 8.19 -7.12
C LYS A 57 8.71 6.84 -6.46
N ASP A 58 9.89 6.28 -6.20
CA ASP A 58 10.00 4.98 -5.56
C ASP A 58 9.69 5.03 -4.07
N THR A 59 9.73 6.22 -3.49
CA THR A 59 9.38 6.38 -2.08
C THR A 59 8.04 5.76 -1.78
N TYR A 60 7.20 5.67 -2.79
CA TYR A 60 5.94 4.94 -2.69
C TYR A 60 5.53 4.40 -4.04
N LYS A 61 5.86 3.15 -4.32
CA LYS A 61 5.67 2.56 -5.65
C LYS A 61 4.67 1.42 -5.61
N LEU A 62 3.66 1.50 -6.45
CA LEU A 62 2.64 0.46 -6.54
C LEU A 62 3.06 -0.64 -7.50
N PHE A 63 2.75 -1.88 -7.15
CA PHE A 63 3.08 -3.02 -8.00
C PHE A 63 1.82 -3.66 -8.54
N LYS A 64 2.01 -4.63 -9.44
CA LYS A 64 0.87 -5.30 -10.07
C LYS A 64 0.24 -6.30 -9.15
N ASN A 65 1.06 -7.02 -8.40
CA ASN A 65 0.55 -7.99 -7.43
C ASN A 65 -0.11 -7.33 -6.24
N GLY A 66 -0.08 -6.01 -6.15
CA GLY A 66 -0.82 -5.30 -5.11
C GLY A 66 0.05 -4.96 -3.92
N THR A 67 1.36 -5.00 -4.07
CA THR A 67 2.27 -4.54 -3.01
C THR A 67 2.58 -3.08 -3.16
N LEU A 68 3.20 -2.49 -2.15
CA LEU A 68 3.66 -1.11 -2.21
C LEU A 68 5.05 -0.99 -1.64
N LYS A 69 5.94 -0.34 -2.38
CA LYS A 69 7.35 -0.28 -2.00
C LYS A 69 7.72 1.11 -1.53
N ILE A 70 8.28 1.19 -0.34
CA ILE A 70 8.58 2.47 0.30
C ILE A 70 10.05 2.58 0.60
N LYS A 71 10.72 3.50 -0.10
CA LYS A 71 12.17 3.61 -0.05
C LYS A 71 12.62 4.68 0.93
N HIS A 72 13.78 4.45 1.50
CA HIS A 72 14.41 5.39 2.43
C HIS A 72 13.43 5.85 3.49
N LEU A 73 13.23 5.07 4.52
CA LEU A 73 12.20 5.36 5.53
C LEU A 73 12.70 5.23 6.95
N LYS A 74 13.00 6.38 7.54
CA LYS A 74 13.34 6.49 8.96
C LYS A 74 12.11 6.80 9.79
N THR A 75 12.30 7.33 10.98
CA THR A 75 11.17 7.63 11.87
C THR A 75 10.08 8.41 11.15
N ASP A 76 10.50 9.18 10.16
CA ASP A 76 9.58 10.10 9.48
C ASP A 76 8.76 9.39 8.42
N ASP A 77 9.32 8.39 7.77
CA ASP A 77 8.59 7.62 6.77
C ASP A 77 7.56 6.70 7.40
N GLN A 78 7.69 6.37 8.67
CA GLN A 78 6.81 5.41 9.31
C GLN A 78 5.41 5.95 9.44
N ASP A 79 4.53 5.49 8.58
CA ASP A 79 3.15 5.95 8.54
C ASP A 79 2.19 4.78 8.43
N ILE A 80 0.92 5.02 8.73
CA ILE A 80 -0.11 3.99 8.59
C ILE A 80 -0.71 4.04 7.20
N TYR A 81 -1.10 2.89 6.69
CA TYR A 81 -1.54 2.74 5.31
C TYR A 81 -2.75 1.84 5.20
N LYS A 82 -3.38 1.87 4.05
CA LYS A 82 -4.48 0.96 3.73
C LYS A 82 -4.60 0.74 2.25
N VAL A 83 -4.65 -0.51 1.84
CA VAL A 83 -4.63 -0.85 0.42
C VAL A 83 -6.01 -1.18 -0.09
N SER A 84 -6.45 -0.43 -1.09
CA SER A 84 -7.69 -0.69 -1.81
C SER A 84 -7.41 -0.99 -3.27
N ILE A 85 -7.67 -2.21 -3.67
CA ILE A 85 -7.30 -2.66 -5.01
C ILE A 85 -8.54 -3.13 -5.76
N TYR A 86 -8.86 -2.51 -6.86
CA TYR A 86 -10.14 -2.67 -7.53
C TYR A 86 -10.01 -3.30 -8.90
N ASP A 87 -11.13 -3.83 -9.39
CA ASP A 87 -11.20 -4.45 -10.71
C ASP A 87 -11.59 -3.45 -11.77
N THR A 88 -11.75 -3.95 -12.98
CA THR A 88 -12.03 -3.11 -14.14
C THR A 88 -13.32 -2.33 -13.97
N LYS A 89 -14.26 -2.86 -13.23
CA LYS A 89 -15.60 -2.26 -13.13
C LYS A 89 -15.72 -1.32 -11.94
N GLY A 90 -14.62 -0.75 -11.49
CA GLY A 90 -14.66 0.28 -10.45
C GLY A 90 -15.05 -0.25 -9.09
N LYS A 91 -15.08 -1.56 -8.92
CA LYS A 91 -15.52 -2.15 -7.66
C LYS A 91 -14.37 -2.38 -6.73
N ASN A 92 -14.51 -2.01 -5.46
CA ASN A 92 -13.49 -2.35 -4.46
C ASN A 92 -13.59 -3.83 -4.12
N VAL A 93 -12.87 -4.63 -4.91
CA VAL A 93 -12.97 -6.09 -4.83
C VAL A 93 -12.34 -6.64 -3.57
N LEU A 94 -11.30 -5.95 -3.13
CA LEU A 94 -10.56 -6.34 -1.93
C LEU A 94 -9.94 -5.13 -1.26
N GLU A 95 -9.69 -5.28 0.03
CA GLU A 95 -9.22 -4.15 0.85
C GLU A 95 -8.57 -4.65 2.12
N LYS A 96 -7.63 -3.87 2.62
CA LYS A 96 -6.82 -4.28 3.78
C LYS A 96 -6.25 -3.07 4.49
N ILE A 97 -5.86 -3.27 5.73
CA ILE A 97 -5.28 -2.21 6.55
C ILE A 97 -3.83 -2.51 6.87
N PHE A 98 -2.99 -1.50 6.86
CA PHE A 98 -1.55 -1.70 7.02
C PHE A 98 -0.93 -0.58 7.84
N ASP A 99 0.36 -0.69 8.08
CA ASP A 99 1.09 0.36 8.79
C ASP A 99 2.57 0.07 8.88
N LEU A 100 3.39 0.90 8.29
CA LEU A 100 4.84 0.81 8.44
C LEU A 100 5.23 0.88 9.90
N LYS A 101 6.44 0.47 10.22
CA LYS A 101 6.95 0.62 11.58
C LYS A 101 8.47 0.75 11.59
N ILE A 102 8.98 1.24 12.70
CA ILE A 102 10.41 1.25 12.97
C ILE A 102 10.72 0.40 14.18
N GLN A 103 11.83 -0.31 14.11
CA GLN A 103 12.18 -1.31 15.11
C GLN A 103 13.57 -1.06 15.66
N GLU A 104 13.88 -1.66 16.79
CA GLU A 104 15.15 -1.39 17.48
C GLU A 104 15.44 -2.46 18.51
N ARG A 105 16.09 -3.51 18.04
CA ARG A 105 16.49 -4.64 18.88
C ARG A 105 17.86 -5.14 18.51
C1 NAG B . 5.13 -8.33 -5.27
C2 NAG B . 5.75 -9.25 -4.18
C3 NAG B . 7.10 -8.65 -3.70
C4 NAG B . 8.08 -8.36 -4.88
C5 NAG B . 7.35 -7.48 -5.95
C6 NAG B . 8.16 -7.26 -7.25
C7 NAG B . 4.11 -10.51 -2.81
C8 NAG B . 3.24 -10.50 -1.54
N2 NAG B . 4.82 -9.40 -3.03
O3 NAG B . 7.70 -9.56 -2.79
O4 NAG B . 9.28 -7.66 -4.44
O5 NAG B . 6.10 -8.12 -6.34
O6 NAG B . 7.31 -6.99 -8.34
O7 NAG B . 4.09 -11.49 -3.56
H1 NAG B . 4.85 -7.38 -4.82
H2 NAG B . 5.98 -10.23 -4.66
H3 NAG B . 6.92 -7.69 -3.16
H4 NAG B . 8.36 -9.32 -5.36
H5 NAG B . 7.12 -6.49 -5.52
H61 NAG B . 8.85 -6.40 -7.12
H62 NAG B . 8.81 -8.13 -7.47
H81 NAG B . 3.42 -9.59 -0.95
H82 NAG B . 2.16 -10.53 -1.78
H83 NAG B . 3.46 -11.36 -0.89
HN2 NAG B . 4.73 -8.62 -2.36
HO3 NAG B . 8.27 -10.13 -3.32
HO6 NAG B . 7.85 -7.01 -9.13
C1 NAG B . 10.56 -8.20 -4.87
C2 NAG B . 11.62 -7.07 -5.02
C3 NAG B . 13.03 -7.71 -5.26
C4 NAG B . 13.40 -8.77 -4.19
C5 NAG B . 12.26 -9.84 -4.08
C6 NAG B . 12.44 -10.84 -2.93
C7 NAG B . 11.23 -6.49 -7.40
C8 NAG B . 10.91 -5.38 -8.39
N2 NAG B . 11.26 -6.14 -6.11
O3 NAG B . 14.02 -6.70 -5.26
O4 NAG B . 14.66 -9.41 -4.53
O5 NAG B . 11.00 -9.15 -3.87
O6 NAG B . 12.49 -10.18 -1.67
O7 NAG B . 11.43 -7.65 -7.81
H1 NAG B . 10.45 -8.74 -5.84
H2 NAG B . 11.67 -6.55 -4.03
H3 NAG B . 13.04 -8.20 -6.26
H4 NAG B . 13.46 -8.24 -3.21
H5 NAG B . 12.21 -10.40 -5.03
H61 NAG B . 11.59 -11.55 -2.91
H62 NAG B . 13.35 -11.45 -3.07
H81 NAG B . 10.92 -5.75 -9.43
H82 NAG B . 9.93 -4.92 -8.19
H83 NAG B . 11.66 -4.57 -8.33
HN2 NAG B . 11.04 -5.16 -5.86
HO3 NAG B . 14.76 -7.04 -5.78
HO6 NAG B . 11.59 -10.17 -1.34
C1 BMA B . 15.82 -9.04 -3.73
C2 BMA B . 16.34 -10.25 -2.92
C3 BMA B . 17.63 -9.84 -2.16
C4 BMA B . 18.71 -9.24 -3.10
C5 BMA B . 18.09 -8.08 -3.96
C6 BMA B . 19.06 -7.57 -5.05
O2 BMA B . 16.62 -11.35 -3.79
O3 BMA B . 18.20 -10.96 -1.43
O4 BMA B . 19.80 -8.76 -2.34
O5 BMA B . 16.87 -8.53 -4.62
O6 BMA B . 18.43 -6.49 -5.78
H1 BMA B . 15.54 -8.25 -3.00
H2 BMA B . 15.58 -10.57 -2.20
H3 BMA B . 17.36 -9.03 -1.44
H4 BMA B . 19.07 -10.04 -3.78
H5 BMA B . 17.86 -7.23 -3.28
H61 BMA B . 19.34 -8.39 -5.72
H62 BMA B . 19.99 -7.20 -4.59
HO2 BMA B . 16.84 -10.97 -4.64
HO4 BMA B . 19.59 -7.85 -2.13
C1 MAN B . 19.06 -6.09 -7.02
C2 MAN B . 18.27 -4.90 -7.64
C3 MAN B . 16.91 -5.38 -8.21
C4 MAN B . 17.05 -6.60 -9.16
C5 MAN B . 17.86 -7.72 -8.46
C6 MAN B . 18.14 -8.96 -9.32
O2 MAN B . 19.05 -4.33 -8.68
O3 MAN B . 16.26 -4.28 -8.92
O4 MAN B . 15.76 -7.06 -9.53
O5 MAN B . 19.13 -7.20 -7.96
O6 MAN B . 18.25 -8.60 -10.71
H1 MAN B . 20.09 -5.74 -6.80
H2 MAN B . 18.11 -4.12 -6.88
H3 MAN B . 16.28 -5.69 -7.34
H4 MAN B . 17.58 -6.29 -10.08
H5 MAN B . 17.29 -8.08 -7.57
H61 MAN B . 17.34 -9.72 -9.18
H62 MAN B . 19.07 -9.44 -8.97
HO2 MAN B . 19.78 -3.86 -8.24
HO4 MAN B . 15.58 -7.82 -8.96
C1 MAN B . 17.68 -9.53 -11.66
C2 MAN B . 18.66 -10.70 -11.89
C3 MAN B . 19.88 -10.25 -12.73
C4 MAN B . 19.48 -9.48 -14.01
C5 MAN B . 18.50 -8.33 -13.68
C6 MAN B . 17.92 -7.61 -14.92
O2 MAN B . 17.93 -11.77 -12.57
O3 MAN B . 20.68 -11.38 -13.07
O4 MAN B . 20.66 -8.97 -14.63
O5 MAN B . 17.37 -8.85 -12.91
O6 MAN B . 18.84 -6.66 -15.44
H1 MAN B . 16.73 -9.95 -11.27
H2 MAN B . 19.01 -11.05 -10.90
H3 MAN B . 20.50 -9.58 -12.10
H4 MAN B . 19.00 -10.19 -14.72
H5 MAN B . 19.02 -7.56 -13.07
H61 MAN B . 16.98 -7.09 -14.66
H62 MAN B . 17.66 -8.34 -15.71
HO3 MAN B . 20.68 -11.43 -14.03
HO4 MAN B . 20.54 -9.06 -15.57
HO6 MAN B . 19.41 -7.14 -16.04
C1 MAN B . 18.26 -13.13 -12.18
C2 MAN B . 18.50 -14.01 -13.44
C3 MAN B . 17.17 -14.31 -14.16
C4 MAN B . 16.08 -14.89 -13.21
C5 MAN B . 15.91 -13.97 -11.96
C6 MAN B . 14.99 -14.56 -10.88
O2 MAN B . 19.13 -15.22 -13.04
O3 MAN B . 17.39 -15.24 -15.23
O4 MAN B . 14.85 -14.99 -13.92
O5 MAN B . 17.22 -13.72 -11.35
O6 MAN B . 15.17 -15.96 -10.75
H1 MAN B . 19.20 -13.12 -11.60
H2 MAN B . 19.19 -13.49 -14.13
H3 MAN B . 16.79 -13.37 -14.60
H4 MAN B . 16.40 -15.90 -12.88
H5 MAN B . 15.49 -13.00 -12.28
H61 MAN B . 13.93 -14.35 -11.13
H62 MAN B . 15.18 -14.07 -9.90
HO2 MAN B . 18.45 -15.90 -13.06
HO3 MAN B . 16.68 -15.88 -15.18
HO4 MAN B . 14.29 -14.30 -13.57
HO6 MAN B . 14.34 -16.30 -10.43
C1 MAN B . 15.36 -3.44 -8.15
C2 MAN B . 14.45 -2.63 -9.10
C3 MAN B . 15.25 -1.50 -9.80
C4 MAN B . 16.07 -0.63 -8.81
C5 MAN B . 16.93 -1.52 -7.88
C6 MAN B . 17.64 -0.74 -6.75
O2 MAN B . 13.37 -2.07 -8.34
O3 MAN B . 14.35 -0.67 -10.54
O4 MAN B . 16.88 0.28 -9.56
O5 MAN B . 16.11 -2.55 -7.26
O6 MAN B . 17.74 0.64 -7.04
H1 MAN B . 14.72 -4.09 -7.53
H2 MAN B . 14.02 -3.30 -9.86
H3 MAN B . 15.94 -1.96 -10.52
H4 MAN B . 15.36 -0.03 -8.20
H5 MAN B . 17.72 -2.01 -8.49
H61 MAN B . 18.65 -1.15 -6.59
H62 MAN B . 17.10 -0.89 -5.79
HO2 MAN B . 13.78 -1.59 -7.61
HO3 MAN B . 14.83 -0.40 -11.33
HO4 MAN B . 16.69 1.15 -9.22
HO6 MAN B . 18.65 0.78 -7.35
C1 MAN B . 17.59 -11.27 -0.13
C2 MAN B . 18.53 -12.18 0.71
C3 MAN B . 18.56 -13.63 0.14
C4 MAN B . 17.15 -14.21 -0.09
C5 MAN B . 16.27 -13.23 -0.93
C6 MAN B . 14.80 -13.66 -1.06
O2 MAN B . 18.04 -12.21 2.08
O3 MAN B . 19.30 -14.47 1.01
O4 MAN B . 17.26 -15.47 -0.75
O5 MAN B . 16.29 -11.90 -0.31
O6 MAN B . 14.44 -13.89 -2.42
H1 MAN B . 17.45 -10.34 0.45
H2 MAN B . 19.56 -11.75 0.66
H3 MAN B . 19.09 -13.60 -0.83
H4 MAN B . 16.66 -14.38 0.90
H5 MAN B . 16.70 -13.15 -1.95
H61 MAN B . 14.14 -12.86 -0.65
H62 MAN B . 14.59 -14.56 -0.46
HO3 MAN B . 18.65 -14.88 1.59
HO4 MAN B . 18.17 -15.75 -0.62
HO6 MAN B . 13.50 -13.72 -2.48
C1 MAN B . 18.95 -11.74 3.12
C2 MAN B . 18.75 -12.57 4.42
C3 MAN B . 17.42 -12.23 5.11
C4 MAN B . 17.24 -10.70 5.33
C5 MAN B . 17.46 -9.92 3.99
C6 MAN B . 17.50 -8.39 4.17
O2 MAN B . 19.84 -12.32 5.29
O3 MAN B . 17.33 -12.91 6.36
O4 MAN B . 15.93 -10.45 5.84
O5 MAN B . 18.73 -10.32 3.40
O6 MAN B . 16.23 -7.81 3.91
H1 MAN B . 20.00 -11.88 2.80
H2 MAN B . 18.76 -13.65 4.16
H3 MAN B . 16.58 -12.60 4.47
H4 MAN B . 17.98 -10.36 6.08
H5 MAN B . 16.65 -10.17 3.29
H61 MAN B . 18.24 -7.95 3.49
H62 MAN B . 17.83 -8.12 5.20
HO2 MAN B . 20.43 -13.08 5.21
HO3 MAN B . 17.40 -13.85 6.15
HO4 MAN B . 15.37 -10.30 5.07
HO6 MAN B . 15.70 -7.98 4.69
N LYS A 1 -0.21 -15.88 13.37
CA LYS A 1 -1.62 -16.01 13.74
C LYS A 1 -2.02 -14.91 14.70
N GLU A 2 -3.07 -14.19 14.35
CA GLU A 2 -3.50 -13.02 15.13
C GLU A 2 -4.87 -12.56 14.69
N ILE A 3 -5.62 -12.00 15.62
CA ILE A 3 -6.95 -11.46 15.33
C ILE A 3 -6.90 -9.97 15.15
N THR A 4 -6.97 -9.53 13.91
CA THR A 4 -6.87 -8.12 13.57
C THR A 4 -7.46 -7.84 12.20
N ASN A 5 -7.49 -6.57 11.85
CA ASN A 5 -7.90 -6.14 10.52
C ASN A 5 -6.87 -5.19 9.93
N ALA A 6 -5.61 -5.55 10.15
CA ALA A 6 -4.48 -4.72 9.77
C ALA A 6 -3.21 -5.52 9.72
N LEU A 7 -2.15 -4.89 9.24
CA LEU A 7 -0.83 -5.52 9.18
C LEU A 7 0.16 -4.83 10.09
N GLU A 8 0.59 -5.54 11.12
CA GLU A 8 1.67 -5.05 11.97
C GLU A 8 2.98 -5.06 11.19
N THR A 9 3.21 -3.98 10.47
CA THR A 9 4.31 -3.88 9.52
C THR A 9 5.51 -3.20 10.14
N TRP A 10 6.68 -3.78 9.96
CA TRP A 10 7.90 -3.33 10.63
C TRP A 10 9.02 -3.16 9.64
N GLY A 11 9.96 -2.28 9.96
CA GLY A 11 11.13 -2.04 9.12
C GLY A 11 12.37 -1.80 9.95
N ALA A 12 13.25 -0.96 9.45
CA ALA A 12 14.46 -0.57 10.16
C ALA A 12 14.90 0.82 9.76
N LEU A 13 15.23 1.63 10.75
CA LEU A 13 15.69 3.00 10.52
C LEU A 13 16.77 3.04 9.47
N GLY A 14 16.48 3.81 8.42
CA GLY A 14 17.44 4.11 7.36
C GLY A 14 17.23 3.12 6.24
N GLN A 15 15.96 2.85 5.92
CA GLN A 15 15.68 1.74 5.01
C GLN A 15 14.41 1.90 4.18
N ASP A 16 14.44 1.22 3.04
CA ASP A 16 13.28 1.09 2.16
C ASP A 16 12.49 -0.14 2.51
N ILE A 17 11.16 -0.06 2.47
CA ILE A 17 10.32 -1.16 2.94
C ILE A 17 9.14 -1.38 2.04
N ASN A 18 8.69 -2.63 1.99
CA ASN A 18 7.59 -3.02 1.12
C ASN A 18 6.28 -3.08 1.87
N LEU A 19 5.21 -2.75 1.16
CA LEU A 19 3.84 -2.87 1.67
C LEU A 19 3.12 -4.01 0.98
N ASP A 20 2.91 -5.10 1.70
CA ASP A 20 2.38 -6.32 1.10
C ASP A 20 0.90 -6.22 0.89
N ILE A 21 0.25 -7.36 0.79
CA ILE A 21 -1.17 -7.42 0.40
C ILE A 21 -1.74 -8.79 0.72
N PRO A 22 -3.06 -8.86 0.78
CA PRO A 22 -3.88 -10.12 1.03
C PRO A 22 -3.46 -11.34 0.24
N SER A 23 -4.10 -12.45 0.52
CA SER A 23 -3.73 -13.73 -0.08
C SER A 23 -4.47 -13.99 -1.37
N PHE A 24 -4.80 -12.94 -2.10
CA PHE A 24 -5.39 -13.06 -3.43
C PHE A 24 -4.66 -12.18 -4.42
N GLN A 25 -4.61 -12.58 -5.68
CA GLN A 25 -3.83 -11.86 -6.68
C GLN A 25 -4.59 -11.71 -7.97
N MET A 26 -4.32 -10.64 -8.68
CA MET A 26 -4.95 -10.38 -9.96
C MET A 26 -4.83 -11.57 -10.88
N SER A 27 -5.76 -11.69 -11.81
CA SER A 27 -5.84 -12.87 -12.67
C SER A 27 -6.78 -12.62 -13.84
N ASP A 28 -8.04 -12.92 -13.63
CA ASP A 28 -9.05 -12.88 -14.68
C ASP A 28 -9.28 -11.48 -15.20
N ASP A 29 -9.67 -10.57 -14.32
CA ASP A 29 -10.08 -9.23 -14.75
C ASP A 29 -9.90 -8.19 -13.67
N ILE A 30 -8.73 -8.13 -13.06
CA ILE A 30 -8.39 -7.06 -12.14
C ILE A 30 -7.73 -5.91 -12.88
N ASP A 31 -8.01 -4.67 -12.52
CA ASP A 31 -7.55 -3.53 -13.32
C ASP A 31 -6.86 -2.47 -12.50
N ASP A 32 -7.35 -2.12 -11.32
CA ASP A 32 -6.84 -0.97 -10.56
C ASP A 32 -6.37 -1.35 -9.19
N ILE A 33 -5.38 -0.61 -8.71
CA ILE A 33 -4.73 -0.88 -7.44
C ILE A 33 -4.35 0.40 -6.73
N LYS A 34 -5.00 0.71 -5.63
CA LYS A 34 -4.81 1.99 -4.96
C LYS A 34 -4.17 1.82 -3.60
N TRP A 35 -3.35 2.77 -3.23
CA TRP A 35 -2.70 2.82 -1.93
C TRP A 35 -2.71 4.22 -1.36
N GLU A 36 -3.25 4.38 -0.17
CA GLU A 36 -3.35 5.70 0.46
C GLU A 36 -2.54 5.75 1.73
N LYS A 37 -2.32 6.94 2.24
CA LYS A 37 -1.65 7.10 3.54
C LYS A 37 -2.69 7.48 4.57
N THR A 38 -3.27 6.47 5.18
CA THR A 38 -4.44 6.62 6.05
C THR A 38 -4.32 7.74 7.06
N SER A 39 -3.12 8.16 7.42
CA SER A 39 -2.95 9.28 8.34
C SER A 39 -3.81 10.45 7.94
N ASP A 40 -3.48 11.09 6.84
CA ASP A 40 -4.32 12.14 6.26
C ASP A 40 -5.13 11.64 5.09
N LYS A 41 -5.28 10.33 4.94
CA LYS A 41 -6.05 9.73 3.85
C LYS A 41 -5.70 10.38 2.53
N LYS A 42 -4.41 10.33 2.20
CA LYS A 42 -3.89 11.03 1.02
C LYS A 42 -3.09 10.12 0.10
N LYS A 43 -3.57 10.02 -1.13
CA LYS A 43 -3.03 9.12 -2.15
C LYS A 43 -1.51 9.14 -2.18
N ILE A 44 -0.95 8.01 -2.59
CA ILE A 44 0.49 7.83 -2.67
C ILE A 44 0.87 7.03 -3.90
N ALA A 45 0.10 5.98 -4.15
CA ALA A 45 0.24 5.16 -5.35
C ALA A 45 -1.12 4.76 -5.87
N GLN A 46 -1.29 4.66 -7.18
CA GLN A 46 -2.55 4.20 -7.75
C GLN A 46 -2.44 3.75 -9.19
N PHE A 47 -3.24 2.77 -9.54
CA PHE A 47 -3.39 2.31 -10.93
C PHE A 47 -4.82 2.46 -11.39
N ARG A 48 -5.02 3.19 -12.46
CA ARG A 48 -6.35 3.41 -13.02
C ARG A 48 -6.30 3.48 -14.53
N LYS A 49 -6.32 2.33 -15.16
CA LYS A 49 -6.21 2.22 -16.61
C LYS A 49 -4.86 2.72 -17.06
N GLU A 50 -4.48 2.30 -18.27
CA GLU A 50 -3.27 2.78 -18.91
C GLU A 50 -3.51 4.07 -19.68
N LYS A 51 -4.35 4.95 -19.17
CA LYS A 51 -4.55 6.30 -19.74
C LYS A 51 -4.21 7.44 -18.78
N GLU A 52 -3.94 7.04 -17.54
CA GLU A 52 -3.72 7.98 -16.45
C GLU A 52 -3.43 7.24 -15.15
N THR A 53 -2.20 7.32 -14.69
CA THR A 53 -1.78 6.62 -13.48
C THR A 53 -1.27 7.60 -12.45
N PHE A 54 -0.81 7.07 -11.33
CA PHE A 54 -0.21 7.90 -10.28
C PHE A 54 1.04 7.25 -9.72
N LYS A 55 2.18 7.84 -10.02
CA LYS A 55 3.47 7.36 -9.57
C LYS A 55 4.54 8.42 -9.74
N GLU A 56 4.54 9.39 -8.84
CA GLU A 56 5.41 10.56 -8.98
C GLU A 56 6.80 10.32 -8.43
N LYS A 57 6.95 9.37 -7.52
CA LYS A 57 8.24 9.17 -6.84
C LYS A 57 8.44 7.72 -6.46
N ASP A 58 9.63 7.40 -5.96
CA ASP A 58 9.91 6.05 -5.48
C ASP A 58 9.68 5.90 -4.00
N THR A 59 9.73 7.02 -3.28
CA THR A 59 9.37 7.02 -1.86
C THR A 59 8.09 6.25 -1.64
N TYR A 60 7.27 6.21 -2.68
CA TYR A 60 6.03 5.43 -2.67
C TYR A 60 5.72 4.90 -4.05
N LYS A 61 5.81 3.61 -4.30
CA LYS A 61 5.61 3.08 -5.65
C LYS A 61 4.74 1.84 -5.69
N LEU A 62 3.96 1.73 -6.75
CA LEU A 62 3.05 0.61 -6.99
C LEU A 62 3.79 -0.54 -7.64
N PHE A 63 3.30 -1.75 -7.44
CA PHE A 63 3.85 -2.92 -8.14
C PHE A 63 2.76 -3.70 -8.84
N LYS A 64 3.15 -4.70 -9.60
CA LYS A 64 2.21 -5.47 -10.42
C LYS A 64 1.30 -6.30 -9.54
N ASN A 65 1.91 -7.10 -8.68
CA ASN A 65 1.17 -7.96 -7.75
C ASN A 65 0.29 -7.15 -6.82
N GLY A 66 0.50 -5.85 -6.73
CA GLY A 66 -0.32 -5.00 -5.85
C GLY A 66 0.38 -4.70 -4.55
N THR A 67 1.70 -4.71 -4.54
CA THR A 67 2.46 -4.27 -3.37
C THR A 67 2.76 -2.80 -3.45
N LEU A 68 3.22 -2.21 -2.36
CA LEU A 68 3.67 -0.82 -2.35
C LEU A 68 4.97 -0.65 -1.61
N LYS A 69 6.03 -0.33 -2.32
CA LYS A 69 7.33 -0.08 -1.71
C LYS A 69 7.41 1.33 -1.19
N ILE A 70 8.32 1.56 -0.26
CA ILE A 70 8.55 2.89 0.31
C ILE A 70 10.04 3.17 0.40
N LYS A 71 10.54 4.17 -0.30
CA LYS A 71 12.01 4.35 -0.38
C LYS A 71 12.59 5.24 0.70
N HIS A 72 13.71 4.80 1.26
CA HIS A 72 14.53 5.57 2.20
C HIS A 72 13.75 6.07 3.39
N LEU A 73 13.87 5.41 4.53
CA LEU A 73 13.04 5.76 5.69
C LEU A 73 13.87 5.82 6.96
N LYS A 74 13.19 6.09 8.05
CA LYS A 74 13.71 6.02 9.41
C LYS A 74 12.58 5.70 10.38
N THR A 75 12.61 6.27 11.56
CA THR A 75 11.43 6.27 12.42
C THR A 75 10.39 7.26 11.92
N ASP A 76 10.87 8.23 11.16
CA ASP A 76 10.03 9.26 10.54
C ASP A 76 9.28 8.78 9.32
N ASP A 77 9.83 7.90 8.49
CA ASP A 77 9.09 7.43 7.31
C ASP A 77 7.93 6.55 7.72
N GLN A 78 7.79 6.22 8.99
CA GLN A 78 6.58 5.53 9.47
C GLN A 78 5.34 6.35 9.19
N ASP A 79 4.34 5.68 8.65
CA ASP A 79 3.02 6.25 8.44
C ASP A 79 1.96 5.18 8.50
N ILE A 80 0.71 5.59 8.33
CA ILE A 80 -0.40 4.65 8.21
C ILE A 80 -0.85 4.56 6.77
N TYR A 81 -1.26 3.37 6.38
CA TYR A 81 -1.58 3.06 4.99
C TYR A 81 -2.74 2.09 4.92
N LYS A 82 -3.34 1.99 3.75
CA LYS A 82 -4.37 0.98 3.51
C LYS A 82 -4.55 0.75 2.04
N VAL A 83 -4.60 -0.50 1.62
CA VAL A 83 -4.63 -0.83 0.20
C VAL A 83 -6.03 -1.20 -0.24
N SER A 84 -6.54 -0.47 -1.21
CA SER A 84 -7.83 -0.76 -1.82
C SER A 84 -7.66 -1.03 -3.31
N ILE A 85 -7.79 -2.27 -3.69
CA ILE A 85 -7.47 -2.69 -5.06
C ILE A 85 -8.71 -3.20 -5.76
N TYR A 86 -9.10 -2.57 -6.85
CA TYR A 86 -10.39 -2.83 -7.48
C TYR A 86 -10.25 -3.42 -8.87
N ASP A 87 -11.31 -4.08 -9.31
CA ASP A 87 -11.38 -4.64 -10.66
C ASP A 87 -11.64 -3.55 -11.68
N THR A 88 -11.88 -3.97 -12.92
CA THR A 88 -12.12 -3.01 -14.01
C THR A 88 -13.32 -2.15 -13.74
N LYS A 89 -14.28 -2.62 -12.96
CA LYS A 89 -15.53 -1.91 -12.76
C LYS A 89 -15.48 -0.95 -11.59
N GLY A 90 -14.31 -0.56 -11.15
CA GLY A 90 -14.17 0.35 -10.02
C GLY A 90 -14.65 -0.25 -8.72
N LYS A 91 -14.86 -1.55 -8.69
CA LYS A 91 -15.42 -2.21 -7.51
C LYS A 91 -14.34 -2.66 -6.56
N ASN A 92 -14.36 -2.16 -5.33
CA ASN A 92 -13.44 -2.63 -4.30
C ASN A 92 -13.61 -4.12 -4.07
N VAL A 93 -12.78 -4.89 -4.75
CA VAL A 93 -12.86 -6.36 -4.69
C VAL A 93 -12.25 -6.90 -3.41
N LEU A 94 -11.31 -6.14 -2.87
CA LEU A 94 -10.71 -6.44 -1.57
C LEU A 94 -9.95 -5.25 -1.05
N GLU A 95 -9.81 -5.20 0.27
CA GLU A 95 -9.22 -4.06 0.96
C GLU A 95 -8.63 -4.50 2.28
N LYS A 96 -7.72 -3.70 2.82
CA LYS A 96 -7.05 -4.05 4.08
C LYS A 96 -6.19 -2.91 4.56
N ILE A 97 -5.94 -2.88 5.85
CA ILE A 97 -5.26 -1.77 6.51
C ILE A 97 -3.85 -2.12 6.88
N PHE A 98 -3.01 -1.10 6.94
CA PHE A 98 -1.61 -1.24 7.33
C PHE A 98 -1.19 -0.16 8.29
N ASP A 99 -0.03 -0.36 8.90
CA ASP A 99 0.61 0.64 9.77
C ASP A 99 2.10 0.41 9.84
N LEU A 100 2.86 1.09 9.01
CA LEU A 100 4.32 0.98 9.03
C LEU A 100 4.87 1.18 10.43
N LYS A 101 5.93 0.47 10.73
CA LYS A 101 6.66 0.64 11.98
C LYS A 101 8.15 0.44 11.78
N ILE A 102 8.87 0.54 12.89
CA ILE A 102 10.28 0.19 12.97
C ILE A 102 10.63 -0.26 14.36
N GLN A 103 11.73 -0.97 14.47
CA GLN A 103 12.08 -1.62 15.74
C GLN A 103 13.57 -1.46 16.01
N GLU A 104 13.90 -1.20 17.26
CA GLU A 104 15.27 -0.86 17.65
C GLU A 104 15.49 -1.12 19.12
N ARG A 105 15.81 -2.39 19.41
CA ARG A 105 15.92 -2.88 20.77
C ARG A 105 17.35 -2.83 21.25
C1 NAG B . 5.60 -8.22 -5.36
C2 NAG B . 6.19 -9.10 -4.22
C3 NAG B . 7.58 -8.56 -3.78
C4 NAG B . 8.55 -8.37 -4.98
C5 NAG B . 7.87 -7.47 -6.05
C6 NAG B . 8.67 -7.29 -7.35
C7 NAG B . 4.45 -10.19 -2.82
C8 NAG B . 3.54 -10.05 -1.61
N2 NAG B . 5.27 -9.17 -3.05
O3 NAG B . 8.14 -9.46 -2.82
O4 NAG B . 9.82 -7.76 -4.57
O5 NAG B . 6.58 -8.05 -6.42
O6 NAG B . 7.81 -7.05 -8.46
O7 NAG B . 4.38 -11.21 -3.53
H1 NAG B . 5.33 -7.25 -4.94
H2 NAG B . 6.37 -10.12 -4.65
H3 NAG B . 7.45 -7.58 -3.28
H4 NAG B . 8.75 -9.37 -5.44
H5 NAG B . 7.69 -6.46 -5.63
H61 NAG B . 9.37 -6.44 -7.25
H62 NAG B . 9.31 -8.18 -7.55
H81 NAG B . 3.41 -11.02 -1.08
H82 NAG B . 3.94 -9.32 -0.88
H83 NAG B . 2.52 -9.70 -1.90
HN2 NAG B . 5.25 -8.37 -2.40
HO3 NAG B . 7.76 -10.32 -3.02
HO6 NAG B . 8.39 -6.82 -9.20
C1 NAG B . 11.04 -8.39 -5.08
C2 NAG B . 12.21 -7.38 -5.15
C3 NAG B . 13.52 -8.15 -5.52
C4 NAG B . 13.80 -9.34 -4.58
C5 NAG B . 12.54 -10.26 -4.51
C6 NAG B . 12.64 -11.40 -3.47
C7 NAG B . 11.73 -5.02 -5.78
C8 NAG B . 11.51 -4.04 -6.93
N2 NAG B . 11.93 -6.30 -6.14
O3 NAG B . 14.63 -7.26 -5.45
O4 NAG B . 14.94 -10.11 -5.08
O5 NAG B . 11.38 -9.46 -4.15
O6 NAG B . 12.71 -10.88 -2.15
O7 NAG B . 11.71 -4.62 -4.62
H1 NAG B . 10.86 -8.83 -6.08
H2 NAG B . 12.35 -6.95 -4.13
H3 NAG B . 13.45 -8.51 -6.57
H4 NAG B . 13.99 -8.94 -3.57
H5 NAG B . 12.36 -10.73 -5.50
H61 NAG B . 13.55 -12.00 -3.65
H62 NAG B . 11.78 -12.09 -3.56
H81 NAG B . 12.48 -3.71 -7.37
H82 NAG B . 10.90 -4.47 -7.74
H83 NAG B . 10.99 -3.12 -6.58
HN2 NAG B . 11.89 -6.55 -7.14
HO3 NAG B . 14.31 -6.48 -4.98
HO6 NAG B . 12.96 -11.61 -1.59
C1 BMA B . 16.10 -10.19 -4.20
C2 BMA B . 16.21 -11.61 -3.59
C3 BMA B . 17.51 -11.70 -2.73
C4 BMA B . 18.77 -11.29 -3.54
C5 BMA B . 18.56 -9.89 -4.21
C6 BMA B . 19.70 -9.52 -5.17
O2 BMA B . 16.23 -12.59 -4.62
O3 BMA B . 17.69 -13.04 -2.18
O4 BMA B . 19.90 -11.27 -2.69
O5 BMA B . 17.30 -9.87 -4.96
O6 BMA B . 19.43 -8.24 -5.78
H1 BMA B . 16.00 -9.47 -3.36
H2 BMA B . 15.34 -11.80 -2.94
H3 BMA B . 17.42 -10.97 -1.90
H4 BMA B . 18.94 -12.05 -4.34
H5 BMA B . 18.52 -9.12 -3.41
H61 BMA B . 19.82 -10.31 -5.93
H62 BMA B . 20.67 -9.47 -4.63
HO2 BMA B . 17.11 -12.57 -4.99
HO4 BMA B . 20.66 -11.45 -3.25
C1 MAN B . 19.94 -8.03 -7.11
C2 MAN B . 19.23 -6.79 -7.76
C3 MAN B . 17.75 -7.12 -8.11
C4 MAN B . 17.61 -8.43 -8.93
C5 MAN B . 18.36 -9.59 -8.21
C6 MAN B . 18.34 -10.93 -8.98
O2 MAN B . 19.94 -6.43 -8.93
O3 MAN B . 17.19 -6.02 -8.87
O4 MAN B . 16.23 -8.75 -9.08
O5 MAN B . 19.74 -9.21 -7.95
O6 MAN B . 18.49 -10.71 -10.39
H1 MAN B . 21.02 -7.81 -7.05
H2 MAN B . 19.26 -5.95 -7.05
H3 MAN B . 17.21 -7.26 -7.16
H4 MAN B . 18.04 -8.28 -9.94
H5 MAN B . 17.87 -9.79 -7.25
H61 MAN B . 17.42 -11.50 -8.76
H62 MAN B . 19.19 -11.55 -8.61
HO2 MAN B . 20.17 -7.24 -9.39
HO4 MAN B . 15.80 -8.40 -8.30
C1 MAN B . 17.56 -11.44 -11.24
C2 MAN B . 18.23 -11.74 -12.61
C3 MAN B . 18.36 -10.45 -13.45
C4 MAN B . 17.03 -9.65 -13.56
C5 MAN B . 16.43 -9.41 -12.15
C6 MAN B . 15.01 -8.78 -12.16
O2 MAN B . 17.43 -12.73 -13.30
O3 MAN B . 18.83 -10.76 -14.75
O4 MAN B . 17.29 -8.41 -14.20
O5 MAN B . 16.32 -10.68 -11.42
O6 MAN B . 14.27 -9.22 -13.29
H1 MAN B . 17.29 -12.42 -10.78
H2 MAN B . 19.24 -12.14 -12.40
H3 MAN B . 19.12 -9.80 -12.97
H4 MAN B . 16.32 -10.23 -14.17
H5 MAN B . 17.09 -8.74 -11.57
H61 MAN B . 15.10 -7.68 -12.19
H62 MAN B . 14.47 -9.02 -11.23
HO3 MAN B . 19.28 -9.97 -15.07
HO4 MAN B . 18.11 -8.09 -13.85
HO6 MAN B . 14.52 -8.64 -14.02
C1 MAN B . 17.69 -14.12 -13.00
C2 MAN B . 18.43 -14.81 -14.17
C3 MAN B . 17.46 -15.04 -15.37
C4 MAN B . 16.15 -15.74 -14.97
C5 MAN B . 15.48 -15.03 -13.76
C6 MAN B . 14.27 -15.77 -13.18
O2 MAN B . 18.95 -16.06 -13.73
O3 MAN B . 18.13 -15.78 -16.39
O4 MAN B . 15.27 -15.78 -16.08
O5 MAN B . 16.46 -14.85 -12.68
O6 MAN B . 13.06 -15.38 -13.80
H1 MAN B . 18.36 -14.18 -12.11
H2 MAN B . 19.27 -14.18 -14.50
H3 MAN B . 17.21 -14.04 -15.81
H4 MAN B . 16.39 -16.80 -14.68
H5 MAN B . 15.14 -14.03 -14.09
H61 MAN B . 14.19 -15.57 -12.09
H62 MAN B . 14.41 -16.87 -13.27
HO2 MAN B . 18.45 -16.30 -12.96
HO3 MAN B . 18.58 -15.13 -16.94
HO4 MAN B . 15.80 -15.53 -16.85
HO6 MAN B . 12.55 -16.18 -13.91
C1 MAN B . 15.98 -5.39 -8.35
C2 MAN B . 14.89 -5.33 -9.45
C3 MAN B . 15.24 -4.28 -10.52
C4 MAN B . 15.59 -2.89 -9.92
C5 MAN B . 16.67 -3.04 -8.81
C6 MAN B . 16.95 -1.73 -8.03
O2 MAN B . 13.64 -5.03 -8.84
O3 MAN B . 14.15 -4.15 -11.44
O4 MAN B . 16.05 -2.04 -10.96
O5 MAN B . 16.26 -4.05 -7.84
O6 MAN B . 17.44 -2.01 -6.73
H1 MAN B . 15.59 -6.01 -7.52
H2 MAN B . 14.81 -6.33 -9.93
H3 MAN B . 16.12 -4.64 -11.10
H4 MAN B . 14.67 -2.45 -9.48
H5 MAN B . 17.62 -3.37 -9.28
H61 MAN B . 16.01 -1.15 -7.94
H62 MAN B . 17.67 -1.09 -8.58
HO2 MAN B . 13.11 -5.83 -8.91
HO3 MAN B . 13.68 -3.36 -11.17
HO4 MAN B . 17.01 -2.13 -10.97
HO6 MAN B . 18.35 -2.29 -6.85
C1 MAN B . 17.11 -13.30 -0.87
C2 MAN B . 17.94 -14.40 -0.13
C3 MAN B . 17.70 -15.80 -0.76
C4 MAN B . 16.19 -16.13 -0.91
C5 MAN B . 15.45 -14.99 -1.66
C6 MAN B . 13.92 -15.17 -1.70
O2 MAN B . 17.53 -14.41 1.27
O3 MAN B . 18.34 -16.80 0.03
O4 MAN B . 16.06 -17.36 -1.62
O5 MAN B . 15.72 -13.72 -0.99
O6 MAN B . 13.49 -15.63 -2.98
H1 MAN B . 17.15 -12.40 -0.24
H2 MAN B . 19.01 -14.14 -0.24
H3 MAN B . 18.17 -15.81 -1.77
H4 MAN B . 15.75 -16.27 0.09
H5 MAN B . 15.81 -14.93 -2.70
H61 MAN B . 13.42 -14.20 -1.50
H62 MAN B . 13.57 -15.86 -0.92
HO3 MAN B . 19.26 -16.52 0.11
HO4 MAN B . 16.74 -17.94 -1.27
HO6 MAN B . 12.70 -16.16 -2.82
C1 MAN B . 18.18 -13.45 2.15
C2 MAN B . 18.70 -14.16 3.43
C3 MAN B . 17.54 -14.58 4.35
C4 MAN B . 16.57 -13.40 4.66
C5 MAN B . 16.09 -12.72 3.34
C6 MAN B . 15.30 -11.42 3.57
O2 MAN B . 19.59 -13.28 4.11
O3 MAN B . 18.06 -15.10 5.58
O4 MAN B . 15.45 -13.90 5.39
O5 MAN B . 17.26 -12.38 2.51
O6 MAN B . 15.42 -10.53 2.46
H1 MAN B . 19.06 -13.01 1.65
H2 MAN B . 19.28 -15.06 3.13
H3 MAN B . 16.96 -15.38 3.86
H4 MAN B . 17.10 -12.66 5.29
H5 MAN B . 15.46 -13.42 2.78
H61 MAN B . 15.66 -10.92 4.47
H62 MAN B . 14.22 -11.65 3.74
HO2 MAN B . 19.02 -12.65 4.58
HO3 MAN B . 17.33 -15.58 5.99
HO4 MAN B . 15.28 -14.77 5.04
HO6 MAN B . 14.63 -10.64 1.95
N LYS A 1 -9.84 -12.72 23.25
CA LYS A 1 -9.76 -11.30 22.93
C LYS A 1 -10.38 -11.01 21.58
N GLU A 2 -10.41 -9.74 21.21
CA GLU A 2 -10.86 -9.34 19.88
C GLU A 2 -9.80 -9.61 18.84
N ILE A 3 -10.20 -9.56 17.59
CA ILE A 3 -9.29 -9.79 16.48
C ILE A 3 -9.28 -8.63 15.52
N THR A 4 -8.15 -8.43 14.85
CA THR A 4 -8.04 -7.42 13.80
C THR A 4 -7.62 -8.07 12.49
N ASN A 5 -7.57 -7.25 11.46
CA ASN A 5 -7.13 -7.69 10.13
C ASN A 5 -6.09 -6.75 9.59
N ALA A 6 -5.16 -6.38 10.46
CA ALA A 6 -4.09 -5.44 10.13
C ALA A 6 -2.76 -6.14 10.03
N LEU A 7 -1.77 -5.39 9.58
CA LEU A 7 -0.44 -5.93 9.29
C LEU A 7 0.63 -5.17 10.06
N GLU A 8 1.17 -5.82 11.07
CA GLU A 8 2.30 -5.25 11.82
C GLU A 8 3.53 -5.17 10.97
N THR A 9 3.74 -4.02 10.36
CA THR A 9 4.96 -3.76 9.59
C THR A 9 6.02 -3.14 10.49
N TRP A 10 7.21 -3.00 9.95
CA TRP A 10 8.37 -2.53 10.69
C TRP A 10 9.44 -2.03 9.75
N GLY A 11 10.22 -1.05 10.18
CA GLY A 11 11.32 -0.53 9.36
C GLY A 11 12.34 0.21 10.18
N ALA A 12 13.56 -0.30 10.21
CA ALA A 12 14.67 0.40 10.85
C ALA A 12 14.94 1.71 10.14
N LEU A 13 15.34 2.72 10.90
CA LEU A 13 15.48 4.07 10.35
C LEU A 13 16.46 4.08 9.19
N GLY A 14 16.06 4.75 8.12
CA GLY A 14 16.89 4.87 6.93
C GLY A 14 16.83 3.62 6.09
N GLN A 15 15.71 2.92 6.10
CA GLN A 15 15.62 1.61 5.44
C GLN A 15 14.62 1.67 4.31
N ASP A 16 14.70 0.74 3.36
CA ASP A 16 13.70 0.64 2.31
C ASP A 16 12.93 -0.65 2.46
N ILE A 17 11.61 -0.54 2.41
CA ILE A 17 10.73 -1.66 2.74
C ILE A 17 9.59 -1.80 1.75
N ASN A 18 8.79 -2.83 1.98
CA ASN A 18 7.61 -3.11 1.15
C ASN A 18 6.33 -3.03 1.96
N LEU A 19 5.22 -3.24 1.26
CA LEU A 19 3.89 -3.33 1.85
C LEU A 19 3.15 -4.49 1.23
N ASP A 20 3.08 -5.61 1.92
CA ASP A 20 2.61 -6.86 1.34
C ASP A 20 1.14 -7.12 1.56
N ILE A 21 0.38 -7.03 0.48
CA ILE A 21 -1.02 -7.44 0.44
C ILE A 21 -1.12 -8.95 0.46
N PRO A 22 -2.24 -9.47 0.94
CA PRO A 22 -2.64 -10.94 0.97
C PRO A 22 -2.40 -11.68 -0.32
N SER A 23 -2.73 -12.97 -0.30
CA SER A 23 -2.48 -13.86 -1.43
C SER A 23 -3.62 -13.88 -2.41
N PHE A 24 -4.34 -12.78 -2.54
CA PHE A 24 -5.36 -12.59 -3.57
C PHE A 24 -4.95 -11.50 -4.52
N GLN A 25 -4.87 -11.81 -5.81
CA GLN A 25 -4.33 -10.87 -6.79
C GLN A 25 -5.08 -10.92 -8.10
N MET A 26 -4.73 -10.00 -8.98
CA MET A 26 -5.41 -9.82 -10.26
C MET A 26 -5.20 -11.01 -11.16
N SER A 27 -5.88 -10.99 -12.30
CA SER A 27 -5.72 -12.02 -13.32
C SER A 27 -6.56 -11.72 -14.54
N ASP A 28 -7.86 -11.65 -14.32
CA ASP A 28 -8.82 -11.40 -15.39
C ASP A 28 -8.83 -9.94 -15.77
N ASP A 29 -9.73 -9.16 -15.21
CA ASP A 29 -9.92 -7.76 -15.61
C ASP A 29 -9.74 -6.80 -14.46
N ILE A 30 -8.92 -7.18 -13.48
CA ILE A 30 -8.57 -6.25 -12.40
C ILE A 30 -7.63 -5.19 -12.90
N ASP A 31 -8.02 -3.93 -12.76
CA ASP A 31 -7.28 -2.82 -13.37
C ASP A 31 -6.80 -1.80 -12.35
N ASP A 32 -7.51 -1.60 -11.26
CA ASP A 32 -7.19 -0.52 -10.33
C ASP A 32 -6.44 -1.04 -9.12
N ILE A 33 -5.48 -0.26 -8.67
CA ILE A 33 -4.63 -0.63 -7.54
C ILE A 33 -4.20 0.59 -6.76
N LYS A 34 -4.81 0.80 -5.61
CA LYS A 34 -4.58 2.02 -4.84
C LYS A 34 -3.90 1.75 -3.52
N TRP A 35 -3.17 2.74 -3.04
CA TRP A 35 -2.53 2.75 -1.74
C TRP A 35 -2.57 4.16 -1.17
N GLU A 36 -3.09 4.33 0.03
CA GLU A 36 -3.33 5.67 0.57
C GLU A 36 -2.82 5.79 1.98
N LYS A 37 -2.76 7.00 2.51
CA LYS A 37 -2.45 7.20 3.93
C LYS A 37 -3.72 7.03 4.74
N THR A 38 -3.77 6.05 5.63
CA THR A 38 -5.02 5.71 6.30
C THR A 38 -5.64 6.92 6.96
N SER A 39 -4.81 7.68 7.65
CA SER A 39 -5.28 8.81 8.46
C SER A 39 -5.98 9.84 7.61
N ASP A 40 -5.20 10.73 7.01
CA ASP A 40 -5.77 11.87 6.27
C ASP A 40 -6.17 11.49 4.87
N LYS A 41 -6.27 10.21 4.55
CA LYS A 41 -6.79 9.73 3.27
C LYS A 41 -6.09 10.44 2.13
N LYS A 42 -4.79 10.21 2.04
CA LYS A 42 -3.94 10.92 1.09
C LYS A 42 -3.26 9.97 0.11
N LYS A 43 -3.80 9.93 -1.09
CA LYS A 43 -3.26 9.14 -2.20
C LYS A 43 -1.76 9.29 -2.30
N ILE A 44 -1.08 8.14 -2.39
CA ILE A 44 0.37 8.07 -2.45
C ILE A 44 0.80 7.23 -3.65
N ALA A 45 0.13 6.13 -3.84
CA ALA A 45 0.35 5.24 -4.98
C ALA A 45 -0.97 4.72 -5.50
N GLN A 46 -1.25 4.87 -6.80
CA GLN A 46 -2.57 4.51 -7.32
C GLN A 46 -2.57 4.27 -8.82
N PHE A 47 -3.43 3.36 -9.25
CA PHE A 47 -3.70 3.10 -10.65
C PHE A 47 -5.19 3.23 -10.94
N ARG A 48 -5.57 4.11 -11.84
CA ARG A 48 -6.99 4.36 -12.11
C ARG A 48 -7.18 4.95 -13.49
N LYS A 49 -7.82 4.19 -14.36
CA LYS A 49 -7.97 4.58 -15.76
C LYS A 49 -6.62 4.57 -16.45
N GLU A 50 -6.62 4.20 -17.71
CA GLU A 50 -5.39 4.17 -18.51
C GLU A 50 -5.16 5.48 -19.22
N LYS A 51 -5.56 6.59 -18.62
CA LYS A 51 -5.26 7.94 -19.13
C LYS A 51 -4.21 8.69 -18.31
N GLU A 52 -3.85 8.07 -17.19
CA GLU A 52 -2.93 8.68 -16.24
C GLU A 52 -2.64 7.73 -15.09
N THR A 53 -1.37 7.62 -14.73
CA THR A 53 -0.94 6.77 -13.63
C THR A 53 -0.34 7.58 -12.51
N PHE A 54 -0.32 7.02 -11.32
CA PHE A 54 0.29 7.69 -10.17
C PHE A 54 1.40 6.84 -9.57
N LYS A 55 2.62 7.15 -9.96
CA LYS A 55 3.81 6.52 -9.38
C LYS A 55 5.05 7.33 -9.68
N GLU A 56 5.01 8.59 -9.29
CA GLU A 56 6.07 9.54 -9.63
C GLU A 56 7.42 9.05 -9.18
N LYS A 57 7.46 8.31 -8.09
CA LYS A 57 8.72 7.88 -7.49
C LYS A 57 8.57 6.57 -6.76
N ASP A 58 9.68 5.86 -6.60
CA ASP A 58 9.68 4.62 -5.83
C ASP A 58 9.54 4.85 -4.34
N THR A 59 9.53 6.09 -3.90
CA THR A 59 9.28 6.38 -2.48
C THR A 59 7.92 5.89 -2.05
N TYR A 60 7.01 5.78 -3.01
CA TYR A 60 5.72 5.13 -2.77
C TYR A 60 5.21 4.49 -4.03
N LYS A 61 5.70 3.31 -4.34
CA LYS A 61 5.41 2.65 -5.61
C LYS A 61 4.46 1.48 -5.46
N LEU A 62 3.98 0.98 -6.60
CA LEU A 62 3.16 -0.23 -6.65
C LEU A 62 3.90 -1.35 -7.31
N PHE A 63 3.43 -2.58 -7.13
CA PHE A 63 3.98 -3.74 -7.84
C PHE A 63 2.90 -4.49 -8.57
N LYS A 64 3.29 -5.44 -9.41
CA LYS A 64 2.35 -6.26 -10.16
C LYS A 64 1.49 -7.10 -9.24
N ASN A 65 2.02 -7.46 -8.09
CA ASN A 65 1.34 -8.39 -7.18
C ASN A 65 0.58 -7.67 -6.09
N GLY A 66 0.39 -6.37 -6.19
CA GLY A 66 -0.39 -5.62 -5.21
C GLY A 66 0.44 -5.14 -4.04
N THR A 67 1.74 -5.29 -4.08
CA THR A 67 2.61 -4.79 -3.01
C THR A 67 3.01 -3.36 -3.25
N LEU A 68 3.23 -2.59 -2.20
CA LEU A 68 3.80 -1.25 -2.31
C LEU A 68 5.20 -1.22 -1.78
N LYS A 69 6.02 -0.35 -2.36
CA LYS A 69 7.37 -0.12 -1.87
C LYS A 69 7.52 1.29 -1.34
N ILE A 70 8.12 1.44 -0.18
CA ILE A 70 8.43 2.77 0.35
C ILE A 70 9.92 2.91 0.57
N LYS A 71 10.57 3.69 -0.27
CA LYS A 71 12.01 3.88 -0.19
C LYS A 71 12.33 4.95 0.84
N HIS A 72 13.41 4.76 1.56
CA HIS A 72 13.75 5.63 2.69
C HIS A 72 12.67 5.59 3.75
N LEU A 73 13.00 4.98 4.88
CA LEU A 73 12.04 4.68 5.92
C LEU A 73 12.55 5.00 7.31
N LYS A 74 12.69 6.28 7.60
CA LYS A 74 13.00 6.73 8.95
C LYS A 74 11.72 7.08 9.69
N THR A 75 11.88 7.66 10.86
CA THR A 75 10.74 8.18 11.61
C THR A 75 9.90 9.10 10.76
N ASP A 76 10.54 9.72 9.78
CA ASP A 76 9.86 10.65 8.87
C ASP A 76 9.01 9.91 7.86
N ASP A 77 9.50 8.82 7.32
CA ASP A 77 8.75 8.04 6.34
C ASP A 77 7.91 6.96 7.00
N GLN A 78 7.70 7.02 8.29
CA GLN A 78 6.80 6.10 8.98
C GLN A 78 5.38 6.63 8.97
N ASP A 79 4.46 5.82 8.50
CA ASP A 79 3.06 6.22 8.36
C ASP A 79 2.16 5.01 8.33
N ILE A 80 0.89 5.23 8.60
CA ILE A 80 -0.12 4.18 8.46
C ILE A 80 -0.64 4.13 7.05
N TYR A 81 -1.01 2.95 6.59
CA TYR A 81 -1.34 2.71 5.18
C TYR A 81 -2.52 1.78 5.06
N LYS A 82 -3.20 1.86 3.93
CA LYS A 82 -4.29 0.93 3.61
C LYS A 82 -4.34 0.69 2.12
N VAL A 83 -4.44 -0.57 1.74
CA VAL A 83 -4.37 -0.96 0.33
C VAL A 83 -5.74 -1.31 -0.19
N SER A 84 -6.18 -0.57 -1.20
CA SER A 84 -7.46 -0.79 -1.85
C SER A 84 -7.28 -0.98 -3.32
N ILE A 85 -7.51 -2.20 -3.78
CA ILE A 85 -7.21 -2.57 -5.17
C ILE A 85 -8.46 -3.03 -5.87
N TYR A 86 -8.90 -2.36 -6.92
CA TYR A 86 -10.22 -2.59 -7.51
C TYR A 86 -10.15 -3.14 -8.91
N ASP A 87 -11.29 -3.58 -9.41
CA ASP A 87 -11.43 -4.03 -10.80
C ASP A 87 -11.91 -2.90 -11.68
N THR A 88 -12.18 -3.21 -12.93
CA THR A 88 -12.54 -2.20 -13.92
C THR A 88 -13.76 -1.41 -13.51
N LYS A 89 -14.63 -1.97 -12.71
CA LYS A 89 -15.91 -1.33 -12.38
C LYS A 89 -15.86 -0.60 -11.05
N GLY A 90 -14.69 -0.09 -10.69
CA GLY A 90 -14.57 0.74 -9.49
C GLY A 90 -14.88 -0.02 -8.22
N LYS A 91 -14.97 -1.34 -8.31
CA LYS A 91 -15.41 -2.15 -7.18
C LYS A 91 -14.24 -2.59 -6.33
N ASN A 92 -14.30 -2.32 -5.03
CA ASN A 92 -13.30 -2.81 -4.10
C ASN A 92 -13.36 -4.32 -3.98
N VAL A 93 -12.56 -4.99 -4.80
CA VAL A 93 -12.52 -6.46 -4.82
C VAL A 93 -11.71 -7.03 -3.67
N LEU A 94 -10.75 -6.24 -3.21
CA LEU A 94 -9.95 -6.60 -2.05
C LEU A 94 -9.46 -5.35 -1.33
N GLU A 95 -9.24 -5.49 -0.04
CA GLU A 95 -8.90 -4.36 0.82
C GLU A 95 -8.14 -4.83 2.03
N LYS A 96 -7.39 -3.95 2.67
CA LYS A 96 -6.59 -4.31 3.84
C LYS A 96 -6.10 -3.08 4.57
N ILE A 97 -5.72 -3.27 5.82
CA ILE A 97 -5.27 -2.18 6.68
C ILE A 97 -3.86 -2.42 7.15
N PHE A 98 -3.04 -1.39 7.09
CA PHE A 98 -1.61 -1.51 7.36
C PHE A 98 -1.10 -0.39 8.24
N ASP A 99 0.04 -0.58 8.87
CA ASP A 99 0.62 0.42 9.75
C ASP A 99 2.13 0.41 9.71
N LEU A 100 2.71 1.14 8.77
CA LEU A 100 4.15 1.14 8.55
C LEU A 100 4.88 1.63 9.78
N LYS A 101 5.55 0.73 10.49
CA LYS A 101 6.17 1.08 11.76
C LYS A 101 7.68 1.21 11.63
N ILE A 102 8.29 1.69 12.70
CA ILE A 102 9.74 1.73 12.86
C ILE A 102 10.14 1.11 14.17
N GLN A 103 11.34 0.55 14.23
CA GLN A 103 11.77 -0.22 15.39
C GLN A 103 13.23 0.03 15.70
N GLU A 104 13.57 -0.02 16.97
CA GLU A 104 14.92 0.28 17.43
C GLU A 104 15.26 -0.58 18.64
N ARG A 105 15.06 -1.88 18.45
CA ARG A 105 15.40 -2.90 19.43
C ARG A 105 16.55 -3.75 18.96
C1 NAG B . 5.89 -8.82 -5.02
C2 NAG B . 6.42 -9.74 -3.89
C3 NAG B . 7.80 -9.22 -3.37
C4 NAG B . 8.82 -9.01 -4.53
C5 NAG B . 8.19 -8.09 -5.61
C6 NAG B . 9.05 -7.89 -6.88
C7 NAG B . 4.90 -10.96 -2.34
C8 NAG B . 3.92 -10.83 -1.18
N2 NAG B . 5.45 -9.82 -2.77
O3 NAG B . 8.30 -10.15 -2.42
O4 NAG B . 10.08 -8.44 -4.06
O5 NAG B . 6.91 -8.64 -6.05
O6 NAG B . 9.95 -6.80 -6.71
O7 NAG B . 5.15 -12.07 -2.82
H1 NAG B . 5.63 -7.84 -4.59
H2 NAG B . 6.61 -10.73 -4.34
H3 NAG B . 7.66 -8.24 -2.86
H4 NAG B . 9.02 -10.00 -5.01
H5 NAG B . 8.02 -7.09 -5.17
H61 NAG B . 9.65 -8.81 -7.06
H62 NAG B . 8.43 -7.74 -7.77
H81 NAG B . 4.43 -10.90 -0.21
H82 NAG B . 3.37 -9.87 -1.21
H83 NAG B . 3.16 -11.64 -1.21
HN2 NAG B . 5.17 -8.94 -2.30
HO3 NAG B . 7.53 -10.56 -2.02
HO6 NAG B . 10.04 -6.41 -7.59
C1 NAG B . 11.28 -8.95 -4.72
C2 NAG B . 12.49 -7.98 -4.55
C3 NAG B . 13.78 -8.67 -5.09
C4 NAG B . 14.02 -10.08 -4.47
C5 NAG B . 12.74 -10.95 -4.65
C6 NAG B . 12.80 -12.32 -3.93
C7 NAG B . 12.84 -6.13 -6.27
C8 NAG B . 12.37 -4.74 -6.70
N2 NAG B . 12.20 -6.68 -5.23
O3 NAG B . 14.92 -7.87 -4.80
O4 NAG B . 15.16 -10.71 -5.13
O5 NAG B . 11.60 -10.23 -4.10
O6 NAG B . 12.08 -12.28 -2.71
O7 NAG B . 13.78 -6.67 -6.87
H1 NAG B . 11.07 -9.12 -5.80
H2 NAG B . 12.64 -7.82 -3.46
H3 NAG B . 13.70 -8.79 -6.19
H4 NAG B . 14.19 -9.95 -3.39
H5 NAG B . 12.56 -11.14 -5.73
H61 NAG B . 13.84 -12.58 -3.72
H62 NAG B . 12.39 -13.12 -4.58
H81 NAG B . 12.65 -3.97 -5.95
H82 NAG B . 12.81 -4.44 -7.67
H83 NAG B . 11.28 -4.71 -6.81
HN2 NAG B . 11.39 -6.14 -4.84
HO3 NAG B . 14.78 -7.56 -3.90
HO6 NAG B . 11.25 -12.71 -2.87
C1 BMA B . 16.25 -11.13 -4.26
C2 BMA B . 16.59 -12.62 -4.51
C3 BMA B . 17.82 -13.05 -3.65
C4 BMA B . 19.03 -12.08 -3.87
C5 BMA B . 18.59 -10.60 -3.66
C6 BMA B . 19.70 -9.59 -3.99
O2 BMA B . 16.84 -12.85 -5.90
O3 BMA B . 18.23 -14.41 -3.95
O4 BMA B . 20.06 -12.42 -2.96
O5 BMA B . 17.42 -10.30 -4.50
O6 BMA B . 19.13 -8.34 -4.41
H1 BMA B . 15.95 -11.04 -3.20
H2 BMA B . 15.72 -13.24 -4.22
H3 BMA B . 17.53 -12.96 -2.58
H4 BMA B . 19.41 -12.21 -4.90
H5 BMA B . 18.30 -10.46 -2.59
H61 BMA B . 20.36 -10.01 -4.78
H62 BMA B . 20.35 -9.42 -3.11
HO2 BMA B . 17.56 -13.48 -5.94
HO4 BMA B . 20.65 -11.66 -2.94
C1 MAN B . 19.75 -7.15 -3.83
C2 MAN B . 18.87 -5.90 -4.09
C3 MAN B . 18.94 -5.45 -5.58
C4 MAN B . 20.39 -5.33 -6.11
C5 MAN B . 21.19 -6.64 -5.80
C6 MAN B . 22.66 -6.61 -6.21
O2 MAN B . 19.33 -4.84 -3.24
O3 MAN B . 18.28 -4.16 -5.72
O4 MAN B . 20.36 -5.10 -7.52
O5 MAN B . 21.09 -6.95 -4.37
O6 MAN B . 23.51 -6.55 -5.04
H1 MAN B . 19.83 -7.31 -2.73
H2 MAN B . 17.83 -6.12 -3.82
H3 MAN B . 18.41 -6.23 -6.17
H4 MAN B . 20.89 -4.49 -5.62
H5 MAN B . 20.72 -7.48 -6.36
H61 MAN B . 22.87 -5.76 -6.88
H62 MAN B . 22.89 -7.53 -6.79
HO2 MAN B . 19.64 -5.27 -2.44
HO4 MAN B . 19.56 -4.60 -7.68
C1 MAN B . 24.94 -6.43 -5.27
C2 MAN B . 25.68 -7.54 -4.47
C3 MAN B . 25.61 -7.24 -2.94
C4 MAN B . 26.03 -5.79 -2.58
C5 MAN B . 25.27 -4.74 -3.46
C6 MAN B . 25.77 -3.30 -3.30
O2 MAN B . 27.06 -7.62 -4.91
O3 MAN B . 26.42 -8.17 -2.23
O4 MAN B . 25.76 -5.56 -1.20
O5 MAN B . 25.40 -5.11 -4.87
O6 MAN B . 24.71 -2.37 -3.41
H1 MAN B . 25.17 -6.59 -6.34
H2 MAN B . 25.15 -8.49 -4.67
H3 MAN B . 24.56 -7.38 -2.61
H4 MAN B . 27.12 -5.67 -2.75
H5 MAN B . 24.19 -4.77 -3.19
H61 MAN B . 26.52 -3.08 -4.08
H62 MAN B . 26.30 -3.17 -2.33
HO3 MAN B . 25.82 -8.78 -1.82
HO4 MAN B . 26.27 -4.78 -0.96
HO6 MAN B . 25.01 -1.56 -3.00
C1 MAN B . 27.71 -6.55 -5.66
C2 MAN B . 28.90 -7.12 -6.47
C3 MAN B . 30.09 -7.49 -5.55
C4 MAN B . 30.48 -6.34 -4.60
C5 MAN B . 29.25 -5.80 -3.83
C6 MAN B . 29.52 -4.52 -3.00
O2 MAN B . 29.30 -6.15 -7.43
O3 MAN B . 31.20 -7.88 -6.33
O4 MAN B . 31.47 -6.80 -3.68
O5 MAN B . 28.17 -5.48 -4.77
O6 MAN B . 29.98 -3.46 -3.82
H1 MAN B . 26.98 -6.13 -6.37
H2 MAN B . 28.56 -8.02 -7.02
H3 MAN B . 29.78 -8.37 -4.93
H4 MAN B . 30.93 -5.52 -5.20
H5 MAN B . 28.89 -6.58 -3.14
H61 MAN B . 30.28 -4.74 -2.23
H62 MAN B . 28.61 -4.20 -2.46
HO2 MAN B . 30.00 -6.55 -7.95
HO3 MAN B . 31.51 -8.72 -5.96
HO4 MAN B . 31.14 -6.61 -2.81
HO6 MAN B . 30.68 -3.02 -3.33
C1 MAN B . 16.86 -4.12 -6.02
C2 MAN B . 16.63 -4.32 -7.54
C3 MAN B . 17.10 -3.07 -8.33
C4 MAN B . 16.50 -1.75 -7.77
C5 MAN B . 16.72 -1.65 -6.24
C6 MAN B . 15.97 -0.46 -5.59
O2 MAN B . 15.25 -4.55 -7.77
O3 MAN B . 16.76 -3.21 -9.71
O4 MAN B . 17.12 -0.65 -8.44
O5 MAN B . 16.26 -2.87 -5.58
O6 MAN B . 16.80 0.21 -4.63
H1 MAN B . 16.36 -4.96 -5.49
H2 MAN B . 17.19 -5.21 -7.88
H3 MAN B . 18.20 -3.01 -8.26
H4 MAN B . 15.42 -1.73 -7.99
H5 MAN B . 17.80 -1.53 -6.03
H61 MAN B . 15.07 -0.83 -5.08
H62 MAN B . 15.64 0.26 -6.35
HO2 MAN B . 14.97 -3.93 -8.44
HO3 MAN B . 17.03 -4.11 -9.95
HO4 MAN B . 17.22 -0.92 -9.36
HO6 MAN B . 17.57 -0.36 -4.51
C1 MAN B . 17.58 -15.49 -3.22
C2 MAN B . 18.53 -16.71 -3.12
C3 MAN B . 18.65 -17.43 -4.49
C4 MAN B . 17.28 -17.75 -5.14
C5 MAN B . 16.40 -16.46 -5.20
C6 MAN B . 14.96 -16.71 -5.67
O2 MAN B . 17.98 -17.64 -2.13
O3 MAN B . 19.39 -18.64 -4.33
O4 MAN B . 17.49 -18.26 -6.45
O5 MAN B . 16.32 -15.86 -3.87
O6 MAN B . 14.01 -16.10 -4.80
H1 MAN B . 17.35 -15.17 -2.19
H2 MAN B . 19.52 -16.35 -2.81
H3 MAN B . 19.23 -16.77 -5.17
H4 MAN B . 16.76 -18.52 -4.53
H5 MAN B . 16.86 -15.73 -5.89
H61 MAN B . 14.75 -17.80 -5.69
H62 MAN B . 14.81 -16.35 -6.71
HO3 MAN B . 19.17 -19.19 -5.09
HO4 MAN B . 17.38 -19.21 -6.38
HO6 MAN B . 14.02 -15.16 -5.04
C1 MAN B . 18.37 -17.43 -0.75
C2 MAN B . 18.40 -18.78 0.01
C3 MAN B . 16.96 -19.31 0.26
C4 MAN B . 16.03 -18.26 0.91
C5 MAN B . 16.07 -16.93 0.11
C6 MAN B . 15.32 -15.77 0.81
O2 MAN B . 19.07 -18.59 1.25
O3 MAN B . 17.03 -20.48 1.08
O4 MAN B . 14.72 -18.78 0.98
O5 MAN B . 17.45 -16.50 -0.09
O6 MAN B . 14.94 -14.76 -0.11
H1 MAN B . 19.39 -17.00 -0.70
H2 MAN B . 18.97 -19.52 -0.58
H3 MAN B . 16.52 -19.61 -0.71
H4 MAN B . 16.39 -18.07 1.95
H5 MAN B . 15.60 -17.09 -0.88
H61 MAN B . 15.98 -15.31 1.58
H62 MAN B . 14.43 -16.14 1.35
HO2 MAN B . 19.74 -17.91 1.10
HO3 MAN B . 16.37 -21.08 0.72
HO4 MAN B . 14.13 -18.07 0.71
HO6 MAN B . 14.59 -14.04 0.41
N LYS A 1 -14.33 -10.29 23.29
CA LYS A 1 -13.16 -10.21 22.44
C LYS A 1 -13.30 -9.10 21.41
N GLU A 2 -12.17 -8.57 20.98
CA GLU A 2 -12.15 -7.56 19.92
C GLU A 2 -11.54 -8.12 18.66
N ILE A 3 -11.96 -7.59 17.52
CA ILE A 3 -11.53 -8.10 16.22
C ILE A 3 -10.58 -7.14 15.55
N THR A 4 -9.66 -7.68 14.78
CA THR A 4 -8.64 -6.88 14.10
C THR A 4 -8.53 -7.26 12.65
N ASN A 5 -8.10 -6.31 11.83
CA ASN A 5 -8.04 -6.50 10.39
C ASN A 5 -6.93 -5.69 9.78
N ALA A 6 -5.75 -5.79 10.37
CA ALA A 6 -4.61 -4.97 9.96
C ALA A 6 -3.37 -5.81 9.80
N LEU A 7 -2.33 -5.21 9.24
CA LEU A 7 -1.09 -5.92 8.96
C LEU A 7 0.10 -5.21 9.58
N GLU A 8 0.69 -5.87 10.56
CA GLU A 8 1.87 -5.34 11.25
C GLU A 8 3.03 -5.19 10.29
N THR A 9 3.28 -3.97 9.87
CA THR A 9 4.37 -3.67 8.94
C THR A 9 5.51 -2.98 9.65
N TRP A 10 6.68 -3.57 9.58
CA TRP A 10 7.84 -3.12 10.36
C TRP A 10 8.99 -2.69 9.47
N GLY A 11 9.86 -1.86 10.02
CA GLY A 11 11.08 -1.47 9.32
C GLY A 11 12.13 -0.93 10.27
N ALA A 12 13.20 -0.38 9.73
CA ALA A 12 14.24 0.29 10.50
C ALA A 12 14.64 1.59 9.83
N LEU A 13 15.11 2.55 10.59
CA LEU A 13 15.37 3.90 10.06
C LEU A 13 16.40 3.90 8.95
N GLY A 14 16.09 4.63 7.90
CA GLY A 14 16.99 4.80 6.76
C GLY A 14 16.89 3.59 5.86
N GLN A 15 15.71 2.99 5.85
CA GLN A 15 15.51 1.71 5.19
C GLN A 15 14.21 1.66 4.42
N ASP A 16 14.24 0.94 3.31
CA ASP A 16 13.11 0.86 2.40
C ASP A 16 12.30 -0.39 2.66
N ILE A 17 10.99 -0.25 2.69
CA ILE A 17 10.08 -1.32 3.08
C ILE A 17 9.00 -1.53 2.06
N ASN A 18 8.42 -2.72 2.06
CA ASN A 18 7.28 -3.03 1.21
C ASN A 18 6.02 -3.21 2.02
N LEU A 19 4.90 -2.82 1.43
CA LEU A 19 3.57 -3.05 1.98
C LEU A 19 2.94 -4.24 1.29
N ASP A 20 3.03 -5.40 1.90
CA ASP A 20 2.68 -6.66 1.27
C ASP A 20 1.26 -7.08 1.61
N ILE A 21 0.45 -7.17 0.57
CA ILE A 21 -0.94 -7.62 0.66
C ILE A 21 -1.05 -9.10 0.93
N PRO A 22 -2.15 -9.50 1.55
CA PRO A 22 -2.58 -10.93 1.85
C PRO A 22 -2.40 -11.95 0.73
N SER A 23 -2.90 -13.16 1.00
CA SER A 23 -2.73 -14.29 0.10
C SER A 23 -3.82 -14.37 -0.95
N PHE A 24 -4.37 -13.24 -1.33
CA PHE A 24 -5.30 -13.14 -2.45
C PHE A 24 -4.71 -12.29 -3.54
N GLN A 25 -4.60 -12.84 -4.75
CA GLN A 25 -3.89 -12.15 -5.83
C GLN A 25 -4.67 -12.23 -7.14
N MET A 26 -4.59 -11.16 -7.90
CA MET A 26 -5.30 -11.05 -9.18
C MET A 26 -4.49 -11.66 -10.30
N SER A 27 -5.13 -11.87 -11.43
CA SER A 27 -4.47 -12.40 -12.62
C SER A 27 -4.68 -11.48 -13.80
N ASP A 28 -5.40 -11.90 -14.82
CA ASP A 28 -5.67 -11.06 -15.98
C ASP A 28 -6.94 -10.26 -15.82
N ASP A 29 -7.37 -10.03 -14.59
CA ASP A 29 -8.66 -9.37 -14.34
C ASP A 29 -8.45 -7.95 -13.82
N ILE A 30 -8.12 -7.87 -12.54
CA ILE A 30 -7.98 -6.61 -11.84
C ILE A 30 -7.14 -5.61 -12.60
N ASP A 31 -7.51 -4.35 -12.52
CA ASP A 31 -6.88 -3.30 -13.31
C ASP A 31 -6.34 -2.18 -12.45
N ASP A 32 -6.97 -1.89 -11.32
CA ASP A 32 -6.63 -0.72 -10.51
C ASP A 32 -5.99 -1.13 -9.20
N ILE A 33 -5.02 -0.36 -8.77
CA ILE A 33 -4.22 -0.66 -7.59
C ILE A 33 -3.95 0.57 -6.77
N LYS A 34 -4.64 0.74 -5.66
CA LYS A 34 -4.57 1.97 -4.88
C LYS A 34 -3.88 1.77 -3.54
N TRP A 35 -3.30 2.85 -3.04
CA TRP A 35 -2.66 2.89 -1.73
C TRP A 35 -2.65 4.31 -1.20
N GLU A 36 -3.06 4.51 0.03
CA GLU A 36 -3.10 5.84 0.65
C GLU A 36 -2.32 5.86 1.93
N LYS A 37 -2.10 7.03 2.52
CA LYS A 37 -1.43 7.11 3.82
C LYS A 37 -2.46 7.44 4.88
N THR A 38 -3.12 6.41 5.38
CA THR A 38 -4.31 6.52 6.22
C THR A 38 -4.25 7.67 7.21
N SER A 39 -3.10 7.96 7.78
CA SER A 39 -2.95 9.11 8.68
C SER A 39 -3.52 10.37 8.05
N ASP A 40 -2.88 10.86 7.01
CA ASP A 40 -3.26 12.14 6.41
C ASP A 40 -4.24 11.99 5.27
N LYS A 41 -4.71 10.80 4.97
CA LYS A 41 -5.62 10.58 3.83
C LYS A 41 -5.01 11.12 2.57
N LYS A 42 -3.88 10.57 2.17
CA LYS A 42 -3.11 11.11 1.05
C LYS A 42 -2.72 10.07 0.01
N LYS A 43 -3.16 10.31 -1.22
CA LYS A 43 -2.77 9.51 -2.38
C LYS A 43 -1.30 9.20 -2.37
N ILE A 44 -0.99 8.00 -1.89
CA ILE A 44 0.37 7.48 -1.85
C ILE A 44 0.76 6.88 -3.19
N ALA A 45 -0.18 6.17 -3.78
CA ALA A 45 0.05 5.38 -4.99
C ALA A 45 -1.26 4.86 -5.55
N GLN A 46 -1.48 4.97 -6.84
CA GLN A 46 -2.78 4.60 -7.41
C GLN A 46 -2.70 4.33 -8.89
N PHE A 47 -3.45 3.33 -9.33
CA PHE A 47 -3.62 3.01 -10.74
C PHE A 47 -5.08 2.97 -11.12
N ARG A 48 -5.51 3.89 -11.97
CA ARG A 48 -6.92 4.00 -12.33
C ARG A 48 -7.08 4.53 -13.74
N LYS A 49 -7.36 3.63 -14.66
CA LYS A 49 -7.48 3.99 -16.07
C LYS A 49 -6.14 4.39 -16.64
N GLU A 50 -5.93 4.10 -17.91
CA GLU A 50 -4.71 4.47 -18.61
C GLU A 50 -4.83 5.84 -19.26
N LYS A 51 -5.56 6.75 -18.64
CA LYS A 51 -5.63 8.15 -19.09
C LYS A 51 -5.00 9.15 -18.13
N GLU A 52 -4.62 8.62 -16.97
CA GLU A 52 -3.96 9.39 -15.92
C GLU A 52 -3.84 8.57 -14.66
N THR A 53 -2.63 8.50 -14.11
CA THR A 53 -2.37 7.70 -12.92
C THR A 53 -1.31 8.34 -12.05
N PHE A 54 -1.09 7.75 -10.89
CA PHE A 54 -0.13 8.28 -9.93
C PHE A 54 0.93 7.26 -9.58
N LYS A 55 2.14 7.50 -10.04
CA LYS A 55 3.27 6.61 -9.76
C LYS A 55 4.58 7.28 -10.11
N GLU A 56 4.70 8.54 -9.79
CA GLU A 56 5.85 9.34 -10.22
C GLU A 56 6.99 9.28 -9.23
N LYS A 57 7.08 8.23 -8.43
CA LYS A 57 8.23 8.04 -7.55
C LYS A 57 8.25 6.65 -6.95
N ASP A 58 9.43 6.16 -6.65
CA ASP A 58 9.58 4.88 -5.96
C ASP A 58 9.50 5.00 -4.45
N THR A 59 9.63 6.20 -3.93
CA THR A 59 9.45 6.42 -2.49
C THR A 59 8.14 5.81 -2.03
N TYR A 60 7.22 5.60 -2.96
CA TYR A 60 5.98 4.86 -2.69
C TYR A 60 5.52 4.15 -3.93
N LYS A 61 6.03 2.97 -4.18
CA LYS A 61 5.81 2.27 -5.46
C LYS A 61 4.63 1.33 -5.43
N LEU A 62 4.26 0.87 -6.61
CA LEU A 62 3.14 -0.05 -6.80
C LEU A 62 3.61 -1.32 -7.48
N PHE A 63 3.04 -2.45 -7.12
CA PHE A 63 3.31 -3.71 -7.81
C PHE A 63 2.01 -4.36 -8.26
N LYS A 64 2.09 -5.17 -9.30
CA LYS A 64 0.91 -5.87 -9.80
C LYS A 64 0.43 -6.93 -8.84
N ASN A 65 1.23 -7.29 -7.86
CA ASN A 65 0.79 -8.24 -6.82
C ASN A 65 0.29 -7.53 -5.59
N GLY A 66 -0.20 -6.32 -5.72
CA GLY A 66 -0.84 -5.61 -4.62
C GLY A 66 0.15 -5.03 -3.64
N THR A 67 1.43 -5.09 -3.91
CA THR A 67 2.45 -4.62 -2.97
C THR A 67 2.73 -3.15 -3.15
N LEU A 68 3.32 -2.49 -2.17
CA LEU A 68 3.75 -1.10 -2.34
C LEU A 68 5.11 -0.85 -1.72
N LYS A 69 6.08 -0.53 -2.57
CA LYS A 69 7.47 -0.43 -2.15
C LYS A 69 7.85 1.00 -1.86
N ILE A 70 7.94 1.39 -0.60
CA ILE A 70 8.11 2.79 -0.23
C ILE A 70 9.50 3.03 0.31
N LYS A 71 10.26 3.83 -0.44
CA LYS A 71 11.69 4.02 -0.17
C LYS A 71 11.95 4.93 1.03
N HIS A 72 13.06 4.64 1.70
CA HIS A 72 13.54 5.48 2.79
C HIS A 72 12.55 5.57 3.92
N LEU A 73 12.84 4.89 5.03
CA LEU A 73 11.88 4.82 6.14
C LEU A 73 12.47 4.79 7.55
N LYS A 74 12.44 5.93 8.19
CA LYS A 74 12.67 6.15 9.61
C LYS A 74 11.37 6.56 10.29
N THR A 75 11.49 6.95 11.54
CA THR A 75 10.37 7.51 12.29
C THR A 75 9.61 8.57 11.48
N ASP A 76 10.34 9.24 10.62
CA ASP A 76 9.80 10.35 9.84
C ASP A 76 9.14 9.86 8.58
N ASP A 77 9.68 8.79 8.00
CA ASP A 77 9.06 8.15 6.85
C ASP A 77 8.27 6.93 7.26
N GLN A 78 7.84 6.85 8.50
CA GLN A 78 6.94 5.78 8.95
C GLN A 78 5.53 6.31 9.11
N ASP A 79 4.58 5.66 8.46
CA ASP A 79 3.20 6.14 8.42
C ASP A 79 2.22 5.00 8.40
N ILE A 80 0.95 5.34 8.53
CA ILE A 80 -0.14 4.38 8.38
C ILE A 80 -0.62 4.34 6.94
N TYR A 81 -1.07 3.19 6.51
CA TYR A 81 -1.40 2.95 5.11
C TYR A 81 -2.61 2.05 4.98
N LYS A 82 -3.21 2.05 3.80
CA LYS A 82 -4.28 1.13 3.49
C LYS A 82 -4.37 0.88 2.00
N VAL A 83 -4.70 -0.34 1.63
CA VAL A 83 -4.67 -0.76 0.22
C VAL A 83 -6.06 -1.08 -0.28
N SER A 84 -6.45 -0.41 -1.35
CA SER A 84 -7.70 -0.67 -2.04
C SER A 84 -7.46 -0.93 -3.51
N ILE A 85 -7.52 -2.19 -3.89
CA ILE A 85 -7.17 -2.60 -5.24
C ILE A 85 -8.39 -3.09 -5.98
N TYR A 86 -8.76 -2.40 -7.04
CA TYR A 86 -10.04 -2.56 -7.74
C TYR A 86 -9.88 -3.25 -9.08
N ASP A 87 -11.00 -3.73 -9.60
CA ASP A 87 -11.04 -4.37 -10.90
C ASP A 87 -11.47 -3.40 -11.97
N THR A 88 -11.66 -3.92 -13.18
CA THR A 88 -11.94 -3.11 -14.36
C THR A 88 -13.26 -2.39 -14.23
N LYS A 89 -14.21 -2.97 -13.52
CA LYS A 89 -15.56 -2.41 -13.47
C LYS A 89 -15.69 -1.31 -12.43
N GLY A 90 -14.60 -0.85 -11.85
CA GLY A 90 -14.67 0.16 -10.79
C GLY A 90 -15.14 -0.40 -9.48
N LYS A 91 -15.07 -1.71 -9.30
CA LYS A 91 -15.49 -2.34 -8.05
C LYS A 91 -14.35 -2.45 -7.07
N ASN A 92 -14.66 -2.43 -5.79
CA ASN A 92 -13.66 -2.68 -4.75
C ASN A 92 -13.56 -4.15 -4.45
N VAL A 93 -12.64 -4.82 -5.12
CA VAL A 93 -12.50 -6.27 -5.04
C VAL A 93 -11.77 -6.74 -3.79
N LEU A 94 -11.00 -5.85 -3.19
CA LEU A 94 -10.27 -6.16 -1.98
C LEU A 94 -9.82 -4.91 -1.27
N GLU A 95 -9.81 -4.97 0.05
CA GLU A 95 -9.44 -3.83 0.89
C GLU A 95 -8.76 -4.30 2.16
N LYS A 96 -7.76 -3.55 2.59
CA LYS A 96 -6.94 -3.95 3.73
C LYS A 96 -6.35 -2.74 4.42
N ILE A 97 -5.94 -2.92 5.66
CA ILE A 97 -5.41 -1.84 6.47
C ILE A 97 -4.02 -2.15 6.96
N PHE A 98 -3.14 -1.16 6.90
CA PHE A 98 -1.73 -1.34 7.22
C PHE A 98 -1.25 -0.27 8.18
N ASP A 99 -0.05 -0.45 8.69
CA ASP A 99 0.60 0.56 9.52
C ASP A 99 2.10 0.36 9.56
N LEU A 100 2.83 1.14 8.78
CA LEU A 100 4.29 1.11 8.85
C LEU A 100 4.76 1.36 10.25
N LYS A 101 5.86 0.74 10.64
CA LYS A 101 6.46 0.94 11.95
C LYS A 101 7.96 1.07 11.88
N ILE A 102 8.55 1.57 12.94
CA ILE A 102 9.99 1.58 13.12
C ILE A 102 10.37 0.71 14.30
N GLN A 103 11.50 0.04 14.19
CA GLN A 103 11.90 -0.97 15.16
C GLN A 103 13.36 -0.85 15.52
N GLU A 104 13.68 -1.12 16.77
CA GLU A 104 15.03 -0.92 17.29
C GLU A 104 15.13 -1.42 18.71
N ARG A 105 15.55 -2.66 18.85
CA ARG A 105 15.80 -3.28 20.15
C ARG A 105 17.12 -2.81 20.71
C1 NAG B . 5.54 -8.69 -5.12
C2 NAG B . 6.17 -9.64 -4.08
C3 NAG B . 7.56 -9.08 -3.63
C4 NAG B . 8.49 -8.78 -4.84
C5 NAG B . 7.75 -7.86 -5.87
C6 NAG B . 8.52 -7.63 -7.18
C7 NAG B . 4.80 -11.03 -2.55
C8 NAG B . 3.93 -11.04 -1.29
N2 NAG B . 5.28 -9.84 -2.90
O3 NAG B . 8.18 -10.01 -2.75
O4 NAG B . 9.74 -8.13 -4.41
O5 NAG B . 6.47 -8.45 -6.21
O6 NAG B . 9.03 -8.87 -7.69
O7 NAG B . 5.01 -12.08 -3.16
H1 NAG B . 5.29 -7.75 -4.63
H2 NAG B . 6.39 -10.60 -4.60
H3 NAG B . 7.40 -8.13 -3.07
H4 NAG B . 8.72 -9.74 -5.35
H5 NAG B . 7.58 -6.87 -5.41
H61 NAG B . 7.85 -7.20 -7.94
H62 NAG B . 9.34 -6.91 -7.05
H81 NAG B . 2.87 -10.82 -1.54
H82 NAG B . 3.96 -12.01 -0.77
H83 NAG B . 4.26 -10.26 -0.57
HN2 NAG B . 5.03 -9.02 -2.34
HO3 NAG B . 8.65 -9.50 -2.10
HO6 NAG B . 8.29 -9.30 -8.13
C1 NAG B . 10.97 -8.64 -5.01
C2 NAG B . 12.13 -7.61 -4.93
C3 NAG B . 13.45 -8.27 -5.43
C4 NAG B . 13.76 -9.61 -4.69
C5 NAG B . 12.52 -10.56 -4.75
C6 NAG B . 12.65 -11.82 -3.88
C7 NAG B . 11.68 -6.40 -7.07
C8 NAG B . 11.33 -5.06 -7.72
N2 NAG B . 11.81 -6.39 -5.74
O3 NAG B . 14.53 -7.38 -5.22
O4 NAG B . 14.91 -10.25 -5.31
O5 NAG B . 11.34 -9.84 -4.27
O6 NAG B . 11.71 -12.80 -4.27
O7 NAG B . 11.80 -7.40 -7.77
H1 NAG B . 10.77 -8.93 -6.07
H2 NAG B . 12.26 -7.35 -3.87
H3 NAG B . 13.38 -8.48 -6.51
H4 NAG B . 13.96 -9.35 -3.63
H5 NAG B . 12.34 -10.87 -5.79
H61 NAG B . 12.47 -11.57 -2.81
H62 NAG B . 13.68 -12.24 -3.93
H81 NAG B . 10.50 -5.16 -8.43
H82 NAG B . 11.04 -4.30 -6.96
H83 NAG B . 12.19 -4.65 -8.27
HN2 NAG B . 11.69 -5.49 -5.24
HO3 NAG B . 15.22 -7.65 -5.83
HO6 NAG B . 11.33 -13.15 -3.46
C1 BMA B . 16.10 -10.39 -4.50
C2 BMA B . 16.43 -11.89 -4.28
C3 BMA B . 17.78 -12.02 -3.50
C4 BMA B . 18.92 -11.23 -4.18
C5 BMA B . 18.50 -9.76 -4.47
C6 BMA B . 19.53 -8.99 -5.32
O2 BMA B . 16.53 -12.58 -5.53
O3 BMA B . 18.17 -13.41 -3.35
O4 BMA B . 20.07 -11.25 -3.34
O5 BMA B . 17.22 -9.73 -5.17
O6 BMA B . 18.89 -7.85 -5.94
H1 BMA B . 15.95 -9.94 -3.51
H2 BMA B . 15.63 -12.36 -3.69
H3 BMA B . 17.63 -11.57 -2.50
H4 BMA B . 19.18 -11.73 -5.14
H5 BMA B . 18.38 -9.22 -3.50
H61 BMA B . 19.97 -9.67 -6.07
H62 BMA B . 20.38 -8.64 -4.70
HO2 BMA B . 17.34 -12.27 -5.94
HO4 BMA B . 20.11 -10.38 -2.93
C1 MAN B . 19.73 -7.02 -6.79
C2 MAN B . 18.92 -5.78 -7.26
C3 MAN B . 17.83 -6.17 -8.28
C4 MAN B . 18.38 -7.04 -9.45
C5 MAN B . 19.19 -8.24 -8.89
C6 MAN B . 19.86 -9.12 -9.96
O2 MAN B . 19.83 -4.84 -7.84
O3 MAN B . 17.21 -4.97 -8.82
O4 MAN B . 17.29 -7.49 -10.24
O5 MAN B . 20.21 -7.77 -7.95
O6 MAN B . 19.48 -8.69 -11.28
H1 MAN B . 20.60 -6.68 -6.21
H2 MAN B . 18.46 -5.30 -6.38
H3 MAN B . 17.08 -6.78 -7.73
H4 MAN B . 19.04 -6.42 -10.07
H5 MAN B . 18.51 -8.90 -8.33
H61 MAN B . 19.61 -10.19 -9.80
H62 MAN B . 20.96 -9.05 -9.84
HO2 MAN B . 20.60 -5.35 -8.11
HO4 MAN B . 16.83 -6.71 -10.54
C1 MAN B . 19.89 -9.53 -12.39
C2 MAN B . 21.20 -8.97 -13.00
C3 MAN B . 20.93 -7.63 -13.75
C4 MAN B . 19.75 -7.73 -14.75
C5 MAN B . 18.49 -8.33 -14.06
C6 MAN B . 17.33 -8.63 -15.02
O2 MAN B . 21.74 -9.97 -13.91
O3 MAN B . 22.11 -7.22 -14.42
O4 MAN B . 19.47 -6.43 -15.25
O5 MAN B . 18.83 -9.59 -13.40
O6 MAN B . 16.08 -8.26 -14.46
H1 MAN B . 20.09 -10.57 -12.04
H2 MAN B . 21.91 -8.78 -12.17
H3 MAN B . 20.69 -6.87 -12.99
H4 MAN B . 20.05 -8.39 -15.59
H5 MAN B . 18.12 -7.62 -13.29
H61 MAN B . 17.30 -9.71 -15.26
H62 MAN B . 17.47 -8.10 -15.99
HO3 MAN B . 22.69 -6.87 -13.75
HO4 MAN B . 19.77 -5.81 -14.57
HO6 MAN B . 15.64 -7.71 -15.12
C1 MAN B . 22.42 -11.12 -13.33
C2 MAN B . 23.92 -11.11 -13.73
C3 MAN B . 24.09 -11.47 -15.23
C4 MAN B . 23.36 -12.77 -15.62
C5 MAN B . 21.87 -12.73 -15.16
C6 MAN B . 21.12 -14.05 -15.35
O2 MAN B . 24.62 -12.05 -12.91
O3 MAN B . 25.48 -11.58 -15.54
O4 MAN B . 23.44 -12.95 -17.03
O5 MAN B . 21.80 -12.37 -13.75
O6 MAN B . 20.11 -14.22 -14.35
H1 MAN B . 22.36 -11.04 -12.23
H2 MAN B . 24.34 -10.11 -13.53
H3 MAN B . 23.69 -10.63 -15.83
H4 MAN B . 23.86 -13.63 -15.14
H5 MAN B . 21.34 -11.96 -15.74
H61 MAN B . 21.82 -14.91 -15.27
H62 MAN B . 20.66 -14.12 -16.35
HO2 MAN B . 25.54 -12.00 -13.19
HO3 MAN B . 25.56 -12.33 -16.13
HO4 MAN B . 22.63 -13.39 -17.29
HO6 MAN B . 19.53 -14.91 -14.68
C1 MAN B . 16.40 -4.17 -7.92
C2 MAN B . 15.37 -3.35 -8.72
C3 MAN B . 16.05 -2.19 -9.49
C4 MAN B . 16.97 -1.33 -8.58
C5 MAN B . 17.97 -2.23 -7.80
C6 MAN B . 18.79 -1.48 -6.74
O2 MAN B . 14.39 -2.83 -7.82
O3 MAN B . 15.06 -1.35 -10.10
O4 MAN B . 17.68 -0.39 -9.39
O5 MAN B . 17.24 -3.29 -7.10
O6 MAN B . 17.99 -0.52 -6.05
H1 MAN B . 15.84 -4.85 -7.25
H2 MAN B . 14.85 -4.01 -9.45
H3 MAN B . 16.66 -2.62 -10.30
H4 MAN B . 16.34 -0.76 -7.87
H5 MAN B . 18.68 -2.71 -8.50
H61 MAN B . 19.63 -0.94 -7.22
H62 MAN B . 19.24 -2.18 -6.01
HO2 MAN B . 13.85 -2.22 -8.34
HO3 MAN B . 14.85 -1.78 -10.93
HO4 MAN B . 17.90 -0.87 -10.20
HO6 MAN B . 18.56 0.24 -5.90
C1 MAN B . 17.45 -14.20 -2.36
C2 MAN B . 18.31 -15.39 -1.87
C3 MAN B . 18.43 -16.48 -2.98
C4 MAN B . 17.05 -16.89 -3.56
C5 MAN B . 16.24 -15.64 -4.00
C6 MAN B . 14.79 -15.96 -4.41
O2 MAN B . 17.69 -15.97 -0.70
O3 MAN B . 19.11 -17.62 -2.47
O4 MAN B . 17.26 -17.77 -4.67
O5 MAN B . 16.18 -14.68 -2.90
O6 MAN B . 14.72 -16.45 -5.74
H1 MAN B . 17.22 -13.57 -1.47
H2 MAN B . 19.33 -15.00 -1.64
H3 MAN B . 19.05 -16.06 -3.81
H4 MAN B . 16.50 -17.44 -2.78
H5 MAN B . 16.74 -15.16 -4.86
H61 MAN B . 14.17 -15.05 -4.34
H62 MAN B . 14.33 -16.69 -3.72
HO3 MAN B . 19.60 -17.31 -1.70
HO4 MAN B . 17.08 -17.25 -5.46
HO6 MAN B . 14.86 -15.69 -6.31
C1 MAN B . 18.22 -15.57 0.61
C2 MAN B . 18.17 -16.77 1.60
C3 MAN B . 16.71 -17.05 2.02
C4 MAN B . 15.97 -15.79 2.54
C5 MAN B . 16.09 -14.63 1.50
C6 MAN B . 15.56 -13.28 2.03
O2 MAN B . 18.96 -16.46 2.74
O3 MAN B . 16.69 -18.06 3.04
O4 MAN B . 14.60 -16.11 2.78
O5 MAN B . 17.49 -14.43 1.14
O6 MAN B . 14.19 -13.10 1.69
H1 MAN B . 19.28 -15.29 0.50
H2 MAN B . 18.58 -17.66 1.12
H3 MAN B . 16.15 -17.45 1.15
H4 MAN B . 16.42 -15.47 3.50
H5 MAN B . 15.52 -14.90 0.59
H61 MAN B . 16.14 -12.45 1.60
H62 MAN B . 15.68 -13.20 3.12
HO2 MAN B . 18.34 -16.34 3.46
HO3 MAN B . 16.07 -18.73 2.74
HO4 MAN B . 14.12 -15.78 2.02
HO6 MAN B . 14.02 -13.66 0.93
N LYS A 1 -16.97 -13.05 8.74
CA LYS A 1 -15.98 -11.98 8.63
C LYS A 1 -15.51 -11.52 9.98
N GLU A 2 -14.24 -11.69 10.24
CA GLU A 2 -13.64 -11.26 11.51
C GLU A 2 -13.43 -9.77 11.52
N ILE A 3 -13.07 -9.23 12.68
CA ILE A 3 -12.79 -7.82 12.83
C ILE A 3 -11.30 -7.56 12.83
N THR A 4 -10.81 -6.93 11.78
CA THR A 4 -9.41 -6.54 11.68
C THR A 4 -9.27 -5.29 10.83
N ASN A 5 -8.26 -4.49 11.11
CA ASN A 5 -8.05 -3.24 10.38
C ASN A 5 -6.61 -2.77 10.50
N ALA A 6 -5.67 -3.63 10.17
CA ALA A 6 -4.27 -3.26 10.10
C ALA A 6 -3.39 -4.42 9.70
N LEU A 7 -2.11 -4.11 9.53
CA LEU A 7 -1.10 -5.12 9.19
C LEU A 7 0.19 -4.84 9.94
N GLU A 8 0.62 -5.78 10.75
CA GLU A 8 1.81 -5.60 11.57
C GLU A 8 3.04 -5.44 10.72
N THR A 9 3.36 -4.21 10.38
CA THR A 9 4.46 -3.91 9.46
C THR A 9 5.56 -3.17 10.17
N TRP A 10 6.79 -3.56 9.91
CA TRP A 10 7.95 -3.04 10.65
C TRP A 10 9.12 -2.82 9.74
N GLY A 11 10.05 -1.98 10.17
CA GLY A 11 11.31 -1.77 9.46
C GLY A 11 12.36 -1.17 10.36
N ALA A 12 13.58 -1.13 9.88
CA ALA A 12 14.68 -0.45 10.58
C ALA A 12 14.92 0.92 9.97
N LEU A 13 15.54 1.82 10.71
CA LEU A 13 15.68 3.21 10.25
C LEU A 13 16.63 3.29 9.08
N GLY A 14 16.18 4.00 8.05
CA GLY A 14 16.93 4.13 6.80
C GLY A 14 16.79 2.90 5.95
N GLN A 15 15.63 2.27 5.96
CA GLN A 15 15.46 0.97 5.31
C GLN A 15 14.26 0.99 4.39
N ASP A 16 14.29 0.18 3.35
CA ASP A 16 13.16 0.05 2.44
C ASP A 16 12.37 -1.20 2.74
N ILE A 17 11.05 -1.05 2.76
CA ILE A 17 10.15 -2.12 3.17
C ILE A 17 8.92 -2.15 2.30
N ASN A 18 8.25 -3.29 2.26
CA ASN A 18 7.13 -3.49 1.35
C ASN A 18 5.80 -3.53 2.08
N LEU A 19 4.73 -3.53 1.30
CA LEU A 19 3.37 -3.65 1.80
C LEU A 19 2.65 -4.78 1.09
N ASP A 20 2.27 -5.79 1.85
CA ASP A 20 1.70 -7.03 1.31
C ASP A 20 0.31 -7.24 1.88
N ILE A 21 -0.68 -7.18 1.01
CA ILE A 21 -2.07 -7.12 1.45
C ILE A 21 -2.77 -8.47 1.47
N PRO A 22 -3.16 -8.99 0.33
CA PRO A 22 -4.02 -10.25 0.14
C PRO A 22 -3.29 -11.57 0.07
N SER A 23 -4.02 -12.64 0.35
CA SER A 23 -3.56 -14.00 0.15
C SER A 23 -3.99 -14.51 -1.22
N PHE A 24 -4.23 -13.60 -2.14
CA PHE A 24 -4.80 -13.91 -3.45
C PHE A 24 -3.82 -13.60 -4.55
N GLN A 25 -3.96 -14.26 -5.69
CA GLN A 25 -3.11 -14.00 -6.85
C GLN A 25 -3.95 -13.63 -8.05
N MET A 26 -4.17 -12.34 -8.22
CA MET A 26 -5.07 -11.83 -9.26
C MET A 26 -4.60 -12.24 -10.64
N SER A 27 -5.43 -11.96 -11.63
CA SER A 27 -5.12 -12.32 -13.01
C SER A 27 -5.69 -11.29 -13.96
N ASP A 28 -6.51 -11.68 -14.92
CA ASP A 28 -6.96 -10.78 -15.98
C ASP A 28 -8.24 -10.06 -15.61
N ASP A 29 -8.48 -9.74 -14.35
CA ASP A 29 -9.77 -9.20 -13.93
C ASP A 29 -9.68 -7.79 -13.39
N ILE A 30 -8.61 -7.53 -12.65
CA ILE A 30 -8.45 -6.27 -11.94
C ILE A 30 -7.78 -5.24 -12.81
N ASP A 31 -8.24 -4.00 -12.70
CA ASP A 31 -7.81 -2.93 -13.58
C ASP A 31 -7.16 -1.79 -12.81
N ASP A 32 -7.60 -1.56 -11.58
CA ASP A 32 -7.15 -0.39 -10.82
C ASP A 32 -6.59 -0.79 -9.48
N ILE A 33 -5.73 0.05 -8.95
CA ILE A 33 -5.15 -0.14 -7.62
C ILE A 33 -5.13 1.16 -6.85
N LYS A 34 -5.01 1.07 -5.54
CA LYS A 34 -4.84 2.26 -4.71
C LYS A 34 -4.17 1.96 -3.39
N TRP A 35 -3.40 2.93 -2.92
CA TRP A 35 -2.78 2.89 -1.59
C TRP A 35 -2.86 4.25 -0.95
N GLU A 36 -3.64 4.35 0.11
CA GLU A 36 -3.91 5.63 0.75
C GLU A 36 -2.97 5.87 1.91
N LYS A 37 -2.70 7.11 2.24
CA LYS A 37 -1.74 7.42 3.29
C LYS A 37 -2.46 7.70 4.59
N THR A 38 -2.75 6.66 5.37
CA THR A 38 -3.62 6.84 6.54
C THR A 38 -2.94 7.71 7.58
N SER A 39 -3.28 8.99 7.53
CA SER A 39 -2.71 10.01 8.41
C SER A 39 -3.29 11.37 8.07
N ASP A 40 -3.13 11.75 6.81
CA ASP A 40 -3.79 12.89 6.20
C ASP A 40 -4.90 12.42 5.28
N LYS A 41 -5.02 11.12 5.06
CA LYS A 41 -6.15 10.56 4.33
C LYS A 41 -6.20 11.09 2.91
N LYS A 42 -5.23 10.68 2.11
CA LYS A 42 -5.23 10.99 0.69
C LYS A 42 -4.18 10.21 -0.08
N LYS A 43 -4.47 10.03 -1.37
CA LYS A 43 -3.69 9.18 -2.27
C LYS A 43 -2.19 9.39 -2.12
N ILE A 44 -1.47 8.30 -2.33
CA ILE A 44 -0.01 8.30 -2.39
C ILE A 44 0.46 7.46 -3.56
N ALA A 45 -0.16 6.30 -3.72
CA ALA A 45 0.07 5.43 -4.87
C ALA A 45 -1.25 4.99 -5.46
N GLN A 46 -1.35 4.94 -6.78
CA GLN A 46 -2.61 4.58 -7.43
C GLN A 46 -2.43 4.25 -8.90
N PHE A 47 -3.30 3.37 -9.39
CA PHE A 47 -3.37 3.02 -10.81
C PHE A 47 -4.79 3.19 -11.32
N ARG A 48 -4.95 3.90 -12.42
CA ARG A 48 -6.27 4.20 -12.96
C ARG A 48 -6.25 4.28 -14.46
N LYS A 49 -6.73 3.23 -15.11
CA LYS A 49 -6.68 3.10 -16.56
C LYS A 49 -5.26 3.04 -17.04
N GLU A 50 -5.07 2.37 -18.18
CA GLU A 50 -3.75 2.24 -18.80
C GLU A 50 -3.45 3.40 -19.73
N LYS A 51 -3.86 4.60 -19.39
CA LYS A 51 -3.48 5.83 -20.12
C LYS A 51 -2.60 6.78 -19.32
N GLU A 52 -2.45 6.45 -18.05
CA GLU A 52 -1.73 7.28 -17.10
C GLU A 52 -1.60 6.58 -15.76
N THR A 53 -0.53 6.87 -15.05
CA THR A 53 -0.27 6.28 -13.74
C THR A 53 -0.05 7.35 -12.70
N PHE A 54 -0.20 7.01 -11.43
CA PHE A 54 0.08 7.94 -10.34
C PHE A 54 1.12 7.40 -9.39
N LYS A 55 2.38 7.66 -9.72
CA LYS A 55 3.49 7.36 -8.81
C LYS A 55 4.74 8.08 -9.27
N GLU A 56 5.11 9.11 -8.53
CA GLU A 56 6.21 9.99 -8.90
C GLU A 56 7.55 9.33 -8.71
N LYS A 57 7.63 8.46 -7.71
CA LYS A 57 8.88 7.79 -7.38
C LYS A 57 8.62 6.54 -6.58
N ASP A 58 9.63 5.68 -6.48
CA ASP A 58 9.45 4.38 -5.81
C ASP A 58 9.33 4.51 -4.31
N THR A 59 9.55 5.70 -3.76
CA THR A 59 9.34 5.92 -2.33
C THR A 59 7.94 5.51 -1.94
N TYR A 60 7.02 5.59 -2.89
CA TYR A 60 5.67 5.09 -2.68
C TYR A 60 5.07 4.57 -3.97
N LYS A 61 5.33 3.31 -4.28
CA LYS A 61 4.87 2.71 -5.54
C LYS A 61 4.15 1.40 -5.31
N LEU A 62 3.49 0.93 -6.35
CA LEU A 62 2.73 -0.33 -6.33
C LEU A 62 3.48 -1.41 -7.06
N PHE A 63 2.96 -2.64 -7.04
CA PHE A 63 3.54 -3.74 -7.82
C PHE A 63 2.47 -4.46 -8.61
N LYS A 64 2.88 -5.41 -9.43
CA LYS A 64 1.97 -6.22 -10.21
C LYS A 64 1.15 -7.15 -9.35
N ASN A 65 1.64 -7.48 -8.17
CA ASN A 65 0.99 -8.45 -7.30
C ASN A 65 0.21 -7.78 -6.18
N GLY A 66 -0.13 -6.51 -6.32
CA GLY A 66 -0.91 -5.81 -5.32
C GLY A 66 -0.08 -5.17 -4.24
N THR A 67 1.23 -5.41 -4.21
CA THR A 67 2.08 -4.93 -3.13
C THR A 67 2.51 -3.50 -3.36
N LEU A 68 2.80 -2.79 -2.28
CA LEU A 68 3.37 -1.45 -2.36
C LEU A 68 4.73 -1.41 -1.71
N LYS A 69 5.70 -0.82 -2.39
CA LYS A 69 7.03 -0.64 -1.84
C LYS A 69 7.22 0.77 -1.34
N ILE A 70 7.80 0.90 -0.16
CA ILE A 70 8.16 2.23 0.37
C ILE A 70 9.65 2.32 0.61
N LYS A 71 10.33 3.09 -0.23
CA LYS A 71 11.78 3.21 -0.15
C LYS A 71 12.18 4.28 0.84
N HIS A 72 13.27 4.03 1.55
CA HIS A 72 13.73 4.93 2.61
C HIS A 72 12.69 5.06 3.70
N LEU A 73 12.96 4.40 4.82
CA LEU A 73 12.00 4.29 5.91
C LEU A 73 12.66 4.44 7.27
N LYS A 74 12.87 5.68 7.68
CA LYS A 74 13.31 5.99 9.03
C LYS A 74 12.12 6.36 9.90
N THR A 75 12.37 6.98 11.04
CA THR A 75 11.28 7.41 11.93
C THR A 75 10.32 8.34 11.23
N ASP A 76 10.82 9.05 10.25
CA ASP A 76 10.05 10.07 9.54
C ASP A 76 9.27 9.45 8.39
N ASP A 77 9.90 8.55 7.65
CA ASP A 77 9.22 7.86 6.56
C ASP A 77 8.36 6.72 7.05
N GLN A 78 8.29 6.48 8.35
CA GLN A 78 7.36 5.48 8.90
C GLN A 78 5.99 6.09 9.08
N ASP A 79 4.99 5.40 8.57
CA ASP A 79 3.62 5.93 8.55
C ASP A 79 2.61 4.81 8.63
N ILE A 80 1.35 5.19 8.64
CA ILE A 80 0.24 4.25 8.54
C ILE A 80 -0.34 4.29 7.14
N TYR A 81 -0.79 3.15 6.64
CA TYR A 81 -1.20 3.01 5.25
C TYR A 81 -2.47 2.18 5.13
N LYS A 82 -2.98 2.12 3.91
CA LYS A 82 -4.11 1.26 3.58
C LYS A 82 -4.12 0.95 2.10
N VAL A 83 -4.66 -0.21 1.75
CA VAL A 83 -4.64 -0.68 0.38
C VAL A 83 -6.03 -0.98 -0.11
N SER A 84 -6.43 -0.29 -1.16
CA SER A 84 -7.71 -0.53 -1.82
C SER A 84 -7.52 -0.68 -3.32
N ILE A 85 -7.79 -1.88 -3.80
CA ILE A 85 -7.51 -2.21 -5.20
C ILE A 85 -8.77 -2.69 -5.88
N TYR A 86 -9.16 -2.11 -7.00
CA TYR A 86 -10.48 -2.35 -7.58
C TYR A 86 -10.40 -2.91 -8.98
N ASP A 87 -11.52 -3.46 -9.42
CA ASP A 87 -11.64 -4.06 -10.75
C ASP A 87 -12.04 -3.03 -11.78
N THR A 88 -12.30 -3.48 -12.99
CA THR A 88 -12.71 -2.62 -14.09
C THR A 88 -13.93 -1.80 -13.75
N LYS A 89 -14.78 -2.27 -12.86
CA LYS A 89 -16.06 -1.61 -12.59
C LYS A 89 -16.00 -0.68 -11.40
N GLY A 90 -14.83 -0.18 -11.06
CA GLY A 90 -14.69 0.76 -9.96
C GLY A 90 -15.04 0.14 -8.62
N LYS A 91 -15.17 -1.17 -8.57
CA LYS A 91 -15.63 -1.85 -7.36
C LYS A 91 -14.48 -2.24 -6.48
N ASN A 92 -14.45 -1.76 -5.25
CA ASN A 92 -13.44 -2.21 -4.28
C ASN A 92 -13.59 -3.68 -3.99
N VAL A 93 -12.88 -4.50 -4.76
CA VAL A 93 -13.02 -5.96 -4.70
C VAL A 93 -12.27 -6.57 -3.55
N LEU A 94 -11.27 -5.86 -3.07
CA LEU A 94 -10.42 -6.33 -1.99
C LEU A 94 -9.60 -5.20 -1.40
N GLU A 95 -9.45 -5.22 -0.09
CA GLU A 95 -8.82 -4.12 0.64
C GLU A 95 -8.15 -4.63 1.89
N LYS A 96 -7.48 -3.73 2.59
CA LYS A 96 -6.88 -4.01 3.89
C LYS A 96 -6.19 -2.79 4.45
N ILE A 97 -5.81 -2.83 5.72
CA ILE A 97 -5.24 -1.67 6.39
C ILE A 97 -3.86 -1.99 6.92
N PHE A 98 -3.02 -0.98 7.03
CA PHE A 98 -1.63 -1.17 7.42
C PHE A 98 -1.18 -0.15 8.44
N ASP A 99 -0.05 -0.41 9.07
CA ASP A 99 0.59 0.54 9.98
C ASP A 99 2.09 0.39 9.96
N LEU A 100 2.76 1.07 9.06
CA LEU A 100 4.22 0.95 8.93
C LEU A 100 4.91 1.44 10.18
N LYS A 101 5.82 0.65 10.71
CA LYS A 101 6.45 0.96 11.99
C LYS A 101 7.97 0.90 11.91
N ILE A 102 8.61 1.37 12.97
CA ILE A 102 10.03 1.23 13.17
C ILE A 102 10.30 0.52 14.47
N GLN A 103 11.40 -0.21 14.54
CA GLN A 103 11.67 -1.08 15.69
C GLN A 103 13.16 -1.12 15.99
N GLU A 104 13.48 -1.14 17.27
CA GLU A 104 14.86 -1.06 17.72
C GLU A 104 14.98 -1.51 19.16
N ARG A 105 15.14 -2.82 19.33
CA ARG A 105 15.24 -3.44 20.64
C ARG A 105 15.83 -4.82 20.55
C1 NAG B . 5.51 -8.79 -5.15
C2 NAG B . 6.24 -9.78 -4.20
C3 NAG B . 7.60 -9.17 -3.73
C4 NAG B . 8.48 -8.65 -4.90
C5 NAG B . 7.63 -7.68 -5.78
C6 NAG B . 8.33 -7.17 -7.05
C7 NAG B . 5.18 -11.34 -2.57
C8 NAG B . 4.29 -11.44 -1.33
N2 NAG B . 5.39 -10.08 -3.01
O3 NAG B . 8.31 -10.18 -3.01
O4 NAG B . 9.67 -7.94 -4.44
O5 NAG B . 6.41 -8.35 -6.22
O6 NAG B . 7.47 -7.23 -8.18
O7 NAG B . 5.65 -12.34 -3.10
H1 NAG B . 5.18 -7.92 -4.57
H2 NAG B . 6.47 -10.69 -4.78
H3 NAG B . 7.41 -8.32 -3.04
H4 NAG B . 8.77 -9.50 -5.55
H5 NAG B . 7.34 -6.79 -5.18
H61 NAG B . 8.65 -6.12 -6.92
H62 NAG B . 9.26 -7.74 -7.25
H81 NAG B . 4.86 -11.82 -0.47
H82 NAG B . 3.85 -10.47 -1.06
H83 NAG B . 3.45 -12.14 -1.50
HN2 NAG B . 4.94 -9.30 -2.52
HO3 NAG B . 8.19 -9.96 -2.08
HO6 NAG B . 8.04 -7.51 -8.92
C1 NAG B . 10.96 -8.41 -4.93
C2 NAG B . 11.84 -7.23 -5.44
C3 NAG B . 13.26 -7.77 -5.77
C4 NAG B . 13.92 -8.55 -4.60
C5 NAG B . 12.94 -9.63 -4.06
C6 NAG B . 13.40 -10.30 -2.74
C7 NAG B . 10.89 -5.30 -6.68
C8 NAG B . 10.34 -4.79 -8.01
N2 NAG B . 11.22 -6.59 -6.64
O3 NAG B . 14.11 -6.67 -6.11
O4 NAG B . 15.15 -9.18 -5.05
O5 NAG B . 11.64 -9.04 -3.81
O6 NAG B . 12.73 -11.53 -2.53
O7 NAG B . 11.01 -4.51 -5.73
H1 NAG B . 10.83 -9.15 -5.74
H2 NAG B . 11.94 -6.51 -4.61
H3 NAG B . 13.21 -8.44 -6.66
H4 NAG B . 14.10 -7.82 -3.79
H5 NAG B . 12.82 -10.44 -4.82
H61 NAG B . 14.49 -10.49 -2.78
H62 NAG B . 13.23 -9.62 -1.88
H81 NAG B . 10.79 -3.82 -8.30
H82 NAG B . 10.53 -5.51 -8.83
H83 NAG B . 9.24 -4.64 -7.96
HN2 NAG B . 11.06 -7.17 -7.48
HO3 NAG B . 14.05 -6.56 -7.06
HO6 NAG B . 13.29 -12.21 -2.92
C1 BMA B . 16.39 -8.48 -4.74
C2 BMA B . 17.30 -9.37 -3.86
C3 BMA B . 18.65 -8.63 -3.61
C4 BMA B . 19.33 -8.22 -4.95
C5 BMA B . 18.34 -7.41 -5.84
C6 BMA B . 18.90 -7.13 -7.25
O2 BMA B . 17.53 -10.63 -4.48
O3 BMA B . 19.57 -9.46 -2.83
O4 BMA B . 20.49 -7.44 -4.67
O5 BMA B . 17.08 -8.13 -5.98
O6 BMA B . 17.98 -6.29 -7.99
H1 BMA B . 16.16 -7.55 -4.18
H2 BMA B . 16.81 -9.54 -2.88
H3 BMA B . 18.43 -7.70 -3.06
H4 BMA B . 19.64 -9.14 -5.49
H5 BMA B . 18.14 -6.43 -5.35
H61 BMA B . 19.07 -8.10 -7.77
H62 BMA B . 19.88 -6.63 -7.19
HO2 BMA B . 18.45 -10.66 -4.70
HO4 BMA B . 21.13 -7.67 -5.36
C1 MAN B . 18.52 -5.72 -9.21
C2 MAN B . 17.65 -4.51 -9.65
C3 MAN B . 16.27 -4.97 -10.21
C4 MAN B . 16.42 -6.08 -11.28
C5 MAN B . 17.29 -7.24 -10.74
C6 MAN B . 17.55 -8.39 -11.72
O2 MAN B . 18.36 -3.77 -10.63
O3 MAN B . 15.59 -3.83 -10.79
O4 MAN B . 15.12 -6.56 -11.65
O5 MAN B . 18.58 -6.71 -10.28
O6 MAN B . 16.91 -8.12 -12.99
H1 MAN B . 19.55 -5.35 -9.01
H2 MAN B . 17.48 -3.85 -8.78
H3 MAN B . 15.70 -5.38 -9.37
H4 MAN B . 16.90 -5.66 -12.19
H5 MAN B . 16.79 -7.69 -9.86
H61 MAN B . 17.19 -9.35 -11.32
H62 MAN B . 18.64 -8.49 -11.87
HO2 MAN B . 19.00 -3.23 -10.15
HO4 MAN B . 14.86 -7.15 -10.94
C1 MAN B . 16.60 -9.28 -13.81
C2 MAN B . 16.25 -8.81 -15.25
C3 MAN B . 14.86 -8.13 -15.28
C4 MAN B . 13.75 -8.97 -14.59
C5 MAN B . 14.19 -9.41 -13.16
C6 MAN B . 13.23 -10.39 -12.48
O2 MAN B . 16.27 -9.98 -16.13
O3 MAN B . 14.48 -7.85 -16.62
O4 MAN B . 12.56 -8.20 -14.52
O5 MAN B . 15.51 -10.05 -13.23
O6 MAN B . 12.02 -9.75 -12.08
H1 MAN B . 17.49 -9.95 -13.89
H2 MAN B . 17.01 -8.07 -15.56
H3 MAN B . 14.94 -7.16 -14.74
H4 MAN B . 13.56 -9.87 -15.20
H5 MAN B . 14.28 -8.50 -12.52
H61 MAN B . 13.71 -10.82 -11.57
H62 MAN B . 13.00 -11.24 -13.14
HO3 MAN B . 15.20 -7.32 -16.99
HO4 MAN B . 11.83 -8.82 -14.55
HO6 MAN B . 12.06 -9.68 -11.13
C1 MAN B . 17.49 -10.22 -16.88
C2 MAN B . 17.15 -10.86 -18.25
C3 MAN B . 16.71 -12.34 -18.07
C4 MAN B . 17.72 -13.16 -17.22
C5 MAN B . 18.03 -12.44 -15.88
C6 MAN B . 19.16 -13.10 -15.06
O2 MAN B . 18.30 -10.79 -19.08
O3 MAN B . 16.54 -12.95 -19.35
O4 MAN B . 17.17 -14.45 -16.98
O5 MAN B . 18.43 -11.06 -16.14
O6 MAN B . 20.28 -12.22 -14.94
H1 MAN B . 17.98 -9.24 -17.08
H2 MAN B . 16.34 -10.28 -18.73
H3 MAN B . 15.73 -12.34 -17.56
H4 MAN B . 18.66 -13.29 -17.80
H5 MAN B . 17.11 -12.43 -15.25
H61 MAN B . 19.49 -14.03 -15.56
H62 MAN B . 18.80 -13.39 -14.06
HO2 MAN B . 19.06 -10.78 -18.49
HO3 MAN B . 15.87 -13.62 -19.23
HO4 MAN B . 16.57 -14.35 -16.24
HO6 MAN B . 21.05 -12.79 -14.96
C1 MAN B . 14.31 -3.46 -10.23
C2 MAN B . 13.16 -4.10 -11.04
C3 MAN B . 13.01 -3.42 -12.44
C4 MAN B . 12.92 -1.88 -12.35
C5 MAN B . 14.08 -1.30 -11.48
C6 MAN B . 13.95 0.20 -11.19
O2 MAN B . 11.95 -3.97 -10.31
O3 MAN B . 11.86 -3.94 -13.10
O4 MAN B . 12.95 -1.33 -13.67
O5 MAN B . 14.14 -1.99 -10.20
O6 MAN B . 12.74 0.49 -10.52
H1 MAN B . 14.24 -3.83 -9.19
H2 MAN B . 13.36 -5.18 -11.18
H3 MAN B . 13.91 -3.69 -13.04
H4 MAN B . 11.95 -1.61 -11.89
H5 MAN B . 15.04 -1.46 -12.02
H61 MAN B . 13.97 0.78 -12.14
H62 MAN B . 14.80 0.56 -10.59
HO2 MAN B . 11.81 -3.02 -10.19
HO3 MAN B . 11.97 -4.90 -13.11
HO4 MAN B . 13.58 -1.88 -14.15
HO6 MAN B . 12.88 1.31 -10.03
C1 MAN B . 19.55 -9.29 -1.38
C2 MAN B . 20.96 -9.57 -0.80
C3 MAN B . 21.29 -11.10 -0.84
C4 MAN B . 20.15 -11.98 -0.24
C5 MAN B . 18.77 -11.61 -0.88
C6 MAN B . 17.58 -12.31 -0.21
O2 MAN B . 21.00 -9.10 0.58
O3 MAN B . 22.50 -11.34 -0.14
O4 MAN B . 20.46 -13.34 -0.46
O5 MAN B . 18.55 -10.17 -0.78
O6 MAN B . 17.58 -13.71 -0.46
H1 MAN B . 19.29 -8.25 -1.13
H2 MAN B . 21.70 -9.04 -1.42
H3 MAN B . 21.43 -11.39 -1.90
H4 MAN B . 20.10 -11.79 0.86
H5 MAN B . 18.78 -11.89 -1.94
H61 MAN B . 16.63 -11.88 -0.59
H62 MAN B . 17.57 -12.12 0.89
HO3 MAN B . 22.38 -10.98 0.74
HO4 MAN B . 20.80 -13.68 0.37
HO6 MAN B . 16.68 -14.01 -0.29
C1 MAN B . 21.55 -7.77 0.78
C2 MAN B . 23.07 -7.84 1.07
C3 MAN B . 23.34 -8.39 2.50
C4 MAN B . 22.53 -7.64 3.59
C5 MAN B . 21.02 -7.59 3.22
C6 MAN B . 20.18 -6.70 4.15
O2 MAN B . 23.63 -6.54 0.95
O3 MAN B . 24.73 -8.32 2.79
O4 MAN B . 22.71 -8.30 4.84
O5 MAN B . 20.85 -7.07 1.86
O6 MAN B . 20.04 -5.38 3.63
H1 MAN B . 21.43 -7.18 -0.16
H2 MAN B . 23.56 -8.50 0.32
H3 MAN B . 23.04 -9.46 2.52
H4 MAN B . 22.92 -6.61 3.67
H5 MAN B . 20.60 -8.62 3.25
H61 MAN B . 20.65 -6.64 5.15
H62 MAN B . 19.17 -7.14 4.31
HO2 MAN B . 22.92 -5.93 1.14
HO3 MAN B . 24.80 -8.44 3.74
HO4 MAN B . 22.95 -7.62 5.46
HO6 MAN B . 20.92 -5.12 3.36
N LYS A 1 -7.65 -16.83 19.77
CA LYS A 1 -7.26 -16.24 18.50
C LYS A 1 -7.65 -14.78 18.44
N GLU A 2 -6.83 -13.99 17.76
CA GLU A 2 -7.09 -12.56 17.61
C GLU A 2 -7.57 -12.24 16.22
N ILE A 3 -8.61 -11.46 16.13
CA ILE A 3 -9.17 -11.04 14.84
C ILE A 3 -8.93 -9.56 14.60
N THR A 4 -7.93 -9.27 13.78
CA THR A 4 -7.65 -7.92 13.33
C THR A 4 -7.93 -7.77 11.85
N ASN A 5 -7.78 -6.55 11.37
CA ASN A 5 -7.91 -6.26 9.95
C ASN A 5 -6.80 -5.36 9.47
N ALA A 6 -5.58 -5.67 9.92
CA ALA A 6 -4.43 -4.82 9.63
C ALA A 6 -3.12 -5.57 9.72
N LEU A 7 -2.06 -4.88 9.31
CA LEU A 7 -0.72 -5.43 9.24
C LEU A 7 0.22 -4.68 10.16
N GLU A 8 0.66 -5.34 11.22
CA GLU A 8 1.66 -4.76 12.11
C GLU A 8 3.06 -4.92 11.53
N THR A 9 3.50 -3.90 10.82
CA THR A 9 4.75 -3.93 10.08
C THR A 9 5.83 -3.21 10.84
N TRP A 10 7.07 -3.63 10.70
CA TRP A 10 8.18 -3.10 11.49
C TRP A 10 9.42 -2.92 10.64
N GLY A 11 10.28 -1.98 11.00
CA GLY A 11 11.55 -1.80 10.31
C GLY A 11 12.56 -1.04 11.14
N ALA A 12 13.71 -0.77 10.55
CA ALA A 12 14.74 0.08 11.14
C ALA A 12 14.86 1.39 10.37
N LEU A 13 15.48 2.39 10.95
CA LEU A 13 15.49 3.72 10.34
C LEU A 13 16.47 3.81 9.19
N GLY A 14 16.01 4.44 8.11
CA GLY A 14 16.78 4.54 6.87
C GLY A 14 16.69 3.24 6.10
N GLN A 15 15.56 2.57 6.20
CA GLN A 15 15.45 1.22 5.64
C GLN A 15 14.15 1.05 4.90
N ASP A 16 14.25 0.56 3.68
CA ASP A 16 13.11 0.48 2.77
C ASP A 16 12.22 -0.69 3.12
N ILE A 17 10.92 -0.44 3.13
CA ILE A 17 9.96 -1.42 3.60
C ILE A 17 8.81 -1.60 2.64
N ASN A 18 8.33 -2.82 2.52
CA ASN A 18 7.31 -3.17 1.52
C ASN A 18 5.92 -3.15 2.12
N LEU A 19 4.95 -3.56 1.31
CA LEU A 19 3.54 -3.49 1.66
C LEU A 19 2.77 -4.58 0.96
N ASP A 20 2.83 -5.78 1.52
CA ASP A 20 2.19 -6.96 0.92
C ASP A 20 0.78 -7.10 1.43
N ILE A 21 -0.17 -6.70 0.59
CA ILE A 21 -1.56 -6.60 0.99
C ILE A 21 -2.26 -7.94 1.05
N PRO A 22 -2.70 -8.47 -0.07
CA PRO A 22 -3.56 -9.73 -0.20
C PRO A 22 -2.83 -11.04 -0.35
N SER A 23 -3.54 -12.13 -0.09
CA SER A 23 -3.08 -13.48 -0.38
C SER A 23 -3.56 -13.92 -1.75
N PHE A 24 -3.85 -12.97 -2.62
CA PHE A 24 -4.47 -13.23 -3.91
C PHE A 24 -3.44 -13.38 -5.01
N GLN A 25 -3.92 -13.70 -6.20
CA GLN A 25 -3.07 -13.74 -7.39
C GLN A 25 -3.80 -13.18 -8.59
N MET A 26 -3.81 -11.87 -8.70
CA MET A 26 -4.58 -11.17 -9.72
C MET A 26 -4.25 -11.69 -11.10
N SER A 27 -5.19 -11.51 -12.02
CA SER A 27 -5.03 -11.96 -13.40
C SER A 27 -5.61 -10.95 -14.36
N ASP A 28 -6.58 -11.32 -15.18
CA ASP A 28 -7.08 -10.42 -16.22
C ASP A 28 -8.21 -9.55 -15.72
N ASP A 29 -8.87 -9.94 -14.65
CA ASP A 29 -10.07 -9.23 -14.19
C ASP A 29 -9.76 -7.99 -13.38
N ILE A 30 -8.60 -7.99 -12.74
CA ILE A 30 -8.21 -6.90 -11.84
C ILE A 30 -7.51 -5.80 -12.60
N ASP A 31 -7.83 -4.55 -12.31
CA ASP A 31 -7.31 -3.42 -13.08
C ASP A 31 -6.79 -2.31 -12.21
N ASP A 32 -7.46 -1.97 -11.13
CA ASP A 32 -7.12 -0.78 -10.34
C ASP A 32 -6.47 -1.13 -9.03
N ILE A 33 -5.44 -0.38 -8.68
CA ILE A 33 -4.78 -0.46 -7.38
C ILE A 33 -4.86 0.86 -6.66
N LYS A 34 -4.72 0.86 -5.35
CA LYS A 34 -4.64 2.11 -4.59
C LYS A 34 -3.91 1.94 -3.27
N TRP A 35 -3.21 2.99 -2.89
CA TRP A 35 -2.53 3.08 -1.60
C TRP A 35 -2.54 4.51 -1.10
N GLU A 36 -3.02 4.74 0.10
CA GLU A 36 -3.20 6.10 0.61
C GLU A 36 -2.59 6.23 1.99
N LYS A 37 -2.41 7.46 2.44
CA LYS A 37 -1.98 7.70 3.82
C LYS A 37 -3.19 7.79 4.72
N THR A 38 -3.47 6.70 5.42
CA THR A 38 -4.70 6.51 6.18
C THR A 38 -5.22 7.78 6.82
N SER A 39 -4.35 8.47 7.54
CA SER A 39 -4.77 9.63 8.35
C SER A 39 -5.33 10.74 7.49
N ASP A 40 -4.45 11.44 6.79
CA ASP A 40 -4.83 12.64 6.06
C ASP A 40 -5.30 12.36 4.65
N LYS A 41 -5.69 11.14 4.33
CA LYS A 41 -6.30 10.81 3.03
C LYS A 41 -5.44 11.34 1.91
N LYS A 42 -4.22 10.80 1.83
CA LYS A 42 -3.22 11.30 0.90
C LYS A 42 -2.81 10.24 -0.09
N LYS A 43 -3.53 10.19 -1.20
CA LYS A 43 -3.21 9.33 -2.34
C LYS A 43 -1.73 9.41 -2.68
N ILE A 44 -1.00 8.39 -2.27
CA ILE A 44 0.43 8.29 -2.53
C ILE A 44 0.69 7.51 -3.80
N ALA A 45 -0.07 6.46 -3.99
CA ALA A 45 0.14 5.52 -5.09
C ALA A 45 -1.19 5.01 -5.62
N GLN A 46 -1.37 5.01 -6.93
CA GLN A 46 -2.63 4.57 -7.52
C GLN A 46 -2.47 4.14 -8.97
N PHE A 47 -3.33 3.23 -9.39
CA PHE A 47 -3.42 2.81 -10.79
C PHE A 47 -4.85 2.84 -11.25
N ARG A 48 -5.18 3.80 -12.10
CA ARG A 48 -6.56 3.98 -12.56
C ARG A 48 -6.62 4.08 -14.08
N LYS A 49 -7.00 3.00 -14.72
CA LYS A 49 -7.01 2.88 -16.17
C LYS A 49 -5.61 2.99 -16.72
N GLU A 50 -5.41 2.38 -17.88
CA GLU A 50 -4.12 2.44 -18.57
C GLU A 50 -4.00 3.66 -19.47
N LYS A 51 -4.47 4.80 -19.01
CA LYS A 51 -4.26 6.08 -19.71
C LYS A 51 -3.45 7.10 -18.92
N GLU A 52 -3.18 6.73 -17.68
CA GLU A 52 -2.47 7.58 -16.74
C GLU A 52 -2.36 6.93 -15.38
N THR A 53 -1.14 6.71 -14.94
CA THR A 53 -0.88 6.18 -13.60
C THR A 53 -0.30 7.23 -12.70
N PHE A 54 -0.13 6.90 -11.42
CA PHE A 54 0.39 7.84 -10.44
C PHE A 54 1.43 7.20 -9.55
N LYS A 55 2.69 7.43 -9.86
CA LYS A 55 3.81 7.00 -9.02
C LYS A 55 5.01 7.87 -9.27
N GLU A 56 4.91 9.12 -8.84
CA GLU A 56 5.91 10.14 -9.13
C GLU A 56 7.18 9.95 -8.30
N LYS A 57 7.23 8.99 -7.40
CA LYS A 57 8.44 8.74 -6.63
C LYS A 57 8.47 7.32 -6.11
N ASP A 58 9.66 6.75 -6.03
CA ASP A 58 9.85 5.42 -5.45
C ASP A 58 9.59 5.39 -3.96
N THR A 59 9.75 6.54 -3.32
CA THR A 59 9.48 6.66 -1.89
C THR A 59 8.13 6.09 -1.55
N TYR A 60 7.25 6.01 -2.53
CA TYR A 60 5.97 5.32 -2.35
C TYR A 60 5.52 4.69 -3.66
N LYS A 61 6.09 3.55 -4.00
CA LYS A 61 5.84 2.92 -5.29
C LYS A 61 4.93 1.72 -5.17
N LEU A 62 4.21 1.42 -6.23
CA LEU A 62 3.32 0.27 -6.30
C LEU A 62 4.03 -0.93 -6.89
N PHE A 63 3.29 -2.02 -7.05
CA PHE A 63 3.80 -3.20 -7.75
C PHE A 63 2.70 -3.87 -8.54
N LYS A 64 3.08 -4.79 -9.41
CA LYS A 64 2.13 -5.46 -10.28
C LYS A 64 1.21 -6.37 -9.51
N ASN A 65 1.72 -6.93 -8.42
CA ASN A 65 0.95 -7.86 -7.59
C ASN A 65 0.17 -7.17 -6.51
N GLY A 66 0.06 -5.85 -6.55
CA GLY A 66 -0.73 -5.12 -5.57
C GLY A 66 0.08 -4.64 -4.39
N THR A 67 1.38 -4.81 -4.38
CA THR A 67 2.22 -4.43 -3.24
C THR A 67 2.70 -3.00 -3.36
N LEU A 68 3.06 -2.39 -2.25
CA LEU A 68 3.68 -1.08 -2.25
C LEU A 68 4.99 -1.11 -1.48
N LYS A 69 5.91 -0.24 -1.83
CA LYS A 69 7.18 -0.13 -1.10
C LYS A 69 7.50 1.31 -0.77
N ILE A 70 8.32 1.51 0.23
CA ILE A 70 8.66 2.86 0.69
C ILE A 70 10.14 2.99 0.92
N LYS A 71 10.81 3.81 0.13
CA LYS A 71 12.27 3.91 0.17
C LYS A 71 12.74 4.88 1.23
N HIS A 72 13.77 4.49 1.96
CA HIS A 72 14.34 5.33 3.01
C HIS A 72 13.30 5.62 4.06
N LEU A 73 13.35 4.84 5.13
CA LEU A 73 12.29 4.79 6.13
C LEU A 73 12.76 4.91 7.58
N LYS A 74 12.97 6.10 8.08
CA LYS A 74 13.15 6.35 9.51
C LYS A 74 11.82 6.60 10.18
N THR A 75 11.87 6.91 11.46
CA THR A 75 10.66 7.05 12.27
C THR A 75 9.74 8.15 11.75
N ASP A 76 10.34 9.11 11.06
CA ASP A 76 9.61 10.16 10.38
C ASP A 76 9.01 9.65 9.09
N ASP A 77 9.75 8.79 8.42
CA ASP A 77 9.25 8.12 7.21
C ASP A 77 8.26 7.03 7.56
N GLN A 78 7.98 6.80 8.83
CA GLN A 78 6.92 5.87 9.23
C GLN A 78 5.57 6.55 9.20
N ASP A 79 4.61 5.91 8.54
CA ASP A 79 3.25 6.43 8.47
C ASP A 79 2.24 5.31 8.43
N ILE A 80 0.97 5.68 8.56
CA ILE A 80 -0.15 4.75 8.41
C ILE A 80 -0.61 4.70 6.97
N TYR A 81 -0.91 3.52 6.49
CA TYR A 81 -1.31 3.30 5.09
C TYR A 81 -2.52 2.40 5.02
N LYS A 82 -3.18 2.43 3.88
CA LYS A 82 -4.30 1.53 3.62
C LYS A 82 -4.35 1.16 2.15
N VAL A 83 -4.58 -0.11 1.87
CA VAL A 83 -4.52 -0.62 0.51
C VAL A 83 -5.88 -1.04 0.02
N SER A 84 -6.34 -0.37 -1.02
CA SER A 84 -7.59 -0.71 -1.70
C SER A 84 -7.32 -0.97 -3.17
N ILE A 85 -7.65 -2.16 -3.62
CA ILE A 85 -7.30 -2.58 -4.99
C ILE A 85 -8.50 -3.15 -5.69
N TYR A 86 -8.99 -2.51 -6.73
CA TYR A 86 -10.30 -2.80 -7.32
C TYR A 86 -10.19 -3.43 -8.69
N ASP A 87 -11.22 -4.15 -9.10
CA ASP A 87 -11.29 -4.73 -10.44
C ASP A 87 -11.76 -3.71 -11.44
N THR A 88 -11.96 -4.14 -12.68
CA THR A 88 -12.28 -3.24 -13.79
C THR A 88 -13.51 -2.42 -13.52
N LYS A 89 -14.48 -2.96 -12.79
CA LYS A 89 -15.77 -2.31 -12.61
C LYS A 89 -15.83 -1.49 -11.34
N GLY A 90 -14.71 -0.94 -10.91
CA GLY A 90 -14.68 -0.03 -9.77
C GLY A 90 -15.15 -0.68 -8.50
N LYS A 91 -15.13 -1.99 -8.45
CA LYS A 91 -15.55 -2.74 -7.26
C LYS A 91 -14.39 -2.99 -6.33
N ASN A 92 -14.59 -2.80 -5.04
CA ASN A 92 -13.58 -3.16 -4.05
C ASN A 92 -13.50 -4.66 -3.87
N VAL A 93 -12.61 -5.27 -4.63
CA VAL A 93 -12.44 -6.72 -4.60
C VAL A 93 -11.64 -7.19 -3.40
N LEU A 94 -10.95 -6.27 -2.75
CA LEU A 94 -10.20 -6.59 -1.54
C LEU A 94 -9.52 -5.35 -0.99
N GLU A 95 -9.36 -5.29 0.31
CA GLU A 95 -8.84 -4.11 0.98
C GLU A 95 -8.24 -4.47 2.32
N LYS A 96 -7.55 -3.52 2.94
CA LYS A 96 -6.94 -3.73 4.25
C LYS A 96 -6.32 -2.45 4.77
N ILE A 97 -5.95 -2.46 6.04
CA ILE A 97 -5.46 -1.27 6.72
C ILE A 97 -4.09 -1.51 7.31
N PHE A 98 -3.09 -0.80 6.83
CA PHE A 98 -1.70 -1.08 7.20
C PHE A 98 -1.11 0.02 8.04
N ASP A 99 0.09 -0.20 8.55
CA ASP A 99 0.70 0.73 9.50
C ASP A 99 2.19 0.50 9.60
N LEU A 100 2.96 1.43 9.07
CA LEU A 100 4.41 1.30 9.07
C LEU A 100 4.98 1.64 10.43
N LYS A 101 5.76 0.73 10.99
CA LYS A 101 6.47 1.00 12.24
C LYS A 101 7.98 0.91 12.12
N ILE A 102 8.64 1.51 13.10
CA ILE A 102 10.07 1.38 13.34
C ILE A 102 10.31 0.91 14.76
N GLN A 103 11.45 0.34 15.05
CA GLN A 103 11.68 -0.29 16.35
C GLN A 103 13.06 -0.02 16.91
N GLU A 104 13.18 -0.15 18.22
CA GLU A 104 14.42 0.08 18.94
C GLU A 104 14.29 -0.34 20.39
N ARG A 105 14.55 -1.63 20.62
CA ARG A 105 14.35 -2.25 21.91
C ARG A 105 15.58 -3.02 22.34
C1 NAG B . 5.42 -8.62 -5.38
C2 NAG B . 6.01 -9.64 -4.39
C3 NAG B . 7.43 -9.20 -3.94
C4 NAG B . 8.37 -8.89 -5.16
C5 NAG B . 7.67 -7.85 -6.08
C6 NAG B . 8.43 -7.53 -7.38
C7 NAG B . 4.27 -10.85 -3.09
C8 NAG B . 3.41 -10.85 -1.83
N2 NAG B . 5.13 -9.83 -3.21
O3 NAG B . 8.01 -10.22 -3.13
O4 NAG B . 9.68 -8.38 -4.74
O5 NAG B . 6.35 -8.33 -6.46
O6 NAG B . 7.83 -6.46 -8.08
O7 NAG B . 4.15 -11.76 -3.92
H1 NAG B . 5.19 -7.69 -4.84
H2 NAG B . 6.14 -10.60 -4.95
H3 NAG B . 7.37 -8.28 -3.32
H4 NAG B . 8.51 -9.82 -5.75
H5 NAG B . 7.55 -6.89 -5.52
H61 NAG B . 9.49 -7.26 -7.15
H62 NAG B . 8.49 -8.41 -8.04
H81 NAG B . 4.02 -10.60 -0.94
H82 NAG B . 2.58 -10.12 -1.90
H83 NAG B . 2.96 -11.85 -1.66
HN2 NAG B . 5.18 -9.14 -2.45
HO3 NAG B . 7.29 -10.57 -2.60
HO6 NAG B . 7.36 -6.84 -8.82
C1 NAG B . 10.82 -8.87 -5.53
C2 NAG B . 12.00 -7.85 -5.57
C3 NAG B . 13.21 -8.52 -6.29
C4 NAG B . 13.61 -9.90 -5.67
C5 NAG B . 12.35 -10.82 -5.54
C6 NAG B . 12.58 -12.10 -4.72
C7 NAG B . 12.01 -6.07 -7.40
C8 NAG B . 11.43 -4.71 -7.81
N2 NAG B . 11.56 -6.59 -6.26
O3 NAG B . 14.34 -7.67 -6.20
O4 NAG B . 14.60 -10.55 -6.52
O5 NAG B . 11.27 -10.09 -4.91
O6 NAG B . 11.71 -13.13 -5.12
O7 NAG B . 12.86 -6.60 -8.11
H1 NAG B . 10.48 -9.08 -6.57
H2 NAG B . 12.30 -7.64 -4.53
H3 NAG B . 12.96 -8.68 -7.36
H4 NAG B . 13.99 -9.70 -4.65
H5 NAG B . 12.02 -11.12 -6.56
H61 NAG B . 13.62 -12.45 -4.86
H62 NAG B . 12.47 -11.90 -3.65
H81 NAG B . 10.38 -4.61 -7.47
H82 NAG B . 12.01 -3.87 -7.38
H83 NAG B . 11.43 -4.60 -8.91
HN2 NAG B . 10.79 -6.06 -5.76
HO3 NAG B . 14.81 -7.93 -5.40
HO6 NAG B . 11.33 -13.49 -4.31
C1 BMA B . 16.00 -10.48 -6.12
C2 BMA B . 16.37 -11.68 -5.23
C3 BMA B . 17.90 -11.67 -4.93
C4 BMA B . 18.74 -11.59 -6.24
C5 BMA B . 18.27 -10.39 -7.11
C6 BMA B . 18.96 -10.36 -8.50
O2 BMA B . 16.00 -12.90 -5.87
O3 BMA B . 18.30 -12.85 -4.17
O4 BMA B . 20.12 -11.44 -5.90
O5 BMA B . 16.82 -10.45 -7.32
O6 BMA B . 18.61 -9.15 -9.19
H1 BMA B . 16.15 -9.55 -5.53
H2 BMA B . 15.83 -11.62 -4.27
H3 BMA B . 18.13 -10.76 -4.34
H4 BMA B . 18.62 -12.53 -6.80
H5 BMA B . 18.52 -9.44 -6.59
H61 BMA B . 18.65 -11.27 -9.07
H62 BMA B . 20.06 -10.43 -8.39
HO2 BMA B . 16.55 -13.59 -5.48
HO4 BMA B . 20.60 -11.66 -6.69
C1 MAN B . 18.67 -9.17 -10.64
C2 MAN B . 17.69 -8.11 -11.22
C3 MAN B . 16.21 -8.56 -11.03
C4 MAN B . 15.97 -10.01 -11.55
C5 MAN B . 17.00 -10.98 -10.92
C6 MAN B . 16.90 -12.44 -11.40
O2 MAN B . 17.96 -7.93 -12.61
O3 MAN B . 15.33 -7.63 -11.71
O4 MAN B . 14.64 -10.41 -11.21
O5 MAN B . 18.35 -10.49 -11.18
O6 MAN B . 18.17 -13.11 -11.32
H1 MAN B . 19.70 -8.89 -10.96
H2 MAN B . 17.85 -7.14 -10.71
H3 MAN B . 16.01 -8.56 -9.93
H4 MAN B . 16.07 -10.02 -12.65
H5 MAN B . 16.86 -11.00 -9.83
H61 MAN B . 16.49 -12.48 -12.44
H62 MAN B . 16.15 -12.96 -10.76
HO2 MAN B . 17.76 -8.77 -13.03
HO4 MAN B . 14.41 -9.91 -10.42
C1 MAN B . 18.36 -14.24 -12.21
C2 MAN B . 17.09 -15.13 -12.25
C3 MAN B . 16.90 -15.88 -10.90
C4 MAN B . 18.18 -16.62 -10.43
C5 MAN B . 19.42 -15.67 -10.46
C6 MAN B . 20.76 -16.38 -10.18
O2 MAN B . 17.23 -16.07 -13.34
O3 MAN B . 15.82 -16.79 -11.00
O4 MAN B . 17.97 -17.13 -9.12
O5 MAN B . 19.52 -15.02 -11.76
O6 MAN B . 20.91 -17.54 -11.00
H1 MAN B . 18.57 -13.90 -13.24
H2 MAN B . 16.22 -14.47 -12.41
H3 MAN B . 16.64 -15.13 -10.13
H4 MAN B . 18.37 -17.47 -11.12
H5 MAN B . 19.29 -14.89 -9.69
H61 MAN B . 20.82 -16.69 -9.12
H62 MAN B . 21.62 -15.69 -10.35
HO3 MAN B . 15.96 -17.28 -11.81
HO4 MAN B . 17.61 -18.01 -9.24
HO6 MAN B . 21.79 -17.85 -10.84
C1 MAN B . 17.49 -15.53 -14.66
C2 MAN B . 16.79 -16.40 -15.74
C3 MAN B . 17.52 -17.76 -15.93
C4 MAN B . 19.05 -17.59 -16.15
C5 MAN B . 19.68 -16.69 -15.04
C6 MAN B . 21.15 -16.32 -15.29
O2 MAN B . 16.80 -15.68 -16.98
O3 MAN B . 16.94 -18.47 -17.02
O4 MAN B . 19.66 -18.88 -16.17
O5 MAN B . 18.92 -15.45 -14.93
O6 MAN B . 21.27 -15.17 -16.13
H1 MAN B . 17.06 -14.51 -14.72
H2 MAN B . 15.75 -16.58 -15.46
H3 MAN B . 17.38 -18.36 -15.01
H4 MAN B . 19.22 -17.12 -17.15
H5 MAN B . 19.63 -17.23 -14.08
H61 MAN B . 21.67 -17.16 -15.79
H62 MAN B . 21.68 -16.15 -14.34
HO2 MAN B . 17.43 -16.12 -17.55
HO3 MAN B . 17.57 -19.16 -17.24
HO4 MAN B . 20.09 -18.97 -15.31
HO6 MAN B . 20.93 -14.44 -15.59
C1 MAN B . 14.43 -6.85 -10.87
C2 MAN B . 13.26 -6.29 -11.72
C3 MAN B . 13.75 -5.15 -12.65
C4 MAN B . 14.55 -4.05 -11.91
C5 MAN B . 15.70 -4.70 -11.08
C6 MAN B . 16.44 -3.70 -10.17
O2 MAN B . 12.26 -5.81 -10.84
O3 MAN B . 12.62 -4.56 -13.30
O4 MAN B . 15.08 -3.14 -12.87
O5 MAN B . 15.16 -5.75 -10.22
O6 MAN B . 17.50 -3.05 -10.87
H1 MAN B . 14.01 -7.50 -10.09
H2 MAN B . 12.83 -7.10 -12.33
H3 MAN B . 14.39 -5.59 -13.44
H4 MAN B . 13.87 -3.51 -11.23
H5 MAN B . 16.44 -5.15 -11.77
H61 MAN B . 16.87 -4.23 -9.29
H62 MAN B . 15.75 -2.95 -9.75
HO2 MAN B . 11.44 -6.23 -11.12
HO3 MAN B . 12.02 -4.28 -12.60
HO4 MAN B . 15.10 -3.60 -13.70
HO6 MAN B . 17.80 -2.34 -10.29
C1 MAN B . 18.39 -12.71 -2.73
C2 MAN B . 19.55 -13.60 -2.19
C3 MAN B . 19.17 -15.10 -2.23
C4 MAN B . 17.79 -15.40 -1.60
C5 MAN B . 16.69 -14.45 -2.19
C6 MAN B . 15.33 -14.56 -1.48
O2 MAN B . 19.85 -13.20 -0.81
O3 MAN B . 20.17 -15.87 -1.58
O4 MAN B . 17.45 -16.76 -1.84
O5 MAN B . 17.13 -13.06 -2.08
O6 MAN B . 14.66 -15.75 -1.84
H1 MAN B . 18.62 -11.66 -2.47
H2 MAN B . 20.43 -13.44 -2.84
H3 MAN B . 19.14 -15.42 -3.29
H4 MAN B . 17.85 -15.23 -0.50
H5 MAN B . 16.54 -14.70 -3.26
H61 MAN B . 14.70 -13.70 -1.76
H62 MAN B . 15.44 -14.51 -0.39
HO3 MAN B . 20.79 -16.14 -2.27
HO4 MAN B . 17.64 -16.92 -2.76
HO6 MAN B . 14.85 -15.91 -2.76
C1 MAN B . 21.23 -13.30 -0.38
C2 MAN B . 21.34 -14.10 0.94
C3 MAN B . 20.82 -13.26 2.13
C4 MAN B . 21.46 -11.85 2.20
C5 MAN B . 21.33 -11.11 0.83
C6 MAN B . 22.10 -9.79 0.76
O2 MAN B . 22.70 -14.45 1.15
O3 MAN B . 21.06 -13.96 3.36
O4 MAN B . 20.83 -11.10 3.24
O5 MAN B . 21.82 -11.97 -0.25
O6 MAN B . 21.26 -8.71 0.40
H1 MAN B . 21.81 -13.86 -1.15
H2 MAN B . 20.75 -15.02 0.86
H3 MAN B . 19.72 -13.14 2.03
H4 MAN B . 22.53 -11.95 2.46
H5 MAN B . 20.26 -10.90 0.65
H61 MAN B . 22.92 -9.87 0.01
H62 MAN B . 22.60 -9.58 1.72
HO2 MAN B . 22.80 -15.34 0.82
HO3 MAN B . 21.54 -14.75 3.12
HO4 MAN B . 21.54 -10.75 3.78
HO6 MAN B . 21.84 -8.00 0.09
N LYS A 1 -7.01 -6.08 24.47
CA LYS A 1 -8.03 -7.12 24.57
C LYS A 1 -8.99 -7.05 23.41
N GLU A 2 -8.47 -6.84 22.22
CA GLU A 2 -9.28 -6.82 21.01
C GLU A 2 -8.43 -7.13 19.79
N ILE A 3 -9.10 -7.37 18.67
CA ILE A 3 -8.42 -7.80 17.46
C ILE A 3 -8.50 -6.74 16.39
N THR A 4 -7.72 -6.92 15.33
CA THR A 4 -7.59 -5.89 14.29
C THR A 4 -7.52 -6.53 12.92
N ASN A 5 -7.48 -5.66 11.92
CA ASN A 5 -7.35 -6.09 10.53
C ASN A 5 -6.26 -5.31 9.83
N ALA A 6 -5.14 -5.17 10.53
CA ALA A 6 -3.95 -4.51 10.01
C ALA A 6 -2.79 -5.47 9.93
N LEU A 7 -1.71 -5.01 9.31
CA LEU A 7 -0.56 -5.86 9.03
C LEU A 7 0.71 -5.25 9.60
N GLU A 8 1.21 -5.88 10.65
CA GLU A 8 2.38 -5.37 11.37
C GLU A 8 3.56 -5.18 10.44
N THR A 9 3.88 -3.94 10.14
CA THR A 9 5.04 -3.61 9.32
C THR A 9 6.09 -2.90 10.14
N TRP A 10 7.34 -3.26 9.94
CA TRP A 10 8.45 -2.77 10.74
C TRP A 10 9.64 -2.40 9.90
N GLY A 11 10.34 -1.34 10.25
CA GLY A 11 11.58 -0.98 9.58
C GLY A 11 12.44 -0.06 10.42
N ALA A 12 13.71 -0.37 10.56
CA ALA A 12 14.64 0.53 11.23
C ALA A 12 14.77 1.83 10.47
N LEU A 13 15.15 2.91 11.13
CA LEU A 13 15.14 4.23 10.49
C LEU A 13 16.08 4.29 9.31
N GLY A 14 15.59 4.88 8.23
CA GLY A 14 16.36 5.05 7.01
C GLY A 14 16.40 3.77 6.22
N GLN A 15 15.32 3.02 6.26
CA GLN A 15 15.28 1.68 5.68
C GLN A 15 14.06 1.50 4.81
N ASP A 16 14.29 1.30 3.52
CA ASP A 16 13.21 1.26 2.55
C ASP A 16 12.50 -0.09 2.59
N ILE A 17 11.18 -0.02 2.61
CA ILE A 17 10.35 -1.20 2.84
C ILE A 17 9.32 -1.39 1.75
N ASN A 18 8.58 -2.48 1.85
CA ASN A 18 7.46 -2.77 0.97
C ASN A 18 6.23 -3.12 1.76
N LEU A 19 5.14 -2.41 1.50
CA LEU A 19 3.84 -2.74 2.08
C LEU A 19 3.21 -3.89 1.31
N ASP A 20 3.27 -5.07 1.89
CA ASP A 20 2.88 -6.31 1.19
C ASP A 20 1.38 -6.39 1.06
N ILE A 21 0.88 -7.61 0.93
CA ILE A 21 -0.52 -7.86 0.61
C ILE A 21 -0.88 -9.30 0.90
N PRO A 22 -2.15 -9.53 1.23
CA PRO A 22 -2.78 -10.90 1.49
C PRO A 22 -2.42 -11.97 0.49
N SER A 23 -2.94 -13.17 0.75
CA SER A 23 -2.65 -14.34 -0.10
C SER A 23 -3.66 -14.48 -1.22
N PHE A 24 -4.17 -13.37 -1.71
CA PHE A 24 -5.04 -13.36 -2.88
C PHE A 24 -4.28 -12.96 -4.11
N GLN A 25 -4.69 -13.47 -5.26
CA GLN A 25 -3.95 -13.24 -6.51
C GLN A 25 -4.89 -12.87 -7.64
N MET A 26 -4.69 -11.68 -8.20
CA MET A 26 -5.50 -11.20 -9.30
C MET A 26 -5.43 -12.13 -10.48
N SER A 27 -6.28 -11.91 -11.47
CA SER A 27 -6.21 -12.67 -12.72
C SER A 27 -6.26 -11.74 -13.91
N ASP A 28 -7.16 -11.93 -14.85
CA ASP A 28 -7.14 -11.18 -16.10
C ASP A 28 -7.96 -9.91 -16.03
N ASP A 29 -8.74 -9.69 -14.99
CA ASP A 29 -9.70 -8.57 -14.97
C ASP A 29 -9.31 -7.45 -14.03
N ILE A 30 -8.26 -7.59 -13.25
CA ILE A 30 -7.87 -6.56 -12.30
C ILE A 30 -7.08 -5.47 -12.99
N ASP A 31 -7.46 -4.22 -12.76
CA ASP A 31 -6.88 -3.09 -13.49
C ASP A 31 -6.44 -1.97 -12.57
N ASP A 32 -7.08 -1.77 -11.43
CA ASP A 32 -6.80 -0.60 -10.59
C ASP A 32 -6.17 -1.01 -9.27
N ILE A 33 -5.35 -0.13 -8.74
CA ILE A 33 -4.71 -0.33 -7.45
C ILE A 33 -4.77 0.93 -6.62
N LYS A 34 -4.58 0.82 -5.31
CA LYS A 34 -4.49 2.00 -4.46
C LYS A 34 -3.76 1.73 -3.16
N TRP A 35 -3.07 2.77 -2.69
CA TRP A 35 -2.42 2.78 -1.38
C TRP A 35 -2.44 4.19 -0.81
N GLU A 36 -3.23 4.39 0.22
CA GLU A 36 -3.42 5.74 0.78
C GLU A 36 -2.71 5.89 2.10
N LYS A 37 -2.50 7.12 2.54
CA LYS A 37 -1.95 7.37 3.86
C LYS A 37 -3.08 7.48 4.87
N THR A 38 -3.54 6.35 5.35
CA THR A 38 -4.76 6.20 6.14
C THR A 38 -5.19 7.48 6.84
N SER A 39 -4.36 7.98 7.74
CA SER A 39 -4.72 9.14 8.54
C SER A 39 -4.88 10.38 7.68
N ASP A 40 -3.85 10.68 6.92
CA ASP A 40 -3.83 11.91 6.11
C ASP A 40 -4.76 11.84 4.93
N LYS A 41 -5.38 10.71 4.65
CA LYS A 41 -6.20 10.55 3.45
C LYS A 41 -5.47 11.04 2.23
N LYS A 42 -4.22 10.60 2.09
CA LYS A 42 -3.34 11.09 1.04
C LYS A 42 -2.88 9.99 0.11
N LYS A 43 -3.57 9.88 -1.02
CA LYS A 43 -3.20 8.97 -2.10
C LYS A 43 -1.73 9.05 -2.41
N ILE A 44 -0.99 8.06 -1.93
CA ILE A 44 0.44 7.97 -2.17
C ILE A 44 0.75 7.12 -3.38
N ALA A 45 -0.13 6.20 -3.72
CA ALA A 45 0.00 5.40 -4.94
C ALA A 45 -1.35 4.92 -5.41
N GLN A 46 -1.55 4.86 -6.72
CA GLN A 46 -2.80 4.32 -7.27
C GLN A 46 -2.71 4.16 -8.77
N PHE A 47 -3.50 3.22 -9.28
CA PHE A 47 -3.65 3.01 -10.72
C PHE A 47 -5.11 3.18 -11.14
N ARG A 48 -5.37 4.18 -11.95
CA ARG A 48 -6.73 4.53 -12.37
C ARG A 48 -6.72 5.26 -13.68
N LYS A 49 -7.60 4.86 -14.59
CA LYS A 49 -7.61 5.37 -15.96
C LYS A 49 -6.37 4.91 -16.70
N GLU A 50 -6.55 4.43 -17.91
CA GLU A 50 -5.43 4.02 -18.76
C GLU A 50 -4.93 5.16 -19.62
N LYS A 51 -5.00 6.38 -19.12
CA LYS A 51 -4.42 7.55 -19.79
C LYS A 51 -3.40 8.36 -18.98
N GLU A 52 -3.34 8.00 -17.71
CA GLU A 52 -2.53 8.74 -16.74
C GLU A 52 -2.70 8.19 -15.35
N THR A 53 -1.65 7.59 -14.81
CA THR A 53 -1.70 6.97 -13.49
C THR A 53 -0.82 7.72 -12.51
N PHE A 54 -0.72 7.22 -11.29
CA PHE A 54 0.00 7.89 -10.22
C PHE A 54 0.92 6.94 -9.49
N LYS A 55 2.16 6.81 -9.95
CA LYS A 55 3.08 5.83 -9.37
C LYS A 55 4.54 6.16 -9.62
N GLU A 56 4.88 7.34 -10.10
CA GLU A 56 6.26 7.63 -10.50
C GLU A 56 7.07 8.18 -9.33
N LYS A 57 7.60 7.27 -8.53
CA LYS A 57 8.48 7.62 -7.41
C LYS A 57 8.92 6.39 -6.67
N ASP A 58 10.09 6.38 -6.07
CA ASP A 58 10.51 5.26 -5.22
C ASP A 58 10.02 5.42 -3.79
N THR A 59 9.86 6.66 -3.38
CA THR A 59 9.28 6.95 -2.07
C THR A 59 7.98 6.21 -1.89
N TYR A 60 7.27 6.03 -3.00
CA TYR A 60 6.07 5.20 -3.03
C TYR A 60 5.87 4.58 -4.39
N LYS A 61 6.14 3.29 -4.51
CA LYS A 61 5.96 2.57 -5.78
C LYS A 61 4.76 1.65 -5.72
N LEU A 62 4.29 1.26 -6.89
CA LEU A 62 3.12 0.39 -7.07
C LEU A 62 3.50 -0.87 -7.79
N PHE A 63 3.22 -2.04 -7.25
CA PHE A 63 3.55 -3.30 -7.92
C PHE A 63 2.30 -4.03 -8.34
N LYS A 64 2.48 -5.10 -9.10
CA LYS A 64 1.35 -5.82 -9.69
C LYS A 64 0.61 -6.62 -8.64
N ASN A 65 1.34 -7.15 -7.68
CA ASN A 65 0.75 -8.03 -6.67
C ASN A 65 0.03 -7.25 -5.59
N GLY A 66 -0.01 -5.94 -5.66
CA GLY A 66 -0.58 -5.13 -4.58
C GLY A 66 0.43 -4.77 -3.53
N THR A 67 1.71 -4.79 -3.88
CA THR A 67 2.76 -4.33 -2.96
C THR A 67 3.02 -2.85 -3.14
N LEU A 68 3.59 -2.22 -2.14
CA LEU A 68 3.89 -0.79 -2.21
C LEU A 68 5.30 -0.50 -1.73
N LYS A 69 6.20 -0.25 -2.68
CA LYS A 69 7.62 -0.07 -2.36
C LYS A 69 7.91 1.36 -2.00
N ILE A 70 8.07 1.63 -0.71
CA ILE A 70 8.21 2.99 -0.21
C ILE A 70 9.57 3.15 0.44
N LYS A 71 10.24 4.23 0.04
CA LYS A 71 11.64 4.44 0.43
C LYS A 71 11.80 5.41 1.57
N HIS A 72 12.92 5.25 2.27
CA HIS A 72 13.24 6.06 3.45
C HIS A 72 12.20 5.87 4.53
N LEU A 73 12.58 5.16 5.59
CA LEU A 73 11.61 4.78 6.62
C LEU A 73 12.11 4.98 8.04
N LYS A 74 12.24 6.23 8.44
CA LYS A 74 12.47 6.61 9.83
C LYS A 74 11.15 6.90 10.52
N THR A 75 11.25 7.42 11.74
CA THR A 75 10.07 7.83 12.50
C THR A 75 9.22 8.84 11.74
N ASP A 76 9.88 9.59 10.88
CA ASP A 76 9.22 10.64 10.10
C ASP A 76 8.54 10.06 8.88
N ASP A 77 9.10 8.98 8.36
CA ASP A 77 8.49 8.27 7.24
C ASP A 77 7.73 7.04 7.69
N GLN A 78 7.49 6.87 8.97
CA GLN A 78 6.65 5.77 9.47
C GLN A 78 5.21 6.20 9.57
N ASP A 79 4.50 6.09 8.45
CA ASP A 79 3.09 6.48 8.37
C ASP A 79 2.19 5.28 8.46
N ILE A 80 0.90 5.53 8.57
CA ILE A 80 -0.11 4.48 8.51
C ILE A 80 -0.65 4.37 7.10
N TYR A 81 -1.03 3.18 6.68
CA TYR A 81 -1.40 2.92 5.29
C TYR A 81 -2.58 2.00 5.18
N LYS A 82 -3.18 1.98 4.00
CA LYS A 82 -4.27 1.06 3.70
C LYS A 82 -4.33 0.77 2.22
N VAL A 83 -4.43 -0.50 1.88
CA VAL A 83 -4.37 -0.93 0.48
C VAL A 83 -5.73 -1.31 -0.04
N SER A 84 -6.16 -0.61 -1.07
CA SER A 84 -7.38 -0.93 -1.80
C SER A 84 -7.10 -1.10 -3.27
N ILE A 85 -7.43 -2.26 -3.79
CA ILE A 85 -7.06 -2.61 -5.18
C ILE A 85 -8.26 -3.14 -5.91
N TYR A 86 -8.67 -2.53 -7.00
CA TYR A 86 -9.95 -2.80 -7.63
C TYR A 86 -9.81 -3.33 -9.04
N ASP A 87 -10.92 -3.81 -9.58
CA ASP A 87 -10.98 -4.31 -10.95
C ASP A 87 -11.33 -3.19 -11.91
N THR A 88 -11.53 -3.55 -13.16
CA THR A 88 -11.85 -2.59 -14.22
C THR A 88 -13.09 -1.78 -13.90
N LYS A 89 -13.98 -2.29 -13.07
CA LYS A 89 -15.27 -1.65 -12.84
C LYS A 89 -15.30 -0.83 -11.57
N GLY A 90 -14.15 -0.36 -11.12
CA GLY A 90 -14.09 0.47 -9.91
C GLY A 90 -14.54 -0.27 -8.68
N LYS A 91 -14.63 -1.59 -8.75
CA LYS A 91 -15.13 -2.39 -7.65
C LYS A 91 -14.02 -2.82 -6.72
N ASN A 92 -14.10 -2.43 -5.46
CA ASN A 92 -13.14 -2.90 -4.46
C ASN A 92 -13.22 -4.41 -4.33
N VAL A 93 -12.36 -5.09 -5.07
CA VAL A 93 -12.34 -6.56 -5.08
C VAL A 93 -11.51 -7.13 -3.95
N LEU A 94 -10.75 -6.28 -3.29
CA LEU A 94 -10.01 -6.67 -2.09
C LEU A 94 -9.48 -5.45 -1.37
N GLU A 95 -9.37 -5.57 -0.06
CA GLU A 95 -8.99 -4.45 0.80
C GLU A 95 -8.25 -4.91 2.02
N LYS A 96 -7.42 -4.05 2.56
CA LYS A 96 -6.61 -4.36 3.73
C LYS A 96 -6.09 -3.10 4.39
N ILE A 97 -5.66 -3.22 5.63
CA ILE A 97 -5.13 -2.10 6.40
C ILE A 97 -3.69 -2.34 6.77
N PHE A 98 -2.91 -1.27 6.86
CA PHE A 98 -1.49 -1.37 7.18
C PHE A 98 -1.08 -0.30 8.17
N ASP A 99 0.17 -0.37 8.61
CA ASP A 99 0.75 0.66 9.46
C ASP A 99 2.23 0.46 9.62
N LEU A 100 3.02 1.24 8.91
CA LEU A 100 4.48 1.22 9.08
C LEU A 100 4.86 1.42 10.52
N LYS A 101 5.94 0.79 10.94
CA LYS A 101 6.49 1.01 12.27
C LYS A 101 7.98 1.27 12.21
N ILE A 102 8.53 1.66 13.35
CA ILE A 102 9.98 1.78 13.53
C ILE A 102 10.44 0.98 14.73
N GLN A 103 11.63 0.43 14.63
CA GLN A 103 12.13 -0.50 15.64
C GLN A 103 13.59 -0.28 15.91
N GLU A 104 14.04 -0.58 17.11
CA GLU A 104 15.42 -0.33 17.50
C GLU A 104 15.71 -0.90 18.87
N ARG A 105 16.16 -2.16 18.87
CA ARG A 105 16.51 -2.86 20.10
C ARG A 105 17.46 -4.00 19.80
C1 NAG B . 5.51 -8.48 -4.94
C2 NAG B . 6.15 -9.38 -3.85
C3 NAG B . 7.63 -8.94 -3.59
C4 NAG B . 8.47 -8.87 -4.91
C5 NAG B . 7.73 -7.93 -5.92
C6 NAG B . 8.39 -7.86 -7.30
C7 NAG B . 4.60 -10.34 -2.16
C8 NAG B . 3.89 -10.09 -0.82
N2 NAG B . 5.38 -9.32 -2.58
O3 NAG B . 8.22 -9.88 -2.69
O4 NAG B . 9.83 -8.37 -4.67
O5 NAG B . 6.37 -8.41 -6.12
O6 NAG B . 7.43 -7.60 -8.32
O7 NAG B . 4.45 -11.40 -2.77
H1 NAG B . 5.36 -7.48 -4.54
H2 NAG B . 6.20 -10.41 -4.26
H3 NAG B . 7.65 -7.94 -3.11
H4 NAG B . 8.52 -9.88 -5.35
H5 NAG B . 7.69 -6.91 -5.51
H61 NAG B . 8.90 -8.81 -7.54
H62 NAG B . 9.18 -7.07 -7.33
H81 NAG B . 2.91 -9.60 -0.99
H82 NAG B . 3.71 -11.04 -0.28
H83 NAG B . 4.48 -9.44 -0.16
HN2 NAG B . 5.43 -8.47 -2.01
HO3 NAG B . 9.13 -9.99 -2.98
HO6 NAG B . 6.94 -8.42 -8.42
C1 NAG B . 10.90 -9.10 -5.34
C2 NAG B . 12.11 -8.19 -5.69
C3 NAG B . 13.27 -9.07 -6.24
C4 NAG B . 13.64 -10.26 -5.31
C5 NAG B . 12.36 -11.06 -4.91
C6 NAG B . 12.59 -12.10 -3.80
C7 NAG B . 11.97 -5.85 -6.51
C8 NAG B . 11.55 -4.94 -7.67
N2 NAG B . 11.72 -7.15 -6.69
O3 NAG B . 14.43 -8.27 -6.40
O4 NAG B . 14.57 -11.15 -6.00
O5 NAG B . 11.34 -10.15 -4.42
O6 NAG B . 13.34 -11.54 -2.72
O7 NAG B . 12.48 -5.36 -5.50
H1 NAG B . 10.52 -9.58 -6.27
H2 NAG B . 12.45 -7.72 -4.74
H3 NAG B . 12.98 -9.47 -7.23
H4 NAG B . 14.08 -9.84 -4.38
H5 NAG B . 11.96 -11.58 -5.80
H61 NAG B . 13.16 -12.96 -4.19
H62 NAG B . 11.63 -12.50 -3.42
H81 NAG B . 10.54 -4.55 -7.54
H82 NAG B . 12.24 -4.07 -7.78
H83 NAG B . 11.57 -5.49 -8.63
HN2 NAG B . 11.24 -7.46 -7.54
HO3 NAG B . 14.24 -7.67 -7.13
HO6 NAG B . 13.06 -10.63 -2.66
C1 BMA B . 15.89 -11.43 -5.44
C2 BMA B . 16.04 -12.96 -5.18
C3 BMA B . 17.49 -13.29 -4.73
C4 BMA B . 18.55 -12.71 -5.70
C5 BMA B . 18.30 -11.20 -5.98
C6 BMA B . 19.21 -10.64 -7.08
O2 BMA B . 15.71 -13.68 -6.37
O3 BMA B . 17.68 -14.73 -4.61
O4 BMA B . 19.85 -12.90 -5.15
O5 BMA B . 16.91 -10.98 -6.37
O6 BMA B . 18.84 -9.26 -7.37
H1 BMA B . 16.01 -10.91 -4.47
H2 BMA B . 15.33 -13.26 -4.38
H3 BMA B . 17.66 -12.80 -3.74
H4 BMA B . 18.49 -13.27 -6.67
H5 BMA B . 18.50 -10.63 -5.04
H61 BMA B . 19.13 -11.27 -7.99
H62 BMA B . 20.27 -10.68 -6.77
HO2 BMA B . 14.74 -13.73 -6.39
HO4 BMA B . 19.96 -12.18 -4.52
C1 MAN B . 19.60 -8.61 -8.41
C2 MAN B . 18.85 -7.32 -8.86
C3 MAN B . 17.56 -7.68 -9.67
C4 MAN B . 17.85 -8.67 -10.82
C5 MAN B . 18.61 -9.92 -10.28
C6 MAN B . 19.01 -10.94 -11.36
O2 MAN B . 19.73 -6.53 -9.66
O3 MAN B . 16.98 -6.45 -10.20
O4 MAN B . 16.62 -9.06 -11.41
O5 MAN B . 19.81 -9.49 -9.56
O6 MAN B . 20.26 -11.58 -11.03
H1 MAN B . 20.59 -8.31 -8.01
H2 MAN B . 18.58 -6.73 -7.97
H3 MAN B . 16.87 -8.16 -8.95
H4 MAN B . 18.46 -8.17 -11.59
H5 MAN B . 17.96 -10.45 -9.58
H61 MAN B . 19.07 -10.45 -12.36
H62 MAN B . 18.21 -11.70 -11.44
HO2 MAN B . 19.84 -7.02 -10.49
HO4 MAN B . 16.25 -9.75 -10.85
C1 MAN B . 21.30 -11.53 -12.04
C2 MAN B . 20.98 -12.56 -13.15
C3 MAN B . 21.21 -14.00 -12.64
C4 MAN B . 22.59 -14.20 -11.95
C5 MAN B . 22.83 -13.11 -10.87
C6 MAN B . 24.25 -13.11 -10.27
O2 MAN B . 21.84 -12.27 -14.30
O3 MAN B . 21.07 -14.93 -13.72
O4 MAN B . 22.63 -15.50 -11.36
O5 MAN B . 22.60 -11.79 -11.44
O6 MAN B . 24.71 -14.44 -10.03
H1 MAN B . 21.33 -10.53 -12.52
H2 MAN B . 19.92 -12.45 -13.43
H3 MAN B . 20.42 -14.24 -11.90
H4 MAN B . 23.38 -14.13 -12.72
H5 MAN B . 22.11 -13.26 -10.04
H61 MAN B . 24.25 -12.56 -9.31
H62 MAN B . 24.96 -12.58 -10.93
HO3 MAN B . 20.24 -14.71 -14.14
HO4 MAN B . 21.87 -15.97 -11.71
HO6 MAN B . 24.86 -14.50 -9.09
C1 MAN B . 21.33 -12.63 -15.61
C2 MAN B . 22.42 -13.37 -16.43
C3 MAN B . 23.53 -12.40 -16.89
C4 MAN B . 22.97 -11.14 -17.60
C5 MAN B . 21.87 -10.46 -16.73
C6 MAN B . 21.13 -9.32 -17.44
O2 MAN B . 21.81 -13.99 -17.55
O3 MAN B . 24.44 -13.08 -17.75
O4 MAN B . 24.04 -10.24 -17.85
O5 MAN B . 20.86 -11.45 -16.34
O6 MAN B . 20.82 -9.66 -18.79
H1 MAN B . 20.47 -13.32 -15.49
H2 MAN B . 22.87 -14.17 -15.80
H3 MAN B . 24.10 -12.07 -15.99
H4 MAN B . 22.53 -11.44 -18.57
H5 MAN B . 22.34 -10.05 -15.82
H61 MAN B . 21.75 -8.41 -17.45
H62 MAN B . 20.20 -9.06 -16.91
HO2 MAN B . 20.97 -14.33 -17.25
HO3 MAN B . 25.02 -13.59 -17.18
HO4 MAN B . 23.79 -9.74 -18.64
HO6 MAN B . 20.61 -8.83 -19.24
C1 MAN B . 15.74 -6.00 -9.62
C2 MAN B . 14.60 -6.05 -10.68
C3 MAN B . 14.78 -4.93 -11.74
C4 MAN B . 14.98 -3.52 -11.10
C5 MAN B . 16.11 -3.56 -10.03
C6 MAN B . 16.24 -2.26 -9.22
O2 MAN B . 13.35 -5.90 -10.02
O3 MAN B . 13.67 -4.90 -12.62
O4 MAN B . 15.30 -2.58 -12.12
O5 MAN B . 15.86 -4.64 -9.08
O6 MAN B . 17.04 -1.30 -9.91
H1 MAN B . 15.46 -6.68 -8.80
H2 MAN B . 14.61 -7.03 -11.18
H3 MAN B . 15.68 -5.17 -12.35
H4 MAN B . 14.03 -3.21 -10.62
H5 MAN B . 17.08 -3.75 -10.54
H61 MAN B . 16.71 -2.47 -8.24
H62 MAN B . 15.25 -1.83 -9.00
HO2 MAN B . 13.33 -6.57 -9.33
HO3 MAN B . 13.51 -3.98 -12.83
HO4 MAN B . 16.23 -2.72 -12.32
HO6 MAN B . 17.94 -1.62 -9.85
C1 MAN B . 17.07 -15.39 -3.46
C2 MAN B . 17.77 -16.75 -3.20
C3 MAN B . 17.37 -17.79 -4.28
C4 MAN B . 15.84 -17.90 -4.50
C5 MAN B . 15.23 -16.48 -4.74
C6 MAN B . 13.69 -16.46 -4.79
O2 MAN B . 17.35 -17.23 -1.89
O3 MAN B . 17.89 -19.07 -3.93
O4 MAN B . 15.58 -18.75 -5.61
O5 MAN B . 15.64 -15.58 -3.67
O6 MAN B . 13.22 -16.32 -6.13
H1 MAN B . 17.22 -14.77 -2.55
H2 MAN B . 18.86 -16.60 -3.22
H3 MAN B . 17.84 -17.49 -5.24
H4 MAN B . 15.38 -18.34 -3.59
H5 MAN B . 15.61 -16.08 -5.70
H61 MAN B . 13.30 -15.62 -4.19
H62 MAN B . 13.27 -17.39 -4.35
HO3 MAN B . 17.85 -19.61 -4.73
HO4 MAN B . 16.25 -18.55 -6.26
HO6 MAN B . 12.81 -17.16 -6.36
C1 MAN B . 18.37 -17.35 -0.85
C2 MAN B . 18.44 -18.81 -0.33
C3 MAN B . 17.20 -19.14 0.53
C4 MAN B . 16.93 -18.10 1.65
C5 MAN B . 16.90 -16.65 1.05
C6 MAN B . 16.85 -15.54 2.12
O2 MAN B . 19.62 -18.95 0.45
O3 MAN B . 17.36 -20.44 1.12
O4 MAN B . 15.70 -18.40 2.29
O5 MAN B . 18.10 -16.41 0.24
O6 MAN B . 17.10 -14.26 1.56
H1 MAN B . 19.36 -17.11 -1.29
H2 MAN B . 18.50 -19.50 -1.19
H3 MAN B . 16.31 -19.18 -0.13
H4 MAN B . 17.74 -18.16 2.40
H5 MAN B . 16.02 -16.55 0.40
H61 MAN B . 17.60 -15.75 2.91
H62 MAN B . 15.87 -15.54 2.63
HO2 MAN B . 20.00 -19.81 0.21
HO3 MAN B . 17.23 -21.06 0.41
HO4 MAN B . 15.25 -17.56 2.40
HO6 MAN B . 16.89 -13.63 2.25
N LYS A 1 -11.71 -15.81 18.66
CA LYS A 1 -11.10 -14.74 19.45
C LYS A 1 -11.21 -13.42 18.74
N GLU A 2 -10.49 -12.43 19.24
CA GLU A 2 -10.54 -11.08 18.70
C GLU A 2 -9.61 -10.92 17.51
N ILE A 3 -10.19 -10.76 16.34
CA ILE A 3 -9.42 -10.72 15.10
C ILE A 3 -9.51 -9.36 14.45
N THR A 4 -8.43 -8.97 13.80
CA THR A 4 -8.39 -7.74 13.01
C THR A 4 -8.25 -8.03 11.54
N ASN A 5 -8.26 -6.97 10.75
CA ASN A 5 -8.01 -7.06 9.31
C ASN A 5 -6.91 -6.10 8.92
N ALA A 6 -5.88 -6.06 9.75
CA ALA A 6 -4.69 -5.25 9.50
C ALA A 6 -3.46 -6.12 9.42
N LEU A 7 -2.36 -5.51 9.02
CA LEU A 7 -1.11 -6.23 8.77
C LEU A 7 0.07 -5.55 9.41
N GLU A 8 0.47 -6.07 10.56
CA GLU A 8 1.59 -5.52 11.33
C GLU A 8 2.84 -5.43 10.49
N THR A 9 3.20 -4.22 10.12
CA THR A 9 4.44 -3.98 9.37
C THR A 9 5.48 -3.31 10.25
N TRP A 10 6.73 -3.63 10.01
CA TRP A 10 7.84 -3.19 10.84
C TRP A 10 9.06 -2.87 10.00
N GLY A 11 9.84 -1.90 10.42
CA GLY A 11 10.98 -1.44 9.65
C GLY A 11 12.03 -0.81 10.53
N ALA A 12 13.14 -0.43 9.94
CA ALA A 12 14.29 0.07 10.68
C ALA A 12 14.74 1.41 10.16
N LEU A 13 14.89 2.37 11.05
CA LEU A 13 15.42 3.69 10.73
C LEU A 13 16.67 3.56 9.89
N GLY A 14 16.63 4.18 8.71
CA GLY A 14 17.67 4.06 7.70
C GLY A 14 17.49 2.85 6.83
N GLN A 15 16.30 2.63 6.29
CA GLN A 15 16.00 1.41 5.54
C GLN A 15 15.12 1.70 4.35
N ASP A 16 14.78 0.67 3.61
CA ASP A 16 13.77 0.75 2.55
C ASP A 16 12.86 -0.47 2.65
N ILE A 17 11.58 -0.20 2.83
CA ILE A 17 10.60 -1.22 3.15
C ILE A 17 9.50 -1.34 2.12
N ASN A 18 8.87 -2.51 2.08
CA ASN A 18 7.70 -2.74 1.24
C ASN A 18 6.41 -2.69 2.03
N LEU A 19 5.30 -2.64 1.31
CA LEU A 19 3.96 -2.75 1.86
C LEU A 19 3.22 -3.89 1.21
N ASP A 20 3.30 -5.07 1.77
CA ASP A 20 2.79 -6.28 1.12
C ASP A 20 1.28 -6.32 1.15
N ILE A 21 0.72 -7.51 1.08
CA ILE A 21 -0.72 -7.70 0.94
C ILE A 21 -1.11 -9.14 1.16
N PRO A 22 -2.35 -9.37 1.54
CA PRO A 22 -3.02 -10.73 1.71
C PRO A 22 -2.78 -11.72 0.59
N SER A 23 -3.49 -12.83 0.68
CA SER A 23 -3.45 -13.85 -0.37
C SER A 23 -4.48 -13.59 -1.45
N PHE A 24 -4.78 -12.33 -1.69
CA PHE A 24 -5.65 -11.92 -2.81
C PHE A 24 -4.90 -10.97 -3.73
N GLN A 25 -5.09 -11.14 -5.03
CA GLN A 25 -4.35 -10.36 -6.01
C GLN A 25 -5.04 -10.35 -7.35
N MET A 26 -4.67 -9.38 -8.18
CA MET A 26 -5.22 -9.24 -9.52
C MET A 26 -4.75 -10.33 -10.45
N SER A 27 -5.42 -10.45 -11.58
CA SER A 27 -4.99 -11.36 -12.65
C SER A 27 -5.56 -10.91 -13.98
N ASP A 28 -6.52 -11.63 -14.52
CA ASP A 28 -7.10 -11.29 -15.82
C ASP A 28 -8.27 -10.35 -15.69
N ASP A 29 -8.83 -10.18 -14.51
CA ASP A 29 -10.07 -9.41 -14.35
C ASP A 29 -9.86 -8.04 -13.75
N ILE A 30 -8.85 -7.93 -12.91
CA ILE A 30 -8.61 -6.70 -12.15
C ILE A 30 -7.82 -5.70 -12.97
N ASP A 31 -7.99 -4.43 -12.68
CA ASP A 31 -7.40 -3.36 -13.49
C ASP A 31 -6.78 -2.25 -12.67
N ASP A 32 -7.26 -1.95 -11.48
CA ASP A 32 -6.80 -0.77 -10.73
C ASP A 32 -6.30 -1.13 -9.36
N ILE A 33 -5.40 -0.32 -8.85
CA ILE A 33 -4.85 -0.47 -7.51
C ILE A 33 -4.84 0.85 -6.77
N LYS A 34 -4.77 0.82 -5.45
CA LYS A 34 -4.66 2.04 -4.66
C LYS A 34 -4.09 1.78 -3.29
N TRP A 35 -3.30 2.74 -2.83
CA TRP A 35 -2.77 2.79 -1.47
C TRP A 35 -3.00 4.17 -0.88
N GLU A 36 -3.55 4.24 0.32
CA GLU A 36 -3.95 5.52 0.90
C GLU A 36 -3.12 5.82 2.13
N LYS A 37 -3.05 7.08 2.52
CA LYS A 37 -2.25 7.47 3.67
C LYS A 37 -3.15 7.74 4.86
N THR A 38 -2.66 7.50 6.06
CA THR A 38 -3.50 7.57 7.26
C THR A 38 -3.61 8.98 7.79
N SER A 39 -2.45 9.60 8.01
CA SER A 39 -2.36 10.89 8.68
C SER A 39 -3.39 11.88 8.15
N ASP A 40 -3.34 12.13 6.86
CA ASP A 40 -4.20 13.13 6.23
C ASP A 40 -5.31 12.50 5.43
N LYS A 41 -5.38 11.18 5.34
CA LYS A 41 -6.36 10.52 4.46
C LYS A 41 -6.16 10.98 3.04
N LYS A 42 -4.96 10.75 2.52
CA LYS A 42 -4.58 11.29 1.22
C LYS A 42 -3.73 10.31 0.42
N LYS A 43 -4.00 10.28 -0.88
CA LYS A 43 -3.42 9.32 -1.82
C LYS A 43 -1.94 9.11 -1.60
N ILE A 44 -1.49 7.91 -1.97
CA ILE A 44 -0.09 7.51 -1.86
C ILE A 44 0.39 6.94 -3.17
N ALA A 45 -0.33 5.95 -3.67
CA ALA A 45 -0.05 5.31 -4.94
C ALA A 45 -1.33 4.82 -5.59
N GLN A 46 -1.43 4.86 -6.90
CA GLN A 46 -2.62 4.31 -7.58
C GLN A 46 -2.34 3.92 -9.02
N PHE A 47 -3.18 3.03 -9.52
CA PHE A 47 -3.20 2.64 -10.93
C PHE A 47 -4.60 2.72 -11.49
N ARG A 48 -4.74 3.37 -12.63
CA ARG A 48 -6.06 3.59 -13.23
C ARG A 48 -5.95 3.68 -14.73
N LYS A 49 -6.66 2.81 -15.42
CA LYS A 49 -6.55 2.69 -16.88
C LYS A 49 -5.20 2.12 -17.25
N GLU A 50 -5.17 1.49 -18.41
CA GLU A 50 -3.92 1.02 -19.01
C GLU A 50 -3.31 2.08 -19.91
N LYS A 51 -3.27 3.29 -19.39
CA LYS A 51 -2.83 4.48 -20.11
C LYS A 51 -1.68 5.14 -19.35
N GLU A 52 -2.06 6.12 -18.53
CA GLU A 52 -1.16 6.77 -17.60
C GLU A 52 -1.59 6.54 -16.17
N THR A 53 -0.63 6.39 -15.29
CA THR A 53 -0.86 5.99 -13.90
C THR A 53 -0.67 7.15 -12.95
N PHE A 54 -0.65 6.84 -11.66
CA PHE A 54 -0.39 7.83 -10.62
C PHE A 54 0.78 7.41 -9.75
N LYS A 55 1.94 7.99 -10.01
CA LYS A 55 3.16 7.67 -9.27
C LYS A 55 4.03 8.89 -9.14
N GLU A 56 4.10 9.44 -7.93
CA GLU A 56 4.83 10.67 -7.68
C GLU A 56 6.33 10.41 -7.61
N LYS A 57 6.70 9.30 -7.01
CA LYS A 57 8.10 8.98 -6.75
C LYS A 57 8.26 7.53 -6.38
N ASP A 58 9.50 7.08 -6.26
CA ASP A 58 9.78 5.72 -5.80
C ASP A 58 9.42 5.51 -4.35
N THR A 59 9.51 6.58 -3.59
CA THR A 59 9.17 6.55 -2.16
C THR A 59 7.81 5.94 -1.95
N TYR A 60 6.99 5.89 -2.99
CA TYR A 60 5.73 5.17 -2.92
C TYR A 60 5.31 4.65 -4.28
N LYS A 61 5.53 3.37 -4.54
CA LYS A 61 5.18 2.79 -5.84
C LYS A 61 4.43 1.48 -5.71
N LEU A 62 3.55 1.21 -6.66
CA LEU A 62 2.69 0.03 -6.65
C LEU A 62 3.33 -1.12 -7.40
N PHE A 63 2.88 -2.34 -7.12
CA PHE A 63 3.30 -3.52 -7.85
C PHE A 63 2.11 -4.33 -8.33
N LYS A 64 2.36 -5.39 -9.07
CA LYS A 64 1.30 -6.20 -9.65
C LYS A 64 0.55 -6.96 -8.57
N ASN A 65 1.28 -7.46 -7.59
CA ASN A 65 0.69 -8.31 -6.56
C ASN A 65 -0.03 -7.51 -5.50
N GLY A 66 -0.12 -6.21 -5.63
CA GLY A 66 -0.74 -5.36 -4.60
C GLY A 66 0.23 -4.98 -3.51
N THR A 67 1.52 -5.00 -3.80
CA THR A 67 2.53 -4.53 -2.85
C THR A 67 2.79 -3.05 -3.04
N LEU A 68 3.36 -2.39 -2.05
CA LEU A 68 3.80 -1.00 -2.21
C LEU A 68 5.21 -0.80 -1.69
N LYS A 69 6.11 -0.44 -2.58
CA LYS A 69 7.49 -0.16 -2.19
C LYS A 69 7.63 1.25 -1.66
N ILE A 70 8.04 1.36 -0.41
CA ILE A 70 8.36 2.65 0.19
C ILE A 70 9.85 2.75 0.45
N LYS A 71 10.51 3.62 -0.28
CA LYS A 71 11.94 3.86 -0.05
C LYS A 71 12.15 4.81 1.11
N HIS A 72 13.29 4.68 1.76
CA HIS A 72 13.57 5.39 3.00
C HIS A 72 12.59 5.02 4.08
N LEU A 73 13.13 4.52 5.18
CA LEU A 73 12.34 3.93 6.26
C LEU A 73 12.82 4.41 7.62
N LYS A 74 12.73 5.71 7.82
CA LYS A 74 13.01 6.35 9.10
C LYS A 74 11.75 6.63 9.89
N THR A 75 11.97 7.30 11.02
CA THR A 75 10.86 7.66 11.91
C THR A 75 9.80 8.49 11.19
N ASP A 76 10.24 9.22 10.18
CA ASP A 76 9.39 10.12 9.43
C ASP A 76 8.65 9.37 8.33
N ASP A 77 9.36 8.51 7.63
CA ASP A 77 8.77 7.71 6.57
C ASP A 77 7.82 6.66 7.12
N GLN A 78 7.84 6.41 8.42
CA GLN A 78 6.98 5.39 9.01
C GLN A 78 5.59 5.92 9.26
N ASP A 79 4.62 5.34 8.57
CA ASP A 79 3.24 5.78 8.66
C ASP A 79 2.28 4.61 8.64
N ILE A 80 1.01 4.90 8.77
CA ILE A 80 -0.03 3.87 8.61
C ILE A 80 -0.66 4.00 7.25
N TYR A 81 -1.11 2.90 6.68
CA TYR A 81 -1.57 2.85 5.30
C TYR A 81 -2.81 1.99 5.17
N LYS A 82 -3.40 2.00 3.98
CA LYS A 82 -4.52 1.12 3.68
C LYS A 82 -4.56 0.79 2.20
N VAL A 83 -4.50 -0.49 1.89
CA VAL A 83 -4.39 -0.93 0.50
C VAL A 83 -5.74 -1.31 -0.06
N SER A 84 -6.18 -0.55 -1.06
CA SER A 84 -7.44 -0.77 -1.74
C SER A 84 -7.22 -0.96 -3.22
N ILE A 85 -7.47 -2.17 -3.69
CA ILE A 85 -7.16 -2.53 -5.08
C ILE A 85 -8.40 -3.05 -5.76
N TYR A 86 -8.80 -2.50 -6.89
CA TYR A 86 -10.11 -2.76 -7.48
C TYR A 86 -10.01 -3.36 -8.86
N ASP A 87 -11.17 -3.63 -9.44
CA ASP A 87 -11.27 -4.21 -10.78
C ASP A 87 -11.54 -3.14 -11.81
N THR A 88 -11.88 -3.58 -13.01
CA THR A 88 -12.13 -2.67 -14.12
C THR A 88 -13.32 -1.78 -13.84
N LYS A 89 -14.30 -2.31 -13.13
CA LYS A 89 -15.56 -1.60 -12.90
C LYS A 89 -15.54 -0.79 -11.62
N GLY A 90 -14.38 -0.55 -11.05
CA GLY A 90 -14.27 0.33 -9.88
C GLY A 90 -14.85 -0.28 -8.62
N LYS A 91 -14.92 -1.60 -8.56
CA LYS A 91 -15.34 -2.29 -7.34
C LYS A 91 -14.16 -2.63 -6.47
N ASN A 92 -14.18 -2.20 -5.23
CA ASN A 92 -13.16 -2.61 -4.26
C ASN A 92 -13.26 -4.09 -3.98
N VAL A 93 -12.56 -4.88 -4.78
CA VAL A 93 -12.67 -6.33 -4.71
C VAL A 93 -11.77 -6.94 -3.65
N LEU A 94 -10.69 -6.23 -3.36
CA LEU A 94 -9.77 -6.61 -2.30
C LEU A 94 -9.33 -5.38 -1.52
N GLU A 95 -9.17 -5.58 -0.22
CA GLU A 95 -8.91 -4.47 0.70
C GLU A 95 -8.26 -4.95 1.98
N LYS A 96 -7.48 -4.07 2.58
CA LYS A 96 -6.77 -4.38 3.81
C LYS A 96 -6.08 -3.16 4.37
N ILE A 97 -5.92 -3.14 5.68
CA ILE A 97 -5.29 -2.01 6.36
C ILE A 97 -3.89 -2.36 6.79
N PHE A 98 -3.03 -1.36 6.88
CA PHE A 98 -1.62 -1.59 7.19
C PHE A 98 -1.12 -0.60 8.23
N ASP A 99 0.03 -0.87 8.80
CA ASP A 99 0.63 0.03 9.80
C ASP A 99 2.13 -0.03 9.77
N LEU A 100 2.77 0.79 8.96
CA LEU A 100 4.22 0.85 8.89
C LEU A 100 4.79 1.34 10.20
N LYS A 101 5.71 0.58 10.77
CA LYS A 101 6.24 0.86 12.10
C LYS A 101 7.75 0.95 12.10
N ILE A 102 8.29 1.47 13.18
CA ILE A 102 9.72 1.45 13.45
C ILE A 102 9.99 0.79 14.78
N GLN A 103 11.10 0.07 14.84
CA GLN A 103 11.41 -0.77 16.00
C GLN A 103 12.79 -0.46 16.52
N GLU A 104 12.94 0.80 16.93
CA GLU A 104 14.18 1.35 17.44
C GLU A 104 13.99 2.77 17.92
N ARG A 105 13.73 2.85 19.24
CA ARG A 105 13.50 4.12 19.91
C ARG A 105 13.99 4.07 21.34
C1 NAG B . 5.47 -8.52 -4.91
C2 NAG B . 6.28 -9.41 -3.94
C3 NAG B . 7.72 -8.83 -3.75
C4 NAG B . 8.44 -8.59 -5.12
C5 NAG B . 7.53 -7.69 -6.02
C6 NAG B . 8.07 -7.48 -7.45
C7 NAG B . 4.83 -10.56 -2.28
C8 NAG B . 4.21 -10.49 -0.89
N2 NAG B . 5.60 -9.52 -2.62
O3 NAG B . 8.47 -9.73 -2.96
O4 NAG B . 9.74 -7.96 -4.95
O5 NAG B . 6.21 -8.30 -6.15
O6 NAG B . 9.01 -6.42 -7.48
O7 NAG B . 4.63 -11.54 -3.00
H1 NAG B . 5.26 -7.56 -4.44
H2 NAG B . 6.39 -10.41 -4.42
H3 NAG B . 7.66 -7.86 -3.22
H4 NAG B . 8.56 -9.57 -5.64
H5 NAG B . 7.42 -6.70 -5.55
H61 NAG B . 7.24 -7.22 -8.13
H62 NAG B . 8.52 -8.40 -7.86
H81 NAG B . 3.85 -11.48 -0.56
H82 NAG B . 4.92 -10.12 -0.13
H83 NAG B . 3.34 -9.81 -0.87
HN2 NAG B . 5.73 -8.76 -1.94
HO3 NAG B . 9.40 -9.50 -3.10
HO6 NAG B . 9.63 -6.62 -8.19
C1 NAG B . 10.87 -8.57 -5.66
C2 NAG B . 12.02 -7.57 -5.87
C3 NAG B . 13.26 -8.33 -6.47
C4 NAG B . 13.65 -9.58 -5.64
C5 NAG B . 12.41 -10.47 -5.38
C6 NAG B . 12.67 -11.63 -4.37
C7 NAG B . 11.31 -5.23 -6.32
C8 NAG B . 10.96 -4.19 -7.39
N2 NAG B . 11.61 -6.46 -6.78
O3 NAG B . 14.37 -7.45 -6.52
O4 NAG B . 14.67 -10.34 -6.36
O5 NAG B . 11.33 -9.67 -4.83
O6 NAG B . 12.45 -11.20 -3.04
O7 NAG B . 11.28 -4.91 -5.13
H1 NAG B . 10.52 -8.97 -6.64
H2 NAG B . 12.32 -7.18 -4.87
H3 NAG B . 13.02 -8.65 -7.50
H4 NAG B . 14.03 -9.21 -4.67
H5 NAG B . 12.07 -10.93 -6.33
H61 NAG B . 13.71 -11.98 -4.45
H62 NAG B . 12.03 -12.50 -4.60
H81 NAG B . 10.54 -3.27 -6.94
H82 NAG B . 11.86 -3.89 -7.98
H83 NAG B . 10.22 -4.58 -8.11
HN2 NAG B . 11.57 -6.63 -7.78
HO3 NAG B . 15.10 -7.93 -6.12
HO6 NAG B . 13.15 -10.57 -2.84
C1 BMA B . 16.03 -10.32 -5.83
C2 BMA B . 16.48 -11.77 -5.48
C3 BMA B . 17.96 -11.75 -5.00
C4 BMA B . 18.89 -11.04 -6.03
C5 BMA B . 18.34 -9.63 -6.42
C6 BMA B . 19.12 -9.01 -7.58
O2 BMA B . 16.33 -12.63 -6.61
O3 BMA B . 18.45 -13.09 -4.75
O4 BMA B . 20.19 -10.90 -5.46
O5 BMA B . 16.94 -9.74 -6.82
O6 BMA B . 18.60 -7.69 -7.89
H1 BMA B . 16.06 -9.72 -4.90
H2 BMA B . 15.84 -12.16 -4.67
H3 BMA B . 18.00 -11.15 -4.06
H4 BMA B . 18.96 -11.68 -6.93
H5 BMA B . 18.41 -8.96 -5.54
H61 BMA B . 19.07 -9.67 -8.46
H62 BMA B . 20.20 -8.91 -7.31
HO2 BMA B . 15.45 -12.99 -6.55
HO4 BMA B . 20.26 -11.59 -4.79
C1 MAN B . 19.32 -6.97 -8.92
C2 MAN B . 18.72 -5.56 -9.13
C3 MAN B . 17.34 -5.62 -9.85
C4 MAN B . 17.37 -6.51 -11.13
C5 MAN B . 17.99 -7.89 -10.80
C6 MAN B . 18.13 -8.84 -12.00
O2 MAN B . 19.63 -4.78 -9.90
O3 MAN B . 16.93 -4.27 -10.20
O4 MAN B . 16.04 -6.65 -11.62
O5 MAN B . 19.31 -7.71 -10.19
O6 MAN B . 19.48 -8.84 -12.50
H1 MAN B . 20.38 -6.85 -8.60
H2 MAN B . 18.59 -5.07 -8.15
H3 MAN B . 16.63 -6.08 -9.14
H4 MAN B . 17.98 -6.01 -11.91
H5 MAN B . 17.34 -8.41 -10.07
H61 MAN B . 17.41 -8.56 -12.80
H62 MAN B . 17.85 -9.87 -11.68
HO2 MAN B . 20.51 -5.02 -9.59
HO4 MAN B . 15.99 -6.09 -12.40
C1 MAN B . 19.65 -9.28 -13.87
C2 MAN B . 19.00 -10.67 -14.05
C3 MAN B . 19.83 -11.78 -13.34
C4 MAN B . 21.34 -11.71 -13.70
C5 MAN B . 21.90 -10.27 -13.50
C6 MAN B . 23.35 -10.08 -13.97
O2 MAN B . 18.90 -10.95 -15.48
O3 MAN B . 19.31 -13.06 -13.67
O4 MAN B . 22.04 -12.64 -12.87
O5 MAN B . 21.07 -9.32 -14.22
O6 MAN B . 23.40 -9.80 -15.37
H1 MAN B . 19.15 -8.58 -14.57
H2 MAN B . 17.99 -10.64 -13.58
H3 MAN B . 19.73 -11.62 -12.25
H4 MAN B . 21.47 -12.01 -14.76
H5 MAN B . 21.87 -10.03 -12.41
H61 MAN B . 23.93 -11.01 -13.78
H62 MAN B . 23.85 -9.28 -13.41
HO3 MAN B . 18.61 -13.22 -13.03
HO4 MAN B . 22.27 -12.16 -12.07
HO6 MAN B . 24.31 -9.57 -15.56
C1 MAN B . 17.68 -10.49 -16.15
C2 MAN B . 17.60 -11.13 -17.56
C3 MAN B . 18.62 -10.49 -18.53
C4 MAN B . 18.55 -8.94 -18.54
C5 MAN B . 18.63 -8.37 -17.09
C6 MAN B . 18.38 -6.86 -16.99
O2 MAN B . 16.27 -10.94 -18.06
O3 MAN B . 18.42 -10.99 -19.85
O4 MAN B . 19.62 -8.43 -19.33
O5 MAN B . 17.64 -9.03 -16.24
O6 MAN B . 19.26 -6.25 -16.06
H1 MAN B . 16.81 -10.84 -15.57
H2 MAN B . 17.77 -12.22 -17.50
H3 MAN B . 19.63 -10.80 -18.20
H4 MAN B . 17.59 -8.62 -19.00
H5 MAN B . 19.64 -8.59 -16.68
H61 MAN B . 17.34 -6.67 -16.67
H62 MAN B . 18.49 -6.37 -17.98
HO2 MAN B . 15.68 -11.05 -17.31
HO3 MAN B . 18.18 -11.91 -19.74
HO4 MAN B . 19.95 -9.18 -19.84
HO6 MAN B . 18.88 -6.39 -15.19
C1 MAN B . 15.70 -3.75 -9.63
C2 MAN B . 14.57 -3.78 -10.68
C3 MAN B . 14.79 -2.70 -11.77
C4 MAN B . 15.07 -1.29 -11.18
C5 MAN B . 16.20 -1.36 -10.11
C6 MAN B . 16.41 -0.04 -9.35
O2 MAN B . 13.33 -3.56 -10.03
O3 MAN B . 13.67 -2.64 -12.64
O4 MAN B . 15.43 -0.41 -12.23
O5 MAN B . 15.89 -2.40 -9.12
O6 MAN B . 17.78 0.16 -9.02
H1 MAN B . 15.40 -4.40 -8.79
H2 MAN B . 14.52 -4.78 -11.16
H3 MAN B . 15.67 -3.00 -12.38
H4 MAN B . 14.14 -0.92 -10.72
H5 MAN B . 17.15 -1.62 -10.60
H61 MAN B . 15.83 -0.04 -8.41
H62 MAN B . 16.04 0.82 -9.93
HO2 MAN B . 13.09 -2.64 -10.20
HO3 MAN B . 13.03 -3.27 -12.29
HO4 MAN B . 15.48 -0.94 -13.03
HO6 MAN B . 18.28 -0.29 -9.72
C1 MAN B . 18.20 -13.69 -3.45
C2 MAN B . 19.29 -14.75 -3.12
C3 MAN B . 19.09 -16.03 -3.98
C4 MAN B . 17.64 -16.57 -3.93
C5 MAN B . 16.62 -15.44 -4.26
C6 MAN B . 15.15 -15.85 -4.08
O2 MAN B . 19.20 -15.09 -1.71
O3 MAN B . 20.00 -17.04 -3.55
O4 MAN B . 17.52 -17.65 -4.85
O5 MAN B . 16.87 -14.29 -3.40
O6 MAN B . 14.69 -16.65 -5.17
H1 MAN B . 18.25 -12.92 -2.66
H2 MAN B . 20.27 -14.30 -3.36
H3 MAN B . 19.34 -15.78 -5.03
H4 MAN B . 17.44 -16.96 -2.91
H5 MAN B . 16.76 -15.13 -5.32
H61 MAN B . 14.51 -14.96 -4.00
H62 MAN B . 15.01 -16.41 -3.13
HO3 MAN B . 20.85 -16.83 -3.96
HO4 MAN B . 17.44 -17.25 -5.71
HO6 MAN B . 13.77 -16.38 -5.31
C1 MAN B . 20.41 -15.57 -1.06
C2 MAN B . 20.12 -16.87 -0.27
C3 MAN B . 19.28 -16.58 1.01
C4 MAN B . 19.90 -15.45 1.88
C5 MAN B . 20.17 -14.18 1.02
C6 MAN B . 20.96 -13.09 1.77
O2 MAN B . 21.36 -17.46 0.08
O3 MAN B . 19.16 -17.77 1.77
O4 MAN B . 19.00 -15.15 2.94
O5 MAN B . 20.95 -14.54 -0.17
O6 MAN B . 20.10 -12.04 2.21
H1 MAN B . 21.17 -15.79 -1.82
H2 MAN B . 19.57 -17.57 -0.92
H3 MAN B . 18.27 -16.27 0.69
H4 MAN B . 20.85 -15.81 2.31
H5 MAN B . 19.21 -13.75 0.70
H61 MAN B . 21.74 -12.66 1.11
H62 MAN B . 21.50 -13.52 2.64
HO2 MAN B . 21.64 -18.00 -0.67
HO3 MAN B . 19.76 -17.68 2.51
HO4 MAN B . 19.52 -14.74 3.63
HO6 MAN B . 19.64 -12.39 2.98
N LYS A 1 -20.27 -2.78 17.90
CA LYS A 1 -19.25 -3.73 18.34
C LYS A 1 -17.89 -3.33 17.84
N GLU A 2 -16.95 -4.26 17.93
CA GLU A 2 -15.55 -3.97 17.60
C GLU A 2 -15.01 -5.01 16.63
N ILE A 3 -13.91 -4.67 15.97
CA ILE A 3 -13.28 -5.58 15.02
C ILE A 3 -11.87 -5.15 14.70
N THR A 4 -11.05 -6.09 14.29
CA THR A 4 -9.66 -5.82 13.91
C THR A 4 -9.51 -5.80 12.40
N ASN A 5 -8.70 -4.88 11.89
CA ASN A 5 -8.59 -4.67 10.45
C ASN A 5 -7.30 -3.96 10.10
N ALA A 6 -6.18 -4.46 10.54
CA ALA A 6 -4.89 -3.81 10.31
C ALA A 6 -3.75 -4.81 10.20
N LEU A 7 -2.59 -4.28 9.83
CA LEU A 7 -1.41 -5.09 9.55
C LEU A 7 -0.17 -4.44 10.11
N GLU A 8 0.53 -5.16 10.97
CA GLU A 8 1.82 -4.69 11.50
C GLU A 8 2.88 -4.65 10.43
N THR A 9 3.39 -3.48 10.16
CA THR A 9 4.37 -3.27 9.09
C THR A 9 5.67 -2.75 9.66
N TRP A 10 6.73 -3.54 9.54
CA TRP A 10 8.01 -3.24 10.18
C TRP A 10 9.03 -2.71 9.20
N GLY A 11 10.00 -1.97 9.72
CA GLY A 11 11.13 -1.52 8.93
C GLY A 11 12.30 -1.13 9.80
N ALA A 12 13.33 -0.59 9.18
CA ALA A 12 14.49 -0.02 9.88
C ALA A 12 14.87 1.31 9.28
N LEU A 13 15.58 2.15 10.01
CA LEU A 13 15.83 3.53 9.52
C LEU A 13 16.94 3.60 8.49
N GLY A 14 16.67 4.41 7.46
CA GLY A 14 17.55 4.52 6.30
C GLY A 14 17.32 3.32 5.39
N GLN A 15 16.07 2.88 5.36
CA GLN A 15 15.78 1.59 4.72
C GLN A 15 14.32 1.34 4.41
N ASP A 16 14.11 0.51 3.38
CA ASP A 16 12.80 0.27 2.81
C ASP A 16 11.98 -0.70 3.62
N ILE A 17 10.67 -0.60 3.44
CA ILE A 17 9.70 -1.55 4.01
C ILE A 17 8.54 -1.73 3.07
N ASN A 18 8.04 -2.94 2.90
CA ASN A 18 7.04 -3.23 1.88
C ASN A 18 5.65 -3.39 2.47
N LEU A 19 4.65 -3.21 1.62
CA LEU A 19 3.24 -3.27 1.98
C LEU A 19 2.54 -4.39 1.24
N ASP A 20 2.86 -5.62 1.58
CA ASP A 20 2.32 -6.80 0.91
C ASP A 20 0.97 -7.15 1.50
N ILE A 21 -0.08 -6.83 0.76
CA ILE A 21 -1.44 -6.89 1.27
C ILE A 21 -2.22 -8.15 0.95
N PRO A 22 -2.34 -8.52 -0.30
CA PRO A 22 -3.25 -9.64 -0.83
C PRO A 22 -2.75 -11.06 -0.70
N SER A 23 -3.67 -11.98 -0.40
CA SER A 23 -3.44 -13.41 -0.40
C SER A 23 -3.81 -14.02 -1.73
N PHE A 24 -3.86 -13.22 -2.77
CA PHE A 24 -4.40 -13.65 -4.06
C PHE A 24 -3.39 -13.48 -5.18
N GLN A 25 -3.74 -13.99 -6.34
CA GLN A 25 -2.92 -13.85 -7.54
C GLN A 25 -3.78 -13.50 -8.73
N MET A 26 -3.70 -12.25 -9.16
CA MET A 26 -4.55 -11.73 -10.22
C MET A 26 -4.50 -12.59 -11.45
N SER A 27 -5.52 -12.47 -12.29
CA SER A 27 -5.67 -13.33 -13.46
C SER A 27 -6.88 -12.98 -14.28
N ASP A 28 -7.96 -12.67 -13.59
CA ASP A 28 -9.26 -12.43 -14.21
C ASP A 28 -9.34 -11.02 -14.76
N ASP A 29 -9.93 -10.09 -14.06
CA ASP A 29 -10.19 -8.75 -14.58
C ASP A 29 -9.66 -7.65 -13.68
N ILE A 30 -8.77 -7.97 -12.75
CA ILE A 30 -8.23 -6.97 -11.83
C ILE A 30 -7.42 -5.94 -12.58
N ASP A 31 -7.77 -4.67 -12.42
CA ASP A 31 -7.16 -3.60 -13.21
C ASP A 31 -6.53 -2.52 -12.37
N ASP A 32 -7.11 -2.14 -11.26
CA ASP A 32 -6.65 -0.98 -10.49
C ASP A 32 -6.05 -1.38 -9.16
N ILE A 33 -5.10 -0.56 -8.71
CA ILE A 33 -4.43 -0.77 -7.43
C ILE A 33 -4.21 0.54 -6.71
N LYS A 34 -4.81 0.71 -5.56
CA LYS A 34 -4.78 1.98 -4.84
C LYS A 34 -4.13 1.84 -3.49
N TRP A 35 -3.52 2.93 -3.03
CA TRP A 35 -2.94 3.01 -1.70
C TRP A 35 -3.06 4.42 -1.17
N GLU A 36 -3.80 4.58 -0.08
CA GLU A 36 -4.07 5.91 0.47
C GLU A 36 -3.25 6.15 1.72
N LYS A 37 -3.13 7.39 2.11
CA LYS A 37 -2.36 7.74 3.31
C LYS A 37 -3.30 8.00 4.46
N THR A 38 -3.33 7.08 5.40
CA THR A 38 -4.32 7.09 6.48
C THR A 38 -4.40 8.44 7.17
N SER A 39 -3.27 9.11 7.29
CA SER A 39 -3.17 10.35 8.06
C SER A 39 -4.21 11.35 7.60
N ASP A 40 -3.97 11.98 6.46
CA ASP A 40 -4.87 13.01 5.95
C ASP A 40 -5.85 12.44 4.94
N LYS A 41 -5.95 11.14 4.82
CA LYS A 41 -6.78 10.52 3.79
C LYS A 41 -6.40 11.07 2.43
N LYS A 42 -5.13 10.95 2.09
CA LYS A 42 -4.59 11.57 0.88
C LYS A 42 -3.71 10.61 0.12
N LYS A 43 -4.00 10.47 -1.16
CA LYS A 43 -3.40 9.48 -2.06
C LYS A 43 -1.90 9.35 -1.87
N ILE A 44 -1.41 8.15 -2.20
CA ILE A 44 0.00 7.81 -2.10
C ILE A 44 0.48 7.16 -3.39
N ALA A 45 -0.29 6.18 -3.84
CA ALA A 45 0.06 5.37 -5.00
C ALA A 45 -1.18 4.81 -5.64
N GLN A 46 -1.30 4.88 -6.96
CA GLN A 46 -2.54 4.48 -7.64
C GLN A 46 -2.30 4.04 -9.07
N PHE A 47 -3.09 3.07 -9.50
CA PHE A 47 -3.12 2.62 -10.89
C PHE A 47 -4.55 2.54 -11.39
N ARG A 48 -4.78 2.99 -12.60
CA ARG A 48 -6.12 2.96 -13.20
C ARG A 48 -6.05 3.23 -14.69
N LYS A 49 -5.83 2.17 -15.46
CA LYS A 49 -5.62 2.32 -16.91
C LYS A 49 -4.32 3.05 -17.17
N GLU A 50 -3.77 2.81 -18.34
CA GLU A 50 -2.59 3.54 -18.81
C GLU A 50 -2.93 4.84 -19.49
N LYS A 51 -3.84 5.61 -18.91
CA LYS A 51 -4.16 6.97 -19.37
C LYS A 51 -3.69 8.07 -18.43
N GLU A 52 -3.28 7.63 -17.26
CA GLU A 52 -2.91 8.52 -16.16
C GLU A 52 -2.72 7.74 -14.88
N THR A 53 -1.56 7.88 -14.26
CA THR A 53 -1.22 7.11 -13.08
C THR A 53 -0.56 7.97 -12.02
N PHE A 54 -0.53 7.48 -10.80
CA PHE A 54 0.04 8.20 -9.67
C PHE A 54 1.27 7.48 -9.15
N LYS A 55 2.43 8.02 -9.48
CA LYS A 55 3.70 7.47 -9.01
C LYS A 55 4.77 8.53 -8.97
N GLU A 56 5.00 9.11 -7.80
CA GLU A 56 5.94 10.21 -7.65
C GLU A 56 7.37 9.72 -7.70
N LYS A 57 7.69 8.77 -6.85
CA LYS A 57 9.07 8.30 -6.70
C LYS A 57 9.09 6.89 -6.13
N ASP A 58 10.29 6.35 -6.01
CA ASP A 58 10.47 5.03 -5.39
C ASP A 58 9.99 5.02 -3.96
N THR A 59 10.20 6.14 -3.29
CA THR A 59 9.91 6.23 -1.87
C THR A 59 8.48 5.80 -1.59
N TYR A 60 7.64 5.78 -2.62
CA TYR A 60 6.30 5.24 -2.48
C TYR A 60 5.85 4.59 -3.77
N LYS A 61 6.12 3.31 -3.95
CA LYS A 61 5.87 2.64 -5.23
C LYS A 61 4.67 1.73 -5.16
N LEU A 62 4.13 1.44 -6.34
CA LEU A 62 3.02 0.50 -6.51
C LEU A 62 3.43 -0.68 -7.35
N PHE A 63 3.17 -1.89 -6.89
CA PHE A 63 3.61 -3.09 -7.61
C PHE A 63 2.47 -3.71 -8.38
N LYS A 64 2.78 -4.73 -9.16
CA LYS A 64 1.80 -5.44 -9.97
C LYS A 64 0.91 -6.30 -9.10
N ASN A 65 1.47 -6.84 -8.04
CA ASN A 65 0.74 -7.75 -7.15
C ASN A 65 -0.07 -6.99 -6.11
N GLY A 66 -0.08 -5.67 -6.14
CA GLY A 66 -0.81 -4.88 -5.15
C GLY A 66 0.01 -4.59 -3.91
N THR A 67 1.32 -4.72 -3.98
CA THR A 67 2.20 -4.33 -2.88
C THR A 67 2.62 -2.89 -3.02
N LEU A 68 2.80 -2.22 -1.90
CA LEU A 68 3.33 -0.86 -1.87
C LEU A 68 4.61 -0.79 -1.07
N LYS A 69 5.65 -0.23 -1.66
CA LYS A 69 6.93 -0.09 -0.97
C LYS A 69 7.15 1.34 -0.53
N ILE A 70 7.78 1.50 0.61
CA ILE A 70 8.23 2.82 1.08
C ILE A 70 9.74 2.86 1.08
N LYS A 71 10.37 3.43 0.06
CA LYS A 71 11.81 3.24 -0.13
C LYS A 71 12.70 4.05 0.78
N HIS A 72 13.72 3.38 1.31
CA HIS A 72 14.84 3.96 2.05
C HIS A 72 14.48 5.10 2.96
N LEU A 73 14.16 4.83 4.22
CA LEU A 73 14.00 5.88 5.21
C LEU A 73 13.65 5.39 6.61
N LYS A 74 13.59 6.37 7.52
CA LYS A 74 13.43 6.18 8.96
C LYS A 74 11.99 6.31 9.42
N THR A 75 11.82 6.64 10.68
CA THR A 75 10.51 6.90 11.28
C THR A 75 9.64 7.79 10.40
N ASP A 76 10.29 8.61 9.61
CA ASP A 76 9.61 9.55 8.72
C ASP A 76 8.81 8.81 7.67
N ASP A 77 9.45 7.86 7.02
CA ASP A 77 8.80 6.98 6.07
C ASP A 77 7.87 6.00 6.76
N GLN A 78 7.92 5.89 8.06
CA GLN A 78 7.03 4.98 8.80
C GLN A 78 5.74 5.69 9.15
N ASP A 79 4.71 5.40 8.37
CA ASP A 79 3.37 5.96 8.55
C ASP A 79 2.30 4.89 8.42
N ILE A 80 1.09 5.26 8.79
CA ILE A 80 -0.07 4.37 8.64
C ILE A 80 -0.65 4.49 7.23
N TYR A 81 -1.09 3.37 6.70
CA TYR A 81 -1.52 3.24 5.32
C TYR A 81 -2.78 2.41 5.22
N LYS A 82 -3.38 2.43 4.04
CA LYS A 82 -4.53 1.58 3.76
C LYS A 82 -4.58 1.24 2.29
N VAL A 83 -4.82 -0.01 1.96
CA VAL A 83 -4.74 -0.48 0.58
C VAL A 83 -6.07 -0.98 0.08
N SER A 84 -6.48 -0.48 -1.07
CA SER A 84 -7.72 -0.88 -1.73
C SER A 84 -7.47 -1.11 -3.21
N ILE A 85 -7.47 -2.36 -3.61
CA ILE A 85 -7.11 -2.74 -4.98
C ILE A 85 -8.34 -3.23 -5.71
N TYR A 86 -8.74 -2.59 -6.79
CA TYR A 86 -10.04 -2.81 -7.41
C TYR A 86 -9.93 -3.51 -8.75
N ASP A 87 -11.08 -3.90 -9.27
CA ASP A 87 -11.17 -4.57 -10.57
C ASP A 87 -11.44 -3.58 -11.67
N THR A 88 -11.77 -4.10 -12.84
CA THR A 88 -12.17 -3.28 -13.98
C THR A 88 -13.39 -2.44 -13.67
N LYS A 89 -14.24 -2.90 -12.77
CA LYS A 89 -15.52 -2.22 -12.51
C LYS A 89 -15.42 -1.19 -11.42
N GLY A 90 -14.24 -0.92 -10.88
CA GLY A 90 -14.08 0.13 -9.87
C GLY A 90 -14.45 -0.32 -8.49
N LYS A 91 -14.84 -1.56 -8.31
CA LYS A 91 -15.18 -2.10 -6.98
C LYS A 91 -13.94 -2.48 -6.20
N ASN A 92 -13.94 -2.21 -4.92
CA ASN A 92 -12.89 -2.68 -4.02
C ASN A 92 -13.01 -4.16 -3.80
N VAL A 93 -12.44 -4.95 -4.70
CA VAL A 93 -12.60 -6.40 -4.69
C VAL A 93 -11.76 -7.08 -3.63
N LEU A 94 -10.70 -6.41 -3.23
CA LEU A 94 -9.85 -6.85 -2.13
C LEU A 94 -9.29 -5.65 -1.41
N GLU A 95 -9.13 -5.78 -0.10
CA GLU A 95 -8.78 -4.64 0.73
C GLU A 95 -8.07 -5.02 2.02
N LYS A 96 -7.46 -4.04 2.64
CA LYS A 96 -6.84 -4.19 3.95
C LYS A 96 -6.25 -2.88 4.42
N ILE A 97 -6.07 -2.74 5.72
CA ILE A 97 -5.51 -1.51 6.31
C ILE A 97 -4.14 -1.78 6.89
N PHE A 98 -3.34 -0.75 7.08
CA PHE A 98 -1.95 -0.92 7.47
C PHE A 98 -1.50 0.07 8.53
N ASP A 99 -0.32 -0.20 9.09
CA ASP A 99 0.24 0.66 10.12
C ASP A 99 1.74 0.52 10.23
N LEU A 100 2.44 1.59 9.89
CA LEU A 100 3.88 1.71 10.06
C LEU A 100 4.42 1.18 11.37
N LYS A 101 5.73 0.93 11.36
CA LYS A 101 6.54 0.70 12.55
C LYS A 101 8.01 0.92 12.24
N ILE A 102 8.80 0.92 13.29
CA ILE A 102 10.26 0.90 13.19
C ILE A 102 10.84 0.21 14.41
N GLN A 103 11.84 -0.62 14.16
CA GLN A 103 12.37 -1.52 15.18
C GLN A 103 13.64 -0.99 15.79
N GLU A 104 13.55 -0.64 17.06
CA GLU A 104 14.70 -0.22 17.86
C GLU A 104 14.28 0.13 19.26
N ARG A 105 14.26 -0.88 20.11
CA ARG A 105 13.74 -0.75 21.48
C ARG A 105 14.86 -0.85 22.49
C1 NAG B . 5.27 -8.28 -5.01
C2 NAG B . 5.99 -9.34 -4.11
C3 NAG B . 7.39 -8.82 -3.70
C4 NAG B . 8.24 -8.36 -4.93
C5 NAG B . 7.43 -7.32 -5.75
C6 NAG B . 8.11 -6.87 -7.06
C7 NAG B . 4.68 -10.88 -2.66
C8 NAG B . 3.84 -10.99 -1.38
N2 NAG B . 5.18 -9.66 -2.91
O3 NAG B . 8.07 -9.85 -2.99
O4 NAG B . 9.52 -7.78 -4.52
O5 NAG B . 6.14 -7.88 -6.10
O6 NAG B . 8.76 -7.97 -7.69
O7 NAG B . 4.87 -11.85 -3.38
H1 NAG B . 5.01 -7.42 -4.40
H2 NAG B . 6.15 -10.25 -4.73
H3 NAG B . 7.27 -7.95 -3.01
H4 NAG B . 8.43 -9.24 -5.57
H5 NAG B . 7.26 -6.42 -5.13
H61 NAG B . 7.35 -6.46 -7.76
H62 NAG B . 8.83 -6.06 -6.88
H81 NAG B . 4.39 -10.62 -0.51
H82 NAG B . 2.89 -10.43 -1.46
H83 NAG B . 3.59 -12.05 -1.17
HN2 NAG B . 4.98 -8.90 -2.24
HO3 NAG B . 7.65 -10.68 -3.25
HO6 NAG B . 8.07 -8.54 -8.02
C1 NAG B . 10.73 -8.29 -5.15
C2 NAG B . 11.83 -7.21 -5.26
C3 NAG B . 13.15 -7.86 -5.78
C4 NAG B . 13.58 -9.11 -4.96
C5 NAG B . 12.38 -10.11 -4.82
C6 NAG B . 12.64 -11.26 -3.83
C7 NAG B . 11.78 -4.83 -5.98
C8 NAG B . 11.31 -3.84 -7.03
N2 NAG B . 11.40 -6.10 -6.16
O3 NAG B . 14.20 -6.92 -5.73
O4 NAG B . 14.69 -9.78 -5.63
O5 NAG B . 11.21 -9.39 -4.33
O6 NAG B . 11.68 -12.29 -3.99
O7 NAG B . 12.48 -4.44 -5.04
H1 NAG B . 10.49 -8.69 -6.17
H2 NAG B . 12.03 -6.83 -4.24
H3 NAG B . 13.01 -8.17 -6.84
H4 NAG B . 13.86 -8.76 -3.95
H5 NAG B . 12.14 -10.54 -5.80
H61 NAG B . 12.59 -10.89 -2.79
H62 NAG B . 13.66 -11.67 -3.95
H81 NAG B . 10.57 -4.29 -7.72
H82 NAG B . 10.83 -2.95 -6.58
H83 NAG B . 12.14 -3.47 -7.66
HN2 NAG B . 10.79 -6.33 -6.96
HO3 NAG B . 15.02 -7.43 -5.74
HO6 NAG B . 11.93 -12.77 -4.78
C1 BMA B . 15.92 -9.98 -4.90
C2 BMA B . 16.30 -11.49 -4.87
C3 BMA B . 17.68 -11.68 -4.18
C4 BMA B . 18.77 -10.77 -4.81
C5 BMA B . 18.29 -9.28 -4.86
C6 BMA B . 19.29 -8.38 -5.62
O2 BMA B . 16.32 -12.01 -6.19
O3 BMA B . 18.11 -13.07 -4.25
O4 BMA B . 19.97 -10.88 -4.06
O5 BMA B . 16.99 -9.20 -5.51
O6 BMA B . 18.70 -7.07 -5.85
H1 BMA B . 15.79 -9.65 -3.84
H2 BMA B . 15.54 -12.04 -4.29
H3 BMA B . 17.58 -11.37 -3.12
H4 BMA B . 18.98 -11.13 -5.85
H5 BMA B . 18.20 -8.90 -3.83
H61 BMA B . 19.59 -8.86 -6.56
H62 BMA B . 20.22 -8.25 -5.02
HO2 BMA B . 15.68 -12.72 -6.21
HO4 BMA B . 20.62 -10.34 -4.51
C1 MAN B . 19.61 -5.96 -5.66
C2 MAN B . 18.82 -4.62 -5.71
C3 MAN B . 18.37 -4.27 -7.16
C4 MAN B . 19.55 -4.36 -8.18
C5 MAN B . 20.27 -5.73 -8.05
C6 MAN B . 21.50 -5.90 -8.97
O2 MAN B . 19.64 -3.57 -5.19
O3 MAN B . 17.81 -2.93 -7.19
O4 MAN B . 19.04 -4.18 -9.49
O5 MAN B . 20.67 -5.95 -6.66
O6 MAN B . 21.15 -5.74 -10.35
H1 MAN B . 20.07 -6.05 -4.66
H2 MAN B . 17.92 -4.70 -5.07
H3 MAN B . 17.62 -5.02 -7.46
H4 MAN B . 20.28 -3.55 -7.97
H5 MAN B . 19.56 -6.52 -8.34
H61 MAN B . 21.96 -6.89 -8.80
H62 MAN B . 22.26 -5.16 -8.68
HO2 MAN B . 19.43 -3.53 -4.25
HO4 MAN B . 18.46 -3.42 -9.45
C1 MAN B . 22.01 -6.40 -11.30
C2 MAN B . 22.95 -5.35 -11.97
C3 MAN B . 22.17 -4.46 -12.97
C4 MAN B . 21.31 -5.28 -13.97
C5 MAN B . 20.40 -6.29 -13.20
C6 MAN B . 19.62 -7.26 -14.12
O2 MAN B . 24.02 -6.06 -12.64
O3 MAN B . 23.07 -3.63 -13.69
O4 MAN B . 20.51 -4.39 -14.73
O5 MAN B . 21.22 -7.11 -12.31
O6 MAN B . 18.36 -7.59 -13.56
H1 MAN B . 22.66 -7.14 -10.79
H2 MAN B . 23.35 -4.71 -11.17
H3 MAN B . 21.49 -3.81 -12.40
H4 MAN B . 21.97 -5.84 -14.65
H5 MAN B . 19.66 -5.74 -12.60
H61 MAN B . 20.20 -8.20 -14.25
H62 MAN B . 19.49 -6.84 -15.13
HO3 MAN B . 22.53 -3.09 -14.28
HO4 MAN B . 20.00 -4.93 -15.34
HO6 MAN B . 18.19 -6.94 -12.88
C1 MAN B . 25.37 -5.52 -12.50
C2 MAN B . 26.21 -5.85 -13.77
C3 MAN B . 26.60 -7.35 -13.79
C4 MAN B . 27.25 -7.82 -12.46
C5 MAN B . 26.36 -7.44 -11.25
C6 MAN B . 27.02 -7.71 -9.88
O2 MAN B . 27.38 -5.04 -13.74
O3 MAN B . 27.49 -7.59 -14.87
O4 MAN B . 27.43 -9.23 -12.52
O5 MAN B . 26.03 -6.02 -11.30
O6 MAN B . 28.16 -6.89 -9.69
H1 MAN B . 25.29 -4.41 -12.43
H2 MAN B . 25.63 -5.60 -14.67
H3 MAN B . 25.67 -7.94 -13.96
H4 MAN B . 28.24 -7.34 -12.36
H5 MAN B . 25.41 -8.01 -11.29
H61 MAN B . 27.32 -8.77 -9.80
H62 MAN B . 26.30 -7.54 -9.05
HO2 MAN B . 27.40 -4.61 -12.89
HO3 MAN B . 27.15 -7.08 -15.61
HO4 MAN B . 28.32 -9.40 -12.19
HO6 MAN B . 28.66 -7.29 -8.97
C1 MAN B . 16.37 -2.81 -7.11
C2 MAN B . 15.78 -2.58 -8.53
C3 MAN B . 16.10 -1.14 -9.03
C4 MAN B . 15.72 -0.05 -8.00
C5 MAN B . 16.33 -0.37 -6.61
C6 MAN B . 15.84 0.58 -5.48
O2 MAN B . 14.37 -2.78 -8.48
O3 MAN B . 15.43 -0.90 -10.26
O4 MAN B . 16.19 1.21 -8.48
O5 MAN B . 15.98 -1.73 -6.21
O6 MAN B . 14.48 0.96 -5.68
H1 MAN B . 15.95 -3.76 -6.72
H2 MAN B . 16.21 -3.31 -9.23
H3 MAN B . 17.19 -1.08 -9.23
H4 MAN B . 14.62 0.00 -7.92
H5 MAN B . 17.43 -0.29 -6.67
H61 MAN B . 16.46 1.50 -5.48
H62 MAN B . 15.97 0.11 -4.50
HO2 MAN B . 14.05 -2.59 -9.36
HO3 MAN B . 16.11 -0.90 -10.94
HO4 MAN B . 16.07 1.20 -9.43
HO6 MAN B . 14.05 0.79 -4.84
C1 MAN B . 17.79 -13.93 -3.12
C2 MAN B . 18.90 -15.01 -2.93
C3 MAN B . 18.83 -16.08 -4.06
C4 MAN B . 17.40 -16.66 -4.23
C5 MAN B . 16.36 -15.52 -4.41
C6 MAN B . 14.90 -16.01 -4.42
O2 MAN B . 18.72 -15.63 -1.63
O3 MAN B . 19.74 -17.12 -3.77
O4 MAN B . 17.40 -17.52 -5.37
O5 MAN B . 16.48 -14.56 -3.31
O6 MAN B . 14.49 -16.47 -3.13
H1 MAN B . 17.75 -13.33 -2.19
H2 MAN B . 19.87 -14.49 -2.99
H3 MAN B . 19.13 -15.60 -5.01
H4 MAN B . 17.15 -17.27 -3.34
H5 MAN B . 16.55 -14.99 -5.36
H61 MAN B . 14.78 -16.84 -5.14
H62 MAN B . 14.21 -15.21 -4.76
HO3 MAN B . 20.51 -16.96 -4.32
HO4 MAN B . 18.22 -18.02 -5.34
HO6 MAN B . 14.40 -15.69 -2.58
C1 MAN B . 19.80 -15.46 -0.67
C2 MAN B . 19.91 -16.72 0.23
C3 MAN B . 18.72 -16.81 1.24
C4 MAN B . 18.52 -15.50 2.02
C5 MAN B . 18.42 -14.28 1.06
C6 MAN B . 18.40 -12.91 1.79
O2 MAN B . 21.14 -16.66 0.95
O3 MAN B . 18.95 -17.90 2.13
O4 MAN B . 17.33 -15.62 2.80
O5 MAN B . 19.56 -14.27 0.15
O6 MAN B . 18.05 -11.86 0.91
H1 MAN B . 20.76 -15.34 -1.19
H2 MAN B . 19.93 -17.62 -0.40
H3 MAN B . 17.81 -17.03 0.66
H4 MAN B . 19.37 -15.35 2.72
H5 MAN B . 17.50 -14.36 0.46
H61 MAN B . 19.40 -12.71 2.22
H62 MAN B . 17.71 -12.94 2.64
HO2 MAN B . 21.01 -16.02 1.65
HO3 MAN B . 19.42 -18.56 1.64
HO4 MAN B . 17.26 -16.54 3.05
HO6 MAN B . 18.39 -12.11 0.05
N LYS A 1 -17.85 -13.91 16.96
CA LYS A 1 -16.52 -14.18 16.41
C LYS A 1 -15.76 -12.89 16.19
N GLU A 2 -14.45 -12.97 16.35
CA GLU A 2 -13.61 -11.79 16.26
C GLU A 2 -12.49 -11.99 15.26
N ILE A 3 -12.46 -11.13 14.25
CA ILE A 3 -11.37 -11.12 13.29
C ILE A 3 -10.68 -9.78 13.25
N THR A 4 -9.45 -9.77 12.78
CA THR A 4 -8.68 -8.53 12.64
C THR A 4 -8.87 -7.93 11.26
N ASN A 5 -8.36 -6.74 11.09
CA ASN A 5 -8.44 -6.03 9.81
C ASN A 5 -7.28 -5.09 9.64
N ALA A 6 -6.08 -5.59 9.85
CA ALA A 6 -4.87 -4.77 9.81
C ALA A 6 -3.64 -5.62 9.60
N LEU A 7 -2.52 -4.96 9.40
CA LEU A 7 -1.26 -5.62 9.11
C LEU A 7 -0.11 -4.98 9.86
N GLU A 8 0.23 -5.54 11.01
CA GLU A 8 1.38 -5.08 11.78
C GLU A 8 2.63 -5.06 10.93
N THR A 9 3.03 -3.88 10.50
CA THR A 9 4.17 -3.72 9.63
C THR A 9 5.32 -3.07 10.37
N TRP A 10 6.54 -3.54 10.12
CA TRP A 10 7.70 -3.11 10.89
C TRP A 10 8.90 -2.87 10.00
N GLY A 11 9.67 -1.85 10.31
CA GLY A 11 10.84 -1.48 9.52
C GLY A 11 11.93 -0.89 10.39
N ALA A 12 12.56 0.17 9.92
CA ALA A 12 13.69 0.75 10.62
C ALA A 12 14.06 2.11 10.05
N LEU A 13 14.53 3.00 10.90
CA LEU A 13 15.07 4.28 10.45
C LEU A 13 16.34 4.07 9.65
N GLY A 14 16.29 4.55 8.42
CA GLY A 14 17.43 4.52 7.48
C GLY A 14 17.29 3.28 6.62
N GLN A 15 16.04 2.90 6.37
CA GLN A 15 15.76 1.61 5.75
C GLN A 15 15.08 1.70 4.40
N ASP A 16 14.71 0.52 3.90
CA ASP A 16 13.88 0.37 2.72
C ASP A 16 13.08 -0.92 2.79
N ILE A 17 11.77 -0.78 2.75
CA ILE A 17 10.87 -1.91 2.96
C ILE A 17 9.60 -1.73 2.19
N ASN A 18 8.84 -2.81 2.01
CA ASN A 18 7.67 -2.79 1.14
C ASN A 18 6.38 -2.96 1.91
N LEU A 19 5.29 -2.57 1.25
CA LEU A 19 3.93 -2.78 1.73
C LEU A 19 3.30 -3.94 1.00
N ASP A 20 2.86 -4.94 1.74
CA ASP A 20 2.40 -6.19 1.13
C ASP A 20 0.90 -6.19 0.95
N ILE A 21 0.32 -7.37 0.89
CA ILE A 21 -1.10 -7.53 0.58
C ILE A 21 -1.55 -8.94 0.85
N PRO A 22 -2.81 -9.11 1.20
CA PRO A 22 -3.53 -10.43 1.45
C PRO A 22 -3.28 -11.49 0.40
N SER A 23 -3.92 -12.64 0.60
CA SER A 23 -3.70 -13.80 -0.26
C SER A 23 -4.60 -13.80 -1.47
N PHE A 24 -4.98 -12.64 -1.94
CA PHE A 24 -5.69 -12.46 -3.20
C PHE A 24 -4.79 -11.86 -4.24
N GLN A 25 -4.62 -12.51 -5.38
CA GLN A 25 -3.64 -12.08 -6.38
C GLN A 25 -4.31 -11.76 -7.70
N MET A 26 -3.70 -10.85 -8.44
CA MET A 26 -4.25 -10.36 -9.69
C MET A 26 -3.82 -11.20 -10.86
N SER A 27 -4.49 -11.04 -11.98
CA SER A 27 -4.09 -11.69 -13.22
C SER A 27 -4.64 -10.91 -14.41
N ASP A 28 -5.44 -11.52 -15.26
CA ASP A 28 -5.90 -10.89 -16.49
C ASP A 28 -7.19 -10.14 -16.29
N ASP A 29 -7.53 -9.78 -15.07
CA ASP A 29 -8.84 -9.16 -14.77
C ASP A 29 -8.71 -7.82 -14.07
N ILE A 30 -7.84 -7.80 -13.08
CA ILE A 30 -7.69 -6.62 -12.22
C ILE A 30 -6.99 -5.50 -12.96
N ASP A 31 -7.52 -4.30 -12.82
CA ASP A 31 -7.05 -3.16 -13.59
C ASP A 31 -6.65 -1.99 -12.72
N ASP A 32 -7.12 -1.90 -11.50
CA ASP A 32 -6.91 -0.71 -10.66
C ASP A 32 -6.24 -1.05 -9.36
N ILE A 33 -5.37 -0.15 -8.93
CA ILE A 33 -4.70 -0.23 -7.63
C ILE A 33 -4.78 1.10 -6.92
N LYS A 34 -4.69 1.10 -5.61
CA LYS A 34 -4.61 2.35 -4.85
C LYS A 34 -3.99 2.14 -3.48
N TRP A 35 -3.20 3.11 -3.07
CA TRP A 35 -2.52 3.11 -1.77
C TRP A 35 -2.50 4.52 -1.19
N GLU A 36 -3.08 4.69 -0.03
CA GLU A 36 -3.23 6.02 0.56
C GLU A 36 -2.79 6.04 2.00
N LYS A 37 -2.81 7.20 2.62
CA LYS A 37 -2.56 7.29 4.06
C LYS A 37 -3.85 7.08 4.81
N THR A 38 -3.81 6.38 5.94
CA THR A 38 -5.04 5.96 6.60
C THR A 38 -5.79 7.15 7.19
N SER A 39 -5.14 7.88 8.07
CA SER A 39 -5.78 8.96 8.81
C SER A 39 -5.51 10.30 8.15
N ASP A 40 -4.32 10.43 7.60
CA ASP A 40 -3.96 11.60 6.80
C ASP A 40 -4.76 11.65 5.52
N LYS A 41 -5.14 10.49 5.02
CA LYS A 41 -5.98 10.40 3.82
C LYS A 41 -5.35 11.15 2.67
N LYS A 42 -4.16 10.72 2.29
CA LYS A 42 -3.43 11.36 1.20
C LYS A 42 -2.77 10.33 0.29
N LYS A 43 -3.13 10.37 -0.98
CA LYS A 43 -2.70 9.39 -1.96
C LYS A 43 -1.20 9.19 -1.92
N ILE A 44 -0.77 8.05 -2.45
CA ILE A 44 0.63 7.67 -2.50
C ILE A 44 0.97 7.04 -3.84
N ALA A 45 0.16 6.06 -4.20
CA ALA A 45 0.35 5.27 -5.41
C ALA A 45 -0.98 4.78 -5.93
N GLN A 46 -1.28 4.95 -7.21
CA GLN A 46 -2.62 4.62 -7.71
C GLN A 46 -2.66 4.46 -9.22
N PHE A 47 -3.45 3.50 -9.66
CA PHE A 47 -3.77 3.28 -11.07
C PHE A 47 -5.26 3.27 -11.29
N ARG A 48 -5.78 4.17 -12.10
CA ARG A 48 -7.22 4.27 -12.33
C ARG A 48 -7.53 4.51 -13.78
N LYS A 49 -7.83 3.44 -14.51
CA LYS A 49 -8.08 3.53 -15.94
C LYS A 49 -6.81 3.88 -16.68
N GLU A 50 -6.79 3.52 -17.95
CA GLU A 50 -5.70 3.91 -18.85
C GLU A 50 -5.93 5.26 -19.47
N LYS A 51 -6.46 6.21 -18.73
CA LYS A 51 -6.60 7.61 -19.17
C LYS A 51 -5.87 8.62 -18.28
N GLU A 52 -5.37 8.11 -17.17
CA GLU A 52 -4.74 8.94 -16.16
C GLU A 52 -4.34 8.11 -14.96
N THR A 53 -3.04 7.98 -14.74
CA THR A 53 -2.51 7.28 -13.58
C THR A 53 -1.19 7.88 -13.15
N PHE A 54 -0.72 7.49 -11.97
CA PHE A 54 0.49 8.09 -11.40
C PHE A 54 1.09 7.21 -10.35
N LYS A 55 2.40 7.02 -10.44
CA LYS A 55 3.12 6.14 -9.51
C LYS A 55 4.62 6.29 -9.66
N GLU A 56 5.08 7.48 -9.98
CA GLU A 56 6.49 7.71 -10.28
C GLU A 56 7.27 8.07 -9.04
N LYS A 57 7.68 7.05 -8.30
CA LYS A 57 8.56 7.23 -7.15
C LYS A 57 8.85 5.91 -6.48
N ASP A 58 10.12 5.62 -6.24
CA ASP A 58 10.48 4.38 -5.53
C ASP A 58 10.20 4.50 -4.05
N THR A 59 10.38 5.70 -3.53
CA THR A 59 10.02 6.00 -2.15
C THR A 59 8.59 5.59 -1.88
N TYR A 60 7.79 5.57 -2.93
CA TYR A 60 6.41 5.09 -2.84
C TYR A 60 5.95 4.51 -4.17
N LYS A 61 6.06 3.22 -4.40
CA LYS A 61 5.77 2.64 -5.72
C LYS A 61 4.93 1.39 -5.64
N LEU A 62 4.14 1.16 -6.68
CA LEU A 62 3.20 0.03 -6.76
C LEU A 62 3.88 -1.19 -7.34
N PHE A 63 3.23 -2.34 -7.26
CA PHE A 63 3.69 -3.56 -7.93
C PHE A 63 2.56 -4.27 -8.63
N LYS A 64 2.89 -5.34 -9.32
CA LYS A 64 1.89 -6.16 -10.00
C LYS A 64 1.00 -6.87 -9.02
N ASN A 65 1.57 -7.31 -7.91
CA ASN A 65 0.86 -8.11 -6.93
C ASN A 65 0.12 -7.24 -5.93
N GLY A 66 0.06 -5.94 -6.13
CA GLY A 66 -0.64 -5.05 -5.20
C GLY A 66 0.20 -4.68 -4.00
N THR A 67 1.51 -4.78 -4.11
CA THR A 67 2.41 -4.32 -3.05
C THR A 67 2.79 -2.87 -3.27
N LEU A 68 2.98 -2.13 -2.18
CA LEU A 68 3.47 -0.76 -2.26
C LEU A 68 4.85 -0.64 -1.65
N LYS A 69 5.88 -0.56 -2.48
CA LYS A 69 7.26 -0.46 -1.99
C LYS A 69 7.58 0.96 -1.56
N ILE A 70 7.93 1.13 -0.30
CA ILE A 70 8.29 2.43 0.24
C ILE A 70 9.78 2.51 0.50
N LYS A 71 10.46 3.28 -0.34
CA LYS A 71 11.93 3.31 -0.30
C LYS A 71 12.47 4.48 0.49
N HIS A 72 13.59 4.25 1.15
CA HIS A 72 14.28 5.27 1.93
C HIS A 72 13.42 5.82 3.04
N LEU A 73 13.77 5.49 4.26
CA LEU A 73 12.98 5.89 5.43
C LEU A 73 13.86 6.29 6.61
N LYS A 74 13.17 6.59 7.71
CA LYS A 74 13.78 6.87 9.00
C LYS A 74 12.79 6.53 10.11
N THR A 75 12.79 7.30 11.17
CA THR A 75 11.69 7.28 12.14
C THR A 75 10.51 8.09 11.61
N ASP A 76 10.82 9.03 10.74
CA ASP A 76 9.86 9.91 10.08
C ASP A 76 9.22 9.26 8.88
N ASP A 77 9.75 8.19 8.33
CA ASP A 77 9.08 7.47 7.25
C ASP A 77 7.84 6.75 7.77
N GLN A 78 7.88 6.37 9.03
CA GLN A 78 6.76 5.67 9.67
C GLN A 78 5.46 6.40 9.44
N ASP A 79 4.47 5.66 8.98
CA ASP A 79 3.12 6.16 8.79
C ASP A 79 2.13 5.02 8.67
N ILE A 80 0.85 5.35 8.73
CA ILE A 80 -0.21 4.35 8.53
C ILE A 80 -0.69 4.39 7.10
N TYR A 81 -1.06 3.23 6.59
CA TYR A 81 -1.39 3.03 5.18
C TYR A 81 -2.57 2.11 5.04
N LYS A 82 -3.16 2.10 3.86
CA LYS A 82 -4.24 1.17 3.52
C LYS A 82 -4.30 0.93 2.04
N VAL A 83 -4.42 -0.33 1.64
CA VAL A 83 -4.35 -0.68 0.23
C VAL A 83 -5.71 -1.08 -0.31
N SER A 84 -6.15 -0.36 -1.32
CA SER A 84 -7.40 -0.64 -2.03
C SER A 84 -7.13 -0.90 -3.49
N ILE A 85 -7.44 -2.10 -3.95
CA ILE A 85 -7.10 -2.51 -5.31
C ILE A 85 -8.31 -3.07 -6.01
N TYR A 86 -8.73 -2.46 -7.10
CA TYR A 86 -10.01 -2.74 -7.74
C TYR A 86 -9.86 -3.38 -9.10
N ASP A 87 -10.93 -4.04 -9.54
CA ASP A 87 -11.00 -4.65 -10.87
C ASP A 87 -11.41 -3.62 -11.91
N THR A 88 -11.67 -4.11 -13.11
CA THR A 88 -12.13 -3.27 -14.21
C THR A 88 -13.40 -2.52 -13.86
N LYS A 89 -14.29 -3.13 -13.10
CA LYS A 89 -15.61 -2.55 -12.84
C LYS A 89 -15.59 -1.60 -11.66
N GLY A 90 -14.45 -1.09 -11.27
CA GLY A 90 -14.38 -0.06 -10.22
C GLY A 90 -14.77 -0.61 -8.87
N LYS A 91 -14.89 -1.91 -8.73
CA LYS A 91 -15.26 -2.54 -7.46
C LYS A 91 -14.05 -2.78 -6.59
N ASN A 92 -14.14 -2.44 -5.32
CA ASN A 92 -13.07 -2.78 -4.36
C ASN A 92 -13.08 -4.26 -4.07
N VAL A 93 -12.37 -5.01 -4.89
CA VAL A 93 -12.37 -6.48 -4.82
C VAL A 93 -11.54 -6.99 -3.66
N LEU A 94 -10.62 -6.17 -3.20
CA LEU A 94 -9.84 -6.46 -2.01
C LEU A 94 -9.34 -5.18 -1.37
N GLU A 95 -9.29 -5.19 -0.06
CA GLU A 95 -8.96 -4.01 0.74
C GLU A 95 -8.40 -4.41 2.08
N LYS A 96 -7.47 -3.64 2.63
CA LYS A 96 -6.81 -4.00 3.88
C LYS A 96 -6.08 -2.82 4.47
N ILE A 97 -5.81 -2.91 5.76
CA ILE A 97 -5.20 -1.81 6.52
C ILE A 97 -3.80 -2.16 6.96
N PHE A 98 -2.92 -1.18 6.91
CA PHE A 98 -1.50 -1.39 7.16
C PHE A 98 -0.95 -0.32 8.07
N ASP A 99 0.12 -0.63 8.78
CA ASP A 99 0.64 0.27 9.81
C ASP A 99 2.16 0.24 9.82
N LEU A 100 2.79 1.06 9.01
CA LEU A 100 4.24 1.04 8.87
C LEU A 100 4.91 1.57 10.12
N LYS A 101 5.71 0.73 10.76
CA LYS A 101 6.30 1.06 12.04
C LYS A 101 7.82 1.13 11.96
N ILE A 102 8.42 1.54 13.06
CA ILE A 102 9.86 1.49 13.27
C ILE A 102 10.18 0.93 14.64
N GLN A 103 11.24 0.16 14.71
CA GLN A 103 11.56 -0.61 15.90
C GLN A 103 12.89 -0.19 16.50
N GLU A 104 12.94 -0.15 17.81
CA GLU A 104 14.09 0.35 18.56
C GLU A 104 14.89 -0.80 19.13
N ARG A 105 15.34 -1.64 18.19
CA ARG A 105 16.25 -2.75 18.48
C ARG A 105 17.33 -2.84 17.44
C1 NAG B . 5.40 -8.59 -4.79
C2 NAG B . 6.03 -9.54 -3.73
C3 NAG B . 7.46 -9.05 -3.36
C4 NAG B . 8.36 -8.84 -4.62
C5 NAG B . 7.63 -7.88 -5.62
C6 NAG B . 8.35 -7.68 -6.96
C7 NAG B . 4.50 -10.72 -2.18
C8 NAG B . 3.72 -10.63 -0.87
N2 NAG B . 5.19 -9.63 -2.51
O3 NAG B . 8.06 -10.00 -2.49
O4 NAG B . 9.67 -8.29 -4.29
O5 NAG B . 6.31 -8.41 -5.92
O6 NAG B . 8.71 -8.93 -7.53
O7 NAG B . 4.48 -11.77 -2.83
H1 NAG B . 5.19 -7.64 -4.33
H2 NAG B . 6.15 -10.54 -4.21
H3 NAG B . 7.39 -8.08 -2.83
H4 NAG B . 8.50 -9.82 -5.13
H5 NAG B . 7.51 -6.88 -5.15
H61 NAG B . 9.27 -7.09 -6.81
H62 NAG B . 7.73 -7.11 -7.67
H81 NAG B . 2.66 -10.36 -1.06
H82 NAG B . 3.73 -11.58 -0.30
H83 NAG B . 4.13 -9.84 -0.20
HN2 NAG B . 5.14 -8.80 -1.89
HO3 NAG B . 8.75 -9.52 -2.01
HO6 NAG B . 8.76 -8.79 -8.48
C1 NAG B . 10.81 -8.86 -4.99
C2 NAG B . 12.01 -7.87 -5.06
C3 NAG B . 13.25 -8.60 -5.67
C4 NAG B . 13.57 -9.94 -4.93
C5 NAG B . 12.31 -10.82 -4.83
C6 NAG B . 12.48 -12.08 -3.96
C7 NAG B . 11.96 -5.42 -5.48
C8 NAG B . 11.56 -4.30 -6.45
N2 NAG B . 11.65 -6.67 -5.87
O3 NAG B . 14.39 -7.76 -5.59
O4 NAG B . 14.64 -10.64 -5.66
O5 NAG B . 11.22 -10.05 -4.26
O6 NAG B . 11.95 -11.87 -2.65
O7 NAG B . 12.54 -5.14 -4.42
H1 NAG B . 10.51 -9.15 -6.02
H2 NAG B . 12.26 -7.59 -4.01
H3 NAG B . 13.06 -8.83 -6.74
H4 NAG B . 13.90 -9.66 -3.91
H5 NAG B . 12.00 -11.15 -5.86
H61 NAG B . 11.94 -12.94 -4.41
H62 NAG B . 13.54 -12.38 -3.90
H81 NAG B . 11.03 -3.49 -5.92
H82 NAG B . 12.45 -3.87 -6.96
H83 NAG B . 10.88 -4.69 -7.23
HN2 NAG B . 11.16 -6.80 -6.75
HO3 NAG B . 15.08 -8.28 -5.18
HO6 NAG B . 12.27 -11.01 -2.38
C1 BMA B . 15.93 -10.74 -5.02
C2 BMA B . 16.44 -12.20 -5.04
C3 BMA B . 17.87 -12.26 -4.44
C4 BMA B . 18.84 -11.26 -5.12
C5 BMA B . 18.23 -9.83 -5.16
C6 BMA B . 19.07 -8.85 -6.00
O2 BMA B . 16.44 -12.70 -6.37
O3 BMA B . 18.42 -13.61 -4.54
O4 BMA B . 20.07 -11.25 -4.41
O5 BMA B . 16.88 -9.86 -5.71
O6 BMA B . 18.28 -7.69 -6.35
H1 BMA B . 15.86 -10.41 -3.96
H2 BMA B . 15.77 -12.83 -4.43
H3 BMA B . 17.81 -11.97 -3.37
H4 BMA B . 19.04 -11.61 -6.16
H5 BMA B . 18.18 -9.43 -4.13
H61 BMA B . 19.44 -9.37 -6.92
H62 BMA B . 19.97 -8.52 -5.44
HO2 BMA B . 17.21 -12.33 -6.80
HO4 BMA B . 20.64 -11.90 -4.84
C1 MAN B . 18.98 -6.64 -7.07
C2 MAN B . 17.97 -5.61 -7.62
C3 MAN B . 17.15 -6.20 -8.81
C4 MAN B . 18.07 -6.85 -9.89
C5 MAN B . 19.05 -7.86 -9.23
C6 MAN B . 20.04 -8.53 -10.19
O2 MAN B . 18.68 -4.45 -8.05
O3 MAN B . 16.35 -5.15 -9.42
O4 MAN B . 17.24 -7.51 -10.86
O5 MAN B . 19.79 -7.20 -8.16
O6 MAN B . 20.05 -7.84 -11.46
H1 MAN B . 19.66 -6.12 -6.36
H2 MAN B . 17.27 -5.31 -6.82
H3 MAN B . 16.51 -7.00 -8.39
H4 MAN B . 18.64 -6.06 -10.40
H5 MAN B . 18.45 -8.68 -8.78
H61 MAN B . 19.79 -9.60 -10.33
H62 MAN B . 21.04 -8.49 -9.74
HO2 MAN B . 19.03 -4.66 -8.92
HO4 MAN B . 16.56 -7.96 -10.36
C1 MAN B . 21.21 -8.07 -12.29
C2 MAN B . 22.15 -6.83 -12.24
C3 MAN B . 21.51 -5.63 -12.99
C4 MAN B . 21.04 -6.00 -14.42
C5 MAN B . 20.13 -7.27 -14.40
C6 MAN B . 19.77 -7.81 -15.79
O2 MAN B . 23.42 -7.20 -12.83
O3 MAN B . 22.44 -4.56 -13.05
O4 MAN B . 20.32 -4.89 -14.97
O5 MAN B . 20.81 -8.35 -13.67
O6 MAN B . 18.49 -7.35 -16.21
H1 MAN B . 21.79 -8.94 -11.93
H2 MAN B . 22.27 -6.56 -11.17
H3 MAN B . 20.63 -5.29 -12.41
H4 MAN B . 21.92 -6.20 -15.05
H5 MAN B . 19.19 -7.04 -13.88
H61 MAN B . 19.77 -8.92 -15.78
H62 MAN B . 20.54 -7.52 -16.54
HO3 MAN B . 22.91 -4.65 -13.88
HO4 MAN B . 20.76 -4.11 -14.64
HO6 MAN B . 18.55 -7.23 -17.16
C1 MAN B . 24.47 -7.68 -11.95
C2 MAN B . 25.37 -6.50 -11.48
C3 MAN B . 26.27 -6.00 -12.64
C4 MAN B . 27.05 -7.15 -13.33
C5 MAN B . 26.10 -8.31 -13.74
C6 MAN B . 26.82 -9.57 -14.25
O2 MAN B . 26.17 -6.94 -10.40
O3 MAN B . 27.18 -5.03 -12.16
O4 MAN B . 27.72 -6.64 -14.48
O5 MAN B . 25.28 -8.72 -12.58
O6 MAN B . 25.96 -10.36 -15.08
H1 MAN B . 23.99 -8.12 -11.04
H2 MAN B . 24.73 -5.68 -11.13
H3 MAN B . 25.62 -5.52 -13.40
H4 MAN B . 27.81 -7.54 -12.62
H5 MAN B . 25.42 -7.96 -14.54
H61 MAN B . 27.15 -10.20 -13.40
H62 MAN B . 27.73 -9.30 -14.81
HO2 MAN B . 27.05 -7.10 -10.76
HO3 MAN B . 27.50 -4.55 -12.93
HO4 MAN B . 28.47 -7.22 -14.63
HO6 MAN B . 26.42 -11.19 -15.21
C1 MAN B . 15.06 -4.87 -8.81
C2 MAN B . 13.92 -5.28 -9.79
C3 MAN B . 13.83 -4.31 -10.99
C4 MAN B . 13.77 -2.82 -10.55
C5 MAN B . 14.91 -2.48 -9.55
C6 MAN B . 14.81 -1.09 -8.92
O2 MAN B . 12.70 -5.31 -9.07
O3 MAN B . 12.69 -4.62 -11.79
O4 MAN B . 13.84 -1.99 -11.70
O5 MAN B . 14.94 -3.46 -8.46
O6 MAN B . 15.17 -0.07 -9.84
H1 MAN B . 14.95 -5.48 -7.91
H2 MAN B . 14.12 -6.30 -10.17
H3 MAN B . 14.73 -4.44 -11.62
H4 MAN B . 12.79 -2.64 -10.05
H5 MAN B . 15.89 -2.54 -10.09
H61 MAN B . 15.47 -1.02 -8.03
H62 MAN B . 13.78 -0.90 -8.55
HO2 MAN B . 12.18 -6.02 -9.46
HO3 MAN B . 12.84 -5.51 -12.11
HO4 MAN B . 12.99 -2.07 -12.14
HO6 MAN B . 14.40 0.08 -10.39
C1 MAN B . 17.87 -14.63 -3.66
C2 MAN B . 18.86 -15.79 -3.48
C3 MAN B . 18.96 -16.65 -4.78
C4 MAN B . 17.56 -17.09 -5.31
C5 MAN B . 16.62 -15.85 -5.44
C6 MAN B . 15.16 -16.21 -5.80
O2 MAN B . 18.42 -16.63 -2.37
O3 MAN B . 19.75 -17.81 -4.54
O4 MAN B . 17.73 -17.72 -6.57
O5 MAN B . 16.59 -15.12 -4.17
O6 MAN B . 14.35 -16.27 -4.63
H1 MAN B . 17.69 -14.19 -2.66
H2 MAN B . 19.86 -15.36 -3.27
H3 MAN B . 19.46 -16.05 -5.56
H4 MAN B . 17.12 -17.81 -4.61
H5 MAN B . 17.01 -15.17 -6.22
H61 MAN B . 15.13 -17.19 -6.30
H62 MAN B . 14.74 -15.48 -6.51
HO3 MAN B . 20.65 -17.56 -4.77
HO4 MAN B . 16.93 -18.25 -6.71
HO6 MAN B . 13.72 -15.54 -4.71
C1 MAN B . 18.82 -16.23 -1.03
C2 MAN B . 18.90 -17.47 -0.11
C3 MAN B . 17.49 -18.00 0.23
C4 MAN B . 16.54 -16.89 0.76
C5 MAN B . 16.52 -15.67 -0.21
C6 MAN B . 15.76 -14.45 0.35
O2 MAN B . 19.57 -17.10 1.09
O3 MAN B . 17.59 -19.04 1.19
O4 MAN B . 15.23 -17.44 0.89
O5 MAN B . 17.90 -15.24 -0.49
O6 MAN B . 14.51 -14.83 0.90
H1 MAN B . 19.84 -15.77 -1.07
H2 MAN B . 19.48 -18.26 -0.60
H3 MAN B . 17.05 -18.44 -0.69
H4 MAN B . 16.89 -16.57 1.75
H5 MAN B . 16.05 -15.97 -1.17
H61 MAN B . 15.59 -13.71 -0.46
H62 MAN B . 16.37 -13.93 1.11
HO2 MAN B . 18.90 -16.90 1.74
HO3 MAN B . 18.44 -19.46 1.05
HO4 MAN B . 14.75 -17.19 0.10
HO6 MAN B . 14.14 -14.02 1.28
N LYS A 1 -4.69 -0.60 24.89
CA LYS A 1 -4.23 -1.38 23.75
C LYS A 1 -4.83 -0.87 22.46
N GLU A 2 -4.24 -1.27 21.35
CA GLU A 2 -4.77 -0.93 20.03
C GLU A 2 -5.58 -2.06 19.45
N ILE A 3 -6.67 -1.73 18.80
CA ILE A 3 -7.49 -2.70 18.08
C ILE A 3 -7.56 -2.36 16.61
N THR A 4 -7.27 -3.33 15.77
CA THR A 4 -7.17 -3.09 14.33
C THR A 4 -7.27 -4.39 13.54
N ASN A 5 -7.24 -4.25 12.23
CA ASN A 5 -7.19 -5.39 11.31
C ASN A 5 -6.12 -5.17 10.27
N ALA A 6 -4.98 -4.66 10.73
CA ALA A 6 -3.88 -4.27 9.86
C ALA A 6 -2.77 -5.30 9.87
N LEU A 7 -1.77 -5.06 9.04
CA LEU A 7 -0.60 -5.93 8.96
C LEU A 7 0.60 -5.27 9.60
N GLU A 8 0.95 -5.73 10.80
CA GLU A 8 2.09 -5.22 11.53
C GLU A 8 3.33 -5.19 10.65
N THR A 9 3.76 -3.99 10.30
CA THR A 9 4.96 -3.82 9.48
C THR A 9 6.04 -3.11 10.27
N TRP A 10 7.24 -3.66 10.28
CA TRP A 10 8.33 -3.14 11.13
C TRP A 10 9.53 -2.80 10.28
N GLY A 11 10.32 -1.82 10.70
CA GLY A 11 11.57 -1.51 10.03
C GLY A 11 12.52 -0.72 10.91
N ALA A 12 13.65 -0.33 10.33
CA ALA A 12 14.61 0.56 10.98
C ALA A 12 14.70 1.87 10.24
N LEU A 13 15.40 2.84 10.83
CA LEU A 13 15.44 4.20 10.28
C LEU A 13 16.41 4.32 9.13
N GLY A 14 15.94 4.93 8.04
CA GLY A 14 16.74 5.05 6.82
C GLY A 14 16.68 3.75 6.05
N GLN A 15 15.50 3.14 6.08
CA GLN A 15 15.30 1.79 5.58
C GLN A 15 14.10 1.66 4.67
N ASP A 16 14.32 1.03 3.54
CA ASP A 16 13.25 0.74 2.58
C ASP A 16 12.44 -0.45 3.02
N ILE A 17 11.13 -0.32 2.93
CA ILE A 17 10.22 -1.35 3.42
C ILE A 17 9.05 -1.52 2.48
N ASN A 18 8.42 -2.68 2.51
CA ASN A 18 7.38 -3.02 1.53
C ASN A 18 6.02 -3.22 2.18
N LEU A 19 5.05 -3.54 1.33
CA LEU A 19 3.66 -3.74 1.72
C LEU A 19 3.09 -4.94 0.99
N ASP A 20 2.51 -5.88 1.69
CA ASP A 20 2.08 -7.15 1.09
C ASP A 20 0.59 -7.36 1.22
N ILE A 21 -0.08 -7.43 0.08
CA ILE A 21 -1.51 -7.73 0.00
C ILE A 21 -1.76 -9.21 0.14
N PRO A 22 -2.93 -9.55 0.65
CA PRO A 22 -3.50 -10.96 0.80
C PRO A 22 -3.39 -11.83 -0.43
N SER A 23 -3.98 -13.02 -0.32
CA SER A 23 -3.99 -13.98 -1.42
C SER A 23 -5.18 -13.80 -2.34
N PHE A 24 -5.65 -12.56 -2.47
CA PHE A 24 -6.69 -12.21 -3.43
C PHE A 24 -6.24 -11.03 -4.27
N GLN A 25 -5.47 -11.29 -5.31
CA GLN A 25 -4.84 -10.24 -6.10
C GLN A 25 -5.21 -10.33 -7.56
N MET A 26 -4.84 -9.31 -8.32
CA MET A 26 -5.20 -9.19 -9.73
C MET A 26 -4.73 -10.39 -10.51
N SER A 27 -5.41 -10.66 -11.61
CA SER A 27 -5.17 -11.85 -12.41
C SER A 27 -5.97 -11.82 -13.70
N ASP A 28 -7.24 -12.14 -13.55
CA ASP A 28 -8.16 -12.24 -14.68
C ASP A 28 -8.45 -10.89 -15.28
N ASP A 29 -9.19 -10.06 -14.56
CA ASP A 29 -9.66 -8.79 -15.11
C ASP A 29 -9.57 -7.66 -14.11
N ILE A 30 -8.70 -7.76 -13.12
CA ILE A 30 -8.46 -6.66 -12.18
C ILE A 30 -7.55 -5.63 -12.81
N ASP A 31 -7.91 -4.37 -12.70
CA ASP A 31 -7.22 -3.29 -13.38
C ASP A 31 -6.80 -2.18 -12.44
N ASP A 32 -7.50 -1.97 -11.34
CA ASP A 32 -7.25 -0.80 -10.48
C ASP A 32 -6.52 -1.20 -9.22
N ILE A 33 -5.58 -0.35 -8.82
CA ILE A 33 -4.87 -0.51 -7.56
C ILE A 33 -4.81 0.80 -6.81
N LYS A 34 -4.75 0.75 -5.49
CA LYS A 34 -4.55 1.95 -4.69
C LYS A 34 -3.88 1.66 -3.37
N TRP A 35 -3.11 2.64 -2.92
CA TRP A 35 -2.46 2.61 -1.61
C TRP A 35 -2.43 4.01 -1.02
N GLU A 36 -3.22 4.25 0.01
CA GLU A 36 -3.36 5.58 0.56
C GLU A 36 -2.61 5.72 1.86
N LYS A 37 -2.25 6.94 2.20
CA LYS A 37 -1.54 7.21 3.46
C LYS A 37 -2.55 7.46 4.56
N THR A 38 -3.03 6.38 5.14
CA THR A 38 -4.17 6.42 6.06
C THR A 38 -4.06 7.50 7.10
N SER A 39 -2.86 7.95 7.42
CA SER A 39 -2.65 9.02 8.39
C SER A 39 -3.57 10.20 8.16
N ASP A 40 -3.35 10.92 7.08
CA ASP A 40 -4.23 12.01 6.66
C ASP A 40 -4.98 11.67 5.39
N LYS A 41 -5.16 10.40 5.10
CA LYS A 41 -5.93 9.98 3.93
C LYS A 41 -5.42 10.65 2.67
N LYS A 42 -4.16 10.38 2.36
CA LYS A 42 -3.49 11.08 1.25
C LYS A 42 -2.82 10.11 0.28
N LYS A 43 -3.45 9.95 -0.88
CA LYS A 43 -3.02 9.00 -1.90
C LYS A 43 -1.54 9.10 -2.17
N ILE A 44 -0.88 7.95 -2.13
CA ILE A 44 0.56 7.85 -2.33
C ILE A 44 0.88 7.03 -3.57
N ALA A 45 0.02 6.09 -3.90
CA ALA A 45 0.29 5.15 -4.99
C ALA A 45 -1.00 4.58 -5.55
N GLN A 46 -1.22 4.64 -6.84
CA GLN A 46 -2.49 4.17 -7.41
C GLN A 46 -2.46 4.06 -8.91
N PHE A 47 -3.28 3.14 -9.42
CA PHE A 47 -3.54 2.97 -10.84
C PHE A 47 -5.01 3.12 -11.14
N ARG A 48 -5.39 4.20 -11.81
CA ARG A 48 -6.81 4.50 -12.03
C ARG A 48 -7.06 4.92 -13.46
N LYS A 49 -7.71 4.06 -14.21
CA LYS A 49 -7.93 4.28 -15.63
C LYS A 49 -6.62 4.21 -16.39
N GLU A 50 -6.70 3.78 -17.64
CA GLU A 50 -5.55 3.78 -18.54
C GLU A 50 -5.44 5.08 -19.30
N LYS A 51 -5.82 6.19 -18.70
CA LYS A 51 -5.64 7.53 -19.29
C LYS A 51 -4.63 8.40 -18.53
N GLU A 52 -4.23 7.90 -17.38
CA GLU A 52 -3.39 8.63 -16.45
C GLU A 52 -3.30 7.93 -15.12
N THR A 53 -2.11 7.48 -14.76
CA THR A 53 -1.89 6.79 -13.50
C THR A 53 -0.95 7.56 -12.61
N PHE A 54 -0.80 7.10 -11.37
CA PHE A 54 -0.03 7.81 -10.35
C PHE A 54 1.08 6.94 -9.82
N LYS A 55 2.28 7.17 -10.32
CA LYS A 55 3.47 6.45 -9.87
C LYS A 55 4.73 7.22 -10.21
N GLU A 56 4.72 8.51 -9.97
CA GLU A 56 5.80 9.39 -10.39
C GLU A 56 6.89 9.51 -9.35
N LYS A 57 7.03 8.55 -8.47
CA LYS A 57 8.08 8.58 -7.46
C LYS A 57 8.26 7.21 -6.81
N ASP A 58 9.51 6.77 -6.71
CA ASP A 58 9.81 5.45 -6.17
C ASP A 58 9.39 5.30 -4.72
N THR A 59 9.50 6.40 -3.99
CA THR A 59 9.36 6.33 -2.53
C THR A 59 8.03 5.72 -2.15
N TYR A 60 7.10 5.59 -3.08
CA TYR A 60 5.86 4.87 -2.82
C TYR A 60 5.34 4.23 -4.09
N LYS A 61 5.83 3.04 -4.43
CA LYS A 61 5.51 2.42 -5.71
C LYS A 61 4.72 1.13 -5.56
N LEU A 62 3.95 0.76 -6.57
CA LEU A 62 3.18 -0.46 -6.58
C LEU A 62 3.95 -1.59 -7.23
N PHE A 63 3.36 -2.78 -7.26
CA PHE A 63 3.90 -3.92 -7.99
C PHE A 63 2.80 -4.68 -8.69
N LYS A 64 3.18 -5.68 -9.48
CA LYS A 64 2.21 -6.48 -10.21
C LYS A 64 1.32 -7.25 -9.27
N ASN A 65 1.89 -7.75 -8.20
CA ASN A 65 1.17 -8.60 -7.26
C ASN A 65 0.49 -7.80 -6.17
N GLY A 66 0.27 -6.51 -6.38
CA GLY A 66 -0.48 -5.68 -5.43
C GLY A 66 0.35 -5.31 -4.22
N THR A 67 1.66 -5.40 -4.29
CA THR A 67 2.53 -4.97 -3.20
C THR A 67 2.88 -3.52 -3.32
N LEU A 68 3.34 -2.93 -2.22
CA LEU A 68 3.84 -1.56 -2.23
C LEU A 68 5.22 -1.47 -1.63
N LYS A 69 6.02 -0.54 -2.10
CA LYS A 69 7.40 -0.41 -1.66
C LYS A 69 7.74 1.04 -1.37
N ILE A 70 8.42 1.26 -0.27
CA ILE A 70 8.70 2.62 0.21
C ILE A 70 10.18 2.81 0.45
N LYS A 71 10.79 3.72 -0.29
CA LYS A 71 12.24 3.87 -0.25
C LYS A 71 12.72 4.80 0.84
N HIS A 72 13.72 4.34 1.58
CA HIS A 72 14.43 5.14 2.57
C HIS A 72 13.50 5.76 3.59
N LEU A 73 13.29 5.10 4.71
CA LEU A 73 12.28 5.54 5.69
C LEU A 73 12.66 5.37 7.15
N LYS A 74 12.60 6.48 7.87
CA LYS A 74 12.76 6.55 9.33
C LYS A 74 11.47 6.93 10.00
N THR A 75 11.56 7.38 11.24
CA THR A 75 10.39 7.83 11.99
C THR A 75 9.49 8.76 11.19
N ASP A 76 10.11 9.47 10.27
CA ASP A 76 9.42 10.46 9.45
C ASP A 76 8.70 9.82 8.29
N ASP A 77 9.33 8.82 7.69
CA ASP A 77 8.72 8.08 6.58
C ASP A 77 7.75 7.04 7.06
N GLN A 78 7.71 6.74 8.35
CA GLN A 78 6.91 5.62 8.85
C GLN A 78 5.48 6.04 9.08
N ASP A 79 4.58 5.50 8.27
CA ASP A 79 3.19 5.93 8.29
C ASP A 79 2.23 4.74 8.19
N ILE A 80 0.98 5.01 8.49
CA ILE A 80 -0.09 4.02 8.36
C ILE A 80 -0.66 4.03 6.96
N TYR A 81 -0.95 2.86 6.43
CA TYR A 81 -1.35 2.67 5.04
C TYR A 81 -2.53 1.74 4.95
N LYS A 82 -3.22 1.78 3.81
CA LYS A 82 -4.29 0.84 3.53
C LYS A 82 -4.44 0.62 2.04
N VAL A 83 -4.50 -0.62 1.63
CA VAL A 83 -4.52 -0.97 0.21
C VAL A 83 -5.92 -1.28 -0.25
N SER A 84 -6.39 -0.52 -1.23
CA SER A 84 -7.66 -0.76 -1.90
C SER A 84 -7.44 -1.00 -3.38
N ILE A 85 -7.72 -2.20 -3.84
CA ILE A 85 -7.39 -2.59 -5.22
C ILE A 85 -8.63 -3.08 -5.93
N TYR A 86 -9.05 -2.42 -6.99
CA TYR A 86 -10.36 -2.63 -7.60
C TYR A 86 -10.25 -3.24 -8.98
N ASP A 87 -11.38 -3.64 -9.53
CA ASP A 87 -11.43 -4.18 -10.89
C ASP A 87 -11.52 -3.07 -11.91
N THR A 88 -11.77 -3.43 -13.15
CA THR A 88 -11.95 -2.47 -14.24
C THR A 88 -13.10 -1.51 -13.97
N LYS A 89 -14.08 -1.91 -13.17
CA LYS A 89 -15.29 -1.11 -13.00
C LYS A 89 -15.18 -0.13 -11.85
N GLY A 90 -14.04 -0.04 -11.18
CA GLY A 90 -13.92 0.81 -10.00
C GLY A 90 -14.55 0.20 -8.77
N LYS A 91 -14.80 -1.10 -8.79
CA LYS A 91 -15.42 -1.77 -7.65
C LYS A 91 -14.38 -2.29 -6.68
N ASN A 92 -14.45 -1.86 -5.43
CA ASN A 92 -13.58 -2.40 -4.39
C ASN A 92 -13.83 -3.88 -4.19
N VAL A 93 -12.97 -4.68 -4.79
CA VAL A 93 -13.10 -6.14 -4.73
C VAL A 93 -12.32 -6.76 -3.59
N LEU A 94 -11.37 -6.00 -3.08
CA LEU A 94 -10.62 -6.40 -1.89
C LEU A 94 -9.94 -5.20 -1.26
N GLU A 95 -9.88 -5.23 0.07
CA GLU A 95 -9.22 -4.20 0.85
C GLU A 95 -8.42 -4.81 1.98
N LYS A 96 -7.47 -4.07 2.52
CA LYS A 96 -6.69 -4.55 3.66
C LYS A 96 -5.83 -3.43 4.21
N ILE A 97 -5.74 -3.36 5.53
CA ILE A 97 -5.06 -2.27 6.21
C ILE A 97 -3.62 -2.62 6.50
N PHE A 98 -2.79 -1.60 6.64
CA PHE A 98 -1.36 -1.75 6.87
C PHE A 98 -0.85 -0.68 7.80
N ASP A 99 0.39 -0.80 8.24
CA ASP A 99 0.93 0.10 9.26
C ASP A 99 2.44 0.05 9.32
N LEU A 100 3.07 1.06 8.75
CA LEU A 100 4.53 1.18 8.86
C LEU A 100 4.94 1.59 10.26
N LYS A 101 5.87 0.85 10.82
CA LYS A 101 6.38 1.15 12.15
C LYS A 101 7.90 1.27 12.14
N ILE A 102 8.43 1.72 13.27
CA ILE A 102 9.86 1.74 13.51
C ILE A 102 10.17 1.06 14.82
N GLN A 103 11.33 0.43 14.90
CA GLN A 103 11.66 -0.42 16.05
C GLN A 103 13.07 -0.16 16.55
N GLU A 104 13.26 -0.39 17.84
CA GLU A 104 14.54 -0.16 18.50
C GLU A 104 14.79 -1.20 19.58
N ARG A 105 14.81 -2.45 19.15
CA ARG A 105 15.14 -3.58 20.01
C ARG A 105 15.95 -4.61 19.26
C1 NAG B . 5.71 -9.03 -5.30
C2 NAG B . 6.28 -10.00 -4.24
C3 NAG B . 7.65 -9.48 -3.72
C4 NAG B . 8.66 -9.17 -4.88
C5 NAG B . 7.96 -8.20 -5.89
C6 NAG B . 8.80 -7.90 -7.15
C7 NAG B . 4.87 -11.33 -2.67
C8 NAG B . 3.94 -11.28 -1.46
N2 NAG B . 5.33 -10.14 -3.10
O3 NAG B . 8.20 -10.47 -2.85
O4 NAG B . 9.89 -8.56 -4.39
O5 NAG B . 6.70 -8.78 -6.33
O6 NAG B . 9.58 -9.03 -7.53
O7 NAG B . 5.15 -12.41 -3.21
H1 NAG B . 5.44 -8.08 -4.82
H2 NAG B . 6.46 -10.97 -4.74
H3 NAG B . 7.50 -8.55 -3.13
H4 NAG B . 8.89 -10.10 -5.41
H5 NAG B . 7.76 -7.24 -5.39
H61 NAG B . 8.12 -7.65 -8.00
H62 NAG B . 9.44 -7.01 -7.01
H81 NAG B . 3.43 -10.30 -1.39
H82 NAG B . 3.17 -12.07 -1.50
H83 NAG B . 4.51 -11.44 -0.52
HN2 NAG B . 5.01 -9.29 -2.62
HO3 NAG B . 8.92 -10.03 -2.38
HO6 NAG B . 8.96 -9.75 -7.67
C1 NAG B . 11.15 -9.13 -4.83
C2 NAG B . 12.20 -8.01 -5.09
C3 NAG B . 13.59 -8.67 -5.35
C4 NAG B . 14.01 -9.68 -4.26
C5 NAG B . 12.88 -10.71 -3.99
C6 NAG B . 13.11 -11.59 -2.74
C7 NAG B . 12.22 -5.87 -6.36
C8 NAG B . 11.81 -5.16 -7.65
N2 NAG B . 11.82 -7.15 -6.25
O3 NAG B . 14.58 -7.65 -5.41
O4 NAG B . 15.22 -10.38 -4.71
O5 NAG B . 11.63 -9.99 -3.77
O6 NAG B . 12.16 -12.65 -2.67
O7 NAG B . 12.87 -5.27 -5.51
H1 NAG B . 11.01 -9.73 -5.75
H2 NAG B . 12.28 -7.41 -4.16
H3 NAG B . 13.57 -9.19 -6.34
H4 NAG B . 14.20 -9.10 -3.33
H5 NAG B . 12.77 -11.37 -4.86
H61 NAG B . 14.12 -12.03 -2.77
H62 NAG B . 13.06 -10.98 -1.81
H81 NAG B . 10.84 -5.53 -8.02
H82 NAG B . 11.73 -4.06 -7.52
H83 NAG B . 12.55 -5.33 -8.45
HN2 NAG B . 11.25 -7.55 -7.00
HO3 NAG B . 14.54 -7.19 -4.57
HO6 NAG B . 12.50 -13.34 -3.26
C1 BMA B . 16.49 -9.79 -4.32
C2 BMA B . 17.34 -10.82 -3.53
C3 BMA B . 18.72 -10.20 -3.19
C4 BMA B . 19.43 -9.67 -4.46
C5 BMA B . 18.51 -8.70 -5.27
C6 BMA B . 19.12 -8.30 -6.63
O2 BMA B . 17.49 -12.02 -4.28
O3 BMA B . 19.59 -11.16 -2.52
O4 BMA B . 20.63 -8.98 -4.08
O5 BMA B . 17.22 -9.34 -5.50
O6 BMA B . 18.12 -7.79 -7.55
H1 BMA B . 16.32 -8.93 -3.64
H2 BMA B . 16.81 -11.08 -2.59
H3 BMA B . 18.55 -9.33 -2.53
H4 BMA B . 19.72 -10.52 -5.10
H5 BMA B . 18.35 -7.78 -4.68
H61 BMA B . 19.62 -9.18 -7.07
H62 BMA B . 19.90 -7.53 -6.49
HO2 BMA B . 16.93 -12.68 -3.88
HO4 BMA B . 20.81 -8.37 -4.79
C1 MAN B . 17.42 -6.61 -7.04
C2 MAN B . 15.98 -6.55 -7.61
C3 MAN B . 15.97 -6.17 -9.12
C4 MAN B . 16.79 -4.89 -9.41
C5 MAN B . 18.22 -5.02 -8.81
C6 MAN B . 19.10 -3.78 -8.95
O2 MAN B . 15.25 -5.58 -6.86
O3 MAN B . 14.58 -6.01 -9.54
O4 MAN B . 16.86 -4.69 -10.81
O5 MAN B . 18.14 -5.38 -7.39
O6 MAN B . 19.15 -3.35 -10.33
H1 MAN B . 17.38 -6.69 -5.94
H2 MAN B . 15.50 -7.54 -7.47
H3 MAN B . 16.44 -7.01 -9.67
H4 MAN B . 16.28 -4.02 -8.95
H5 MAN B . 18.75 -5.84 -9.33
H61 MAN B . 20.12 -3.97 -8.57
H62 MAN B . 18.68 -2.97 -8.33
HO2 MAN B . 15.84 -5.24 -6.20
HO4 MAN B . 16.15 -4.08 -11.02
C1 MAN B . 19.69 -2.01 -10.54
C2 MAN B . 18.72 -1.21 -11.44
C3 MAN B . 18.78 -1.70 -12.91
C4 MAN B . 20.22 -1.80 -13.46
C5 MAN B . 21.13 -2.63 -12.49
C6 MAN B . 22.62 -2.64 -12.87
O2 MAN B . 19.08 0.21 -11.35
O3 MAN B . 18.01 -0.84 -13.75
O4 MAN B . 20.20 -2.41 -14.74
O5 MAN B . 21.02 -2.08 -11.14
O6 MAN B . 23.19 -1.35 -12.76
H1 MAN B . 19.78 -1.47 -9.58
H2 MAN B . 17.69 -1.36 -11.06
H3 MAN B . 18.32 -2.71 -12.95
H4 MAN B . 20.65 -0.78 -13.56
H5 MAN B . 20.76 -3.68 -12.47
H61 MAN B . 22.74 -3.00 -13.90
H62 MAN B . 23.18 -3.36 -12.24
HO3 MAN B . 17.10 -1.13 -13.65
HO4 MAN B . 19.31 -2.28 -15.07
HO6 MAN B . 22.48 -0.77 -12.51
C1 MAN B . 18.07 1.17 -11.79
C2 MAN B . 18.29 2.52 -11.08
C3 MAN B . 17.86 2.45 -9.59
C4 MAN B . 16.43 1.88 -9.41
C5 MAN B . 16.28 0.52 -10.15
C6 MAN B . 14.85 -0.03 -10.18
O2 MAN B . 17.53 3.52 -11.77
O3 MAN B . 17.94 3.76 -9.01
O4 MAN B . 16.18 1.72 -8.01
O5 MAN B . 16.72 0.67 -11.54
O6 MAN B . 14.26 0.02 -8.88
H1 MAN B . 18.19 1.32 -12.88
H2 MAN B . 19.35 2.80 -11.15
H3 MAN B . 18.58 1.80 -9.06
H4 MAN B . 15.70 2.61 -9.82
H5 MAN B . 16.93 -0.23 -9.66
H61 MAN B . 14.85 -1.08 -10.53
H62 MAN B . 14.22 0.54 -10.89
HO2 MAN B . 18.15 4.19 -12.04
HO3 MAN B . 17.11 4.18 -9.20
HO4 MAN B . 16.97 1.32 -7.64
HO6 MAN B . 13.54 -0.62 -8.89
C1 MAN B . 14.29 -6.43 -10.91
C2 MAN B . 12.86 -5.99 -11.32
C3 MAN B . 11.79 -6.88 -10.64
C4 MAN B . 12.07 -8.40 -10.80
C5 MAN B . 13.52 -8.74 -10.37
C6 MAN B . 13.92 -10.20 -10.65
O2 MAN B . 12.75 -6.09 -12.74
O3 MAN B . 10.51 -6.56 -11.16
O4 MAN B . 11.12 -9.12 -10.01
O5 MAN B . 14.46 -7.87 -11.07
O6 MAN B . 14.00 -10.45 -12.06
H1 MAN B . 15.02 -5.92 -11.58
H2 MAN B . 12.71 -4.94 -11.04
H3 MAN B . 11.78 -6.64 -9.55
H4 MAN B . 11.93 -8.68 -11.86
H5 MAN B . 13.62 -8.57 -9.27
H61 MAN B . 13.18 -10.89 -10.22
H62 MAN B . 14.89 -10.44 -10.18
HO2 MAN B . 12.29 -6.92 -12.91
HO3 MAN B . 10.65 -5.89 -11.82
HO4 MAN B . 10.38 -9.30 -10.58
HO6 MAN B . 14.85 -10.87 -12.20
C1 MAN B . 19.49 -11.23 -1.06
C2 MAN B . 20.87 -11.62 -0.46
C3 MAN B . 21.22 -13.11 -0.75
C4 MAN B . 20.06 -14.07 -0.37
C5 MAN B . 18.72 -13.60 -1.01
C6 MAN B . 17.49 -14.41 -0.54
O2 MAN B . 20.82 -11.40 0.98
O3 MAN B . 22.39 -13.47 -0.05
O4 MAN B . 20.39 -15.38 -0.82
O5 MAN B . 18.47 -12.20 -0.66
O6 MAN B . 16.34 -13.58 -0.41
H1 MAN B . 19.22 -10.25 -0.64
H2 MAN B . 21.64 -10.98 -0.93
H3 MAN B . 21.42 -13.21 -1.83
H4 MAN B . 19.96 -14.09 0.73
H5 MAN B . 18.78 -13.69 -2.10
H61 MAN B . 17.70 -14.88 0.44
H62 MAN B . 17.28 -15.24 -1.23
HO3 MAN B . 22.43 -14.43 -0.07
HO4 MAN B . 19.56 -15.79 -1.10
HO6 MAN B . 15.76 -13.82 -1.12
C1 MAN B . 21.35 -10.14 1.48
C2 MAN B . 22.15 -10.38 2.80
C3 MAN B . 21.19 -10.71 3.98
C4 MAN B . 20.06 -9.66 4.12
C5 MAN B . 19.31 -9.45 2.77
C6 MAN B . 18.31 -8.30 2.79
O2 MAN B . 22.91 -9.21 3.09
O3 MAN B . 21.94 -10.79 5.19
O4 MAN B . 19.15 -10.11 5.13
O5 MAN B . 20.29 -9.18 1.71
O6 MAN B . 18.26 -7.63 1.54
H1 MAN B . 22.06 -9.72 0.75
H2 MAN B . 22.85 -11.22 2.64
H3 MAN B . 20.74 -11.70 3.79
H4 MAN B . 20.50 -8.71 4.45
H5 MAN B . 18.77 -10.38 2.50
H61 MAN B . 18.59 -7.57 3.57
H62 MAN B . 17.29 -8.67 3.05
HO2 MAN B . 22.32 -8.64 3.57
HO3 MAN B . 21.36 -11.22 5.83
HO4 MAN B . 18.31 -9.72 4.91
HO6 MAN B . 17.75 -6.83 1.68
N LYS A 1 -16.55 0.60 22.26
CA LYS A 1 -15.16 0.56 21.84
C LYS A 1 -15.05 0.35 20.34
N GLU A 2 -13.92 0.75 19.78
CA GLU A 2 -13.68 0.65 18.35
C GLU A 2 -12.74 -0.48 18.03
N ILE A 3 -12.67 -0.85 16.76
CA ILE A 3 -11.91 -2.01 16.34
C ILE A 3 -11.25 -1.76 14.99
N THR A 4 -10.31 -2.61 14.64
CA THR A 4 -9.55 -2.46 13.40
C THR A 4 -9.27 -3.81 12.77
N ASN A 5 -8.70 -3.78 11.58
CA ASN A 5 -8.30 -4.99 10.88
C ASN A 5 -7.06 -4.74 10.06
N ALA A 6 -6.08 -4.12 10.68
CA ALA A 6 -4.85 -3.69 10.00
C ALA A 6 -3.75 -4.70 10.18
N LEU A 7 -2.65 -4.46 9.48
CA LEU A 7 -1.53 -5.40 9.42
C LEU A 7 -0.29 -4.82 10.06
N GLU A 8 -0.04 -5.19 11.30
CA GLU A 8 1.04 -4.61 12.08
C GLU A 8 2.36 -4.73 11.35
N THR A 9 2.78 -3.64 10.73
CA THR A 9 3.98 -3.64 9.89
C THR A 9 5.14 -3.00 10.62
N TRP A 10 6.34 -3.29 10.17
CA TRP A 10 7.55 -2.85 10.87
C TRP A 10 8.66 -2.52 9.90
N GLY A 11 9.58 -1.67 10.33
CA GLY A 11 10.78 -1.37 9.55
C GLY A 11 11.87 -0.78 10.41
N ALA A 12 12.95 -0.38 9.77
CA ALA A 12 14.03 0.36 10.41
C ALA A 12 14.30 1.65 9.67
N LEU A 13 14.86 2.66 10.32
CA LEU A 13 14.97 3.98 9.69
C LEU A 13 16.22 4.16 8.85
N GLY A 14 16.05 4.99 7.82
CA GLY A 14 17.07 5.19 6.79
C GLY A 14 17.04 4.00 5.84
N GLN A 15 15.85 3.46 5.62
CA GLN A 15 15.77 2.15 4.98
C GLN A 15 14.43 1.75 4.39
N ASP A 16 14.52 0.98 3.30
CA ASP A 16 13.37 0.60 2.48
C ASP A 16 12.63 -0.56 3.11
N ILE A 17 11.31 -0.54 2.97
CA ILE A 17 10.47 -1.66 3.38
C ILE A 17 9.13 -1.61 2.69
N ASN A 18 8.54 -2.75 2.42
CA ASN A 18 7.33 -2.84 1.61
C ASN A 18 6.09 -3.09 2.45
N LEU A 19 4.95 -2.81 1.86
CA LEU A 19 3.65 -3.14 2.43
C LEU A 19 3.05 -4.33 1.71
N ASP A 20 3.11 -5.46 2.39
CA ASP A 20 2.77 -6.75 1.80
C ASP A 20 1.39 -7.20 2.22
N ILE A 21 0.47 -7.17 1.27
CA ILE A 21 -0.90 -7.63 1.48
C ILE A 21 -0.98 -9.13 1.62
N PRO A 22 -2.11 -9.62 2.10
CA PRO A 22 -2.50 -11.08 2.24
C PRO A 22 -2.19 -11.98 1.05
N SER A 23 -2.65 -13.23 1.17
CA SER A 23 -2.41 -14.23 0.14
C SER A 23 -3.47 -14.22 -0.94
N PHE A 24 -4.04 -13.06 -1.20
CA PHE A 24 -4.95 -12.87 -2.33
C PHE A 24 -4.15 -12.57 -3.58
N GLN A 25 -4.55 -13.10 -4.72
CA GLN A 25 -3.74 -13.00 -5.94
C GLN A 25 -4.56 -12.50 -7.12
N MET A 26 -4.30 -11.27 -7.52
CA MET A 26 -4.88 -10.70 -8.73
C MET A 26 -4.20 -11.25 -9.96
N SER A 27 -4.76 -10.97 -11.12
CA SER A 27 -4.19 -11.46 -12.38
C SER A 27 -4.63 -10.59 -13.54
N ASP A 28 -5.44 -11.11 -14.44
CA ASP A 28 -5.79 -10.44 -15.68
C ASP A 28 -6.91 -9.44 -15.51
N ASP A 29 -8.01 -9.88 -14.92
CA ASP A 29 -9.23 -9.05 -14.85
C ASP A 29 -9.08 -7.85 -13.94
N ILE A 30 -8.10 -7.86 -13.06
CA ILE A 30 -7.94 -6.78 -12.09
C ILE A 30 -7.08 -5.67 -12.67
N ASP A 31 -7.58 -4.44 -12.58
CA ASP A 31 -6.93 -3.30 -13.23
C ASP A 31 -6.62 -2.19 -12.26
N ASP A 32 -7.41 -2.01 -11.23
CA ASP A 32 -7.25 -0.85 -10.33
C ASP A 32 -6.55 -1.26 -9.05
N ILE A 33 -5.65 -0.41 -8.61
CA ILE A 33 -4.90 -0.63 -7.37
C ILE A 33 -4.67 0.68 -6.66
N LYS A 34 -4.62 0.65 -5.34
CA LYS A 34 -4.54 1.89 -4.56
C LYS A 34 -3.94 1.68 -3.19
N TRP A 35 -3.12 2.64 -2.79
CA TRP A 35 -2.56 2.74 -1.44
C TRP A 35 -2.59 4.18 -0.99
N GLU A 36 -3.17 4.46 0.16
CA GLU A 36 -3.26 5.84 0.65
C GLU A 36 -2.60 5.95 2.01
N LYS A 37 -2.40 7.17 2.46
CA LYS A 37 -1.88 7.41 3.81
C LYS A 37 -3.06 7.67 4.74
N THR A 38 -3.64 6.60 5.23
CA THR A 38 -4.90 6.62 5.98
C THR A 38 -5.09 7.87 6.81
N SER A 39 -4.06 8.27 7.53
CA SER A 39 -4.16 9.40 8.46
C SER A 39 -4.64 10.65 7.75
N ASP A 40 -3.89 11.08 6.76
CA ASP A 40 -4.18 12.34 6.07
C ASP A 40 -4.97 12.15 4.80
N LYS A 41 -5.40 10.94 4.47
CA LYS A 41 -6.05 10.67 3.19
C LYS A 41 -5.19 11.17 2.05
N LYS A 42 -3.97 10.67 1.99
CA LYS A 42 -2.97 11.18 1.05
C LYS A 42 -2.50 10.12 0.09
N LYS A 43 -3.06 10.15 -1.11
CA LYS A 43 -2.66 9.27 -2.21
C LYS A 43 -1.16 9.14 -2.33
N ILE A 44 -0.70 7.90 -2.35
CA ILE A 44 0.73 7.60 -2.36
C ILE A 44 1.10 6.66 -3.49
N ALA A 45 0.21 5.78 -3.89
CA ALA A 45 0.43 4.89 -5.04
C ALA A 45 -0.89 4.40 -5.58
N GLN A 46 -1.08 4.41 -6.89
CA GLN A 46 -2.35 3.98 -7.46
C GLN A 46 -2.31 3.80 -8.97
N PHE A 47 -3.08 2.83 -9.44
CA PHE A 47 -3.33 2.60 -10.85
C PHE A 47 -4.78 2.82 -11.19
N ARG A 48 -5.08 3.75 -12.08
CA ARG A 48 -6.46 4.04 -12.45
C ARG A 48 -6.57 4.36 -13.92
N LYS A 49 -6.69 3.32 -14.72
CA LYS A 49 -6.80 3.47 -16.18
C LYS A 49 -5.49 3.93 -16.75
N GLU A 50 -5.25 3.54 -18.00
CA GLU A 50 -3.98 3.80 -18.67
C GLU A 50 -3.94 5.15 -19.34
N LYS A 51 -4.52 6.17 -18.73
CA LYS A 51 -4.41 7.56 -19.20
C LYS A 51 -3.75 8.51 -18.20
N GLU A 52 -3.48 7.95 -17.02
CA GLU A 52 -2.80 8.67 -15.96
C GLU A 52 -2.65 7.81 -14.73
N THR A 53 -1.42 7.59 -14.31
CA THR A 53 -1.13 6.74 -13.15
C THR A 53 -0.31 7.48 -12.13
N PHE A 54 -0.42 7.09 -10.87
CA PHE A 54 0.26 7.80 -9.78
C PHE A 54 1.44 7.01 -9.29
N LYS A 55 2.63 7.48 -9.63
CA LYS A 55 3.89 6.95 -9.12
C LYS A 55 5.03 7.91 -9.36
N GLU A 56 4.92 9.08 -8.78
CA GLU A 56 5.85 10.17 -9.04
C GLU A 56 7.26 9.82 -8.59
N LYS A 57 7.38 9.04 -7.55
CA LYS A 57 8.70 8.58 -7.08
C LYS A 57 8.59 7.27 -6.35
N ASP A 58 9.72 6.59 -6.20
CA ASP A 58 9.75 5.25 -5.63
C ASP A 58 9.61 5.25 -4.13
N THR A 59 9.54 6.42 -3.50
CA THR A 59 9.27 6.48 -2.06
C THR A 59 7.94 5.82 -1.75
N TYR A 60 7.08 5.72 -2.74
CA TYR A 60 5.85 4.94 -2.59
C TYR A 60 5.42 4.37 -3.92
N LYS A 61 5.96 3.23 -4.30
CA LYS A 61 5.67 2.63 -5.60
C LYS A 61 4.72 1.45 -5.46
N LEU A 62 3.85 1.28 -6.42
CA LEU A 62 2.84 0.21 -6.42
C LEU A 62 3.27 -0.93 -7.30
N PHE A 63 2.96 -2.16 -6.89
CA PHE A 63 3.29 -3.34 -7.69
C PHE A 63 2.04 -4.04 -8.17
N LYS A 64 2.22 -4.98 -9.08
CA LYS A 64 1.11 -5.75 -9.63
C LYS A 64 0.44 -6.60 -8.59
N ASN A 65 1.24 -7.10 -7.64
CA ASN A 65 0.75 -8.02 -6.63
C ASN A 65 0.20 -7.30 -5.42
N GLY A 66 -0.16 -6.04 -5.54
CA GLY A 66 -0.77 -5.30 -4.44
C GLY A 66 0.22 -4.95 -3.36
N THR A 67 1.50 -5.03 -3.62
CA THR A 67 2.52 -4.57 -2.67
C THR A 67 2.85 -3.12 -2.90
N LEU A 68 3.30 -2.43 -1.86
CA LEU A 68 3.69 -1.03 -1.97
C LEU A 68 5.03 -0.79 -1.30
N LYS A 69 6.04 -0.49 -2.09
CA LYS A 69 7.40 -0.34 -1.58
C LYS A 69 7.70 1.09 -1.25
N ILE A 70 8.33 1.30 -0.10
CA ILE A 70 8.69 2.64 0.37
C ILE A 70 10.20 2.72 0.55
N LYS A 71 10.82 3.55 -0.27
CA LYS A 71 12.28 3.57 -0.39
C LYS A 71 13.00 4.45 0.62
N HIS A 72 13.86 3.83 1.41
CA HIS A 72 14.81 4.51 2.30
C HIS A 72 14.15 5.58 3.15
N LEU A 73 13.62 5.18 4.30
CA LEU A 73 13.02 6.13 5.22
C LEU A 73 12.95 5.62 6.66
N LYS A 74 12.65 6.58 7.55
CA LYS A 74 12.72 6.45 9.00
C LYS A 74 11.37 6.54 9.68
N THR A 75 11.34 7.32 10.75
CA THR A 75 10.10 7.63 11.46
C THR A 75 9.14 8.36 10.55
N ASP A 76 9.70 9.02 9.55
CA ASP A 76 8.92 9.67 8.50
C ASP A 76 8.24 8.64 7.62
N ASP A 77 8.91 7.50 7.47
CA ASP A 77 8.35 6.34 6.79
C ASP A 77 7.22 5.71 7.58
N GLN A 78 7.18 5.91 8.88
CA GLN A 78 6.19 5.25 9.73
C GLN A 78 4.88 6.00 9.70
N ASP A 79 4.02 5.64 8.76
CA ASP A 79 2.68 6.21 8.65
C ASP A 79 1.64 5.12 8.68
N ILE A 80 0.38 5.52 8.72
CA ILE A 80 -0.73 4.59 8.62
C ILE A 80 -1.25 4.53 7.20
N TYR A 81 -1.47 3.33 6.70
CA TYR A 81 -1.80 3.08 5.30
C TYR A 81 -3.04 2.23 5.15
N LYS A 82 -3.57 2.20 3.95
CA LYS A 82 -4.68 1.32 3.59
C LYS A 82 -4.59 0.92 2.14
N VAL A 83 -4.79 -0.36 1.86
CA VAL A 83 -4.62 -0.89 0.52
C VAL A 83 -5.95 -1.26 -0.09
N SER A 84 -6.35 -0.48 -1.08
CA SER A 84 -7.60 -0.67 -1.81
C SER A 84 -7.32 -1.00 -3.26
N ILE A 85 -7.81 -2.12 -3.75
CA ILE A 85 -7.44 -2.59 -5.08
C ILE A 85 -8.65 -3.18 -5.77
N TYR A 86 -9.08 -2.64 -6.89
CA TYR A 86 -10.35 -2.94 -7.51
C TYR A 86 -10.16 -3.34 -8.96
N ASP A 87 -11.21 -3.90 -9.54
CA ASP A 87 -11.15 -4.46 -10.89
C ASP A 87 -11.30 -3.37 -11.92
N THR A 88 -11.45 -3.75 -13.18
CA THR A 88 -11.68 -2.80 -14.27
C THR A 88 -12.87 -1.92 -13.98
N LYS A 89 -13.93 -2.49 -13.45
CA LYS A 89 -15.20 -1.78 -13.26
C LYS A 89 -15.29 -1.10 -11.92
N GLY A 90 -14.17 -0.71 -11.35
CA GLY A 90 -14.16 0.06 -10.11
C GLY A 90 -14.79 -0.69 -8.97
N LYS A 91 -14.82 -2.02 -9.05
CA LYS A 91 -15.45 -2.84 -8.03
C LYS A 91 -14.47 -3.24 -6.95
N ASN A 92 -14.53 -2.61 -5.81
CA ASN A 92 -13.67 -2.97 -4.68
C ASN A 92 -13.77 -4.46 -4.39
N VAL A 93 -12.78 -5.20 -4.87
CA VAL A 93 -12.74 -6.64 -4.70
C VAL A 93 -12.10 -7.04 -3.38
N LEU A 94 -11.19 -6.18 -2.94
CA LEU A 94 -10.54 -6.37 -1.64
C LEU A 94 -10.03 -5.06 -1.08
N GLU A 95 -10.15 -4.93 0.24
CA GLU A 95 -9.72 -3.73 0.95
C GLU A 95 -9.20 -4.09 2.33
N LYS A 96 -8.07 -3.50 2.68
CA LYS A 96 -7.37 -3.85 3.92
C LYS A 96 -6.63 -2.65 4.47
N ILE A 97 -6.21 -2.74 5.72
CA ILE A 97 -5.62 -1.61 6.42
C ILE A 97 -4.21 -1.93 6.88
N PHE A 98 -3.41 -0.91 7.10
CA PHE A 98 -1.99 -1.08 7.42
C PHE A 98 -1.51 -0.01 8.37
N ASP A 99 -0.32 -0.22 8.93
CA ASP A 99 0.31 0.76 9.79
C ASP A 99 1.80 0.52 9.88
N LEU A 100 2.58 1.20 9.07
CA LEU A 100 4.04 1.09 9.12
C LEU A 100 4.60 1.65 10.41
N LYS A 101 5.72 1.11 10.84
CA LYS A 101 6.31 1.48 12.12
C LYS A 101 7.82 1.46 12.08
N ILE A 102 8.42 2.02 13.12
CA ILE A 102 9.86 1.93 13.35
C ILE A 102 10.13 1.33 14.70
N GLN A 103 11.11 0.45 14.74
CA GLN A 103 11.38 -0.35 15.94
C GLN A 103 12.52 0.20 16.76
N GLU A 104 12.42 0.01 18.07
CA GLU A 104 13.46 0.41 19.01
C GLU A 104 13.10 0.00 20.42
N ARG A 105 13.47 -1.22 20.78
CA ARG A 105 13.11 -1.80 22.06
C ARG A 105 14.31 -2.48 22.70
C1 NAG B . 5.55 -8.54 -5.12
C2 NAG B . 6.30 -9.54 -4.19
C3 NAG B . 7.76 -9.06 -3.95
C4 NAG B . 8.51 -8.78 -5.29
C5 NAG B . 7.67 -7.77 -6.14
C6 NAG B . 8.25 -7.48 -7.54
C7 NAG B . 5.16 -10.87 -2.43
C8 NAG B . 4.49 -10.81 -1.05
N2 NAG B . 5.59 -9.69 -2.89
O3 NAG B . 8.45 -10.06 -3.21
O4 NAG B . 9.86 -8.25 -5.06
O5 NAG B . 6.33 -8.29 -6.32
O6 NAG B . 9.25 -6.48 -7.49
O7 NAG B . 5.28 -11.94 -3.01
H1 NAG B . 5.38 -7.61 -4.58
H2 NAG B . 6.37 -10.50 -4.73
H3 NAG B . 7.76 -8.13 -3.36
H4 NAG B . 8.58 -9.73 -5.88
H5 NAG B . 7.62 -6.80 -5.60
H61 NAG B . 8.69 -8.40 -7.96
H62 NAG B . 7.45 -7.18 -8.24
H81 NAG B . 5.23 -10.73 -0.24
H82 NAG B . 3.79 -9.96 -0.96
H83 NAG B . 3.90 -11.74 -0.86
HN2 NAG B . 5.42 -8.85 -2.32
HO3 NAG B . 8.73 -10.72 -3.85
HO6 NAG B . 9.47 -6.28 -8.40
C1 NAG B . 10.93 -8.83 -5.88
C2 NAG B . 12.18 -7.91 -5.95
C3 NAG B . 13.33 -8.68 -6.66
C4 NAG B . 13.62 -10.07 -6.06
C5 NAG B . 12.29 -10.89 -5.94
C6 NAG B . 12.43 -12.21 -5.17
C7 NAG B . 11.71 -5.48 -6.02
C8 NAG B . 11.45 -4.27 -6.92
N2 NAG B . 11.85 -6.65 -6.65
O3 NAG B . 14.53 -7.91 -6.58
O4 NAG B . 14.58 -10.79 -6.91
O5 NAG B . 11.30 -10.09 -5.25
O6 NAG B . 13.24 -13.14 -5.88
O7 NAG B . 11.77 -5.34 -4.79
H1 NAG B . 10.54 -9.05 -6.90
H2 NAG B . 12.50 -7.72 -4.90
H3 NAG B . 13.09 -8.80 -7.74
H4 NAG B . 14.02 -9.92 -5.04
H5 NAG B . 11.92 -11.13 -6.96
H61 NAG B . 12.90 -12.03 -4.18
H62 NAG B . 11.44 -12.66 -4.96
H81 NAG B . 12.39 -3.81 -7.26
H82 NAG B . 10.85 -4.53 -7.80
H83 NAG B . 10.90 -3.48 -6.37
HN2 NAG B . 11.75 -6.67 -7.68
HO3 NAG B . 14.93 -8.14 -5.74
HO6 NAG B . 13.09 -14.00 -5.46
C1 BMA B . 15.88 -11.07 -6.33
C2 BMA B . 16.24 -12.58 -6.54
C3 BMA B . 17.69 -12.85 -6.03
C4 BMA B . 18.72 -11.86 -6.63
C5 BMA B . 18.26 -10.38 -6.45
C6 BMA B . 19.15 -9.38 -7.18
O2 BMA B . 16.14 -12.92 -7.92
O3 BMA B . 18.10 -14.21 -6.32
O4 BMA B . 19.97 -12.05 -5.99
O5 BMA B . 16.89 -10.22 -6.96
O6 BMA B . 18.60 -8.05 -7.09
H1 BMA B . 15.87 -10.89 -5.24
H2 BMA B . 15.53 -13.20 -5.96
H3 BMA B . 17.69 -12.68 -4.93
H4 BMA B . 18.84 -12.08 -7.70
H5 BMA B . 18.26 -10.13 -5.37
H61 BMA B . 19.27 -9.69 -8.24
H62 BMA B . 20.18 -9.39 -6.75
HO2 BMA B . 17.01 -13.20 -8.20
HO4 BMA B . 20.52 -11.31 -6.25
C1 MAN B . 19.55 -6.96 -7.20
C2 MAN B . 18.87 -5.62 -6.81
C3 MAN B . 17.84 -5.18 -7.89
C4 MAN B . 18.45 -5.18 -9.33
C5 MAN B . 19.14 -6.55 -9.62
C6 MAN B . 19.86 -6.64 -10.98
O2 MAN B . 19.87 -4.61 -6.64
O3 MAN B . 17.34 -3.85 -7.58
O4 MAN B . 17.41 -4.92 -10.27
O5 MAN B . 20.08 -6.87 -8.56
O6 MAN B . 19.18 -5.89 -11.99
H1 MAN B . 20.39 -7.14 -6.51
H2 MAN B . 18.34 -5.75 -5.85
H3 MAN B . 17.01 -5.93 -7.88
H4 MAN B . 19.20 -4.38 -9.40
H5 MAN B . 18.36 -7.34 -9.63
H61 MAN B . 19.96 -7.70 -11.28
H62 MAN B . 20.89 -6.26 -10.85
HO2 MAN B . 20.64 -4.95 -7.11
HO4 MAN B . 16.86 -4.24 -9.88
C1 MAN B . 19.37 -6.35 -13.36
C2 MAN B . 19.02 -5.20 -14.35
C3 MAN B . 17.49 -4.95 -14.39
C4 MAN B . 16.66 -6.25 -14.59
C5 MAN B . 17.09 -7.34 -13.56
C6 MAN B . 16.45 -8.72 -13.80
O2 MAN B . 19.51 -5.57 -15.66
O3 MAN B . 17.17 -4.01 -15.41
O4 MAN B . 15.28 -5.95 -14.44
O5 MAN B . 18.54 -7.52 -13.61
O6 MAN B . 17.40 -9.66 -14.26
H1 MAN B . 20.42 -6.63 -13.54
H2 MAN B . 19.51 -4.28 -13.98
H3 MAN B . 17.19 -4.50 -13.41
H4 MAN B . 16.83 -6.63 -15.61
H5 MAN B . 16.82 -7.01 -12.54
H61 MAN B . 15.64 -8.63 -14.55
H62 MAN B . 15.96 -9.10 -12.88
HO3 MAN B . 17.12 -4.52 -16.22
HO4 MAN B . 14.87 -6.74 -14.07
HO6 MAN B . 17.80 -10.04 -13.47
C1 MAN B . 20.73 -4.92 -16.12
C2 MAN B . 20.49 -3.40 -16.32
C3 MAN B . 19.63 -3.14 -17.58
C4 MAN B . 20.18 -3.84 -18.84
C5 MAN B . 20.41 -5.36 -18.56
C6 MAN B . 21.13 -6.11 -19.70
O2 MAN B . 21.75 -2.75 -16.44
O3 MAN B . 19.55 -1.73 -17.82
O4 MAN B . 19.25 -3.68 -19.91
O5 MAN B . 21.23 -5.52 -17.36
O6 MAN B . 20.47 -7.33 -20.01
H1 MAN B . 21.51 -5.04 -15.34
H2 MAN B . 19.98 -2.99 -15.43
H3 MAN B . 18.61 -3.51 -17.38
H4 MAN B . 21.14 -3.38 -19.13
H5 MAN B . 19.44 -5.85 -18.39
H61 MAN B . 22.17 -6.34 -19.41
H62 MAN B . 21.19 -5.49 -20.61
HO2 MAN B . 22.42 -3.39 -16.16
HO3 MAN B . 19.10 -1.36 -17.05
HO4 MAN B . 19.21 -2.73 -20.08
HO6 MAN B . 21.05 -8.03 -19.71
C1 MAN B . 15.91 -3.71 -7.45
C2 MAN B . 15.53 -2.20 -7.42
C3 MAN B . 15.93 -1.55 -6.07
C4 MAN B . 15.41 -2.34 -4.84
C5 MAN B . 15.83 -3.85 -4.95
C6 MAN B . 15.20 -4.74 -3.86
O2 MAN B . 14.13 -2.08 -7.63
O3 MAN B . 15.44 -0.21 -6.02
O4 MAN B . 15.96 -1.76 -3.66
O5 MAN B . 15.42 -4.38 -6.24
O6 MAN B . 16.18 -5.15 -2.92
H1 MAN B . 15.41 -4.16 -8.33
H2 MAN B . 16.04 -1.68 -8.25
H3 MAN B . 17.04 -1.50 -6.02
H4 MAN B . 14.32 -2.26 -4.80
H5 MAN B . 16.93 -3.92 -4.87
H61 MAN B . 14.75 -5.63 -4.32
H62 MAN B . 14.39 -4.20 -3.34
HO2 MAN B . 14.00 -1.98 -8.57
HO3 MAN B . 15.59 0.16 -6.90
HO4 MAN B . 16.82 -1.43 -3.90
HO6 MAN B . 16.38 -4.38 -2.38
C1 MAN B . 17.42 -15.28 -5.61
C2 MAN B . 18.29 -16.56 -5.60
C3 MAN B . 18.34 -17.21 -7.01
C4 MAN B . 16.94 -17.41 -7.63
C5 MAN B . 16.13 -16.08 -7.58
C6 MAN B . 14.65 -16.23 -8.02
O2 MAN B . 17.72 -17.50 -4.64
O3 MAN B . 19.01 -18.47 -6.94
O4 MAN B . 17.09 -17.85 -8.97
O5 MAN B . 16.11 -15.56 -6.22
O6 MAN B . 14.54 -17.00 -9.22
H1 MAN B . 17.26 -14.98 -4.56
H2 MAN B . 19.32 -16.28 -5.30
H3 MAN B . 18.93 -16.55 -7.68
H4 MAN B . 16.39 -18.19 -7.06
H5 MAN B . 16.60 -15.33 -8.24
H61 MAN B . 14.21 -15.23 -8.20
H62 MAN B . 14.04 -16.70 -7.23
HO3 MAN B . 19.07 -18.79 -7.84
HO4 MAN B . 17.97 -17.62 -9.24
HO6 MAN B . 13.69 -16.76 -9.61
C1 MAN B . 18.63 -18.31 -3.85
C2 MAN B . 18.37 -19.82 -4.09
C3 MAN B . 17.04 -20.26 -3.43
C4 MAN B . 16.95 -19.85 -1.95
C5 MAN B . 17.25 -18.33 -1.76
C6 MAN B . 17.37 -17.88 -0.30
O2 MAN B . 19.46 -20.56 -3.55
O3 MAN B . 16.90 -21.68 -3.56
O4 MAN B . 15.65 -20.16 -1.45
O5 MAN B . 18.51 -17.98 -2.43
O6 MAN B . 18.70 -18.04 0.19
H1 MAN B . 19.68 -18.10 -4.17
H2 MAN B . 18.33 -20.01 -5.18
H3 MAN B . 16.21 -19.80 -3.98
H4 MAN B . 17.70 -20.44 -1.36
H5 MAN B . 16.44 -17.75 -2.24
H61 MAN B . 16.69 -18.48 0.34
H62 MAN B . 17.06 -16.82 -0.18
HO2 MAN B . 19.10 -21.04 -2.80
HO3 MAN B . 16.63 -21.84 -4.46
HO4 MAN B . 15.68 -20.02 -0.50
HO6 MAN B . 18.82 -18.99 0.32
N LYS A 1 -10.59 -13.76 22.87
CA LYS A 1 -11.11 -13.15 21.66
C LYS A 1 -10.09 -12.25 21.02
N GLU A 2 -9.87 -12.44 19.73
CA GLU A 2 -8.89 -11.65 18.98
C GLU A 2 -9.51 -11.08 17.73
N ILE A 3 -9.75 -9.78 17.73
CA ILE A 3 -10.30 -9.09 16.57
C ILE A 3 -9.37 -7.98 16.11
N THR A 4 -8.94 -8.06 14.87
CA THR A 4 -8.08 -7.05 14.28
C THR A 4 -8.57 -6.65 12.90
N ASN A 5 -7.96 -5.61 12.35
CA ASN A 5 -8.24 -5.18 10.99
C ASN A 5 -7.07 -4.40 10.42
N ALA A 6 -5.88 -4.95 10.57
CA ALA A 6 -4.66 -4.23 10.19
C ALA A 6 -3.47 -5.17 10.09
N LEU A 7 -2.37 -4.61 9.61
CA LEU A 7 -1.13 -5.36 9.40
C LEU A 7 -0.01 -4.79 10.22
N GLU A 8 0.51 -5.61 11.12
CA GLU A 8 1.69 -5.26 11.91
C GLU A 8 2.91 -5.14 11.02
N THR A 9 3.17 -3.93 10.56
CA THR A 9 4.26 -3.68 9.60
C THR A 9 5.35 -2.87 10.25
N TRP A 10 6.59 -3.33 10.14
CA TRP A 10 7.71 -2.75 10.87
C TRP A 10 8.89 -2.44 9.97
N GLY A 11 9.80 -1.63 10.49
CA GLY A 11 11.02 -1.29 9.76
C GLY A 11 12.10 -0.76 10.68
N ALA A 12 13.31 -0.68 10.18
CA ALA A 12 14.43 -0.06 10.89
C ALA A 12 14.74 1.30 10.30
N LEU A 13 15.45 2.15 11.02
CA LEU A 13 15.64 3.54 10.57
C LEU A 13 16.62 3.62 9.42
N GLY A 14 16.17 4.27 8.35
CA GLY A 14 16.95 4.36 7.12
C GLY A 14 16.85 3.06 6.35
N GLN A 15 15.67 2.47 6.41
CA GLN A 15 15.47 1.12 5.91
C GLN A 15 14.18 0.97 5.15
N ASP A 16 14.28 0.37 3.97
CA ASP A 16 13.17 0.25 3.03
C ASP A 16 12.31 -0.94 3.36
N ILE A 17 11.01 -0.72 3.47
CA ILE A 17 10.07 -1.79 3.81
C ILE A 17 8.87 -1.76 2.89
N ASN A 18 8.19 -2.88 2.79
CA ASN A 18 7.10 -3.04 1.83
C ASN A 18 5.77 -3.24 2.51
N LEU A 19 4.75 -2.58 2.00
CA LEU A 19 3.37 -2.80 2.44
C LEU A 19 2.80 -4.01 1.74
N ASP A 20 2.56 -5.08 2.48
CA ASP A 20 2.20 -6.36 1.88
C ASP A 20 0.71 -6.61 1.94
N ILE A 21 0.09 -6.60 0.76
CA ILE A 21 -1.30 -7.00 0.59
C ILE A 21 -1.45 -8.50 0.79
N PRO A 22 -2.64 -8.93 1.15
CA PRO A 22 -3.07 -10.38 1.34
C PRO A 22 -2.66 -11.33 0.24
N SER A 23 -3.09 -12.58 0.38
CA SER A 23 -2.78 -13.62 -0.59
C SER A 23 -3.80 -13.70 -1.69
N PHE A 24 -4.42 -12.58 -2.02
CA PHE A 24 -5.30 -12.47 -3.19
C PHE A 24 -4.61 -11.72 -4.29
N GLN A 25 -4.52 -12.30 -5.48
CA GLN A 25 -3.73 -11.74 -6.56
C GLN A 25 -4.58 -11.45 -7.78
N MET A 26 -4.19 -10.42 -8.51
CA MET A 26 -4.87 -10.03 -9.73
C MET A 26 -4.37 -10.82 -10.92
N SER A 27 -5.04 -10.67 -12.04
CA SER A 27 -4.59 -11.27 -13.30
C SER A 27 -5.18 -10.52 -14.47
N ASP A 28 -5.99 -11.15 -15.30
CA ASP A 28 -6.48 -10.53 -16.53
C ASP A 28 -7.70 -9.66 -16.28
N ASP A 29 -8.34 -9.77 -15.15
CA ASP A 29 -9.60 -9.07 -14.90
C ASP A 29 -9.44 -7.82 -14.06
N ILE A 30 -8.39 -7.76 -13.27
CA ILE A 30 -8.17 -6.65 -12.35
C ILE A 30 -7.43 -5.52 -13.04
N ASP A 31 -7.74 -4.29 -12.68
CA ASP A 31 -7.20 -3.14 -13.40
C ASP A 31 -6.62 -2.09 -12.47
N ASP A 32 -7.23 -1.83 -11.34
CA ASP A 32 -6.82 -0.70 -10.48
C ASP A 32 -6.08 -1.15 -9.25
N ILE A 33 -5.12 -0.34 -8.82
CA ILE A 33 -4.30 -0.63 -7.66
C ILE A 33 -3.99 0.63 -6.88
N LYS A 34 -4.67 0.86 -5.78
CA LYS A 34 -4.53 2.11 -5.03
C LYS A 34 -3.90 1.90 -3.66
N TRP A 35 -3.19 2.92 -3.22
CA TRP A 35 -2.64 2.98 -1.87
C TRP A 35 -2.72 4.39 -1.33
N GLU A 36 -3.26 4.54 -0.13
CA GLU A 36 -3.54 5.86 0.44
C GLU A 36 -2.82 6.06 1.75
N LYS A 37 -2.82 7.29 2.21
CA LYS A 37 -2.29 7.64 3.53
C LYS A 37 -3.42 7.71 4.52
N THR A 38 -3.49 6.73 5.41
CA THR A 38 -4.63 6.57 6.30
C THR A 38 -5.03 7.89 6.96
N SER A 39 -4.06 8.57 7.53
CA SER A 39 -4.30 9.77 8.32
C SER A 39 -5.13 10.78 7.57
N ASP A 40 -4.48 11.56 6.73
CA ASP A 40 -5.14 12.67 6.04
C ASP A 40 -5.96 12.21 4.86
N LYS A 41 -6.08 10.91 4.61
CA LYS A 41 -6.79 10.41 3.44
C LYS A 41 -6.20 11.00 2.17
N LYS A 42 -4.95 10.60 1.90
CA LYS A 42 -4.18 11.20 0.81
C LYS A 42 -3.48 10.18 -0.06
N LYS A 43 -4.04 9.98 -1.25
CA LYS A 43 -3.47 9.13 -2.28
C LYS A 43 -1.97 9.31 -2.40
N ILE A 44 -1.29 8.25 -2.80
CA ILE A 44 0.17 8.22 -2.85
C ILE A 44 0.67 7.36 -3.97
N ALA A 45 0.12 6.16 -4.07
CA ALA A 45 0.39 5.25 -5.18
C ALA A 45 -0.90 4.73 -5.78
N GLN A 46 -1.11 4.90 -7.07
CA GLN A 46 -2.40 4.54 -7.67
C GLN A 46 -2.29 4.20 -9.14
N PHE A 47 -3.08 3.22 -9.55
CA PHE A 47 -3.26 2.84 -10.95
C PHE A 47 -4.73 2.84 -11.31
N ARG A 48 -5.11 3.60 -12.32
CA ARG A 48 -6.52 3.78 -12.65
C ARG A 48 -6.74 3.82 -14.15
N LYS A 49 -7.47 2.86 -14.69
CA LYS A 49 -7.66 2.77 -16.14
C LYS A 49 -6.36 2.38 -16.80
N GLU A 50 -6.48 1.86 -18.02
CA GLU A 50 -5.28 1.38 -18.73
C GLU A 50 -4.34 2.48 -19.22
N LYS A 51 -4.65 3.70 -18.81
CA LYS A 51 -3.76 4.86 -18.94
C LYS A 51 -4.18 5.94 -17.97
N GLU A 52 -3.26 6.32 -17.12
CA GLU A 52 -3.48 7.18 -15.96
C GLU A 52 -2.61 6.74 -14.81
N THR A 53 -1.33 7.04 -14.85
CA THR A 53 -0.38 6.50 -13.88
C THR A 53 0.03 7.49 -12.81
N PHE A 54 0.12 7.01 -11.58
CA PHE A 54 0.66 7.75 -10.46
C PHE A 54 1.72 6.92 -9.75
N LYS A 55 2.94 6.98 -10.22
CA LYS A 55 3.99 6.08 -9.75
C LYS A 55 5.39 6.63 -9.88
N GLU A 56 5.58 7.92 -10.11
CA GLU A 56 6.93 8.49 -10.26
C GLU A 56 7.49 8.93 -8.93
N LYS A 57 7.86 7.97 -8.09
CA LYS A 57 8.31 8.27 -6.73
C LYS A 57 8.66 6.99 -6.00
N ASP A 58 9.94 6.77 -5.76
CA ASP A 58 10.39 5.50 -5.17
C ASP A 58 9.95 5.36 -3.72
N THR A 59 9.86 6.50 -3.04
CA THR A 59 9.51 6.50 -1.63
C THR A 59 8.14 5.89 -1.42
N TYR A 60 7.36 5.74 -2.47
CA TYR A 60 6.11 5.00 -2.40
C TYR A 60 5.77 4.36 -3.73
N LYS A 61 6.21 3.14 -3.96
CA LYS A 61 6.03 2.47 -5.25
C LYS A 61 4.88 1.49 -5.22
N LEU A 62 4.40 1.14 -6.40
CA LEU A 62 3.36 0.13 -6.58
C LEU A 62 3.93 -1.14 -7.17
N PHE A 63 3.35 -2.29 -6.89
CA PHE A 63 3.77 -3.54 -7.51
C PHE A 63 2.61 -4.31 -8.08
N LYS A 64 2.90 -5.36 -8.82
CA LYS A 64 1.89 -6.14 -9.52
C LYS A 64 0.98 -6.85 -8.55
N ASN A 65 1.57 -7.62 -7.65
CA ASN A 65 0.82 -8.31 -6.60
C ASN A 65 -0.05 -7.36 -5.81
N GLY A 66 0.26 -6.07 -5.83
CA GLY A 66 -0.45 -5.10 -4.99
C GLY A 66 0.32 -4.77 -3.73
N THR A 67 1.63 -4.94 -3.77
CA THR A 67 2.50 -4.52 -2.66
C THR A 67 2.97 -3.11 -2.86
N LEU A 68 3.17 -2.40 -1.75
CA LEU A 68 3.76 -1.07 -1.78
C LEU A 68 5.19 -1.11 -1.30
N LYS A 69 5.99 -0.15 -1.71
CA LYS A 69 7.39 -0.08 -1.30
C LYS A 69 7.77 1.31 -0.89
N ILE A 70 8.28 1.45 0.32
CA ILE A 70 8.68 2.76 0.85
C ILE A 70 10.16 2.79 1.15
N LYS A 71 10.89 3.56 0.35
CA LYS A 71 12.35 3.56 0.40
C LYS A 71 12.91 4.42 1.51
N HIS A 72 13.98 3.91 2.12
CA HIS A 72 14.75 4.63 3.12
C HIS A 72 13.86 5.24 4.18
N LEU A 73 13.42 4.46 5.14
CA LEU A 73 12.42 4.91 6.12
C LEU A 73 12.86 4.81 7.57
N LYS A 74 12.88 5.96 8.22
CA LYS A 74 13.06 6.10 9.65
C LYS A 74 11.76 6.50 10.32
N THR A 75 11.85 6.99 11.54
CA THR A 75 10.66 7.48 12.25
C THR A 75 9.84 8.44 11.41
N ASP A 76 10.52 9.12 10.50
CA ASP A 76 9.89 10.09 9.63
C ASP A 76 9.11 9.43 8.52
N ASP A 77 9.64 8.35 7.98
CA ASP A 77 8.91 7.57 6.97
C ASP A 77 7.85 6.70 7.60
N GLN A 78 7.84 6.53 8.91
CA GLN A 78 6.88 5.64 9.57
C GLN A 78 5.51 6.27 9.60
N ASP A 79 4.64 5.80 8.73
CA ASP A 79 3.27 6.31 8.65
C ASP A 79 2.27 5.16 8.63
N ILE A 80 1.00 5.51 8.66
CA ILE A 80 -0.08 4.54 8.51
C ILE A 80 -0.62 4.56 7.10
N TYR A 81 -0.96 3.40 6.58
CA TYR A 81 -1.33 3.22 5.18
C TYR A 81 -2.54 2.33 5.03
N LYS A 82 -3.06 2.26 3.82
CA LYS A 82 -4.14 1.31 3.50
C LYS A 82 -4.17 1.02 2.03
N VAL A 83 -4.70 -0.13 1.66
CA VAL A 83 -4.67 -0.57 0.26
C VAL A 83 -6.04 -0.98 -0.22
N SER A 84 -6.44 -0.43 -1.35
CA SER A 84 -7.70 -0.76 -2.00
C SER A 84 -7.48 -0.99 -3.48
N ILE A 85 -7.49 -2.25 -3.86
CA ILE A 85 -7.13 -2.64 -5.23
C ILE A 85 -8.34 -3.18 -5.96
N TYR A 86 -8.82 -2.51 -6.98
CA TYR A 86 -10.11 -2.81 -7.60
C TYR A 86 -9.95 -3.41 -8.99
N ASP A 87 -11.05 -3.94 -9.50
CA ASP A 87 -11.12 -4.51 -10.84
C ASP A 87 -11.42 -3.44 -11.85
N THR A 88 -11.80 -3.88 -13.04
CA THR A 88 -12.16 -2.98 -14.13
C THR A 88 -13.37 -2.14 -13.79
N LYS A 89 -14.28 -2.70 -13.02
CA LYS A 89 -15.55 -2.03 -12.73
C LYS A 89 -15.47 -1.17 -11.49
N GLY A 90 -14.29 -0.73 -11.10
CA GLY A 90 -14.14 0.15 -9.95
C GLY A 90 -14.56 -0.52 -8.66
N LYS A 91 -14.75 -1.83 -8.68
CA LYS A 91 -15.22 -2.55 -7.49
C LYS A 91 -14.06 -2.93 -6.61
N ASN A 92 -14.00 -2.35 -5.41
CA ASN A 92 -12.98 -2.72 -4.44
C ASN A 92 -13.08 -4.18 -4.06
N VAL A 93 -12.35 -5.01 -4.79
CA VAL A 93 -12.44 -6.46 -4.64
C VAL A 93 -11.86 -6.91 -3.31
N LEU A 94 -10.83 -6.18 -2.90
CA LEU A 94 -10.23 -6.37 -1.57
C LEU A 94 -9.67 -5.07 -1.03
N GLU A 95 -9.78 -4.94 0.29
CA GLU A 95 -9.27 -3.78 1.01
C GLU A 95 -8.59 -4.20 2.30
N LYS A 96 -7.69 -3.40 2.80
CA LYS A 96 -6.91 -3.76 3.99
C LYS A 96 -6.17 -2.57 4.55
N ILE A 97 -5.90 -2.62 5.84
CA ILE A 97 -5.30 -1.51 6.57
C ILE A 97 -3.91 -1.85 7.02
N PHE A 98 -3.02 -0.88 6.95
CA PHE A 98 -1.62 -1.07 7.34
C PHE A 98 -1.16 -0.02 8.30
N ASP A 99 -0.05 -0.30 8.97
CA ASP A 99 0.59 0.68 9.85
C ASP A 99 2.08 0.43 9.93
N LEU A 100 2.87 1.29 9.32
CA LEU A 100 4.32 1.17 9.35
C LEU A 100 4.86 1.54 10.72
N LYS A 101 5.96 0.92 11.10
CA LYS A 101 6.50 1.08 12.44
C LYS A 101 8.01 1.18 12.44
N ILE A 102 8.55 1.66 13.54
CA ILE A 102 9.99 1.63 13.80
C ILE A 102 10.24 0.92 15.12
N GLN A 103 11.34 0.20 15.21
CA GLN A 103 11.61 -0.67 16.35
C GLN A 103 12.94 -0.35 16.97
N GLU A 104 13.09 -0.73 18.23
CA GLU A 104 14.27 -0.38 19.03
C GLU A 104 14.44 -1.36 20.17
N ARG A 105 15.04 -2.50 19.84
CA ARG A 105 15.22 -3.60 20.77
C ARG A 105 16.52 -4.33 20.51
C1 NAG B . 5.45 -8.51 -4.56
C2 NAG B . 6.27 -9.43 -3.61
C3 NAG B . 7.73 -8.91 -3.50
C4 NAG B . 8.40 -8.70 -4.88
C5 NAG B . 7.50 -7.77 -5.75
C6 NAG B . 7.98 -7.56 -7.20
C7 NAG B . 4.91 -10.55 -1.85
C8 NAG B . 4.42 -10.48 -0.41
N2 NAG B . 5.65 -9.50 -2.26
O3 NAG B . 8.49 -9.84 -2.73
O4 NAG B . 9.74 -8.12 -4.79
O5 NAG B . 6.15 -8.32 -5.82
O6 NAG B . 8.23 -8.82 -7.83
O7 NAG B . 4.64 -11.52 -2.56
H1 NAG B . 5.29 -7.54 -4.07
H2 NAG B . 6.32 -10.42 -4.09
H3 NAG B . 7.75 -7.93 -2.96
H4 NAG B . 8.47 -9.68 -5.40
H5 NAG B . 7.45 -6.76 -5.27
H61 NAG B . 7.21 -7.03 -7.79
H62 NAG B . 8.89 -6.94 -7.24
H81 NAG B . 3.34 -10.73 -0.34
H82 NAG B . 4.98 -11.17 0.25
H83 NAG B . 4.54 -9.46 0.01
HN2 NAG B . 5.79 -8.71 -1.61
HO3 NAG B . 8.32 -10.70 -3.12
HO6 NAG B . 7.38 -9.15 -8.09
C1 NAG B . 10.74 -8.65 -5.72
C2 NAG B . 11.78 -7.57 -6.13
C3 NAG B . 12.91 -8.23 -6.99
C4 NAG B . 13.53 -9.48 -6.30
C5 NAG B . 12.43 -10.46 -5.81
C6 NAG B . 12.95 -11.59 -4.91
C7 NAG B . 11.08 -5.20 -6.46
C8 NAG B . 10.43 -4.20 -7.40
N2 NAG B . 11.12 -6.47 -6.90
O3 NAG B . 13.93 -7.29 -7.22
O4 NAG B . 14.42 -10.16 -7.23
O5 NAG B . 11.44 -9.74 -5.03
O6 NAG B . 11.90 -12.15 -4.13
O7 NAG B . 11.54 -4.82 -5.38
H1 NAG B . 10.24 -9.06 -6.63
H2 NAG B . 12.25 -7.19 -5.20
H3 NAG B . 12.48 -8.56 -7.96
H4 NAG B . 14.09 -9.11 -5.40
H5 NAG B . 11.93 -10.92 -6.69
H61 NAG B . 13.39 -12.40 -5.53
H62 NAG B . 13.76 -11.24 -4.25
H81 NAG B . 10.30 -3.21 -6.91
H82 NAG B . 11.02 -4.04 -8.33
H83 NAG B . 9.42 -4.54 -7.71
HN2 NAG B . 10.68 -6.69 -7.80
HO3 NAG B . 13.93 -6.70 -6.47
HO6 NAG B . 11.27 -12.52 -4.76
C1 BMA B . 15.85 -10.12 -7.00
C2 BMA B . 16.40 -11.54 -6.75
C3 BMA B . 17.95 -11.51 -6.62
C4 BMA B . 18.62 -10.77 -7.83
C5 BMA B . 17.97 -9.37 -8.05
C6 BMA B . 18.49 -8.68 -9.32
O2 BMA B . 16.02 -12.40 -7.82
O3 BMA B . 18.50 -12.85 -6.51
O4 BMA B . 20.01 -10.64 -7.58
O5 BMA B . 16.52 -9.50 -8.14
O6 BMA B . 17.45 -7.82 -9.87
H1 BMA B . 16.07 -9.52 -6.09
H2 BMA B . 15.98 -11.95 -5.82
H3 BMA B . 18.21 -10.92 -5.72
H4 BMA B . 18.48 -11.39 -8.74
H5 BMA B . 18.22 -8.72 -7.18
H61 BMA B . 18.80 -9.45 -10.06
H62 BMA B . 19.38 -8.08 -9.11
HO2 BMA B . 16.83 -12.79 -8.17
HO4 BMA B . 20.10 -10.46 -6.63
C1 MAN B . 17.56 -7.58 -11.30
C2 MAN B . 16.48 -6.54 -11.74
C3 MAN B . 15.06 -7.15 -11.72
C4 MAN B . 14.98 -8.52 -12.47
C5 MAN B . 16.10 -9.47 -11.96
C6 MAN B . 16.16 -10.84 -12.67
O2 MAN B . 16.80 -6.08 -13.05
O3 MAN B . 14.12 -6.23 -12.34
O4 MAN B . 13.70 -9.10 -12.26
O5 MAN B . 17.40 -8.82 -12.07
O6 MAN B . 16.44 -10.66 -14.08
H1 MAN B . 18.55 -7.15 -11.52
H2 MAN B . 16.51 -5.67 -11.06
H3 MAN B . 14.79 -7.34 -10.66
H4 MAN B . 15.12 -8.35 -13.55
H5 MAN B . 15.91 -9.69 -10.89
H61 MAN B . 15.23 -11.40 -12.53
H62 MAN B . 16.97 -11.44 -12.20
HO2 MAN B . 17.76 -6.04 -13.10
HO4 MAN B . 13.37 -9.34 -13.13
C1 MAN B . 16.72 -11.87 -14.83
C2 MAN B . 18.14 -11.77 -15.44
C3 MAN B . 18.17 -10.73 -16.60
C4 MAN B . 17.04 -10.94 -17.63
C5 MAN B . 15.66 -11.05 -16.93
C6 MAN B . 14.50 -11.44 -17.87
O2 MAN B . 18.51 -13.10 -15.93
O3 MAN B . 19.44 -10.77 -17.24
O4 MAN B . 17.05 -9.85 -18.54
O5 MAN B . 15.71 -12.05 -15.87
O6 MAN B . 13.43 -12.03 -17.16
H1 MAN B . 16.70 -12.75 -14.17
H2 MAN B . 18.84 -11.45 -14.65
H3 MAN B . 18.05 -9.73 -16.15
H4 MAN B . 17.24 -11.87 -18.20
H5 MAN B . 15.41 -10.08 -16.47
H61 MAN B . 14.86 -12.16 -18.63
H62 MAN B . 14.14 -10.56 -18.43
HO3 MAN B . 20.08 -10.97 -16.56
HO4 MAN B . 17.54 -10.15 -19.32
HO6 MAN B . 12.90 -12.50 -17.81
C1 MAN B . 19.68 -13.72 -15.33
C2 MAN B . 20.70 -14.10 -16.43
C3 MAN B . 20.20 -15.33 -17.25
C4 MAN B . 19.78 -16.52 -16.35
C5 MAN B . 18.77 -16.05 -15.26
C6 MAN B . 18.43 -17.13 -14.21
O2 MAN B . 21.95 -14.41 -15.81
O3 MAN B . 21.22 -15.74 -18.15
O4 MAN B . 19.20 -17.53 -17.17
O5 MAN B . 19.32 -14.89 -14.55
O6 MAN B . 19.38 -18.19 -14.24
H1 MAN B . 20.17 -12.99 -14.66
H2 MAN B . 20.86 -13.24 -17.11
H3 MAN B . 19.33 -15.00 -17.85
H4 MAN B . 20.68 -16.93 -15.85
H5 MAN B . 17.82 -15.74 -15.75
H61 MAN B . 17.43 -17.54 -14.40
H62 MAN B . 18.40 -16.69 -13.19
HO2 MAN B . 22.62 -14.28 -16.48
HO3 MAN B . 21.23 -16.70 -18.11
HO4 MAN B . 18.25 -17.36 -17.16
HO6 MAN B . 18.87 -19.00 -14.14
C1 MAN B . 13.24 -5.47 -11.47
C2 MAN B . 11.95 -6.28 -11.18
C3 MAN B . 11.05 -6.35 -12.43
C4 MAN B . 10.78 -4.96 -13.07
C5 MAN B . 12.12 -4.19 -13.29
C6 MAN B . 11.93 -2.72 -13.74
O2 MAN B . 11.25 -5.66 -10.10
O3 MAN B . 9.82 -6.98 -12.11
O4 MAN B . 10.11 -5.14 -14.31
O5 MAN B . 12.90 -4.18 -12.06
O6 MAN B . 11.58 -1.90 -12.64
H1 MAN B . 13.76 -5.29 -10.50
H2 MAN B . 12.23 -7.31 -10.86
H3 MAN B . 11.56 -6.99 -13.19
H4 MAN B . 10.14 -4.38 -12.39
H5 MAN B . 12.72 -4.71 -14.07
H61 MAN B . 11.13 -2.67 -14.50
H62 MAN B . 12.84 -2.34 -14.23
HO2 MAN B . 10.57 -6.28 -9.85
HO3 MAN B . 9.40 -7.19 -12.94
HO4 MAN B . 10.52 -5.90 -14.73
HO6 MAN B . 11.31 -2.48 -11.93
C1 MAN B . 18.68 -13.39 -5.17
C2 MAN B . 19.86 -14.39 -5.15
C3 MAN B . 19.47 -15.72 -5.86
C4 MAN B . 18.14 -16.31 -5.33
C5 MAN B . 17.00 -15.24 -5.38
C6 MAN B . 15.70 -15.68 -4.72
O2 MAN B . 20.23 -14.67 -3.77
O3 MAN B . 20.52 -16.68 -5.70
O4 MAN B . 17.78 -17.44 -6.13
O5 MAN B . 17.46 -14.02 -4.70
O6 MAN B . 14.63 -14.80 -5.05
H1 MAN B . 18.93 -12.57 -4.46
H2 MAN B . 20.71 -13.94 -5.70
H3 MAN B . 19.36 -15.51 -6.94
H4 MAN B . 18.27 -16.64 -4.29
H5 MAN B . 16.79 -14.98 -6.44
H61 MAN B . 15.81 -15.69 -3.61
H62 MAN B . 15.43 -16.71 -5.01
HO3 MAN B . 21.19 -16.45 -6.34
HO4 MAN B . 18.05 -17.23 -7.02
HO6 MAN B . 14.12 -14.67 -4.24
C1 MAN B . 21.63 -14.69 -3.44
C2 MAN B . 22.06 -16.11 -2.98
C3 MAN B . 21.50 -16.45 -1.58
C4 MAN B . 21.82 -15.34 -0.54
C5 MAN B . 21.38 -13.93 -1.06
C6 MAN B . 21.84 -12.77 -0.17
O2 MAN B . 23.48 -16.18 -2.97
O3 MAN B . 22.03 -17.69 -1.13
O4 MAN B . 21.14 -15.65 0.68
O5 MAN B . 21.94 -13.71 -2.40
O6 MAN B . 21.03 -11.62 -0.35
H1 MAN B . 22.23 -14.43 -4.34
H2 MAN B . 21.69 -16.85 -3.71
H3 MAN B . 20.40 -16.55 -1.66
H4 MAN B . 22.91 -15.34 -0.34
H5 MAN B . 20.28 -13.90 -1.13
H61 MAN B . 22.90 -12.51 -0.41
H62 MAN B . 21.84 -13.06 0.90
HO2 MAN B . 23.78 -15.75 -3.78
HO3 MAN B . 22.94 -17.52 -0.89
HO4 MAN B . 20.34 -16.10 0.43
HO6 MAN B . 21.57 -10.87 -0.10
#